data_2N51
#
_entry.id   2N51
#
_entity_poly.entity_id   1
_entity_poly.type   'polypeptide(L)'
_entity_poly.pdbx_seq_one_letter_code
;GPGSEDDDIDLFGSDNEEEDKEAAQLREERLRQYAEKKAKKPALVAKSSILLDVKPWDDETDMAQLEACVRSIQLDGLVW
GASKLVPVGYGIRKLQIQCVVEDDKVGTDLLEEEITKFEEHVQSVDIAAFNKI
;
_entity_poly.pdbx_strand_id   A
#
# COMPACT_ATOMS: atom_id res chain seq x y z
N GLY A 1 26.27 -8.33 -17.92
CA GLY A 1 27.05 -9.53 -17.65
C GLY A 1 26.23 -10.75 -17.96
N PRO A 2 26.44 -11.88 -17.25
CA PRO A 2 25.69 -13.12 -17.48
C PRO A 2 24.24 -12.96 -17.07
N GLY A 3 23.36 -13.38 -17.93
CA GLY A 3 21.96 -13.30 -17.64
C GLY A 3 21.32 -14.65 -17.78
N SER A 4 20.65 -14.85 -18.86
CA SER A 4 20.00 -16.09 -19.11
C SER A 4 20.90 -17.01 -19.93
N GLU A 5 21.75 -17.74 -19.21
CA GLU A 5 22.67 -18.76 -19.75
C GLU A 5 23.91 -18.18 -20.45
N ASP A 6 23.76 -17.08 -21.14
CA ASP A 6 24.90 -16.44 -21.78
C ASP A 6 25.03 -15.04 -21.23
N ASP A 7 25.91 -14.26 -21.80
CA ASP A 7 26.17 -12.94 -21.31
C ASP A 7 26.14 -11.91 -22.44
N ASP A 8 26.74 -12.23 -23.58
CA ASP A 8 26.88 -11.24 -24.67
C ASP A 8 27.20 -11.89 -26.05
N ILE A 9 27.33 -13.19 -26.10
CA ILE A 9 27.70 -13.84 -27.34
C ILE A 9 26.41 -14.25 -28.07
N ASP A 10 26.40 -14.12 -29.37
CA ASP A 10 25.23 -14.48 -30.15
C ASP A 10 25.26 -15.92 -30.57
N LEU A 11 24.37 -16.69 -30.01
CA LEU A 11 24.19 -18.08 -30.39
C LEU A 11 22.73 -18.30 -30.75
N PHE A 12 21.98 -17.22 -30.82
CA PHE A 12 20.53 -17.33 -30.98
C PHE A 12 19.99 -16.40 -32.05
N GLY A 13 19.72 -16.96 -33.21
CA GLY A 13 19.17 -16.20 -34.34
C GLY A 13 17.68 -16.01 -34.25
N SER A 14 17.17 -16.22 -33.07
CA SER A 14 15.79 -16.02 -32.78
C SER A 14 15.58 -14.56 -32.36
N ASP A 15 16.66 -13.90 -31.99
CA ASP A 15 16.61 -12.52 -31.55
C ASP A 15 17.22 -11.69 -32.67
N ASN A 16 16.55 -10.63 -33.05
CA ASN A 16 16.97 -9.79 -34.18
C ASN A 16 17.90 -8.65 -33.72
N GLU A 17 17.83 -8.32 -32.43
CA GLU A 17 18.57 -7.20 -31.79
C GLU A 17 18.23 -5.84 -32.39
N GLU A 18 18.86 -5.52 -33.55
CA GLU A 18 18.73 -4.25 -34.27
C GLU A 18 19.47 -3.10 -33.55
N GLU A 19 20.07 -2.23 -34.32
CA GLU A 19 20.75 -1.10 -33.80
C GLU A 19 19.95 0.13 -34.20
N ASP A 20 19.01 0.46 -33.38
CA ASP A 20 18.07 1.53 -33.64
C ASP A 20 17.73 2.22 -32.32
N LYS A 21 17.34 3.48 -32.39
CA LYS A 21 16.98 4.25 -31.20
C LYS A 21 15.80 3.65 -30.47
N GLU A 22 14.79 3.24 -31.20
CA GLU A 22 13.60 2.70 -30.59
C GLU A 22 13.88 1.29 -30.12
N ALA A 23 14.71 0.59 -30.88
CA ALA A 23 15.13 -0.76 -30.53
C ALA A 23 15.84 -0.76 -29.19
N ALA A 24 16.76 0.20 -28.98
CA ALA A 24 17.52 0.34 -27.72
C ALA A 24 16.60 0.46 -26.52
N GLN A 25 15.59 1.31 -26.67
CA GLN A 25 14.57 1.52 -25.65
C GLN A 25 13.78 0.23 -25.39
N LEU A 26 13.44 -0.47 -26.47
CA LEU A 26 12.69 -1.72 -26.39
C LEU A 26 13.53 -2.86 -25.79
N ARG A 27 14.85 -2.84 -26.02
CA ARG A 27 15.78 -3.83 -25.44
C ARG A 27 15.71 -3.73 -23.93
N GLU A 28 15.82 -2.49 -23.45
CA GLU A 28 15.77 -2.18 -22.04
C GLU A 28 14.38 -2.51 -21.47
N GLU A 29 13.34 -2.26 -22.28
CA GLU A 29 11.96 -2.56 -21.90
C GLU A 29 11.75 -4.07 -21.70
N ARG A 30 12.53 -4.89 -22.41
CA ARG A 30 12.45 -6.34 -22.23
C ARG A 30 12.94 -6.69 -20.83
N LEU A 31 14.06 -6.10 -20.43
CA LEU A 31 14.64 -6.33 -19.09
C LEU A 31 13.72 -5.85 -17.99
N ARG A 32 13.06 -4.70 -18.21
CA ARG A 32 12.10 -4.14 -17.25
C ARG A 32 10.98 -5.13 -16.99
N GLN A 33 10.46 -5.71 -18.07
CA GLN A 33 9.38 -6.67 -17.99
C GLN A 33 9.82 -7.97 -17.33
N TYR A 34 11.07 -8.37 -17.54
CA TYR A 34 11.59 -9.57 -16.90
C TYR A 34 11.80 -9.33 -15.41
N ALA A 35 12.28 -8.14 -15.07
CA ALA A 35 12.53 -7.78 -13.66
C ALA A 35 11.23 -7.58 -12.90
N GLU A 36 10.21 -7.15 -13.59
CA GLU A 36 8.92 -6.89 -12.99
C GLU A 36 8.06 -8.15 -12.90
N LYS A 37 7.93 -8.87 -13.99
CA LYS A 37 7.06 -10.04 -14.01
C LYS A 37 7.75 -11.27 -13.44
N LYS A 38 9.05 -11.30 -13.49
CA LYS A 38 9.82 -12.38 -12.91
C LYS A 38 10.71 -11.79 -11.83
N ALA A 39 11.67 -12.59 -11.34
CA ALA A 39 12.65 -12.21 -10.29
C ALA A 39 12.01 -12.03 -8.91
N LYS A 40 10.70 -12.23 -8.85
CA LYS A 40 9.93 -12.08 -7.63
C LYS A 40 9.92 -13.36 -6.83
N LYS A 41 10.98 -13.57 -6.13
CA LYS A 41 11.17 -14.77 -5.35
C LYS A 41 10.53 -14.62 -3.98
N PRO A 42 9.64 -15.55 -3.59
CA PRO A 42 9.03 -15.55 -2.26
C PRO A 42 10.05 -15.90 -1.18
N ALA A 43 10.18 -15.03 -0.23
CA ALA A 43 11.12 -15.17 0.85
C ALA A 43 10.60 -14.31 1.98
N LEU A 44 11.41 -14.06 2.98
CA LEU A 44 11.04 -13.11 4.02
C LEU A 44 11.21 -11.70 3.47
N VAL A 45 10.18 -11.22 2.82
CA VAL A 45 10.18 -9.91 2.21
C VAL A 45 9.34 -8.98 3.08
N ALA A 46 9.78 -7.74 3.20
CA ALA A 46 9.10 -6.76 4.03
C ALA A 46 7.76 -6.37 3.42
N LYS A 47 6.77 -6.18 4.27
CA LYS A 47 5.45 -5.81 3.82
C LYS A 47 4.86 -4.71 4.67
N SER A 48 4.04 -3.91 4.04
CA SER A 48 3.33 -2.87 4.69
C SER A 48 1.83 -3.08 4.45
N SER A 49 1.04 -2.78 5.44
CA SER A 49 -0.37 -2.86 5.35
C SER A 49 -0.91 -1.46 5.60
N ILE A 50 -1.41 -0.85 4.57
CA ILE A 50 -1.86 0.51 4.69
C ILE A 50 -3.35 0.54 4.59
N LEU A 51 -3.98 1.24 5.50
CA LEU A 51 -5.40 1.41 5.50
C LEU A 51 -5.71 2.76 4.90
N LEU A 52 -6.25 2.77 3.72
CA LEU A 52 -6.63 4.01 3.08
C LEU A 52 -8.11 4.07 3.05
N ASP A 53 -8.64 5.23 3.18
CA ASP A 53 -10.04 5.38 3.07
C ASP A 53 -10.39 6.16 1.84
N VAL A 54 -11.18 5.52 1.05
CA VAL A 54 -11.63 6.00 -0.19
C VAL A 54 -12.95 6.68 0.06
N LYS A 55 -12.95 7.98 -0.01
CA LYS A 55 -14.09 8.76 0.29
C LYS A 55 -14.76 9.23 -1.01
N PRO A 56 -16.05 8.93 -1.21
CA PRO A 56 -16.80 9.31 -2.42
C PRO A 56 -17.17 10.79 -2.45
N TRP A 57 -17.66 11.26 -3.58
CA TRP A 57 -18.09 12.65 -3.72
C TRP A 57 -19.47 12.86 -3.13
N ASP A 58 -20.38 11.96 -3.43
CA ASP A 58 -21.78 12.07 -2.99
C ASP A 58 -22.36 10.66 -2.83
N ASP A 59 -23.60 10.55 -2.33
CA ASP A 59 -24.33 9.26 -2.25
C ASP A 59 -24.49 8.67 -3.65
N GLU A 60 -24.59 9.55 -4.64
CA GLU A 60 -24.70 9.14 -6.04
C GLU A 60 -23.45 8.38 -6.49
N THR A 61 -22.31 8.69 -5.92
CA THR A 61 -21.09 7.99 -6.20
C THR A 61 -21.19 6.58 -5.59
N ASP A 62 -21.00 5.57 -6.40
CA ASP A 62 -21.17 4.20 -5.95
C ASP A 62 -19.95 3.68 -5.18
N MET A 63 -20.21 3.18 -3.97
CA MET A 63 -19.18 2.69 -3.05
C MET A 63 -18.45 1.45 -3.59
N ALA A 64 -19.16 0.61 -4.32
CA ALA A 64 -18.61 -0.61 -4.85
C ALA A 64 -17.62 -0.31 -5.97
N GLN A 65 -17.93 0.67 -6.81
CA GLN A 65 -17.02 1.04 -7.86
C GLN A 65 -15.79 1.77 -7.31
N LEU A 66 -15.93 2.36 -6.11
CA LEU A 66 -14.78 2.95 -5.39
C LEU A 66 -13.76 1.85 -5.10
N GLU A 67 -14.28 0.74 -4.60
CA GLU A 67 -13.50 -0.43 -4.29
C GLU A 67 -12.92 -1.04 -5.58
N ALA A 68 -13.74 -1.05 -6.63
CA ALA A 68 -13.35 -1.55 -7.95
C ALA A 68 -12.15 -0.79 -8.51
N CYS A 69 -12.18 0.54 -8.37
CA CYS A 69 -11.06 1.39 -8.80
C CYS A 69 -9.74 0.96 -8.12
N VAL A 70 -9.79 0.74 -6.82
CA VAL A 70 -8.61 0.35 -6.06
C VAL A 70 -8.18 -1.10 -6.38
N ARG A 71 -9.15 -1.96 -6.55
CA ARG A 71 -8.92 -3.37 -6.82
C ARG A 71 -8.48 -3.71 -8.24
N SER A 72 -8.48 -2.74 -9.11
CA SER A 72 -7.99 -2.96 -10.45
C SER A 72 -6.52 -2.49 -10.64
N ILE A 73 -5.86 -2.09 -9.54
CA ILE A 73 -4.44 -1.69 -9.57
C ILE A 73 -3.56 -2.94 -9.67
N GLN A 74 -2.96 -3.17 -10.83
CA GLN A 74 -2.22 -4.40 -11.05
C GLN A 74 -0.72 -4.22 -10.89
N LEU A 75 -0.22 -4.67 -9.77
CA LEU A 75 1.20 -4.71 -9.47
C LEU A 75 1.48 -6.01 -8.77
N ASP A 76 2.56 -6.66 -9.11
CA ASP A 76 2.93 -7.88 -8.42
C ASP A 76 3.44 -7.55 -7.06
N GLY A 77 2.77 -8.05 -6.07
CA GLY A 77 3.11 -7.71 -4.71
C GLY A 77 2.13 -6.71 -4.13
N LEU A 78 1.18 -6.25 -4.94
CA LEU A 78 0.13 -5.38 -4.47
C LEU A 78 -1.06 -6.30 -4.19
N VAL A 79 -1.33 -6.48 -2.93
CA VAL A 79 -2.36 -7.38 -2.45
C VAL A 79 -3.46 -6.58 -1.78
N TRP A 80 -4.68 -7.00 -1.96
CA TRP A 80 -5.79 -6.33 -1.34
C TRP A 80 -6.27 -7.12 -0.16
N GLY A 81 -6.58 -6.43 0.89
CA GLY A 81 -7.13 -7.04 2.05
C GLY A 81 -8.59 -6.68 2.15
N ALA A 82 -9.14 -6.88 3.32
CA ALA A 82 -10.54 -6.60 3.58
C ALA A 82 -10.86 -5.11 3.50
N SER A 83 -12.04 -4.82 3.06
CA SER A 83 -12.53 -3.48 2.95
C SER A 83 -13.87 -3.34 3.67
N LYS A 84 -14.03 -2.27 4.40
CA LYS A 84 -15.23 -2.02 5.18
C LYS A 84 -15.69 -0.59 4.97
N LEU A 85 -16.97 -0.34 5.07
CA LEU A 85 -17.46 1.01 4.96
C LEU A 85 -17.67 1.61 6.34
N VAL A 86 -17.17 2.78 6.54
CA VAL A 86 -17.29 3.49 7.79
C VAL A 86 -18.11 4.77 7.55
N PRO A 87 -19.36 4.82 8.03
CA PRO A 87 -20.20 6.01 7.91
C PRO A 87 -19.65 7.15 8.77
N VAL A 88 -19.44 8.31 8.18
CA VAL A 88 -18.86 9.41 8.90
C VAL A 88 -19.77 10.64 9.00
N GLY A 89 -20.17 11.21 7.88
CA GLY A 89 -20.98 12.41 7.91
C GLY A 89 -22.28 12.26 7.16
N TYR A 90 -22.89 13.36 6.80
CA TYR A 90 -24.15 13.35 6.06
C TYR A 90 -23.95 12.87 4.64
N GLY A 91 -24.40 11.67 4.37
CA GLY A 91 -24.30 11.10 3.06
C GLY A 91 -22.98 10.41 2.82
N ILE A 92 -21.92 11.04 3.22
CA ILE A 92 -20.63 10.51 2.96
C ILE A 92 -20.17 9.53 4.00
N ARG A 93 -19.76 8.42 3.48
CA ARG A 93 -19.31 7.27 4.21
C ARG A 93 -18.04 6.87 3.52
N LYS A 94 -17.04 6.49 4.23
CA LYS A 94 -15.76 6.21 3.63
C LYS A 94 -15.49 4.71 3.56
N LEU A 95 -14.86 4.29 2.51
CA LEU A 95 -14.53 2.89 2.30
C LEU A 95 -13.10 2.69 2.72
N GLN A 96 -12.87 1.89 3.71
CA GLN A 96 -11.54 1.65 4.20
C GLN A 96 -11.05 0.37 3.56
N ILE A 97 -10.01 0.51 2.80
CA ILE A 97 -9.42 -0.59 2.09
C ILE A 97 -8.03 -0.86 2.65
N GLN A 98 -7.79 -2.10 2.96
CA GLN A 98 -6.52 -2.51 3.43
C GLN A 98 -5.72 -2.97 2.24
N CYS A 99 -4.54 -2.49 2.11
CA CYS A 99 -3.68 -2.91 1.06
C CYS A 99 -2.40 -3.43 1.63
N VAL A 100 -1.96 -4.53 1.13
CA VAL A 100 -0.76 -5.17 1.56
C VAL A 100 0.24 -5.12 0.43
N VAL A 101 1.32 -4.43 0.65
CA VAL A 101 2.31 -4.27 -0.37
C VAL A 101 3.59 -4.99 0.00
N GLU A 102 4.17 -5.62 -0.99
CA GLU A 102 5.44 -6.27 -0.87
C GLU A 102 6.49 -5.19 -1.11
N ASP A 103 7.08 -4.68 -0.03
CA ASP A 103 7.98 -3.49 -0.04
C ASP A 103 9.12 -3.55 -1.01
N ASP A 104 9.65 -4.73 -1.25
CA ASP A 104 10.79 -4.87 -2.15
C ASP A 104 10.42 -4.83 -3.63
N LYS A 105 9.14 -4.68 -3.91
CA LYS A 105 8.66 -4.48 -5.27
C LYS A 105 7.77 -3.26 -5.37
N VAL A 106 6.74 -3.24 -4.55
CA VAL A 106 5.72 -2.23 -4.61
C VAL A 106 5.82 -1.28 -3.44
N GLY A 107 6.10 -0.05 -3.75
CA GLY A 107 6.06 0.99 -2.79
C GLY A 107 4.67 1.57 -2.73
N THR A 108 4.38 2.38 -1.74
CA THR A 108 3.08 3.01 -1.61
C THR A 108 2.80 3.96 -2.78
N ASP A 109 3.88 4.37 -3.47
CA ASP A 109 3.85 5.26 -4.65
C ASP A 109 2.76 4.84 -5.59
N LEU A 110 2.78 3.56 -5.95
CA LEU A 110 1.85 2.98 -6.90
C LEU A 110 0.41 3.15 -6.48
N LEU A 111 0.13 2.92 -5.23
CA LEU A 111 -1.23 3.03 -4.73
C LEU A 111 -1.64 4.49 -4.53
N GLU A 112 -0.72 5.31 -4.04
CA GLU A 112 -0.97 6.72 -3.80
C GLU A 112 -1.21 7.46 -5.12
N GLU A 113 -0.38 7.20 -6.13
CA GLU A 113 -0.50 7.81 -7.44
C GLU A 113 -1.78 7.37 -8.13
N GLU A 114 -2.04 6.06 -8.17
CA GLU A 114 -3.22 5.52 -8.85
C GLU A 114 -4.52 5.97 -8.23
N ILE A 115 -4.66 5.90 -6.91
CA ILE A 115 -5.92 6.24 -6.27
C ILE A 115 -6.22 7.75 -6.38
N THR A 116 -5.18 8.57 -6.45
CA THR A 116 -5.38 9.99 -6.64
C THR A 116 -5.78 10.32 -8.11
N LYS A 117 -5.54 9.38 -9.01
CA LYS A 117 -6.02 9.50 -10.39
C LYS A 117 -7.49 9.05 -10.42
N PHE A 118 -7.82 8.14 -9.50
CA PHE A 118 -9.17 7.62 -9.35
C PHE A 118 -10.10 8.65 -8.74
N GLU A 119 -9.52 9.75 -8.22
CA GLU A 119 -10.26 10.94 -7.71
C GLU A 119 -11.32 11.53 -8.70
N GLU A 120 -11.38 11.01 -9.91
CA GLU A 120 -12.47 11.30 -10.80
C GLU A 120 -13.80 10.71 -10.20
N HIS A 121 -13.65 9.72 -9.31
CA HIS A 121 -14.78 9.12 -8.60
C HIS A 121 -14.60 9.30 -7.08
N VAL A 122 -13.37 9.43 -6.66
CA VAL A 122 -13.03 9.57 -5.25
C VAL A 122 -12.90 11.06 -4.92
N GLN A 123 -13.49 11.50 -3.84
CA GLN A 123 -13.45 12.90 -3.44
C GLN A 123 -12.05 13.28 -3.01
N SER A 124 -11.53 12.48 -2.12
CA SER A 124 -10.21 12.62 -1.58
C SER A 124 -9.82 11.27 -1.02
N VAL A 125 -8.54 11.03 -0.93
CA VAL A 125 -8.03 9.78 -0.44
C VAL A 125 -7.38 10.07 0.89
N ASP A 126 -7.94 9.56 1.94
CA ASP A 126 -7.43 9.81 3.26
C ASP A 126 -6.71 8.60 3.78
N ILE A 127 -5.74 8.82 4.62
CA ILE A 127 -5.01 7.73 5.21
C ILE A 127 -5.61 7.46 6.57
N ALA A 128 -6.04 6.25 6.79
CA ALA A 128 -6.61 5.86 8.06
C ALA A 128 -5.49 5.54 9.04
N ALA A 129 -4.58 4.66 8.61
CA ALA A 129 -3.47 4.22 9.42
C ALA A 129 -2.47 3.44 8.58
N PHE A 130 -1.24 3.38 9.04
CA PHE A 130 -0.20 2.62 8.39
C PHE A 130 0.29 1.56 9.36
N ASN A 131 0.37 0.33 8.91
CA ASN A 131 0.80 -0.78 9.74
C ASN A 131 1.86 -1.58 9.02
N LYS A 132 2.82 -2.10 9.73
CA LYS A 132 3.79 -2.98 9.13
C LYS A 132 3.45 -4.43 9.42
N ILE A 133 3.72 -5.31 8.50
CA ILE A 133 3.45 -6.71 8.71
C ILE A 133 4.67 -7.53 8.33
N GLY A 1 34.49 23.00 6.55
CA GLY A 1 33.47 23.84 7.18
C GLY A 1 32.11 23.25 7.01
N PRO A 2 31.07 23.85 7.61
CA PRO A 2 29.70 23.33 7.53
C PRO A 2 29.12 23.41 6.11
N GLY A 3 28.07 22.68 5.88
CA GLY A 3 27.42 22.70 4.60
C GLY A 3 25.93 22.62 4.77
N SER A 4 25.21 22.80 3.71
CA SER A 4 23.78 22.72 3.73
C SER A 4 23.35 21.60 2.77
N GLU A 5 22.86 20.53 3.32
CA GLU A 5 22.53 19.36 2.53
C GLU A 5 21.05 19.06 2.59
N ASP A 6 20.39 19.07 1.43
CA ASP A 6 18.95 18.64 1.26
C ASP A 6 17.91 19.63 1.85
N ASP A 7 18.35 20.49 2.74
CA ASP A 7 17.46 21.39 3.46
C ASP A 7 17.05 22.60 2.63
N ASP A 8 17.85 22.97 1.67
CA ASP A 8 17.53 24.14 0.88
C ASP A 8 16.90 23.72 -0.42
N ILE A 9 15.82 24.36 -0.80
CA ILE A 9 15.09 24.01 -1.99
C ILE A 9 15.43 24.99 -3.12
N ASP A 10 15.74 24.46 -4.28
CA ASP A 10 16.00 25.27 -5.46
C ASP A 10 14.71 25.37 -6.25
N LEU A 11 14.59 26.38 -7.07
CA LEU A 11 13.41 26.63 -7.86
C LEU A 11 13.29 25.62 -9.00
N PHE A 12 14.41 25.20 -9.51
CA PHE A 12 14.44 24.26 -10.61
C PHE A 12 15.02 22.94 -10.15
N GLY A 13 14.68 21.89 -10.85
CA GLY A 13 15.22 20.59 -10.54
C GLY A 13 14.17 19.54 -10.45
N SER A 14 14.27 18.55 -11.28
CA SER A 14 13.40 17.41 -11.23
C SER A 14 14.17 16.29 -10.53
N ASP A 15 15.33 15.96 -11.08
CA ASP A 15 16.25 15.02 -10.48
C ASP A 15 17.65 15.32 -10.96
N ASN A 16 18.20 16.38 -10.39
CA ASN A 16 19.58 16.85 -10.62
C ASN A 16 19.97 16.89 -12.10
N GLU A 17 19.46 17.87 -12.80
CA GLU A 17 19.77 18.02 -14.21
C GLU A 17 21.11 18.69 -14.35
N GLU A 18 21.29 19.74 -13.58
CA GLU A 18 22.47 20.58 -13.65
C GLU A 18 23.59 20.11 -12.73
N GLU A 19 23.49 18.88 -12.30
CA GLU A 19 24.47 18.29 -11.44
C GLU A 19 24.57 16.81 -11.85
N ASP A 20 25.69 16.17 -11.57
CA ASP A 20 25.89 14.77 -11.93
C ASP A 20 26.80 14.06 -10.94
N LYS A 21 27.85 14.73 -10.48
CA LYS A 21 28.86 14.11 -9.61
C LYS A 21 28.31 13.77 -8.20
N GLU A 22 27.56 14.67 -7.60
CA GLU A 22 26.93 14.42 -6.31
C GLU A 22 25.72 13.56 -6.53
N ALA A 23 25.00 13.88 -7.59
CA ALA A 23 23.78 13.19 -7.95
C ALA A 23 23.99 11.68 -8.10
N ALA A 24 25.00 11.31 -8.87
CA ALA A 24 25.31 9.91 -9.13
C ALA A 24 25.81 9.18 -7.89
N GLN A 25 26.66 9.85 -7.11
CA GLN A 25 27.19 9.19 -5.91
C GLN A 25 26.10 8.98 -4.88
N LEU A 26 25.20 9.98 -4.73
CA LEU A 26 24.12 9.90 -3.75
C LEU A 26 23.21 8.74 -4.07
N ARG A 27 23.01 8.50 -5.36
CA ARG A 27 22.19 7.39 -5.82
C ARG A 27 22.76 6.06 -5.36
N GLU A 28 24.03 5.83 -5.64
CA GLU A 28 24.66 4.59 -5.24
C GLU A 28 24.72 4.47 -3.71
N GLU A 29 25.18 5.55 -3.06
CA GLU A 29 25.28 5.61 -1.61
C GLU A 29 23.97 5.26 -0.93
N ARG A 30 22.92 5.98 -1.28
CA ARG A 30 21.62 5.80 -0.64
C ARG A 30 20.98 4.48 -1.01
N LEU A 31 21.13 4.04 -2.25
CA LEU A 31 20.53 2.78 -2.67
C LEU A 31 21.21 1.57 -2.05
N ARG A 32 22.52 1.66 -1.80
CA ARG A 32 23.22 0.57 -1.13
C ARG A 32 22.92 0.57 0.36
N GLN A 33 22.82 1.77 0.94
CA GLN A 33 22.45 1.91 2.35
C GLN A 33 21.03 1.43 2.57
N TYR A 34 20.17 1.74 1.63
CA TYR A 34 18.81 1.26 1.62
C TYR A 34 18.83 -0.27 1.54
N ALA A 35 19.65 -0.79 0.63
CA ALA A 35 19.79 -2.24 0.39
C ALA A 35 20.18 -3.01 1.64
N GLU A 36 21.17 -2.50 2.37
CA GLU A 36 21.65 -3.18 3.57
C GLU A 36 20.64 -3.07 4.72
N LYS A 37 19.92 -1.95 4.80
CA LYS A 37 18.94 -1.74 5.87
C LYS A 37 17.67 -2.56 5.64
N LYS A 38 17.47 -2.97 4.40
CA LYS A 38 16.39 -3.87 4.05
C LYS A 38 16.75 -5.23 4.60
N ALA A 39 15.85 -5.84 5.28
CA ALA A 39 16.03 -7.16 5.78
C ALA A 39 15.61 -8.14 4.71
N LYS A 40 16.56 -8.85 4.14
CA LYS A 40 16.22 -9.85 3.17
C LYS A 40 15.62 -10.99 3.94
N LYS A 41 14.37 -11.24 3.70
CA LYS A 41 13.60 -12.06 4.57
C LYS A 41 12.97 -13.24 3.80
N PRO A 42 13.68 -14.39 3.76
CA PRO A 42 13.23 -15.57 3.03
C PRO A 42 12.20 -16.39 3.81
N ALA A 43 10.96 -15.95 3.70
CA ALA A 43 9.77 -16.60 4.27
C ALA A 43 8.60 -15.78 3.78
N LEU A 44 8.53 -14.59 4.30
CA LEU A 44 7.61 -13.57 3.89
C LEU A 44 8.44 -12.33 3.85
N VAL A 45 8.37 -11.61 2.78
CA VAL A 45 9.17 -10.41 2.62
C VAL A 45 8.45 -9.25 3.38
N ALA A 46 9.10 -8.09 3.51
CA ALA A 46 8.54 -6.93 4.21
C ALA A 46 7.21 -6.52 3.62
N LYS A 47 6.21 -6.50 4.46
CA LYS A 47 4.87 -6.19 4.06
C LYS A 47 4.35 -5.01 4.84
N SER A 48 3.90 -4.03 4.13
CA SER A 48 3.28 -2.89 4.71
C SER A 48 1.79 -2.95 4.42
N SER A 49 1.00 -2.78 5.42
CA SER A 49 -0.42 -2.83 5.28
C SER A 49 -0.98 -1.44 5.57
N ILE A 50 -1.43 -0.78 4.55
CA ILE A 50 -1.90 0.57 4.67
C ILE A 50 -3.41 0.58 4.55
N LEU A 51 -4.06 1.27 5.46
CA LEU A 51 -5.49 1.47 5.40
C LEU A 51 -5.72 2.80 4.73
N LEU A 52 -6.37 2.81 3.61
CA LEU A 52 -6.70 4.05 2.96
C LEU A 52 -8.17 4.24 3.01
N ASP A 53 -8.59 5.41 3.38
CA ASP A 53 -9.97 5.69 3.42
C ASP A 53 -10.38 6.53 2.22
N VAL A 54 -11.06 5.86 1.35
CA VAL A 54 -11.53 6.37 0.10
C VAL A 54 -12.91 6.99 0.30
N LYS A 55 -12.96 8.29 0.29
CA LYS A 55 -14.19 9.00 0.50
C LYS A 55 -14.83 9.35 -0.85
N PRO A 56 -16.13 9.03 -1.03
CA PRO A 56 -16.87 9.43 -2.22
C PRO A 56 -17.30 10.90 -2.14
N TRP A 57 -17.74 11.47 -3.26
CA TRP A 57 -18.16 12.88 -3.29
C TRP A 57 -19.51 13.05 -2.62
N ASP A 58 -20.36 12.08 -2.79
CA ASP A 58 -21.68 12.08 -2.20
C ASP A 58 -22.19 10.63 -2.23
N ASP A 59 -23.38 10.37 -1.69
CA ASP A 59 -23.99 9.03 -1.70
C ASP A 59 -24.19 8.53 -3.12
N GLU A 60 -24.40 9.47 -4.06
CA GLU A 60 -24.58 9.14 -5.49
C GLU A 60 -23.35 8.47 -6.11
N THR A 61 -22.20 8.64 -5.50
CA THR A 61 -21.01 8.02 -5.97
C THR A 61 -20.99 6.57 -5.42
N ASP A 62 -21.04 5.60 -6.29
CA ASP A 62 -21.11 4.20 -5.89
C ASP A 62 -19.83 3.69 -5.23
N MET A 63 -19.98 3.19 -4.02
CA MET A 63 -18.86 2.70 -3.22
C MET A 63 -18.24 1.43 -3.82
N ALA A 64 -19.06 0.59 -4.42
CA ALA A 64 -18.59 -0.65 -5.01
C ALA A 64 -17.63 -0.39 -6.16
N GLN A 65 -17.96 0.57 -7.03
CA GLN A 65 -17.09 0.93 -8.12
C GLN A 65 -15.84 1.65 -7.64
N LEU A 66 -15.94 2.37 -6.52
CA LEU A 66 -14.76 3.01 -5.91
C LEU A 66 -13.78 1.97 -5.39
N GLU A 67 -14.33 0.92 -4.80
CA GLU A 67 -13.52 -0.20 -4.33
C GLU A 67 -12.91 -0.89 -5.55
N ALA A 68 -13.72 -1.02 -6.61
CA ALA A 68 -13.29 -1.62 -7.87
C ALA A 68 -12.13 -0.86 -8.47
N CYS A 69 -12.16 0.48 -8.34
CA CYS A 69 -11.05 1.32 -8.78
C CYS A 69 -9.76 0.94 -8.05
N VAL A 70 -9.84 0.75 -6.74
CA VAL A 70 -8.67 0.36 -5.96
C VAL A 70 -8.24 -1.08 -6.31
N ARG A 71 -9.21 -1.91 -6.68
CA ARG A 71 -8.92 -3.27 -7.12
C ARG A 71 -8.34 -3.27 -8.55
N SER A 72 -8.38 -2.13 -9.22
CA SER A 72 -7.85 -2.01 -10.56
C SER A 72 -6.38 -1.62 -10.55
N ILE A 73 -5.82 -1.49 -9.36
CA ILE A 73 -4.42 -1.22 -9.22
C ILE A 73 -3.70 -2.56 -9.33
N GLN A 74 -3.06 -2.78 -10.45
CA GLN A 74 -2.48 -4.07 -10.71
C GLN A 74 -0.97 -4.02 -10.62
N LEU A 75 -0.47 -4.40 -9.50
CA LEU A 75 0.93 -4.55 -9.28
C LEU A 75 1.15 -5.85 -8.56
N ASP A 76 2.12 -6.61 -9.00
CA ASP A 76 2.48 -7.86 -8.33
C ASP A 76 3.02 -7.56 -6.97
N GLY A 77 2.39 -8.10 -5.96
CA GLY A 77 2.80 -7.82 -4.60
C GLY A 77 1.86 -6.84 -3.93
N LEU A 78 0.84 -6.40 -4.65
CA LEU A 78 -0.21 -5.59 -4.10
C LEU A 78 -1.34 -6.56 -3.80
N VAL A 79 -1.57 -6.82 -2.56
CA VAL A 79 -2.58 -7.76 -2.13
C VAL A 79 -3.67 -6.97 -1.43
N TRP A 80 -4.90 -7.27 -1.75
CA TRP A 80 -6.01 -6.58 -1.11
C TRP A 80 -6.40 -7.31 0.15
N GLY A 81 -6.51 -6.59 1.23
CA GLY A 81 -6.85 -7.17 2.48
C GLY A 81 -8.33 -7.07 2.77
N ALA A 82 -8.65 -6.43 3.85
CA ALA A 82 -10.04 -6.25 4.23
C ALA A 82 -10.55 -4.89 3.78
N SER A 83 -11.76 -4.86 3.35
CA SER A 83 -12.37 -3.64 2.93
C SER A 83 -13.66 -3.49 3.71
N LYS A 84 -14.04 -2.27 4.02
CA LYS A 84 -15.20 -2.02 4.84
C LYS A 84 -15.74 -0.62 4.64
N LEU A 85 -16.98 -0.43 5.00
CA LEU A 85 -17.59 0.88 4.93
C LEU A 85 -17.55 1.52 6.31
N VAL A 86 -17.01 2.70 6.37
CA VAL A 86 -16.89 3.45 7.60
C VAL A 86 -17.84 4.64 7.57
N PRO A 87 -18.90 4.63 8.39
CA PRO A 87 -19.84 5.74 8.45
C PRO A 87 -19.23 6.95 9.13
N VAL A 88 -19.26 8.09 8.46
CA VAL A 88 -18.69 9.32 9.00
C VAL A 88 -19.77 10.31 9.43
N GLY A 89 -20.99 10.05 8.99
CA GLY A 89 -22.10 10.87 9.36
C GLY A 89 -23.37 10.24 8.90
N TYR A 90 -24.47 10.92 9.07
CA TYR A 90 -25.74 10.43 8.58
C TYR A 90 -25.87 10.71 7.11
N GLY A 91 -25.41 9.78 6.35
CA GLY A 91 -25.43 9.87 4.94
C GLY A 91 -24.27 9.15 4.35
N ILE A 92 -23.20 9.87 4.17
CA ILE A 92 -22.02 9.37 3.50
C ILE A 92 -21.18 8.42 4.38
N ARG A 93 -20.82 7.29 3.80
CA ARG A 93 -19.90 6.36 4.39
C ARG A 93 -18.68 6.35 3.48
N LYS A 94 -17.52 6.17 4.04
CA LYS A 94 -16.31 6.10 3.24
C LYS A 94 -15.82 4.66 3.18
N LEU A 95 -15.04 4.33 2.20
CA LEU A 95 -14.58 2.97 1.99
C LEU A 95 -13.15 2.85 2.50
N GLN A 96 -12.95 2.05 3.50
CA GLN A 96 -11.63 1.85 4.03
C GLN A 96 -11.08 0.57 3.45
N ILE A 97 -10.04 0.69 2.70
CA ILE A 97 -9.43 -0.42 2.04
C ILE A 97 -8.05 -0.71 2.61
N GLN A 98 -7.83 -1.93 2.97
CA GLN A 98 -6.56 -2.37 3.46
C GLN A 98 -5.78 -2.96 2.31
N CYS A 99 -4.60 -2.47 2.10
CA CYS A 99 -3.75 -2.97 1.08
C CYS A 99 -2.49 -3.49 1.71
N VAL A 100 -1.95 -4.53 1.16
CA VAL A 100 -0.73 -5.10 1.61
C VAL A 100 0.27 -5.03 0.48
N VAL A 101 1.33 -4.32 0.70
CA VAL A 101 2.36 -4.20 -0.29
C VAL A 101 3.60 -4.88 0.18
N GLU A 102 4.24 -5.55 -0.71
CA GLU A 102 5.52 -6.08 -0.42
C GLU A 102 6.48 -5.03 -0.85
N ASP A 103 7.29 -4.56 0.06
CA ASP A 103 8.21 -3.44 -0.18
C ASP A 103 9.20 -3.67 -1.32
N ASP A 104 9.54 -4.92 -1.58
CA ASP A 104 10.46 -5.26 -2.68
C ASP A 104 9.77 -5.30 -4.03
N LYS A 105 8.48 -5.16 -4.03
CA LYS A 105 7.73 -5.19 -5.26
C LYS A 105 6.98 -3.87 -5.48
N VAL A 106 6.23 -3.44 -4.49
CA VAL A 106 5.36 -2.29 -4.62
C VAL A 106 5.64 -1.30 -3.50
N GLY A 107 5.50 -0.04 -3.81
CA GLY A 107 5.58 1.00 -2.82
C GLY A 107 4.27 1.72 -2.76
N THR A 108 4.08 2.54 -1.76
CA THR A 108 2.83 3.24 -1.58
C THR A 108 2.59 4.23 -2.71
N ASP A 109 3.71 4.75 -3.27
CA ASP A 109 3.70 5.74 -4.37
C ASP A 109 2.81 5.31 -5.51
N LEU A 110 2.88 4.03 -5.84
CA LEU A 110 2.07 3.45 -6.91
C LEU A 110 0.58 3.55 -6.59
N LEU A 111 0.19 3.02 -5.44
CA LEU A 111 -1.22 2.98 -5.05
C LEU A 111 -1.79 4.38 -4.79
N GLU A 112 -0.99 5.25 -4.17
CA GLU A 112 -1.38 6.61 -3.87
C GLU A 112 -1.64 7.38 -5.16
N GLU A 113 -0.72 7.25 -6.11
CA GLU A 113 -0.81 7.96 -7.35
C GLU A 113 -1.98 7.43 -8.20
N GLU A 114 -2.21 6.13 -8.16
CA GLU A 114 -3.33 5.56 -8.90
C GLU A 114 -4.65 6.02 -8.37
N ILE A 115 -4.81 6.09 -7.05
CA ILE A 115 -6.06 6.55 -6.47
C ILE A 115 -6.26 8.06 -6.72
N THR A 116 -5.16 8.81 -6.87
CA THR A 116 -5.27 10.21 -7.26
C THR A 116 -5.66 10.37 -8.75
N LYS A 117 -5.55 9.31 -9.52
CA LYS A 117 -6.09 9.33 -10.87
C LYS A 117 -7.59 9.04 -10.81
N PHE A 118 -7.95 8.20 -9.85
CA PHE A 118 -9.32 7.79 -9.60
C PHE A 118 -10.15 8.87 -8.93
N GLU A 119 -9.49 9.94 -8.45
CA GLU A 119 -10.17 11.08 -7.76
C GLU A 119 -11.27 11.79 -8.59
N GLU A 120 -11.41 11.41 -9.84
CA GLU A 120 -12.52 11.87 -10.62
C GLU A 120 -13.84 11.17 -10.17
N HIS A 121 -13.68 10.16 -9.31
CA HIS A 121 -14.77 9.48 -8.59
C HIS A 121 -14.51 9.49 -7.07
N VAL A 122 -13.24 9.58 -6.69
CA VAL A 122 -12.86 9.62 -5.28
C VAL A 122 -12.69 11.08 -4.84
N GLN A 123 -13.39 11.48 -3.80
CA GLN A 123 -13.34 12.87 -3.33
C GLN A 123 -12.02 13.16 -2.63
N SER A 124 -11.57 12.26 -1.81
CA SER A 124 -10.35 12.47 -1.09
C SER A 124 -9.68 11.14 -0.78
N VAL A 125 -8.36 11.15 -0.83
CA VAL A 125 -7.58 9.97 -0.55
C VAL A 125 -6.84 10.20 0.76
N ASP A 126 -7.18 9.45 1.78
CA ASP A 126 -6.56 9.62 3.07
C ASP A 126 -5.99 8.35 3.59
N ILE A 127 -5.04 8.48 4.46
CA ILE A 127 -4.41 7.35 5.08
C ILE A 127 -5.01 7.20 6.47
N ALA A 128 -5.66 6.10 6.70
CA ALA A 128 -6.29 5.84 7.96
C ALA A 128 -5.31 5.21 8.94
N ALA A 129 -4.34 4.45 8.42
CA ALA A 129 -3.32 3.81 9.25
C ALA A 129 -2.23 3.18 8.43
N PHE A 130 -1.03 3.24 8.93
CA PHE A 130 0.11 2.58 8.32
C PHE A 130 0.52 1.46 9.27
N ASN A 131 0.32 0.24 8.86
CA ASN A 131 0.61 -0.90 9.72
C ASN A 131 1.69 -1.74 9.09
N LYS A 132 2.61 -2.19 9.88
CA LYS A 132 3.62 -3.11 9.39
C LYS A 132 3.21 -4.53 9.79
N ILE A 133 3.15 -5.43 8.83
CA ILE A 133 2.72 -6.77 9.13
C ILE A 133 3.79 -7.79 8.74
N GLY A 1 -15.71 -28.19 -19.11
CA GLY A 1 -15.83 -27.26 -18.01
C GLY A 1 -17.07 -26.41 -18.15
N PRO A 2 -17.54 -25.76 -17.07
CA PRO A 2 -18.76 -24.93 -17.11
C PRO A 2 -18.57 -23.67 -17.98
N GLY A 3 -17.45 -23.04 -17.84
CA GLY A 3 -17.18 -21.84 -18.56
C GLY A 3 -16.28 -20.98 -17.75
N SER A 4 -16.21 -19.74 -18.06
CA SER A 4 -15.38 -18.82 -17.34
C SER A 4 -16.18 -17.98 -16.34
N GLU A 5 -16.89 -18.66 -15.45
CA GLU A 5 -17.64 -18.01 -14.37
C GLU A 5 -16.70 -17.30 -13.43
N ASP A 6 -15.58 -17.99 -13.11
CA ASP A 6 -14.50 -17.50 -12.20
C ASP A 6 -14.96 -17.43 -10.75
N ASP A 7 -15.83 -16.50 -10.46
CA ASP A 7 -16.36 -16.37 -9.13
C ASP A 7 -17.59 -17.24 -9.00
N ASP A 8 -17.37 -18.40 -8.43
CA ASP A 8 -18.38 -19.43 -8.17
C ASP A 8 -17.60 -20.53 -7.46
N ILE A 9 -18.22 -21.56 -6.96
CA ILE A 9 -17.45 -22.60 -6.30
C ILE A 9 -17.06 -23.65 -7.33
N ASP A 10 -15.84 -23.55 -7.83
CA ASP A 10 -15.32 -24.39 -8.92
C ASP A 10 -15.40 -25.88 -8.64
N LEU A 11 -16.37 -26.53 -9.32
CA LEU A 11 -16.64 -28.00 -9.24
C LEU A 11 -17.12 -28.48 -7.86
N PHE A 12 -17.21 -27.55 -6.90
CA PHE A 12 -17.62 -27.78 -5.51
C PHE A 12 -16.61 -28.61 -4.73
N GLY A 13 -16.49 -29.86 -5.08
CA GLY A 13 -15.62 -30.76 -4.39
C GLY A 13 -16.29 -32.09 -4.32
N SER A 14 -16.00 -32.90 -5.30
CA SER A 14 -16.58 -34.23 -5.42
C SER A 14 -16.02 -35.15 -4.32
N ASP A 15 -16.78 -36.18 -3.98
CA ASP A 15 -16.37 -37.11 -2.92
C ASP A 15 -15.34 -38.11 -3.44
N ASN A 16 -14.13 -37.65 -3.42
CA ASN A 16 -12.98 -38.37 -3.87
C ASN A 16 -11.90 -38.23 -2.81
N GLU A 17 -11.43 -39.33 -2.29
CA GLU A 17 -10.35 -39.31 -1.29
C GLU A 17 -9.04 -38.91 -1.96
N GLU A 18 -8.03 -38.63 -1.18
CA GLU A 18 -6.75 -38.29 -1.73
C GLU A 18 -6.12 -39.59 -2.22
N GLU A 19 -5.96 -39.66 -3.52
CA GLU A 19 -5.66 -40.88 -4.25
C GLU A 19 -4.25 -41.47 -4.04
N ASP A 20 -4.26 -42.80 -3.83
CA ASP A 20 -3.11 -43.71 -3.66
C ASP A 20 -2.51 -43.69 -2.26
N LYS A 21 -2.51 -44.84 -1.63
CA LYS A 21 -2.06 -45.00 -0.25
C LYS A 21 -0.54 -44.89 -0.15
N GLU A 22 0.16 -45.35 -1.17
CA GLU A 22 1.60 -45.33 -1.16
C GLU A 22 2.09 -43.92 -1.39
N ALA A 23 1.42 -43.20 -2.30
CA ALA A 23 1.72 -41.80 -2.60
C ALA A 23 1.65 -40.93 -1.36
N ALA A 24 0.70 -41.24 -0.47
CA ALA A 24 0.54 -40.54 0.81
C ALA A 24 1.79 -40.73 1.67
N GLN A 25 2.22 -41.97 1.76
CA GLN A 25 3.38 -42.35 2.54
C GLN A 25 4.67 -41.78 1.92
N LEU A 26 4.75 -41.83 0.60
CA LEU A 26 5.90 -41.32 -0.15
C LEU A 26 6.06 -39.82 0.02
N ARG A 27 4.95 -39.09 -0.01
CA ARG A 27 5.01 -37.65 0.15
C ARG A 27 5.25 -37.26 1.60
N GLU A 28 4.87 -38.15 2.51
CA GLU A 28 5.15 -37.99 3.92
C GLU A 28 6.67 -38.14 4.16
N GLU A 29 7.25 -39.17 3.52
CA GLU A 29 8.69 -39.41 3.52
C GLU A 29 9.42 -38.25 2.86
N ARG A 30 8.77 -37.67 1.87
CA ARG A 30 9.28 -36.53 1.15
C ARG A 30 9.41 -35.35 2.10
N LEU A 31 8.32 -35.05 2.82
CA LEU A 31 8.29 -33.92 3.76
C LEU A 31 9.31 -34.09 4.87
N ARG A 32 9.46 -35.32 5.35
CA ARG A 32 10.45 -35.63 6.38
C ARG A 32 11.87 -35.32 5.89
N GLN A 33 12.21 -35.84 4.73
CA GLN A 33 13.54 -35.65 4.14
C GLN A 33 13.79 -34.20 3.76
N TYR A 34 12.76 -33.54 3.23
CA TYR A 34 12.84 -32.13 2.87
C TYR A 34 13.00 -31.23 4.09
N ALA A 35 12.56 -31.67 5.23
CA ALA A 35 12.69 -30.87 6.44
C ALA A 35 14.05 -31.06 7.12
N GLU A 36 14.59 -32.27 7.05
CA GLU A 36 15.87 -32.56 7.68
C GLU A 36 17.08 -32.25 6.78
N LYS A 37 17.01 -32.65 5.51
CA LYS A 37 18.12 -32.46 4.58
C LYS A 37 18.09 -31.07 4.01
N LYS A 38 16.92 -30.62 3.72
CA LYS A 38 16.71 -29.34 3.10
C LYS A 38 15.99 -28.42 4.11
N ALA A 39 15.72 -27.20 3.72
CA ALA A 39 14.93 -26.27 4.46
C ALA A 39 13.99 -25.59 3.48
N LYS A 40 12.85 -25.11 3.93
CA LYS A 40 11.94 -24.39 3.06
C LYS A 40 12.47 -23.00 2.83
N LYS A 41 12.74 -22.32 3.95
CA LYS A 41 13.19 -20.94 4.00
C LYS A 41 12.16 -20.08 3.24
N PRO A 42 10.94 -19.91 3.83
CA PRO A 42 9.77 -19.30 3.15
C PRO A 42 9.96 -17.84 2.79
N ALA A 43 10.92 -17.20 3.46
CA ALA A 43 11.25 -15.79 3.28
C ALA A 43 10.13 -14.90 3.74
N LEU A 44 10.22 -14.46 4.97
CA LEU A 44 9.28 -13.53 5.51
C LEU A 44 9.71 -12.14 5.07
N VAL A 45 9.21 -11.75 3.93
CA VAL A 45 9.58 -10.53 3.26
C VAL A 45 8.86 -9.35 3.91
N ALA A 46 9.51 -8.20 3.88
CA ALA A 46 8.96 -6.96 4.42
C ALA A 46 7.69 -6.59 3.66
N LYS A 47 6.63 -6.35 4.40
CA LYS A 47 5.33 -6.01 3.85
C LYS A 47 4.75 -4.85 4.61
N SER A 48 3.89 -4.12 3.97
CA SER A 48 3.23 -3.01 4.60
C SER A 48 1.72 -3.13 4.40
N SER A 49 0.98 -2.82 5.42
CA SER A 49 -0.46 -2.85 5.42
C SER A 49 -0.94 -1.40 5.57
N ILE A 50 -1.48 -0.87 4.51
CA ILE A 50 -1.89 0.50 4.53
C ILE A 50 -3.40 0.55 4.48
N LEU A 51 -3.98 1.22 5.45
CA LEU A 51 -5.39 1.43 5.49
C LEU A 51 -5.66 2.78 4.90
N LEU A 52 -6.31 2.83 3.77
CA LEU A 52 -6.68 4.09 3.18
C LEU A 52 -8.16 4.23 3.24
N ASP A 53 -8.61 5.39 3.60
CA ASP A 53 -10.00 5.65 3.62
C ASP A 53 -10.39 6.48 2.42
N VAL A 54 -11.03 5.81 1.50
CA VAL A 54 -11.44 6.35 0.23
C VAL A 54 -12.81 6.98 0.41
N LYS A 55 -12.84 8.25 0.17
CA LYS A 55 -14.00 9.04 0.45
C LYS A 55 -14.66 9.50 -0.85
N PRO A 56 -15.93 9.13 -1.06
CA PRO A 56 -16.70 9.50 -2.26
C PRO A 56 -17.15 10.97 -2.26
N TRP A 57 -17.70 11.40 -3.39
CA TRP A 57 -18.15 12.77 -3.59
C TRP A 57 -19.46 13.05 -2.91
N ASP A 58 -20.41 12.19 -3.08
CA ASP A 58 -21.70 12.41 -2.50
C ASP A 58 -22.22 11.15 -1.86
N ASP A 59 -23.41 11.24 -1.34
CA ASP A 59 -24.10 10.16 -0.62
C ASP A 59 -24.33 8.97 -1.52
N GLU A 60 -24.63 9.24 -2.76
CA GLU A 60 -25.02 8.22 -3.71
C GLU A 60 -23.91 7.84 -4.68
N THR A 61 -22.66 8.24 -4.38
CA THR A 61 -21.56 7.78 -5.20
C THR A 61 -21.41 6.26 -4.94
N ASP A 62 -21.25 5.50 -6.00
CA ASP A 62 -21.19 4.05 -5.86
C ASP A 62 -19.87 3.61 -5.27
N MET A 63 -19.93 3.19 -4.02
CA MET A 63 -18.75 2.80 -3.26
C MET A 63 -18.14 1.52 -3.81
N ALA A 64 -18.97 0.71 -4.47
CA ALA A 64 -18.55 -0.54 -5.04
C ALA A 64 -17.55 -0.31 -6.18
N GLN A 65 -17.87 0.64 -7.07
CA GLN A 65 -16.98 0.94 -8.19
C GLN A 65 -15.69 1.61 -7.67
N LEU A 66 -15.80 2.33 -6.53
CA LEU A 66 -14.61 2.93 -5.90
C LEU A 66 -13.67 1.85 -5.41
N GLU A 67 -14.24 0.82 -4.77
CA GLU A 67 -13.47 -0.33 -4.31
C GLU A 67 -12.88 -1.06 -5.52
N ALA A 68 -13.70 -1.20 -6.56
CA ALA A 68 -13.33 -1.87 -7.80
C ALA A 68 -12.11 -1.22 -8.43
N CYS A 69 -12.05 0.12 -8.40
CA CYS A 69 -10.92 0.87 -8.93
C CYS A 69 -9.63 0.53 -8.18
N VAL A 70 -9.71 0.46 -6.85
CA VAL A 70 -8.56 0.15 -6.01
C VAL A 70 -8.10 -1.30 -6.26
N ARG A 71 -9.07 -2.17 -6.46
CA ARG A 71 -8.82 -3.58 -6.68
C ARG A 71 -8.38 -3.87 -8.12
N SER A 72 -8.45 -2.88 -8.99
CA SER A 72 -7.98 -3.06 -10.34
C SER A 72 -6.54 -2.57 -10.52
N ILE A 73 -5.92 -2.13 -9.42
CA ILE A 73 -4.51 -1.70 -9.45
C ILE A 73 -3.66 -2.97 -9.38
N GLN A 74 -3.08 -3.35 -10.47
CA GLN A 74 -2.41 -4.63 -10.51
C GLN A 74 -0.91 -4.50 -10.65
N LEU A 75 -0.22 -4.84 -9.60
CA LEU A 75 1.24 -4.92 -9.56
C LEU A 75 1.58 -6.19 -8.80
N ASP A 76 2.71 -6.80 -9.11
CA ASP A 76 3.15 -7.97 -8.36
C ASP A 76 3.73 -7.48 -7.07
N GLY A 77 3.14 -7.91 -5.99
CA GLY A 77 3.50 -7.44 -4.70
C GLY A 77 2.49 -6.44 -4.18
N LEU A 78 1.36 -6.35 -4.88
CA LEU A 78 0.24 -5.52 -4.47
C LEU A 78 -0.92 -6.49 -4.23
N VAL A 79 -1.26 -6.67 -2.98
CA VAL A 79 -2.29 -7.60 -2.57
C VAL A 79 -3.38 -6.81 -1.82
N TRP A 80 -4.62 -7.24 -1.95
CA TRP A 80 -5.72 -6.56 -1.30
C TRP A 80 -6.22 -7.38 -0.14
N GLY A 81 -6.77 -6.71 0.83
CA GLY A 81 -7.38 -7.36 1.95
C GLY A 81 -8.86 -7.04 1.97
N ALA A 82 -9.35 -6.68 3.11
CA ALA A 82 -10.75 -6.37 3.28
C ALA A 82 -11.01 -4.89 3.12
N SER A 83 -12.23 -4.57 2.85
CA SER A 83 -12.67 -3.23 2.80
C SER A 83 -13.84 -3.10 3.74
N LYS A 84 -13.99 -1.96 4.34
CA LYS A 84 -15.10 -1.71 5.22
C LYS A 84 -15.67 -0.35 4.93
N LEU A 85 -16.93 -0.18 5.15
CA LEU A 85 -17.58 1.07 4.89
C LEU A 85 -18.03 1.68 6.20
N VAL A 86 -17.41 2.75 6.54
CA VAL A 86 -17.68 3.42 7.79
C VAL A 86 -18.44 4.70 7.51
N PRO A 87 -19.69 4.84 7.99
CA PRO A 87 -20.46 6.08 7.83
C PRO A 87 -19.82 7.21 8.64
N VAL A 88 -19.49 8.30 7.98
CA VAL A 88 -18.81 9.40 8.66
C VAL A 88 -19.59 10.68 8.56
N GLY A 89 -20.65 10.66 7.84
CA GLY A 89 -21.47 11.82 7.70
C GLY A 89 -22.90 11.47 7.83
N TYR A 90 -23.75 12.33 7.31
CA TYR A 90 -25.18 12.12 7.35
C TYR A 90 -25.57 11.03 6.37
N GLY A 91 -24.82 10.95 5.30
CA GLY A 91 -25.05 9.95 4.29
C GLY A 91 -23.76 9.41 3.72
N ILE A 92 -22.73 10.25 3.68
CA ILE A 92 -21.46 9.87 3.14
C ILE A 92 -20.70 8.91 4.08
N ARG A 93 -20.25 7.83 3.51
CA ARG A 93 -19.50 6.83 4.19
C ARG A 93 -18.12 6.84 3.58
N LYS A 94 -17.18 6.23 4.20
CA LYS A 94 -15.88 6.12 3.63
C LYS A 94 -15.51 4.66 3.53
N LEU A 95 -14.85 4.31 2.47
CA LEU A 95 -14.47 2.96 2.21
C LEU A 95 -13.02 2.79 2.63
N GLN A 96 -12.80 2.04 3.66
CA GLN A 96 -11.47 1.82 4.14
C GLN A 96 -10.99 0.52 3.56
N ILE A 97 -9.94 0.60 2.83
CA ILE A 97 -9.39 -0.54 2.15
C ILE A 97 -8.02 -0.87 2.75
N GLN A 98 -7.83 -2.13 3.08
CA GLN A 98 -6.57 -2.58 3.56
C GLN A 98 -5.80 -3.17 2.40
N CYS A 99 -4.66 -2.62 2.13
CA CYS A 99 -3.83 -3.10 1.07
C CYS A 99 -2.50 -3.54 1.62
N VAL A 100 -1.99 -4.61 1.10
CA VAL A 100 -0.74 -5.16 1.52
C VAL A 100 0.24 -5.08 0.38
N VAL A 101 1.31 -4.38 0.59
CA VAL A 101 2.33 -4.28 -0.40
C VAL A 101 3.56 -4.96 0.09
N GLU A 102 4.26 -5.57 -0.80
CA GLU A 102 5.50 -6.17 -0.49
C GLU A 102 6.57 -5.12 -0.73
N ASP A 103 7.30 -4.76 0.31
CA ASP A 103 8.32 -3.70 0.26
C ASP A 103 9.41 -3.98 -0.77
N ASP A 104 9.63 -5.23 -1.08
CA ASP A 104 10.64 -5.62 -2.06
C ASP A 104 10.14 -5.58 -3.50
N LYS A 105 8.85 -5.32 -3.68
CA LYS A 105 8.28 -5.27 -5.02
C LYS A 105 7.57 -3.95 -5.32
N VAL A 106 6.65 -3.56 -4.48
CA VAL A 106 5.80 -2.40 -4.74
C VAL A 106 5.89 -1.39 -3.61
N GLY A 107 5.99 -0.13 -3.98
CA GLY A 107 5.98 0.93 -3.01
C GLY A 107 4.57 1.50 -2.88
N THR A 108 4.36 2.35 -1.90
CA THR A 108 3.04 2.90 -1.68
C THR A 108 2.70 3.92 -2.76
N ASP A 109 3.74 4.45 -3.42
CA ASP A 109 3.58 5.46 -4.49
C ASP A 109 2.62 5.00 -5.56
N LEU A 110 2.68 3.71 -5.89
CA LEU A 110 1.79 3.13 -6.89
C LEU A 110 0.35 3.24 -6.46
N LEU A 111 0.05 2.79 -5.26
CA LEU A 111 -1.32 2.81 -4.76
C LEU A 111 -1.81 4.25 -4.53
N GLU A 112 -0.91 5.10 -4.04
CA GLU A 112 -1.21 6.49 -3.80
C GLU A 112 -1.55 7.21 -5.09
N GLU A 113 -0.69 7.08 -6.09
CA GLU A 113 -0.89 7.79 -7.34
C GLU A 113 -2.06 7.26 -8.14
N GLU A 114 -2.28 5.96 -8.13
CA GLU A 114 -3.42 5.40 -8.85
C GLU A 114 -4.73 5.87 -8.25
N ILE A 115 -4.87 5.81 -6.92
CA ILE A 115 -6.10 6.24 -6.27
C ILE A 115 -6.30 7.77 -6.42
N THR A 116 -5.20 8.52 -6.44
CA THR A 116 -5.30 9.96 -6.64
C THR A 116 -5.66 10.32 -8.11
N LYS A 117 -5.50 9.37 -9.02
CA LYS A 117 -5.94 9.55 -10.40
C LYS A 117 -7.40 9.11 -10.51
N PHE A 118 -7.79 8.18 -9.62
CA PHE A 118 -9.16 7.69 -9.51
C PHE A 118 -10.09 8.73 -8.89
N GLU A 119 -9.48 9.81 -8.37
CA GLU A 119 -10.20 10.99 -7.84
C GLU A 119 -11.22 11.64 -8.81
N GLU A 120 -11.26 11.15 -10.04
CA GLU A 120 -12.32 11.48 -10.96
C GLU A 120 -13.68 10.84 -10.50
N HIS A 121 -13.59 9.94 -9.50
CA HIS A 121 -14.75 9.37 -8.78
C HIS A 121 -14.52 9.37 -7.25
N VAL A 122 -13.32 9.70 -6.82
CA VAL A 122 -12.98 9.77 -5.40
C VAL A 122 -12.81 11.24 -5.00
N GLN A 123 -13.38 11.64 -3.90
CA GLN A 123 -13.33 13.03 -3.49
C GLN A 123 -12.11 13.32 -2.66
N SER A 124 -11.75 12.41 -1.79
CA SER A 124 -10.60 12.58 -0.96
C SER A 124 -9.99 11.23 -0.63
N VAL A 125 -8.69 11.18 -0.59
CA VAL A 125 -7.99 9.99 -0.20
C VAL A 125 -7.30 10.31 1.10
N ASP A 126 -7.72 9.68 2.15
CA ASP A 126 -7.12 9.88 3.45
C ASP A 126 -6.45 8.59 3.89
N ILE A 127 -5.51 8.70 4.78
CA ILE A 127 -4.84 7.54 5.32
C ILE A 127 -5.42 7.26 6.68
N ALA A 128 -5.95 6.08 6.87
CA ALA A 128 -6.56 5.70 8.11
C ALA A 128 -5.50 5.22 9.10
N ALA A 129 -4.49 4.51 8.59
CA ALA A 129 -3.36 4.01 9.38
C ALA A 129 -2.33 3.33 8.50
N PHE A 130 -1.08 3.54 8.79
CA PHE A 130 0.01 2.87 8.11
C PHE A 130 0.67 1.92 9.08
N ASN A 131 0.64 0.64 8.78
CA ASN A 131 1.23 -0.38 9.65
C ASN A 131 2.11 -1.28 8.83
N LYS A 132 3.26 -1.62 9.31
CA LYS A 132 4.09 -2.53 8.60
C LYS A 132 3.93 -3.91 9.20
N ILE A 133 3.81 -4.89 8.34
CA ILE A 133 3.52 -6.23 8.77
C ILE A 133 4.66 -7.19 8.44
N GLY A 1 43.01 -12.47 -40.16
CA GLY A 1 42.61 -13.32 -41.28
C GLY A 1 41.62 -12.63 -42.18
N PRO A 2 40.70 -13.39 -42.84
CA PRO A 2 39.68 -12.82 -43.72
C PRO A 2 38.64 -12.04 -42.92
N GLY A 3 38.28 -10.89 -43.42
CA GLY A 3 37.31 -10.08 -42.75
C GLY A 3 37.96 -8.92 -42.05
N SER A 4 38.82 -8.24 -42.76
CA SER A 4 39.53 -7.10 -42.26
C SER A 4 38.60 -5.88 -42.33
N GLU A 5 38.46 -5.22 -41.23
CA GLU A 5 37.52 -4.13 -41.08
C GLU A 5 38.31 -2.89 -40.69
N ASP A 6 37.65 -1.91 -40.12
CA ASP A 6 38.38 -0.80 -39.53
C ASP A 6 38.69 -1.21 -38.09
N ASP A 7 39.52 -2.19 -37.98
CA ASP A 7 39.83 -2.81 -36.73
C ASP A 7 41.10 -2.25 -36.17
N ASP A 8 41.09 -2.04 -34.89
CA ASP A 8 42.18 -1.48 -34.15
C ASP A 8 42.04 -1.98 -32.73
N ILE A 9 43.12 -2.37 -32.12
CA ILE A 9 43.04 -2.91 -30.78
C ILE A 9 43.05 -1.78 -29.76
N ASP A 10 41.87 -1.43 -29.27
CA ASP A 10 41.72 -0.38 -28.28
C ASP A 10 42.24 -0.85 -26.93
N LEU A 11 43.11 -0.07 -26.35
CA LEU A 11 43.74 -0.40 -25.08
C LEU A 11 43.71 0.79 -24.14
N PHE A 12 44.22 1.91 -24.61
CA PHE A 12 44.26 3.14 -23.82
C PHE A 12 42.96 3.88 -24.01
N GLY A 13 42.43 3.80 -25.18
CA GLY A 13 41.17 4.35 -25.49
C GLY A 13 40.20 3.24 -25.72
N SER A 14 38.98 3.59 -26.03
CA SER A 14 37.92 2.64 -26.32
C SER A 14 36.73 3.45 -26.78
N ASP A 15 36.51 4.57 -26.10
CA ASP A 15 35.48 5.53 -26.44
C ASP A 15 35.87 6.85 -25.82
N ASN A 16 35.34 7.91 -26.34
CA ASN A 16 35.49 9.24 -25.76
C ASN A 16 34.10 9.86 -25.86
N GLU A 17 33.14 8.96 -25.84
CA GLU A 17 31.76 9.25 -26.03
C GLU A 17 31.11 9.44 -24.68
N GLU A 18 31.34 8.47 -23.82
CA GLU A 18 30.82 8.47 -22.47
C GLU A 18 31.84 9.16 -21.57
N GLU A 19 33.12 9.09 -22.02
CA GLU A 19 34.29 9.70 -21.34
C GLU A 19 34.65 8.97 -20.05
N ASP A 20 33.84 9.14 -19.03
CA ASP A 20 34.08 8.54 -17.75
C ASP A 20 32.92 7.65 -17.36
N LYS A 21 33.25 6.42 -16.99
CA LYS A 21 32.26 5.42 -16.66
C LYS A 21 31.62 5.68 -15.34
N GLU A 22 32.42 6.06 -14.35
CA GLU A 22 31.91 6.29 -12.99
C GLU A 22 30.87 7.42 -12.98
N ALA A 23 31.09 8.44 -13.78
CA ALA A 23 30.17 9.54 -13.92
C ALA A 23 28.82 9.06 -14.45
N ALA A 24 28.84 8.40 -15.60
CA ALA A 24 27.63 7.93 -16.25
C ALA A 24 26.94 6.83 -15.43
N GLN A 25 27.71 5.81 -15.05
CA GLN A 25 27.19 4.64 -14.35
C GLN A 25 26.57 4.94 -13.02
N LEU A 26 27.19 5.80 -12.23
CA LEU A 26 26.64 6.08 -10.90
C LEU A 26 25.37 6.90 -11.02
N ARG A 27 25.27 7.73 -12.04
CA ARG A 27 24.05 8.48 -12.29
C ARG A 27 22.94 7.54 -12.73
N GLU A 28 23.30 6.61 -13.61
CA GLU A 28 22.37 5.66 -14.16
C GLU A 28 21.88 4.68 -13.13
N GLU A 29 22.79 3.94 -12.57
CA GLU A 29 22.48 2.84 -11.69
C GLU A 29 21.80 3.26 -10.39
N ARG A 30 22.13 4.43 -9.87
CA ARG A 30 21.47 4.90 -8.66
C ARG A 30 20.01 5.22 -8.91
N LEU A 31 19.73 6.00 -9.95
CA LEU A 31 18.35 6.35 -10.28
C LEU A 31 17.58 5.17 -10.87
N ARG A 32 18.26 4.34 -11.68
CA ARG A 32 17.66 3.12 -12.25
C ARG A 32 17.09 2.25 -11.19
N GLN A 33 17.94 1.86 -10.25
CA GLN A 33 17.57 0.90 -9.23
C GLN A 33 16.56 1.46 -8.24
N TYR A 34 16.60 2.75 -8.05
CA TYR A 34 15.66 3.42 -7.18
C TYR A 34 14.24 3.37 -7.79
N ALA A 35 14.17 3.50 -9.10
CA ALA A 35 12.90 3.44 -9.80
C ALA A 35 12.50 1.99 -10.14
N GLU A 36 13.48 1.10 -10.16
CA GLU A 36 13.30 -0.27 -10.57
C GLU A 36 12.87 -1.11 -9.40
N LYS A 37 13.66 -1.06 -8.36
CA LYS A 37 13.46 -1.90 -7.21
C LYS A 37 12.55 -1.23 -6.22
N LYS A 38 12.65 0.12 -6.18
CA LYS A 38 11.95 1.00 -5.22
C LYS A 38 12.64 0.92 -3.86
N ALA A 39 12.81 -0.27 -3.39
CA ALA A 39 13.53 -0.53 -2.18
C ALA A 39 15.01 -0.47 -2.48
N LYS A 40 15.64 0.58 -2.01
CA LYS A 40 17.09 0.77 -2.19
C LYS A 40 17.85 -0.21 -1.30
N LYS A 41 17.23 -0.57 -0.20
CA LYS A 41 17.74 -1.55 0.70
C LYS A 41 16.61 -2.53 1.02
N PRO A 42 16.59 -3.68 0.35
CA PRO A 42 15.65 -4.74 0.66
C PRO A 42 15.96 -5.37 2.02
N ALA A 43 15.45 -4.75 3.05
CA ALA A 43 15.66 -5.17 4.41
C ALA A 43 14.57 -6.13 4.78
N LEU A 44 14.93 -7.43 4.77
CA LEU A 44 13.96 -8.54 4.91
C LEU A 44 13.06 -8.50 3.68
N VAL A 45 12.00 -9.25 3.69
CA VAL A 45 11.01 -9.07 2.67
C VAL A 45 10.01 -8.14 3.31
N ALA A 46 10.16 -6.88 3.03
CA ALA A 46 9.43 -5.85 3.68
C ALA A 46 8.03 -5.74 3.14
N LYS A 47 7.09 -5.51 4.01
CA LYS A 47 5.71 -5.40 3.68
C LYS A 47 5.08 -4.27 4.47
N SER A 48 4.12 -3.65 3.88
CA SER A 48 3.39 -2.59 4.51
C SER A 48 1.90 -2.86 4.39
N SER A 49 1.16 -2.54 5.40
CA SER A 49 -0.25 -2.69 5.43
C SER A 49 -0.84 -1.30 5.62
N ILE A 50 -1.50 -0.81 4.61
CA ILE A 50 -2.01 0.53 4.68
C ILE A 50 -3.53 0.49 4.56
N LEU A 51 -4.17 1.13 5.50
CA LEU A 51 -5.59 1.29 5.51
C LEU A 51 -5.91 2.64 4.92
N LEU A 52 -6.52 2.66 3.77
CA LEU A 52 -6.89 3.92 3.16
C LEU A 52 -8.37 4.03 3.17
N ASP A 53 -8.87 5.12 3.66
CA ASP A 53 -10.27 5.36 3.65
C ASP A 53 -10.63 6.28 2.53
N VAL A 54 -11.28 5.69 1.58
CA VAL A 54 -11.67 6.28 0.34
C VAL A 54 -13.04 6.94 0.48
N LYS A 55 -13.03 8.25 0.54
CA LYS A 55 -14.23 9.04 0.69
C LYS A 55 -14.76 9.40 -0.70
N PRO A 56 -16.01 9.09 -1.05
CA PRO A 56 -16.59 9.44 -2.35
C PRO A 56 -17.03 10.92 -2.41
N TRP A 57 -17.25 11.44 -3.61
CA TRP A 57 -17.72 12.81 -3.79
C TRP A 57 -19.14 13.00 -3.33
N ASP A 58 -20.02 12.19 -3.83
CA ASP A 58 -21.43 12.32 -3.53
C ASP A 58 -21.97 11.03 -2.97
N ASP A 59 -23.18 11.11 -2.43
CA ASP A 59 -23.97 9.94 -1.95
C ASP A 59 -24.12 8.95 -3.07
N GLU A 60 -24.30 9.51 -4.25
CA GLU A 60 -24.62 8.78 -5.44
C GLU A 60 -23.37 8.38 -6.22
N THR A 61 -22.20 8.55 -5.62
CA THR A 61 -20.99 8.05 -6.22
C THR A 61 -20.87 6.59 -5.78
N ASP A 62 -20.93 5.68 -6.72
CA ASP A 62 -20.99 4.25 -6.42
C ASP A 62 -19.74 3.71 -5.72
N MET A 63 -19.93 3.21 -4.51
CA MET A 63 -18.84 2.72 -3.67
C MET A 63 -18.21 1.45 -4.24
N ALA A 64 -19.02 0.63 -4.90
CA ALA A 64 -18.54 -0.60 -5.48
C ALA A 64 -17.57 -0.33 -6.60
N GLN A 65 -17.88 0.67 -7.42
CA GLN A 65 -17.00 1.04 -8.50
C GLN A 65 -15.73 1.70 -7.96
N LEU A 66 -15.84 2.42 -6.83
CA LEU A 66 -14.66 3.01 -6.15
C LEU A 66 -13.72 1.92 -5.70
N GLU A 67 -14.27 0.88 -5.09
CA GLU A 67 -13.49 -0.24 -4.63
C GLU A 67 -12.92 -1.00 -5.83
N ALA A 68 -13.69 -1.08 -6.91
CA ALA A 68 -13.27 -1.72 -8.15
C ALA A 68 -12.10 -0.97 -8.78
N CYS A 69 -12.04 0.34 -8.56
CA CYS A 69 -10.91 1.16 -9.01
C CYS A 69 -9.64 0.72 -8.28
N VAL A 70 -9.76 0.48 -6.98
CA VAL A 70 -8.63 0.03 -6.18
C VAL A 70 -8.25 -1.41 -6.57
N ARG A 71 -9.25 -2.22 -6.93
CA ARG A 71 -9.03 -3.60 -7.39
C ARG A 71 -8.44 -3.60 -8.82
N SER A 72 -8.45 -2.46 -9.47
CA SER A 72 -7.96 -2.34 -10.83
C SER A 72 -6.46 -2.05 -10.84
N ILE A 73 -5.87 -1.95 -9.65
CA ILE A 73 -4.45 -1.74 -9.53
C ILE A 73 -3.75 -3.10 -9.69
N GLN A 74 -3.11 -3.31 -10.83
CA GLN A 74 -2.54 -4.59 -11.12
C GLN A 74 -1.02 -4.59 -10.98
N LEU A 75 -0.56 -4.87 -9.80
CA LEU A 75 0.85 -4.97 -9.50
C LEU A 75 1.09 -6.26 -8.72
N ASP A 76 2.14 -6.98 -9.06
CA ASP A 76 2.48 -8.20 -8.33
C ASP A 76 3.06 -7.85 -6.99
N GLY A 77 2.39 -8.25 -5.95
CA GLY A 77 2.79 -7.86 -4.62
C GLY A 77 1.90 -6.78 -4.06
N LEU A 78 0.82 -6.49 -4.79
CA LEU A 78 -0.22 -5.61 -4.31
C LEU A 78 -1.36 -6.55 -3.87
N VAL A 79 -1.53 -6.66 -2.60
CA VAL A 79 -2.52 -7.57 -2.02
C VAL A 79 -3.67 -6.76 -1.42
N TRP A 80 -4.87 -7.12 -1.77
CA TRP A 80 -6.05 -6.46 -1.24
C TRP A 80 -6.49 -7.16 0.03
N GLY A 81 -6.91 -6.39 1.00
CA GLY A 81 -7.39 -6.93 2.24
C GLY A 81 -8.86 -6.67 2.42
N ALA A 82 -9.29 -6.59 3.65
CA ALA A 82 -10.70 -6.37 3.97
C ALA A 82 -11.09 -4.92 3.75
N SER A 83 -12.34 -4.71 3.41
CA SER A 83 -12.88 -3.39 3.20
C SER A 83 -14.05 -3.18 4.15
N LYS A 84 -14.19 -2.00 4.66
CA LYS A 84 -15.29 -1.68 5.56
C LYS A 84 -15.82 -0.30 5.27
N LEU A 85 -17.12 -0.17 5.21
CA LEU A 85 -17.76 1.10 4.92
C LEU A 85 -18.03 1.84 6.21
N VAL A 86 -17.42 2.98 6.34
CA VAL A 86 -17.49 3.78 7.53
C VAL A 86 -18.38 5.01 7.27
N PRO A 87 -19.57 5.08 7.89
CA PRO A 87 -20.45 6.23 7.74
C PRO A 87 -19.89 7.42 8.50
N VAL A 88 -19.74 8.51 7.81
CA VAL A 88 -19.24 9.73 8.41
C VAL A 88 -20.33 10.79 8.40
N GLY A 89 -21.43 10.41 7.80
CA GLY A 89 -22.58 11.23 7.72
C GLY A 89 -23.69 10.41 7.16
N TYR A 90 -24.79 11.02 6.91
CA TYR A 90 -25.90 10.34 6.31
C TYR A 90 -25.68 10.29 4.84
N GLY A 91 -25.64 9.09 4.32
CA GLY A 91 -25.37 8.86 2.94
C GLY A 91 -23.89 8.69 2.69
N ILE A 92 -23.15 9.73 3.02
CA ILE A 92 -21.71 9.75 2.83
C ILE A 92 -21.01 8.76 3.77
N ARG A 93 -20.54 7.71 3.16
CA ARG A 93 -19.83 6.65 3.81
C ARG A 93 -18.54 6.48 3.06
N LYS A 94 -17.47 6.26 3.76
CA LYS A 94 -16.20 6.08 3.14
C LYS A 94 -15.80 4.62 3.18
N LEU A 95 -15.13 4.17 2.18
CA LEU A 95 -14.75 2.78 2.06
C LEU A 95 -13.31 2.66 2.51
N GLN A 96 -13.07 1.94 3.56
CA GLN A 96 -11.73 1.76 4.03
C GLN A 96 -11.23 0.45 3.50
N ILE A 97 -10.20 0.52 2.71
CA ILE A 97 -9.61 -0.62 2.07
C ILE A 97 -8.23 -0.86 2.64
N GLN A 98 -7.92 -2.10 2.93
CA GLN A 98 -6.62 -2.45 3.39
C GLN A 98 -5.83 -2.96 2.22
N CYS A 99 -4.62 -2.53 2.09
CA CYS A 99 -3.76 -3.01 1.08
C CYS A 99 -2.46 -3.42 1.70
N VAL A 100 -1.97 -4.54 1.29
CA VAL A 100 -0.72 -5.03 1.75
C VAL A 100 0.23 -5.05 0.58
N VAL A 101 1.29 -4.32 0.70
CA VAL A 101 2.26 -4.25 -0.34
C VAL A 101 3.54 -4.87 0.12
N GLU A 102 4.17 -5.54 -0.77
CA GLU A 102 5.45 -6.07 -0.53
C GLU A 102 6.43 -5.04 -1.07
N ASP A 103 7.06 -4.28 -0.17
CA ASP A 103 7.98 -3.14 -0.51
C ASP A 103 9.10 -3.56 -1.45
N ASP A 104 9.43 -4.83 -1.38
CA ASP A 104 10.45 -5.45 -2.25
C ASP A 104 10.04 -5.48 -3.72
N LYS A 105 8.74 -5.36 -3.97
CA LYS A 105 8.20 -5.36 -5.33
C LYS A 105 7.38 -4.10 -5.60
N VAL A 106 6.44 -3.81 -4.73
CA VAL A 106 5.50 -2.72 -4.89
C VAL A 106 5.56 -1.79 -3.69
N GLY A 107 5.99 -0.58 -3.93
CA GLY A 107 5.95 0.42 -2.91
C GLY A 107 4.61 1.13 -2.94
N THR A 108 4.36 2.00 -1.97
CA THR A 108 3.09 2.70 -1.88
C THR A 108 2.89 3.67 -3.04
N ASP A 109 4.00 4.07 -3.66
CA ASP A 109 4.06 5.00 -4.82
C ASP A 109 3.06 4.59 -5.88
N LEU A 110 2.94 3.29 -6.09
CA LEU A 110 2.03 2.76 -7.07
C LEU A 110 0.58 3.01 -6.66
N LEU A 111 0.21 2.57 -5.47
CA LEU A 111 -1.17 2.67 -5.01
C LEU A 111 -1.58 4.13 -4.79
N GLU A 112 -0.67 4.93 -4.23
CA GLU A 112 -0.94 6.34 -3.94
C GLU A 112 -1.28 7.11 -5.20
N GLU A 113 -0.46 6.95 -6.23
CA GLU A 113 -0.67 7.66 -7.48
C GLU A 113 -1.90 7.18 -8.24
N GLU A 114 -2.17 5.88 -8.17
CA GLU A 114 -3.35 5.33 -8.84
C GLU A 114 -4.64 5.84 -8.17
N ILE A 115 -4.70 5.76 -6.85
CA ILE A 115 -5.90 6.17 -6.11
C ILE A 115 -6.11 7.70 -6.16
N THR A 116 -5.04 8.46 -6.27
CA THR A 116 -5.17 9.90 -6.40
C THR A 116 -5.61 10.31 -7.82
N LYS A 117 -5.46 9.38 -8.77
CA LYS A 117 -5.96 9.54 -10.10
C LYS A 117 -7.45 9.17 -10.08
N PHE A 118 -7.81 8.26 -9.19
CA PHE A 118 -9.18 7.84 -9.00
C PHE A 118 -10.00 8.91 -8.31
N GLU A 119 -9.34 9.94 -7.77
CA GLU A 119 -9.98 11.15 -7.19
C GLU A 119 -10.97 11.89 -8.13
N GLU A 120 -11.03 11.47 -9.38
CA GLU A 120 -12.08 11.88 -10.29
C GLU A 120 -13.45 11.27 -9.83
N HIS A 121 -13.39 10.26 -8.97
CA HIS A 121 -14.55 9.60 -8.35
C HIS A 121 -14.45 9.72 -6.82
N VAL A 122 -13.23 9.72 -6.34
CA VAL A 122 -12.91 9.80 -4.91
C VAL A 122 -12.71 11.26 -4.48
N GLN A 123 -13.36 11.66 -3.42
CA GLN A 123 -13.28 13.02 -2.94
C GLN A 123 -12.00 13.23 -2.16
N SER A 124 -11.67 12.28 -1.30
CA SER A 124 -10.52 12.38 -0.46
C SER A 124 -9.95 11.00 -0.19
N VAL A 125 -8.64 10.89 -0.20
CA VAL A 125 -7.97 9.67 0.15
C VAL A 125 -7.27 9.91 1.46
N ASP A 126 -7.73 9.24 2.49
CA ASP A 126 -7.15 9.41 3.80
C ASP A 126 -6.44 8.18 4.24
N ILE A 127 -5.39 8.38 4.98
CA ILE A 127 -4.61 7.28 5.50
C ILE A 127 -5.04 7.04 6.93
N ALA A 128 -5.78 5.97 7.14
CA ALA A 128 -6.27 5.61 8.46
C ALA A 128 -5.12 5.09 9.30
N ALA A 129 -4.29 4.27 8.69
CA ALA A 129 -3.14 3.72 9.36
C ALA A 129 -2.18 3.19 8.33
N PHE A 130 -0.94 3.52 8.48
CA PHE A 130 0.12 3.01 7.66
C PHE A 130 0.97 2.16 8.59
N ASN A 131 0.84 0.88 8.47
CA ASN A 131 1.56 -0.02 9.34
C ASN A 131 2.58 -0.78 8.56
N LYS A 132 3.69 -1.04 9.17
CA LYS A 132 4.69 -1.88 8.60
C LYS A 132 4.51 -3.23 9.20
N ILE A 133 4.55 -4.24 8.40
CA ILE A 133 4.31 -5.56 8.91
C ILE A 133 5.51 -6.46 8.72
N GLY A 1 -14.50 23.61 20.18
CA GLY A 1 -15.19 22.40 19.79
C GLY A 1 -14.45 21.17 20.28
N PRO A 2 -15.13 20.23 20.93
CA PRO A 2 -14.50 19.01 21.41
C PRO A 2 -14.32 17.97 20.30
N GLY A 3 -13.51 16.98 20.56
CA GLY A 3 -13.35 15.89 19.66
C GLY A 3 -13.76 14.63 20.36
N SER A 4 -15.00 14.24 20.15
CA SER A 4 -15.53 13.09 20.83
C SER A 4 -15.93 11.97 19.86
N GLU A 5 -15.43 10.80 20.10
CA GLU A 5 -15.77 9.64 19.31
C GLU A 5 -16.71 8.71 20.07
N ASP A 6 -17.39 7.85 19.36
CA ASP A 6 -18.37 6.96 19.98
C ASP A 6 -17.72 5.59 20.16
N ASP A 7 -18.50 4.57 20.38
CA ASP A 7 -18.01 3.24 20.59
C ASP A 7 -17.86 2.60 19.22
N ASP A 8 -16.69 2.73 18.65
CA ASP A 8 -16.48 2.28 17.31
C ASP A 8 -15.70 1.01 17.20
N ILE A 9 -16.44 -0.06 17.23
CA ILE A 9 -15.93 -1.38 16.99
C ILE A 9 -16.77 -1.92 15.84
N ASP A 10 -16.16 -2.22 14.71
CA ASP A 10 -16.92 -2.78 13.60
C ASP A 10 -17.32 -4.17 13.99
N LEU A 11 -18.58 -4.47 13.88
CA LEU A 11 -19.08 -5.70 14.41
C LEU A 11 -19.31 -6.72 13.34
N PHE A 12 -20.42 -6.58 12.61
CA PHE A 12 -20.83 -7.55 11.58
C PHE A 12 -20.96 -8.97 12.19
N GLY A 13 -20.98 -9.97 11.35
CA GLY A 13 -21.03 -11.33 11.81
C GLY A 13 -20.83 -12.25 10.66
N SER A 14 -19.94 -11.88 9.78
CA SER A 14 -19.72 -12.61 8.57
C SER A 14 -18.73 -13.76 8.76
N ASP A 15 -19.23 -14.89 9.17
CA ASP A 15 -18.42 -16.06 9.25
C ASP A 15 -19.11 -17.21 8.52
N ASN A 16 -18.54 -17.56 7.43
CA ASN A 16 -19.02 -18.66 6.60
C ASN A 16 -17.91 -19.08 5.70
N GLU A 17 -17.26 -18.12 5.13
CA GLU A 17 -16.17 -18.34 4.26
C GLU A 17 -14.88 -18.12 5.06
N GLU A 18 -14.31 -19.21 5.52
CA GLU A 18 -13.11 -19.18 6.34
C GLU A 18 -11.91 -18.84 5.49
N GLU A 19 -11.91 -19.33 4.28
CA GLU A 19 -10.92 -18.98 3.33
C GLU A 19 -11.51 -17.90 2.45
N ASP A 20 -11.33 -16.68 2.88
CA ASP A 20 -11.90 -15.51 2.22
C ASP A 20 -11.29 -15.33 0.83
N LYS A 21 -12.10 -14.81 -0.07
CA LYS A 21 -11.70 -14.53 -1.47
C LYS A 21 -10.39 -13.74 -1.61
N GLU A 22 -10.00 -12.91 -0.62
CA GLU A 22 -8.71 -12.22 -0.71
C GLU A 22 -7.60 -13.24 -0.69
N ALA A 23 -7.69 -14.15 0.26
CA ALA A 23 -6.72 -15.21 0.43
C ALA A 23 -6.78 -16.20 -0.72
N ALA A 24 -7.97 -16.39 -1.28
CA ALA A 24 -8.18 -17.30 -2.39
C ALA A 24 -7.45 -16.80 -3.64
N GLN A 25 -7.53 -15.50 -3.89
CA GLN A 25 -6.86 -14.93 -5.05
C GLN A 25 -5.36 -14.79 -4.80
N LEU A 26 -4.96 -14.61 -3.54
CA LEU A 26 -3.55 -14.50 -3.17
C LEU A 26 -2.84 -15.82 -3.33
N ARG A 27 -3.52 -16.92 -3.00
CA ARG A 27 -2.91 -18.22 -3.15
C ARG A 27 -2.79 -18.59 -4.63
N GLU A 28 -3.67 -18.01 -5.46
CA GLU A 28 -3.58 -18.13 -6.92
C GLU A 28 -2.30 -17.47 -7.40
N GLU A 29 -2.15 -16.21 -7.04
CA GLU A 29 -0.92 -15.42 -7.30
C GLU A 29 0.33 -16.18 -6.88
N ARG A 30 0.27 -16.77 -5.71
CA ARG A 30 1.38 -17.55 -5.16
C ARG A 30 1.71 -18.78 -6.05
N LEU A 31 0.67 -19.45 -6.56
CA LEU A 31 0.86 -20.61 -7.43
C LEU A 31 1.42 -20.20 -8.79
N ARG A 32 1.00 -19.03 -9.26
CA ARG A 32 1.49 -18.45 -10.51
C ARG A 32 2.98 -18.19 -10.40
N GLN A 33 3.34 -17.45 -9.37
CA GLN A 33 4.72 -17.08 -9.11
C GLN A 33 5.58 -18.30 -8.85
N TYR A 34 5.02 -19.29 -8.16
CA TYR A 34 5.75 -20.52 -7.89
C TYR A 34 6.01 -21.31 -9.17
N ALA A 35 5.12 -21.23 -10.13
CA ALA A 35 5.28 -21.96 -11.37
C ALA A 35 6.42 -21.40 -12.21
N GLU A 36 6.52 -20.09 -12.26
CA GLU A 36 7.54 -19.45 -13.07
C GLU A 36 8.86 -19.28 -12.32
N LYS A 37 8.78 -18.67 -11.16
CA LYS A 37 9.98 -18.30 -10.40
C LYS A 37 10.47 -19.47 -9.55
N LYS A 38 9.57 -20.45 -9.33
CA LYS A 38 9.81 -21.59 -8.41
C LYS A 38 10.09 -21.05 -7.03
N ALA A 39 9.30 -20.01 -6.68
CA ALA A 39 9.40 -19.26 -5.45
C ALA A 39 9.26 -20.12 -4.20
N LYS A 40 10.38 -20.54 -3.71
CA LYS A 40 10.48 -21.32 -2.52
C LYS A 40 10.90 -20.40 -1.40
N LYS A 41 10.71 -20.86 -0.19
CA LYS A 41 11.02 -20.11 1.04
C LYS A 41 10.21 -18.81 1.14
N PRO A 42 9.00 -18.87 1.68
CA PRO A 42 8.20 -17.68 1.94
C PRO A 42 8.76 -16.99 3.17
N ALA A 43 9.64 -16.07 2.95
CA ALA A 43 10.35 -15.40 4.00
C ALA A 43 9.63 -14.16 4.43
N LEU A 44 10.08 -13.58 5.53
CA LEU A 44 9.49 -12.36 6.04
C LEU A 44 9.99 -11.18 5.26
N VAL A 45 9.32 -10.92 4.18
CA VAL A 45 9.60 -9.80 3.36
C VAL A 45 8.82 -8.65 3.93
N ALA A 46 9.41 -7.47 3.91
CA ALA A 46 8.78 -6.28 4.42
C ALA A 46 7.48 -5.99 3.69
N LYS A 47 6.40 -6.04 4.42
CA LYS A 47 5.10 -5.78 3.89
C LYS A 47 4.42 -4.69 4.68
N SER A 48 3.92 -3.72 4.00
CA SER A 48 3.21 -2.64 4.60
C SER A 48 1.72 -2.77 4.30
N SER A 49 0.92 -2.73 5.32
CA SER A 49 -0.50 -2.82 5.19
C SER A 49 -1.05 -1.41 5.40
N ILE A 50 -1.58 -0.82 4.38
CA ILE A 50 -2.06 0.52 4.46
C ILE A 50 -3.57 0.50 4.34
N LEU A 51 -4.22 1.16 5.26
CA LEU A 51 -5.64 1.31 5.22
C LEU A 51 -5.96 2.66 4.63
N LEU A 52 -6.46 2.68 3.44
CA LEU A 52 -6.80 3.94 2.82
C LEU A 52 -8.25 4.25 2.98
N ASP A 53 -8.49 5.47 3.23
CA ASP A 53 -9.80 6.03 3.45
C ASP A 53 -10.22 6.63 2.13
N VAL A 54 -11.04 5.89 1.43
CA VAL A 54 -11.51 6.26 0.13
C VAL A 54 -12.86 6.90 0.27
N LYS A 55 -12.85 8.19 0.19
CA LYS A 55 -14.00 8.99 0.43
C LYS A 55 -14.70 9.30 -0.89
N PRO A 56 -15.97 8.96 -1.05
CA PRO A 56 -16.75 9.26 -2.27
C PRO A 56 -17.23 10.74 -2.28
N TRP A 57 -17.49 11.30 -3.48
CA TRP A 57 -18.00 12.68 -3.61
C TRP A 57 -19.43 12.77 -3.10
N ASP A 58 -20.25 11.88 -3.56
CA ASP A 58 -21.65 11.84 -3.19
C ASP A 58 -22.06 10.39 -3.21
N ASP A 59 -23.29 10.06 -2.83
CA ASP A 59 -23.79 8.68 -2.95
C ASP A 59 -24.07 8.31 -4.40
N GLU A 60 -23.94 9.32 -5.27
CA GLU A 60 -23.96 9.14 -6.72
C GLU A 60 -22.74 8.27 -7.09
N THR A 61 -21.73 8.39 -6.27
CA THR A 61 -20.53 7.66 -6.38
C THR A 61 -20.70 6.32 -5.63
N ASP A 62 -20.62 5.22 -6.37
CA ASP A 62 -20.77 3.89 -5.80
C ASP A 62 -19.50 3.45 -5.09
N MET A 63 -19.65 3.02 -3.85
CA MET A 63 -18.52 2.67 -2.99
C MET A 63 -17.89 1.33 -3.39
N ALA A 64 -18.67 0.46 -4.01
CA ALA A 64 -18.18 -0.85 -4.41
C ALA A 64 -17.22 -0.72 -5.57
N GLN A 65 -17.56 0.12 -6.54
CA GLN A 65 -16.70 0.35 -7.68
C GLN A 65 -15.48 1.16 -7.30
N LEU A 66 -15.57 1.97 -6.23
CA LEU A 66 -14.39 2.67 -5.69
C LEU A 66 -13.35 1.67 -5.22
N GLU A 67 -13.84 0.62 -4.59
CA GLU A 67 -12.97 -0.44 -4.12
C GLU A 67 -12.44 -1.20 -5.35
N ALA A 68 -13.33 -1.40 -6.33
CA ALA A 68 -12.99 -2.07 -7.58
C ALA A 68 -11.87 -1.32 -8.32
N CYS A 69 -11.87 0.02 -8.23
CA CYS A 69 -10.81 0.84 -8.80
C CYS A 69 -9.46 0.50 -8.15
N VAL A 70 -9.47 0.34 -6.83
CA VAL A 70 -8.26 -0.05 -6.07
C VAL A 70 -7.85 -1.48 -6.47
N ARG A 71 -8.84 -2.28 -6.78
CA ARG A 71 -8.63 -3.65 -7.22
C ARG A 71 -8.22 -3.72 -8.70
N SER A 72 -8.26 -2.58 -9.38
CA SER A 72 -7.83 -2.49 -10.75
C SER A 72 -6.33 -2.17 -10.81
N ILE A 73 -5.73 -1.93 -9.66
CA ILE A 73 -4.32 -1.68 -9.57
C ILE A 73 -3.65 -3.04 -9.46
N GLN A 74 -3.02 -3.49 -10.51
CA GLN A 74 -2.46 -4.81 -10.47
C GLN A 74 -0.97 -4.78 -10.65
N LEU A 75 -0.29 -4.94 -9.57
CA LEU A 75 1.14 -5.10 -9.56
C LEU A 75 1.41 -6.36 -8.79
N ASP A 76 2.42 -7.10 -9.15
CA ASP A 76 2.76 -8.31 -8.42
C ASP A 76 3.35 -7.90 -7.10
N GLY A 77 2.72 -8.33 -6.05
CA GLY A 77 3.13 -7.90 -4.73
C GLY A 77 2.18 -6.86 -4.18
N LEU A 78 1.15 -6.53 -4.95
CA LEU A 78 0.09 -5.66 -4.46
C LEU A 78 -1.01 -6.60 -3.99
N VAL A 79 -1.16 -6.67 -2.71
CA VAL A 79 -2.07 -7.54 -2.05
C VAL A 79 -3.29 -6.76 -1.55
N TRP A 80 -4.46 -7.28 -1.77
CA TRP A 80 -5.66 -6.64 -1.30
C TRP A 80 -6.15 -7.31 -0.02
N GLY A 81 -6.90 -6.58 0.74
CA GLY A 81 -7.47 -7.09 1.95
C GLY A 81 -8.91 -6.69 2.09
N ALA A 82 -9.44 -6.81 3.27
CA ALA A 82 -10.83 -6.50 3.54
C ALA A 82 -11.09 -5.00 3.52
N SER A 83 -12.30 -4.64 3.24
CA SER A 83 -12.72 -3.28 3.22
C SER A 83 -13.83 -3.07 4.26
N LYS A 84 -14.18 -1.84 4.51
CA LYS A 84 -15.28 -1.54 5.41
C LYS A 84 -15.86 -0.18 5.11
N LEU A 85 -17.16 -0.11 5.15
CA LEU A 85 -17.85 1.14 4.99
C LEU A 85 -18.04 1.76 6.36
N VAL A 86 -17.47 2.90 6.55
CA VAL A 86 -17.57 3.59 7.82
C VAL A 86 -18.40 4.86 7.65
N PRO A 87 -19.64 4.88 8.18
CA PRO A 87 -20.49 6.07 8.16
C PRO A 87 -19.89 7.18 9.01
N VAL A 88 -19.71 8.34 8.40
CA VAL A 88 -19.13 9.48 9.11
C VAL A 88 -19.91 10.75 8.91
N GLY A 89 -20.38 10.98 7.72
CA GLY A 89 -21.08 12.19 7.44
C GLY A 89 -22.50 11.93 7.10
N TYR A 90 -23.20 12.98 6.78
CA TYR A 90 -24.58 12.89 6.37
C TYR A 90 -24.62 12.30 4.98
N GLY A 91 -24.98 11.04 4.91
CA GLY A 91 -24.99 10.33 3.66
C GLY A 91 -23.64 9.68 3.39
N ILE A 92 -22.61 10.50 3.34
CA ILE A 92 -21.26 10.07 3.05
C ILE A 92 -20.70 9.08 4.07
N ARG A 93 -20.21 8.04 3.51
CA ARG A 93 -19.64 6.93 4.19
C ARG A 93 -18.31 6.73 3.53
N LYS A 94 -17.33 6.28 4.24
CA LYS A 94 -16.02 6.12 3.65
C LYS A 94 -15.78 4.65 3.40
N LEU A 95 -15.10 4.38 2.34
CA LEU A 95 -14.70 3.03 2.06
C LEU A 95 -13.24 2.90 2.46
N GLN A 96 -12.99 2.17 3.49
CA GLN A 96 -11.64 1.93 3.91
C GLN A 96 -11.22 0.61 3.33
N ILE A 97 -10.18 0.63 2.56
CA ILE A 97 -9.67 -0.54 1.91
C ILE A 97 -8.28 -0.87 2.45
N GLN A 98 -8.04 -2.14 2.69
CA GLN A 98 -6.75 -2.58 3.11
C GLN A 98 -5.97 -3.00 1.89
N CYS A 99 -4.81 -2.50 1.75
CA CYS A 99 -3.93 -2.91 0.70
C CYS A 99 -2.57 -3.14 1.30
N VAL A 100 -1.96 -4.21 0.94
CA VAL A 100 -0.68 -4.57 1.44
C VAL A 100 0.31 -4.57 0.30
N VAL A 101 1.41 -3.94 0.49
CA VAL A 101 2.43 -3.89 -0.52
C VAL A 101 3.63 -4.66 -0.05
N GLU A 102 4.22 -5.38 -0.95
CA GLU A 102 5.45 -6.02 -0.69
C GLU A 102 6.52 -5.01 -1.04
N ASP A 103 7.10 -4.39 -0.01
CA ASP A 103 8.06 -3.26 -0.13
C ASP A 103 9.21 -3.50 -1.09
N ASP A 104 9.56 -4.76 -1.26
CA ASP A 104 10.63 -5.17 -2.16
C ASP A 104 10.27 -4.98 -3.65
N LYS A 105 8.99 -5.01 -3.96
CA LYS A 105 8.55 -4.83 -5.35
C LYS A 105 7.63 -3.65 -5.54
N VAL A 106 6.73 -3.43 -4.60
CA VAL A 106 5.72 -2.40 -4.73
C VAL A 106 5.75 -1.51 -3.50
N GLY A 107 5.86 -0.24 -3.72
CA GLY A 107 5.79 0.72 -2.67
C GLY A 107 4.46 1.43 -2.71
N THR A 108 4.25 2.33 -1.80
CA THR A 108 3.02 3.05 -1.67
C THR A 108 2.77 4.03 -2.83
N ASP A 109 3.85 4.49 -3.47
CA ASP A 109 3.78 5.48 -4.58
C ASP A 109 2.87 4.99 -5.71
N LEU A 110 2.88 3.68 -5.93
CA LEU A 110 2.07 3.06 -6.97
C LEU A 110 0.59 3.23 -6.65
N LEU A 111 0.20 2.83 -5.45
CA LEU A 111 -1.18 2.88 -5.05
C LEU A 111 -1.65 4.33 -4.88
N GLU A 112 -0.76 5.17 -4.37
CA GLU A 112 -1.06 6.59 -4.19
C GLU A 112 -1.38 7.27 -5.50
N GLU A 113 -0.53 7.06 -6.51
CA GLU A 113 -0.70 7.73 -7.81
C GLU A 113 -1.99 7.25 -8.49
N GLU A 114 -2.25 5.97 -8.42
CA GLU A 114 -3.45 5.42 -9.04
C GLU A 114 -4.71 5.90 -8.36
N ILE A 115 -4.75 5.87 -7.04
CA ILE A 115 -5.93 6.30 -6.30
C ILE A 115 -6.15 7.82 -6.37
N THR A 116 -5.06 8.58 -6.51
CA THR A 116 -5.19 10.02 -6.69
C THR A 116 -5.70 10.34 -8.12
N LYS A 117 -5.57 9.38 -9.03
CA LYS A 117 -6.14 9.47 -10.38
C LYS A 117 -7.61 9.04 -10.34
N PHE A 118 -7.98 8.38 -9.26
CA PHE A 118 -9.35 7.93 -9.03
C PHE A 118 -10.16 9.02 -8.36
N GLU A 119 -9.47 10.07 -7.90
CA GLU A 119 -10.10 11.29 -7.28
C GLU A 119 -11.23 11.95 -8.10
N GLU A 120 -11.46 11.51 -9.30
CA GLU A 120 -12.62 11.95 -10.03
C GLU A 120 -13.91 11.25 -9.49
N HIS A 121 -13.70 10.16 -8.75
CA HIS A 121 -14.73 9.46 -8.00
C HIS A 121 -14.48 9.62 -6.49
N VAL A 122 -13.22 9.71 -6.13
CA VAL A 122 -12.82 9.84 -4.74
C VAL A 122 -12.66 11.33 -4.39
N GLN A 123 -13.46 11.80 -3.45
CA GLN A 123 -13.51 13.20 -3.03
C GLN A 123 -12.18 13.65 -2.42
N SER A 124 -11.54 12.74 -1.73
CA SER A 124 -10.23 12.93 -1.18
C SER A 124 -9.73 11.60 -0.68
N VAL A 125 -8.44 11.43 -0.69
CA VAL A 125 -7.82 10.20 -0.27
C VAL A 125 -7.11 10.46 1.03
N ASP A 126 -7.58 9.84 2.07
CA ASP A 126 -6.95 9.98 3.35
C ASP A 126 -6.30 8.68 3.73
N ILE A 127 -5.36 8.76 4.63
CA ILE A 127 -4.72 7.58 5.12
C ILE A 127 -5.29 7.30 6.50
N ALA A 128 -5.93 6.17 6.65
CA ALA A 128 -6.54 5.80 7.92
C ALA A 128 -5.50 5.24 8.86
N ALA A 129 -4.67 4.33 8.35
CA ALA A 129 -3.64 3.70 9.15
C ALA A 129 -2.58 3.10 8.27
N PHE A 130 -1.44 2.83 8.85
CA PHE A 130 -0.32 2.23 8.19
C PHE A 130 0.32 1.24 9.16
N ASN A 131 0.10 -0.02 8.95
CA ASN A 131 0.60 -1.05 9.85
C ASN A 131 1.59 -1.90 9.11
N LYS A 132 2.73 -2.11 9.67
CA LYS A 132 3.70 -2.96 9.06
C LYS A 132 3.49 -4.37 9.55
N ILE A 133 3.42 -5.29 8.62
CA ILE A 133 3.16 -6.66 8.93
C ILE A 133 4.36 -7.55 8.55
N GLY A 1 24.37 7.60 45.76
CA GLY A 1 24.27 7.83 44.32
C GLY A 1 25.64 8.11 43.74
N PRO A 2 25.95 7.64 42.50
CA PRO A 2 27.24 7.90 41.84
C PRO A 2 27.50 9.41 41.68
N GLY A 3 26.44 10.16 41.44
CA GLY A 3 26.53 11.59 41.32
C GLY A 3 26.31 12.07 39.91
N SER A 4 25.85 13.28 39.78
CA SER A 4 25.67 13.89 38.49
C SER A 4 26.99 14.55 38.10
N GLU A 5 27.75 13.90 37.24
CA GLU A 5 29.09 14.38 36.88
C GLU A 5 29.00 15.45 35.77
N ASP A 6 27.83 15.59 35.20
CA ASP A 6 27.56 16.64 34.24
C ASP A 6 26.26 17.29 34.68
N ASP A 7 26.11 18.55 34.42
CA ASP A 7 24.91 19.26 34.85
C ASP A 7 24.52 20.32 33.86
N ASP A 8 23.24 20.44 33.63
CA ASP A 8 22.71 21.46 32.74
C ASP A 8 22.57 22.72 33.57
N ILE A 9 23.63 23.50 33.55
CA ILE A 9 23.85 24.65 34.43
C ILE A 9 22.76 25.73 34.34
N ASP A 10 21.87 25.69 35.28
CA ASP A 10 20.85 26.71 35.46
C ASP A 10 21.34 27.69 36.52
N LEU A 11 21.34 28.98 36.18
CA LEU A 11 21.83 30.07 37.05
C LEU A 11 23.34 29.92 37.35
N PHE A 12 23.84 30.74 38.29
CA PHE A 12 25.25 30.75 38.76
C PHE A 12 26.20 31.30 37.70
N GLY A 13 26.38 30.55 36.67
CA GLY A 13 27.17 30.90 35.55
C GLY A 13 26.59 30.20 34.38
N SER A 14 25.34 30.48 34.15
CA SER A 14 24.55 29.77 33.20
C SER A 14 24.84 30.15 31.76
N ASP A 15 25.76 29.43 31.18
CA ASP A 15 25.99 29.48 29.75
C ASP A 15 25.32 28.23 29.17
N ASN A 16 24.10 28.03 29.67
CA ASN A 16 23.29 26.84 29.43
C ASN A 16 22.89 26.71 27.98
N GLU A 17 23.36 25.64 27.38
CA GLU A 17 23.08 25.35 25.98
C GLU A 17 21.83 24.50 25.87
N GLU A 18 21.17 24.24 27.00
CA GLU A 18 20.03 23.37 27.03
C GLU A 18 18.73 24.03 26.63
N GLU A 19 18.58 24.11 25.36
CA GLU A 19 17.37 24.47 24.66
C GLU A 19 17.37 23.65 23.38
N ASP A 20 18.24 22.61 23.37
CA ASP A 20 18.47 21.81 22.16
C ASP A 20 19.26 20.50 22.45
N LYS A 21 19.51 20.14 23.74
CA LYS A 21 20.31 18.92 24.02
C LYS A 21 19.52 17.68 23.68
N GLU A 22 18.22 17.73 23.93
CA GLU A 22 17.34 16.61 23.65
C GLU A 22 17.21 16.47 22.15
N ALA A 23 17.09 17.61 21.47
CA ALA A 23 17.02 17.65 20.03
C ALA A 23 18.29 17.07 19.40
N ALA A 24 19.44 17.43 19.97
CA ALA A 24 20.75 16.96 19.50
C ALA A 24 20.87 15.44 19.56
N GLN A 25 20.41 14.84 20.66
CA GLN A 25 20.47 13.39 20.80
C GLN A 25 19.48 12.69 19.86
N LEU A 26 18.38 13.38 19.54
CA LEU A 26 17.38 12.84 18.62
C LEU A 26 17.91 12.84 17.19
N ARG A 27 18.78 13.83 16.89
CA ARG A 27 19.42 13.91 15.57
C ARG A 27 20.26 12.65 15.39
N GLU A 28 21.03 12.35 16.44
CA GLU A 28 21.91 11.21 16.50
C GLU A 28 21.10 9.92 16.38
N GLU A 29 20.08 9.80 17.22
CA GLU A 29 19.26 8.62 17.32
C GLU A 29 18.58 8.25 16.01
N ARG A 30 18.03 9.23 15.29
CA ARG A 30 17.40 8.93 14.01
C ARG A 30 18.43 8.50 12.97
N LEU A 31 19.65 9.04 13.06
CA LEU A 31 20.72 8.65 12.15
C LEU A 31 21.17 7.23 12.44
N ARG A 32 21.15 6.86 13.73
CA ARG A 32 21.47 5.51 14.17
C ARG A 32 20.46 4.54 13.60
N GLN A 33 19.19 4.93 13.63
CA GLN A 33 18.13 4.12 13.08
C GLN A 33 18.27 4.02 11.58
N TYR A 34 18.48 5.14 10.90
CA TYR A 34 18.60 5.17 9.44
C TYR A 34 19.79 4.31 8.97
N ALA A 35 20.86 4.34 9.76
CA ALA A 35 22.04 3.54 9.51
C ALA A 35 21.70 2.06 9.57
N GLU A 36 21.02 1.66 10.63
CA GLU A 36 20.67 0.26 10.81
C GLU A 36 19.52 -0.18 9.90
N LYS A 37 18.68 0.76 9.49
CA LYS A 37 17.59 0.49 8.52
C LYS A 37 18.15 0.19 7.14
N LYS A 38 19.36 0.64 6.90
CA LYS A 38 19.98 0.44 5.62
C LYS A 38 21.04 -0.69 5.74
N ALA A 39 21.20 -1.22 6.94
CA ALA A 39 22.18 -2.25 7.21
C ALA A 39 21.52 -3.59 7.52
N LYS A 40 20.80 -3.65 8.62
CA LYS A 40 20.16 -4.87 9.05
C LYS A 40 18.74 -4.91 8.55
N LYS A 41 18.22 -6.08 8.34
CA LYS A 41 16.89 -6.23 7.83
C LYS A 41 15.97 -6.89 8.85
N PRO A 42 15.06 -6.09 9.47
CA PRO A 42 14.05 -6.59 10.43
C PRO A 42 12.92 -7.30 9.68
N ALA A 43 13.01 -7.26 8.38
CA ALA A 43 12.11 -7.91 7.50
C ALA A 43 12.92 -8.42 6.34
N LEU A 44 12.81 -9.71 6.06
CA LEU A 44 13.47 -10.28 4.91
C LEU A 44 12.71 -9.82 3.70
N VAL A 45 11.42 -10.01 3.77
CA VAL A 45 10.51 -9.55 2.77
C VAL A 45 9.53 -8.64 3.50
N ALA A 46 9.71 -7.36 3.29
CA ALA A 46 8.96 -6.35 4.00
C ALA A 46 7.62 -6.14 3.37
N LYS A 47 6.63 -5.97 4.19
CA LYS A 47 5.28 -5.76 3.76
C LYS A 47 4.64 -4.72 4.65
N SER A 48 3.80 -3.93 4.08
CA SER A 48 3.12 -2.91 4.79
C SER A 48 1.64 -2.98 4.45
N SER A 49 0.81 -2.84 5.44
CA SER A 49 -0.62 -2.90 5.30
C SER A 49 -1.16 -1.48 5.54
N ILE A 50 -1.61 -0.87 4.49
CA ILE A 50 -2.06 0.48 4.59
C ILE A 50 -3.57 0.51 4.45
N LEU A 51 -4.21 1.12 5.41
CA LEU A 51 -5.62 1.31 5.38
C LEU A 51 -5.88 2.70 4.83
N LEU A 52 -6.46 2.77 3.67
CA LEU A 52 -6.79 4.06 3.08
C LEU A 52 -8.27 4.19 3.05
N ASP A 53 -8.76 5.38 3.23
CA ASP A 53 -10.17 5.57 3.12
C ASP A 53 -10.49 6.19 1.80
N VAL A 54 -11.25 5.46 1.05
CA VAL A 54 -11.68 5.86 -0.24
C VAL A 54 -13.01 6.54 -0.04
N LYS A 55 -12.97 7.83 -0.07
CA LYS A 55 -14.11 8.65 0.23
C LYS A 55 -14.90 8.93 -1.05
N PRO A 56 -16.22 8.82 -1.03
CA PRO A 56 -17.06 9.17 -2.18
C PRO A 56 -17.41 10.67 -2.21
N TRP A 57 -17.81 11.17 -3.37
CA TRP A 57 -18.18 12.58 -3.49
C TRP A 57 -19.56 12.85 -2.92
N ASP A 58 -20.43 11.89 -3.01
CA ASP A 58 -21.82 12.02 -2.57
C ASP A 58 -22.35 10.61 -2.30
N ASP A 59 -23.59 10.50 -1.81
CA ASP A 59 -24.28 9.19 -1.69
C ASP A 59 -24.42 8.57 -3.05
N GLU A 60 -24.56 9.45 -4.05
CA GLU A 60 -24.68 9.11 -5.45
C GLU A 60 -23.51 8.28 -5.94
N THR A 61 -22.35 8.58 -5.41
CA THR A 61 -21.13 7.93 -5.80
C THR A 61 -21.15 6.46 -5.34
N ASP A 62 -21.10 5.56 -6.30
CA ASP A 62 -21.15 4.14 -6.03
C ASP A 62 -19.87 3.66 -5.37
N MET A 63 -19.99 3.24 -4.13
CA MET A 63 -18.86 2.81 -3.32
C MET A 63 -18.19 1.53 -3.87
N ALA A 64 -18.96 0.73 -4.60
CA ALA A 64 -18.47 -0.51 -5.16
C ALA A 64 -17.43 -0.25 -6.24
N GLN A 65 -17.73 0.70 -7.13
CA GLN A 65 -16.79 1.04 -8.18
C GLN A 65 -15.53 1.71 -7.62
N LEU A 66 -15.65 2.42 -6.50
CA LEU A 66 -14.48 3.05 -5.87
C LEU A 66 -13.52 2.01 -5.36
N GLU A 67 -14.06 0.96 -4.78
CA GLU A 67 -13.27 -0.18 -4.32
C GLU A 67 -12.67 -0.89 -5.53
N ALA A 68 -13.47 -1.01 -6.58
CA ALA A 68 -13.06 -1.62 -7.84
C ALA A 68 -11.93 -0.84 -8.48
N CYS A 69 -11.92 0.49 -8.30
CA CYS A 69 -10.84 1.35 -8.81
C CYS A 69 -9.51 0.97 -8.13
N VAL A 70 -9.58 0.71 -6.82
CA VAL A 70 -8.40 0.30 -6.08
C VAL A 70 -7.97 -1.11 -6.53
N ARG A 71 -8.95 -1.91 -6.94
CA ARG A 71 -8.71 -3.24 -7.47
C ARG A 71 -8.23 -3.20 -8.93
N SER A 72 -8.27 -2.03 -9.54
CA SER A 72 -7.81 -1.87 -10.91
C SER A 72 -6.29 -1.69 -10.92
N ILE A 73 -5.72 -1.50 -9.74
CA ILE A 73 -4.28 -1.35 -9.59
C ILE A 73 -3.65 -2.74 -9.66
N GLN A 74 -2.99 -3.03 -10.75
CA GLN A 74 -2.47 -4.35 -10.99
C GLN A 74 -0.95 -4.34 -10.85
N LEU A 75 -0.48 -4.73 -9.71
CA LEU A 75 0.94 -4.85 -9.44
C LEU A 75 1.21 -6.12 -8.68
N ASP A 76 2.29 -6.77 -9.01
CA ASP A 76 2.70 -7.97 -8.31
C ASP A 76 3.28 -7.57 -7.00
N GLY A 77 2.66 -8.02 -5.94
CA GLY A 77 3.07 -7.62 -4.62
C GLY A 77 2.11 -6.59 -4.03
N LEU A 78 1.00 -6.36 -4.74
CA LEU A 78 -0.06 -5.50 -4.25
C LEU A 78 -1.24 -6.44 -3.95
N VAL A 79 -1.52 -6.64 -2.70
CA VAL A 79 -2.56 -7.57 -2.28
C VAL A 79 -3.69 -6.79 -1.59
N TRP A 80 -4.92 -7.13 -1.89
CA TRP A 80 -6.05 -6.48 -1.26
C TRP A 80 -6.55 -7.35 -0.12
N GLY A 81 -6.86 -6.72 0.98
CA GLY A 81 -7.34 -7.44 2.13
C GLY A 81 -8.76 -7.05 2.48
N ALA A 82 -8.95 -6.67 3.72
CA ALA A 82 -10.26 -6.32 4.25
C ALA A 82 -10.81 -5.00 3.73
N SER A 83 -12.12 -4.93 3.63
CA SER A 83 -12.84 -3.75 3.20
C SER A 83 -13.95 -3.49 4.21
N LYS A 84 -14.20 -2.25 4.53
CA LYS A 84 -15.25 -1.90 5.48
C LYS A 84 -15.76 -0.49 5.22
N LEU A 85 -17.02 -0.27 5.47
CA LEU A 85 -17.59 1.06 5.27
C LEU A 85 -17.83 1.73 6.61
N VAL A 86 -17.21 2.86 6.78
CA VAL A 86 -17.30 3.61 8.02
C VAL A 86 -18.08 4.91 7.77
N PRO A 87 -19.32 5.02 8.28
CA PRO A 87 -20.11 6.25 8.19
C PRO A 87 -19.52 7.32 9.10
N VAL A 88 -19.23 8.48 8.54
CA VAL A 88 -18.57 9.53 9.32
C VAL A 88 -19.37 10.82 9.35
N GLY A 89 -20.46 10.87 8.65
CA GLY A 89 -21.27 12.07 8.64
C GLY A 89 -22.66 11.78 8.19
N TYR A 90 -23.33 12.79 7.70
CA TYR A 90 -24.68 12.65 7.21
C TYR A 90 -24.66 12.36 5.73
N GLY A 91 -24.36 11.14 5.40
CA GLY A 91 -24.33 10.75 4.03
C GLY A 91 -23.03 10.12 3.65
N ILE A 92 -21.94 10.75 4.00
CA ILE A 92 -20.66 10.24 3.62
C ILE A 92 -20.18 9.13 4.51
N ARG A 93 -19.85 8.08 3.84
CA ARG A 93 -19.33 6.87 4.41
C ARG A 93 -18.07 6.59 3.66
N LYS A 94 -17.04 6.23 4.35
CA LYS A 94 -15.77 6.01 3.71
C LYS A 94 -15.51 4.52 3.62
N LEU A 95 -14.99 4.10 2.50
CA LEU A 95 -14.66 2.74 2.29
C LEU A 95 -13.21 2.58 2.66
N GLN A 96 -12.93 1.80 3.64
CA GLN A 96 -11.60 1.61 4.08
C GLN A 96 -11.11 0.35 3.43
N ILE A 97 -10.06 0.49 2.69
CA ILE A 97 -9.48 -0.60 1.97
C ILE A 97 -8.12 -0.92 2.54
N GLN A 98 -7.94 -2.16 2.85
CA GLN A 98 -6.69 -2.64 3.34
C GLN A 98 -5.89 -3.14 2.17
N CYS A 99 -4.78 -2.55 1.93
CA CYS A 99 -3.92 -3.01 0.90
C CYS A 99 -2.60 -3.36 1.52
N VAL A 100 -2.08 -4.46 1.13
CA VAL A 100 -0.83 -4.92 1.63
C VAL A 100 0.14 -4.87 0.48
N VAL A 101 1.19 -4.16 0.67
CA VAL A 101 2.19 -4.05 -0.34
C VAL A 101 3.42 -4.74 0.15
N GLU A 102 4.06 -5.42 -0.72
CA GLU A 102 5.30 -5.98 -0.42
C GLU A 102 6.30 -4.93 -0.80
N ASP A 103 6.98 -4.33 0.18
CA ASP A 103 7.96 -3.26 -0.06
C ASP A 103 9.05 -3.70 -1.00
N ASP A 104 9.32 -4.98 -0.99
CA ASP A 104 10.33 -5.58 -1.84
C ASP A 104 9.86 -5.77 -3.29
N LYS A 105 8.60 -5.42 -3.57
CA LYS A 105 8.06 -5.43 -4.94
C LYS A 105 7.39 -4.10 -5.32
N VAL A 106 6.52 -3.60 -4.46
CA VAL A 106 5.70 -2.43 -4.72
C VAL A 106 5.75 -1.48 -3.52
N GLY A 107 6.02 -0.23 -3.78
CA GLY A 107 5.96 0.78 -2.75
C GLY A 107 4.61 1.45 -2.77
N THR A 108 4.29 2.21 -1.73
CA THR A 108 3.00 2.87 -1.63
C THR A 108 2.80 3.89 -2.74
N ASP A 109 3.91 4.41 -3.27
CA ASP A 109 3.91 5.44 -4.34
C ASP A 109 3.03 5.04 -5.53
N LEU A 110 3.01 3.76 -5.86
CA LEU A 110 2.19 3.26 -6.97
C LEU A 110 0.70 3.38 -6.66
N LEU A 111 0.31 3.00 -5.47
CA LEU A 111 -1.09 3.04 -5.09
C LEU A 111 -1.54 4.48 -4.84
N GLU A 112 -0.63 5.27 -4.28
CA GLU A 112 -0.88 6.68 -4.02
C GLU A 112 -1.10 7.43 -5.33
N GLU A 113 -0.32 7.08 -6.33
CA GLU A 113 -0.43 7.66 -7.65
C GLU A 113 -1.78 7.28 -8.30
N GLU A 114 -2.04 5.98 -8.39
CA GLU A 114 -3.26 5.48 -9.04
C GLU A 114 -4.54 5.99 -8.39
N ILE A 115 -4.66 5.88 -7.08
CA ILE A 115 -5.90 6.26 -6.39
C ILE A 115 -6.21 7.77 -6.51
N THR A 116 -5.17 8.60 -6.56
CA THR A 116 -5.38 10.03 -6.73
C THR A 116 -5.86 10.37 -8.17
N LYS A 117 -5.59 9.46 -9.11
CA LYS A 117 -6.12 9.60 -10.46
C LYS A 117 -7.57 9.13 -10.51
N PHE A 118 -7.94 8.26 -9.59
CA PHE A 118 -9.30 7.73 -9.49
C PHE A 118 -10.25 8.73 -8.83
N GLU A 119 -9.67 9.77 -8.24
CA GLU A 119 -10.39 10.92 -7.59
C GLU A 119 -11.54 11.57 -8.40
N GLU A 120 -11.76 11.18 -9.65
CA GLU A 120 -12.98 11.58 -10.33
C GLU A 120 -14.22 10.98 -9.60
N HIS A 121 -14.02 9.83 -8.94
CA HIS A 121 -15.10 9.19 -8.18
C HIS A 121 -14.77 9.27 -6.68
N VAL A 122 -13.50 9.41 -6.35
CA VAL A 122 -13.05 9.49 -4.96
C VAL A 122 -12.91 10.97 -4.57
N GLN A 123 -13.53 11.36 -3.47
CA GLN A 123 -13.50 12.75 -3.02
C GLN A 123 -12.10 13.14 -2.58
N SER A 124 -11.54 12.32 -1.72
CA SER A 124 -10.20 12.48 -1.21
C SER A 124 -9.72 11.14 -0.71
N VAL A 125 -8.43 10.94 -0.74
CA VAL A 125 -7.82 9.71 -0.31
C VAL A 125 -7.03 10.02 0.95
N ASP A 126 -7.43 9.48 2.06
CA ASP A 126 -6.73 9.73 3.31
C ASP A 126 -6.14 8.45 3.83
N ILE A 127 -5.07 8.58 4.57
CA ILE A 127 -4.45 7.43 5.18
C ILE A 127 -5.10 7.22 6.55
N ALA A 128 -5.84 6.15 6.68
CA ALA A 128 -6.53 5.82 7.92
C ALA A 128 -5.53 5.24 8.92
N ALA A 129 -4.65 4.37 8.44
CA ALA A 129 -3.63 3.77 9.25
C ALA A 129 -2.54 3.20 8.38
N PHE A 130 -1.33 3.40 8.76
CA PHE A 130 -0.19 2.84 8.09
C PHE A 130 0.42 1.83 9.03
N ASN A 131 0.20 0.58 8.77
CA ASN A 131 0.68 -0.47 9.65
C ASN A 131 1.64 -1.35 8.92
N LYS A 132 2.87 -1.40 9.35
CA LYS A 132 3.80 -2.29 8.72
C LYS A 132 3.59 -3.64 9.38
N ILE A 133 3.78 -4.72 8.66
CA ILE A 133 3.55 -6.02 9.27
C ILE A 133 4.85 -6.80 9.45
N GLY A 1 43.71 5.02 56.91
CA GLY A 1 43.09 4.08 57.84
C GLY A 1 42.52 2.92 57.08
N PRO A 2 41.34 2.38 57.49
CA PRO A 2 40.68 1.26 56.79
C PRO A 2 40.31 1.64 55.36
N GLY A 3 40.77 0.85 54.41
CA GLY A 3 40.51 1.11 53.01
C GLY A 3 39.07 0.85 52.66
N SER A 4 38.42 1.81 52.07
CA SER A 4 37.04 1.69 51.70
C SER A 4 36.89 1.04 50.30
N GLU A 5 37.99 0.99 49.58
CA GLU A 5 38.01 0.38 48.28
C GLU A 5 38.58 -1.03 48.35
N ASP A 6 38.72 -1.67 47.22
CA ASP A 6 39.23 -3.03 47.14
C ASP A 6 40.42 -3.06 46.22
N ASP A 7 40.99 -4.21 46.09
CA ASP A 7 41.98 -4.44 45.07
C ASP A 7 41.30 -5.20 43.98
N ASP A 8 40.93 -4.53 42.95
CA ASP A 8 40.20 -5.13 41.87
C ASP A 8 41.19 -5.62 40.82
N ILE A 9 40.75 -6.49 39.96
CA ILE A 9 41.60 -7.03 38.93
C ILE A 9 41.72 -6.00 37.81
N ASP A 10 42.81 -5.27 37.83
CA ASP A 10 43.07 -4.25 36.83
C ASP A 10 43.87 -4.88 35.74
N LEU A 11 43.26 -5.04 34.60
CA LEU A 11 43.91 -5.68 33.50
C LEU A 11 44.08 -4.72 32.35
N PHE A 12 43.01 -4.59 31.54
CA PHE A 12 42.98 -3.84 30.27
C PHE A 12 44.03 -4.39 29.29
N GLY A 13 45.26 -4.06 29.54
CA GLY A 13 46.36 -4.60 28.81
C GLY A 13 47.42 -5.04 29.79
N SER A 14 47.34 -6.29 30.18
CA SER A 14 48.24 -6.86 31.15
C SER A 14 48.29 -8.37 30.93
N ASP A 15 49.32 -9.01 31.42
CA ASP A 15 49.51 -10.46 31.29
C ASP A 15 48.75 -11.14 32.41
N ASN A 16 47.58 -11.68 32.10
CA ASN A 16 46.78 -12.35 33.11
C ASN A 16 47.09 -13.82 33.06
N GLU A 17 47.49 -14.38 34.16
CA GLU A 17 47.83 -15.78 34.23
C GLU A 17 46.94 -16.46 35.32
N GLU A 18 46.14 -15.63 35.99
CA GLU A 18 45.22 -16.07 37.03
C GLU A 18 44.00 -16.60 36.32
N GLU A 19 43.53 -15.84 35.37
CA GLU A 19 42.51 -16.24 34.46
C GLU A 19 43.20 -17.00 33.33
N ASP A 20 42.46 -17.86 32.65
CA ASP A 20 43.05 -18.68 31.63
C ASP A 20 43.28 -17.85 30.38
N LYS A 21 44.53 -17.54 30.16
CA LYS A 21 44.99 -16.72 29.05
C LYS A 21 44.66 -17.37 27.70
N GLU A 22 44.76 -18.69 27.65
CA GLU A 22 44.50 -19.44 26.45
C GLU A 22 43.03 -19.29 26.06
N ALA A 23 42.15 -19.53 27.02
CA ALA A 23 40.72 -19.38 26.81
C ALA A 23 40.35 -17.96 26.40
N ALA A 24 41.08 -16.98 26.96
CA ALA A 24 40.85 -15.58 26.66
C ALA A 24 41.13 -15.29 25.17
N GLN A 25 42.25 -15.75 24.67
CA GLN A 25 42.59 -15.53 23.26
C GLN A 25 41.73 -16.38 22.32
N LEU A 26 41.38 -17.59 22.78
CA LEU A 26 40.55 -18.49 22.00
C LEU A 26 39.13 -17.99 21.85
N ARG A 27 38.56 -17.45 22.93
CA ARG A 27 37.17 -16.96 22.87
C ARG A 27 37.03 -15.74 21.99
N GLU A 28 38.04 -14.86 21.98
CA GLU A 28 37.98 -13.70 21.10
C GLU A 28 38.04 -14.17 19.65
N GLU A 29 38.95 -15.10 19.40
CA GLU A 29 39.16 -15.71 18.09
C GLU A 29 37.85 -16.36 17.61
N ARG A 30 37.23 -17.07 18.51
CA ARG A 30 35.98 -17.77 18.30
C ARG A 30 34.86 -16.77 17.93
N LEU A 31 34.86 -15.61 18.60
CA LEU A 31 33.89 -14.54 18.31
C LEU A 31 34.15 -13.93 16.93
N ARG A 32 35.42 -13.84 16.55
CA ARG A 32 35.81 -13.30 15.24
C ARG A 32 35.37 -14.25 14.14
N GLN A 33 35.53 -15.54 14.40
CA GLN A 33 35.09 -16.59 13.50
C GLN A 33 33.57 -16.58 13.38
N TYR A 34 32.90 -16.39 14.50
CA TYR A 34 31.44 -16.28 14.50
C TYR A 34 30.97 -15.07 13.72
N ALA A 35 31.71 -13.97 13.82
CA ALA A 35 31.35 -12.73 13.14
C ALA A 35 31.43 -12.85 11.62
N GLU A 36 32.33 -13.69 11.12
CA GLU A 36 32.50 -13.81 9.68
C GLU A 36 31.51 -14.77 9.05
N LYS A 37 31.08 -15.78 9.80
CA LYS A 37 30.10 -16.72 9.29
C LYS A 37 28.68 -16.24 9.61
N LYS A 38 28.47 -15.87 10.87
CA LYS A 38 27.22 -15.41 11.46
C LYS A 38 26.09 -16.49 11.40
N ALA A 39 25.05 -16.32 12.18
CA ALA A 39 23.95 -17.24 12.17
C ALA A 39 22.94 -16.83 11.12
N LYS A 40 23.25 -17.19 9.89
CA LYS A 40 22.46 -16.92 8.69
C LYS A 40 22.32 -15.43 8.37
N LYS A 41 21.65 -15.16 7.27
CA LYS A 41 21.35 -13.83 6.83
C LYS A 41 19.87 -13.55 7.05
N PRO A 42 19.52 -12.69 8.02
CA PRO A 42 18.15 -12.27 8.23
C PRO A 42 17.69 -11.44 7.03
N ALA A 43 16.93 -12.05 6.17
CA ALA A 43 16.43 -11.42 5.01
C ALA A 43 14.98 -11.11 5.23
N LEU A 44 14.70 -9.89 5.60
CA LEU A 44 13.36 -9.49 5.89
C LEU A 44 12.68 -8.98 4.64
N VAL A 45 11.70 -9.70 4.20
CA VAL A 45 10.87 -9.27 3.11
C VAL A 45 9.76 -8.45 3.76
N ALA A 46 9.81 -7.17 3.55
CA ALA A 46 9.00 -6.26 4.29
C ALA A 46 7.59 -6.15 3.72
N LYS A 47 6.63 -6.09 4.63
CA LYS A 47 5.23 -6.04 4.27
C LYS A 47 4.57 -4.90 5.01
N SER A 48 3.94 -4.04 4.28
CA SER A 48 3.25 -2.94 4.84
C SER A 48 1.77 -3.06 4.55
N SER A 49 0.96 -2.86 5.54
CA SER A 49 -0.45 -2.92 5.42
C SER A 49 -0.97 -1.50 5.65
N ILE A 50 -1.42 -0.87 4.60
CA ILE A 50 -1.82 0.50 4.69
C ILE A 50 -3.32 0.58 4.59
N LEU A 51 -3.90 1.32 5.48
CA LEU A 51 -5.32 1.53 5.50
C LEU A 51 -5.61 2.87 4.86
N LEU A 52 -6.13 2.85 3.67
CA LEU A 52 -6.53 4.07 3.01
C LEU A 52 -8.01 4.05 2.91
N ASP A 53 -8.63 5.16 3.04
CA ASP A 53 -10.03 5.20 2.86
C ASP A 53 -10.45 6.07 1.73
N VAL A 54 -11.29 5.49 0.93
CA VAL A 54 -11.81 6.08 -0.25
C VAL A 54 -13.07 6.84 0.12
N LYS A 55 -12.94 8.13 0.19
CA LYS A 55 -14.01 9.01 0.57
C LYS A 55 -14.73 9.51 -0.69
N PRO A 56 -16.03 9.26 -0.82
CA PRO A 56 -16.81 9.71 -1.99
C PRO A 56 -17.18 11.21 -1.92
N TRP A 57 -17.56 11.78 -3.07
CA TRP A 57 -17.94 13.20 -3.13
C TRP A 57 -19.27 13.47 -2.48
N ASP A 58 -20.28 12.78 -2.91
CA ASP A 58 -21.60 12.96 -2.40
C ASP A 58 -22.08 11.64 -1.88
N ASP A 59 -23.13 11.68 -1.13
CA ASP A 59 -23.79 10.50 -0.56
C ASP A 59 -24.18 9.51 -1.66
N GLU A 60 -24.49 10.03 -2.83
CA GLU A 60 -24.96 9.25 -3.95
C GLU A 60 -23.81 8.68 -4.83
N THR A 61 -22.56 9.03 -4.51
CA THR A 61 -21.43 8.50 -5.26
C THR A 61 -21.35 6.97 -5.02
N ASP A 62 -21.25 6.19 -6.09
CA ASP A 62 -21.27 4.74 -6.01
C ASP A 62 -19.99 4.17 -5.43
N MET A 63 -20.12 3.54 -4.30
CA MET A 63 -18.99 3.00 -3.57
C MET A 63 -18.45 1.74 -4.25
N ALA A 64 -19.31 1.04 -4.97
CA ALA A 64 -18.93 -0.21 -5.64
C ALA A 64 -17.88 0.06 -6.71
N GLN A 65 -18.13 1.06 -7.55
CA GLN A 65 -17.18 1.44 -8.59
C GLN A 65 -15.92 2.04 -7.99
N LEU A 66 -16.05 2.70 -6.84
CA LEU A 66 -14.91 3.25 -6.12
C LEU A 66 -13.95 2.13 -5.69
N GLU A 67 -14.52 1.09 -5.08
CA GLU A 67 -13.75 -0.07 -4.62
C GLU A 67 -13.16 -0.82 -5.83
N ALA A 68 -13.98 -0.99 -6.88
CA ALA A 68 -13.59 -1.69 -8.10
C ALA A 68 -12.35 -1.05 -8.73
N CYS A 69 -12.28 0.27 -8.69
CA CYS A 69 -11.13 1.00 -9.20
C CYS A 69 -9.87 0.69 -8.39
N VAL A 70 -10.00 0.64 -7.07
CA VAL A 70 -8.86 0.34 -6.19
C VAL A 70 -8.38 -1.10 -6.41
N ARG A 71 -9.31 -1.96 -6.75
CA ARG A 71 -9.01 -3.35 -7.05
C ARG A 71 -8.46 -3.52 -8.48
N SER A 72 -8.48 -2.45 -9.26
CA SER A 72 -7.94 -2.47 -10.59
C SER A 72 -6.44 -2.10 -10.60
N ILE A 73 -5.89 -1.82 -9.42
CA ILE A 73 -4.47 -1.51 -9.29
C ILE A 73 -3.68 -2.82 -9.39
N GLN A 74 -3.02 -3.01 -10.50
CA GLN A 74 -2.38 -4.29 -10.76
C GLN A 74 -0.86 -4.22 -10.59
N LEU A 75 -0.41 -4.57 -9.41
CA LEU A 75 1.01 -4.64 -9.11
C LEU A 75 1.32 -5.99 -8.47
N ASP A 76 2.47 -6.56 -8.81
CA ASP A 76 2.89 -7.86 -8.25
C ASP A 76 3.38 -7.67 -6.83
N GLY A 77 2.65 -8.18 -5.89
CA GLY A 77 3.00 -7.98 -4.50
C GLY A 77 2.09 -6.95 -3.85
N LEU A 78 1.06 -6.57 -4.57
CA LEU A 78 0.02 -5.71 -4.06
C LEU A 78 -1.15 -6.64 -3.78
N VAL A 79 -1.43 -6.86 -2.53
CA VAL A 79 -2.47 -7.76 -2.12
C VAL A 79 -3.54 -6.99 -1.37
N TRP A 80 -4.78 -7.21 -1.73
CA TRP A 80 -5.87 -6.56 -1.04
C TRP A 80 -6.26 -7.38 0.16
N GLY A 81 -6.50 -6.71 1.26
CA GLY A 81 -6.91 -7.37 2.45
C GLY A 81 -8.37 -7.16 2.69
N ALA A 82 -8.71 -6.60 3.82
CA ALA A 82 -10.09 -6.34 4.15
C ALA A 82 -10.55 -5.00 3.58
N SER A 83 -11.83 -4.88 3.40
CA SER A 83 -12.46 -3.67 2.94
C SER A 83 -13.65 -3.44 3.83
N LYS A 84 -13.79 -2.25 4.34
CA LYS A 84 -14.87 -1.96 5.25
C LYS A 84 -15.43 -0.59 4.98
N LEU A 85 -16.68 -0.41 5.23
CA LEU A 85 -17.30 0.87 5.02
C LEU A 85 -17.61 1.51 6.35
N VAL A 86 -17.02 2.64 6.59
CA VAL A 86 -17.21 3.35 7.82
C VAL A 86 -18.09 4.56 7.56
N PRO A 87 -19.36 4.51 7.98
CA PRO A 87 -20.27 5.63 7.84
C PRO A 87 -19.91 6.75 8.77
N VAL A 88 -19.73 7.91 8.21
CA VAL A 88 -19.46 9.11 8.97
C VAL A 88 -20.62 10.06 8.75
N GLY A 89 -21.65 9.49 8.16
CA GLY A 89 -22.86 10.16 7.84
C GLY A 89 -23.86 9.13 7.38
N TYR A 90 -24.90 9.56 6.73
CA TYR A 90 -25.92 8.63 6.24
C TYR A 90 -25.46 8.00 4.94
N GLY A 91 -25.14 8.83 3.99
CA GLY A 91 -24.66 8.33 2.74
C GLY A 91 -23.16 8.47 2.64
N ILE A 92 -22.61 9.48 3.30
CA ILE A 92 -21.18 9.65 3.32
C ILE A 92 -20.57 8.58 4.21
N ARG A 93 -19.97 7.65 3.55
CA ARG A 93 -19.38 6.51 4.13
C ARG A 93 -18.09 6.33 3.41
N LYS A 94 -17.04 6.10 4.10
CA LYS A 94 -15.79 5.91 3.42
C LYS A 94 -15.38 4.46 3.43
N LEU A 95 -14.92 4.01 2.29
CA LEU A 95 -14.54 2.64 2.10
C LEU A 95 -13.07 2.53 2.42
N GLN A 96 -12.76 1.82 3.44
CA GLN A 96 -11.40 1.68 3.86
C GLN A 96 -10.87 0.39 3.28
N ILE A 97 -9.79 0.52 2.59
CA ILE A 97 -9.17 -0.57 1.94
C ILE A 97 -7.83 -0.85 2.60
N GLN A 98 -7.68 -2.06 3.00
CA GLN A 98 -6.48 -2.54 3.57
C GLN A 98 -5.66 -3.13 2.46
N CYS A 99 -4.53 -2.57 2.22
CA CYS A 99 -3.69 -3.03 1.16
C CYS A 99 -2.37 -3.47 1.72
N VAL A 100 -1.90 -4.59 1.29
CA VAL A 100 -0.66 -5.12 1.72
C VAL A 100 0.32 -5.02 0.58
N VAL A 101 1.36 -4.29 0.79
CA VAL A 101 2.39 -4.15 -0.18
C VAL A 101 3.61 -4.81 0.32
N GLU A 102 4.28 -5.41 -0.57
CA GLU A 102 5.54 -5.96 -0.28
C GLU A 102 6.54 -4.91 -0.69
N ASP A 103 7.17 -4.26 0.28
CA ASP A 103 8.13 -3.14 0.06
C ASP A 103 9.21 -3.52 -0.94
N ASP A 104 9.55 -4.80 -0.92
CA ASP A 104 10.56 -5.41 -1.78
C ASP A 104 10.18 -5.37 -3.27
N LYS A 105 8.89 -5.21 -3.56
CA LYS A 105 8.41 -5.21 -4.96
C LYS A 105 7.55 -3.98 -5.27
N VAL A 106 6.63 -3.65 -4.39
CA VAL A 106 5.69 -2.57 -4.62
C VAL A 106 5.85 -1.50 -3.57
N GLY A 107 5.96 -0.27 -4.02
CA GLY A 107 6.00 0.84 -3.13
C GLY A 107 4.63 1.46 -2.99
N THR A 108 4.41 2.20 -1.92
CA THR A 108 3.13 2.84 -1.65
C THR A 108 2.77 3.87 -2.73
N ASP A 109 3.80 4.41 -3.38
CA ASP A 109 3.70 5.37 -4.49
C ASP A 109 2.70 4.91 -5.52
N LEU A 110 2.87 3.66 -5.97
CA LEU A 110 2.02 3.07 -7.02
C LEU A 110 0.55 3.12 -6.66
N LEU A 111 0.22 2.76 -5.44
CA LEU A 111 -1.17 2.70 -5.03
C LEU A 111 -1.74 4.11 -4.84
N GLU A 112 -0.93 5.01 -4.29
CA GLU A 112 -1.37 6.37 -4.05
C GLU A 112 -1.60 7.12 -5.36
N GLU A 113 -0.71 6.92 -6.33
CA GLU A 113 -0.84 7.56 -7.65
C GLU A 113 -2.10 7.12 -8.36
N GLU A 114 -2.38 5.82 -8.31
CA GLU A 114 -3.57 5.27 -8.94
C GLU A 114 -4.84 5.80 -8.28
N ILE A 115 -4.87 5.81 -6.94
CA ILE A 115 -6.06 6.27 -6.22
C ILE A 115 -6.26 7.81 -6.37
N THR A 116 -5.16 8.55 -6.49
CA THR A 116 -5.29 9.98 -6.72
C THR A 116 -5.77 10.28 -8.16
N LYS A 117 -5.65 9.31 -9.04
CA LYS A 117 -6.17 9.42 -10.36
C LYS A 117 -7.68 9.13 -10.31
N PHE A 118 -8.10 8.40 -9.28
CA PHE A 118 -9.51 8.06 -9.06
C PHE A 118 -10.27 9.23 -8.44
N GLU A 119 -9.54 10.26 -7.97
CA GLU A 119 -10.15 11.54 -7.45
C GLU A 119 -11.22 12.19 -8.39
N GLU A 120 -11.38 11.68 -9.58
CA GLU A 120 -12.44 12.10 -10.45
C GLU A 120 -13.82 11.64 -9.90
N HIS A 121 -13.81 10.55 -9.11
CA HIS A 121 -14.99 10.06 -8.40
C HIS A 121 -14.73 9.95 -6.89
N VAL A 122 -13.49 10.02 -6.50
CA VAL A 122 -13.10 10.01 -5.09
C VAL A 122 -12.90 11.45 -4.64
N GLN A 123 -13.46 11.82 -3.52
CA GLN A 123 -13.37 13.19 -3.02
C GLN A 123 -11.96 13.45 -2.52
N SER A 124 -11.53 12.62 -1.62
CA SER A 124 -10.24 12.72 -1.02
C SER A 124 -9.79 11.34 -0.63
N VAL A 125 -8.52 11.16 -0.53
CA VAL A 125 -7.95 9.91 -0.16
C VAL A 125 -7.35 10.10 1.21
N ASP A 126 -7.90 9.41 2.17
CA ASP A 126 -7.42 9.55 3.52
C ASP A 126 -6.59 8.39 3.89
N ILE A 127 -5.60 8.66 4.67
CA ILE A 127 -4.75 7.64 5.18
C ILE A 127 -5.17 7.42 6.60
N ALA A 128 -5.78 6.30 6.85
CA ALA A 128 -6.25 5.99 8.17
C ALA A 128 -5.09 5.58 9.05
N ALA A 129 -4.22 4.74 8.51
CA ALA A 129 -3.06 4.26 9.24
C ALA A 129 -2.10 3.56 8.31
N PHE A 130 -0.84 3.62 8.65
CA PHE A 130 0.19 2.88 7.98
C PHE A 130 0.71 1.87 8.99
N ASN A 131 0.44 0.63 8.76
CA ASN A 131 0.87 -0.40 9.68
C ASN A 131 1.85 -1.33 9.00
N LYS A 132 2.85 -1.74 9.69
CA LYS A 132 3.74 -2.75 9.16
C LYS A 132 3.33 -4.07 9.73
N ILE A 133 3.42 -5.10 8.94
CA ILE A 133 3.13 -6.40 9.44
C ILE A 133 4.38 -7.24 9.38
N GLY A 1 72.62 -11.26 22.71
CA GLY A 1 72.50 -12.38 23.62
C GLY A 1 71.10 -12.92 23.57
N PRO A 2 70.67 -13.72 24.54
CA PRO A 2 69.29 -14.13 24.66
C PRO A 2 68.54 -13.35 25.79
N GLY A 3 67.96 -12.23 25.46
CA GLY A 3 67.18 -11.47 26.43
C GLY A 3 67.91 -10.25 26.94
N SER A 4 68.58 -9.59 26.04
CA SER A 4 69.36 -8.40 26.36
C SER A 4 69.20 -7.35 25.27
N GLU A 5 68.18 -7.52 24.48
CA GLU A 5 67.92 -6.71 23.33
C GLU A 5 66.45 -6.72 23.02
N ASP A 6 66.01 -5.72 22.29
CA ASP A 6 64.61 -5.63 21.85
C ASP A 6 64.54 -6.36 20.49
N ASP A 7 63.48 -6.23 19.75
CA ASP A 7 63.39 -6.93 18.48
C ASP A 7 64.02 -6.08 17.38
N ASP A 8 64.56 -6.72 16.38
CA ASP A 8 65.24 -6.03 15.28
C ASP A 8 64.26 -5.31 14.38
N ILE A 9 63.13 -5.90 14.15
CA ILE A 9 62.19 -5.33 13.22
C ILE A 9 61.28 -4.35 13.92
N ASP A 10 61.62 -3.10 13.81
CA ASP A 10 60.86 -2.03 14.42
C ASP A 10 59.89 -1.47 13.41
N LEU A 11 58.64 -1.54 13.72
CA LEU A 11 57.60 -1.03 12.88
C LEU A 11 56.79 -0.05 13.69
N PHE A 12 55.79 0.53 13.06
CA PHE A 12 54.85 1.48 13.68
C PHE A 12 55.48 2.82 13.97
N GLY A 13 54.94 3.82 13.34
CA GLY A 13 55.40 5.16 13.50
C GLY A 13 54.95 5.97 12.34
N SER A 14 55.59 5.78 11.22
CA SER A 14 55.28 6.43 9.96
C SER A 14 55.81 5.59 8.82
N ASP A 15 54.94 5.20 7.91
CA ASP A 15 55.36 4.43 6.75
C ASP A 15 54.54 4.84 5.54
N ASN A 16 53.28 4.39 5.48
CA ASN A 16 52.38 4.71 4.36
C ASN A 16 50.97 4.13 4.66
N GLU A 17 50.50 4.35 5.85
CA GLU A 17 49.17 3.90 6.20
C GLU A 17 48.57 4.84 7.21
N GLU A 18 47.70 5.68 6.73
CA GLU A 18 47.04 6.67 7.51
C GLU A 18 45.57 6.58 7.24
N GLU A 19 44.78 7.25 8.07
CA GLU A 19 43.34 7.32 7.95
C GLU A 19 42.68 5.95 7.99
N ASP A 20 42.41 5.47 9.17
CA ASP A 20 41.75 4.18 9.36
C ASP A 20 40.23 4.42 9.31
N LYS A 21 39.80 4.96 8.19
CA LYS A 21 38.42 5.35 7.99
C LYS A 21 37.56 4.18 7.52
N GLU A 22 38.18 3.14 6.95
CA GLU A 22 37.44 2.00 6.37
C GLU A 22 36.50 1.35 7.35
N ALA A 23 37.03 0.95 8.51
CA ALA A 23 36.23 0.31 9.55
C ALA A 23 35.12 1.21 10.02
N ALA A 24 35.44 2.49 10.22
CA ALA A 24 34.46 3.50 10.65
C ALA A 24 33.31 3.62 9.65
N GLN A 25 33.64 3.59 8.36
CA GLN A 25 32.65 3.61 7.31
C GLN A 25 31.82 2.34 7.27
N LEU A 26 32.46 1.21 7.49
CA LEU A 26 31.78 -0.09 7.52
C LEU A 26 30.82 -0.19 8.70
N ARG A 27 31.27 0.31 9.86
CA ARG A 27 30.44 0.36 11.07
C ARG A 27 29.18 1.17 10.78
N GLU A 28 29.40 2.36 10.23
CA GLU A 28 28.36 3.32 9.88
C GLU A 28 27.41 2.75 8.82
N GLU A 29 27.98 2.11 7.79
CA GLU A 29 27.23 1.45 6.73
C GLU A 29 26.27 0.43 7.30
N ARG A 30 26.80 -0.42 8.17
CA ARG A 30 26.02 -1.45 8.80
C ARG A 30 24.98 -0.87 9.76
N LEU A 31 25.31 0.24 10.41
CA LEU A 31 24.38 0.93 11.32
C LEU A 31 23.17 1.47 10.56
N ARG A 32 23.43 2.05 9.38
CA ARG A 32 22.35 2.59 8.54
C ARG A 32 21.38 1.48 8.14
N GLN A 33 21.95 0.38 7.66
CA GLN A 33 21.18 -0.78 7.23
C GLN A 33 20.40 -1.38 8.42
N TYR A 34 21.07 -1.43 9.56
CA TYR A 34 20.51 -1.98 10.78
C TYR A 34 19.33 -1.13 11.24
N ALA A 35 19.44 0.18 11.13
CA ALA A 35 18.39 1.10 11.56
C ALA A 35 17.12 0.95 10.70
N GLU A 36 17.28 0.53 9.46
CA GLU A 36 16.14 0.35 8.58
C GLU A 36 15.33 -0.90 8.93
N LYS A 37 16.00 -1.94 9.37
CA LYS A 37 15.32 -3.16 9.81
C LYS A 37 14.96 -3.06 11.31
N LYS A 38 15.67 -2.16 11.98
CA LYS A 38 15.50 -1.74 13.38
C LYS A 38 15.97 -2.79 14.41
N ALA A 39 15.46 -3.99 14.31
CA ALA A 39 15.78 -5.05 15.24
C ALA A 39 15.74 -6.37 14.48
N LYS A 40 15.60 -7.48 15.19
CA LYS A 40 15.48 -8.76 14.54
C LYS A 40 14.02 -8.99 14.20
N LYS A 41 13.64 -8.53 13.07
CA LYS A 41 12.30 -8.61 12.62
C LYS A 41 12.25 -9.61 11.47
N PRO A 42 11.70 -10.82 11.70
CA PRO A 42 11.55 -11.81 10.65
C PRO A 42 10.53 -11.33 9.63
N ALA A 43 11.00 -11.01 8.46
CA ALA A 43 10.13 -10.48 7.42
C ALA A 43 10.21 -11.27 6.15
N LEU A 44 11.45 -11.65 5.76
CA LEU A 44 11.76 -12.30 4.46
C LEU A 44 11.64 -11.24 3.36
N VAL A 45 10.44 -10.81 3.13
CA VAL A 45 10.12 -9.72 2.26
C VAL A 45 9.33 -8.74 3.10
N ALA A 46 9.65 -7.48 3.02
CA ALA A 46 9.00 -6.47 3.81
C ALA A 46 7.57 -6.28 3.32
N LYS A 47 6.64 -6.22 4.23
CA LYS A 47 5.23 -6.10 3.91
C LYS A 47 4.60 -5.02 4.78
N SER A 48 3.74 -4.24 4.19
CA SER A 48 3.02 -3.24 4.93
C SER A 48 1.52 -3.32 4.61
N SER A 49 0.73 -3.02 5.59
CA SER A 49 -0.70 -3.01 5.49
C SER A 49 -1.14 -1.55 5.64
N ILE A 50 -1.59 -0.96 4.58
CA ILE A 50 -1.95 0.43 4.61
C ILE A 50 -3.43 0.55 4.53
N LEU A 51 -3.98 1.37 5.39
CA LEU A 51 -5.38 1.63 5.41
C LEU A 51 -5.63 2.94 4.73
N LEU A 52 -6.26 2.92 3.59
CA LEU A 52 -6.61 4.15 2.94
C LEU A 52 -8.08 4.30 2.96
N ASP A 53 -8.53 5.41 3.45
CA ASP A 53 -9.92 5.67 3.46
C ASP A 53 -10.30 6.52 2.30
N VAL A 54 -11.05 5.90 1.45
CA VAL A 54 -11.49 6.43 0.20
C VAL A 54 -12.91 6.99 0.37
N LYS A 55 -13.01 8.29 0.46
CA LYS A 55 -14.30 8.95 0.62
C LYS A 55 -14.85 9.34 -0.76
N PRO A 56 -16.09 8.92 -1.09
CA PRO A 56 -16.72 9.29 -2.37
C PRO A 56 -17.20 10.76 -2.39
N TRP A 57 -17.41 11.32 -3.59
CA TRP A 57 -17.89 12.70 -3.75
C TRP A 57 -19.31 12.90 -3.26
N ASP A 58 -20.16 11.97 -3.54
CA ASP A 58 -21.56 12.11 -3.22
C ASP A 58 -22.04 10.82 -2.57
N ASP A 59 -23.18 10.88 -1.92
CA ASP A 59 -23.85 9.73 -1.29
C ASP A 59 -24.16 8.71 -2.38
N GLU A 60 -24.51 9.24 -3.54
CA GLU A 60 -24.92 8.46 -4.70
C GLU A 60 -23.74 7.87 -5.48
N THR A 61 -22.51 8.26 -5.15
CA THR A 61 -21.36 7.68 -5.80
C THR A 61 -21.20 6.24 -5.27
N ASP A 62 -21.35 5.28 -6.16
CA ASP A 62 -21.35 3.87 -5.80
C ASP A 62 -20.01 3.39 -5.27
N MET A 63 -20.01 2.95 -4.03
CA MET A 63 -18.82 2.50 -3.33
C MET A 63 -18.23 1.24 -3.96
N ALA A 64 -19.08 0.42 -4.55
CA ALA A 64 -18.63 -0.80 -5.17
C ALA A 64 -17.78 -0.52 -6.39
N GLN A 65 -18.15 0.52 -7.15
CA GLN A 65 -17.37 0.90 -8.30
C GLN A 65 -16.04 1.56 -7.87
N LEU A 66 -16.04 2.24 -6.71
CA LEU A 66 -14.79 2.78 -6.11
C LEU A 66 -13.86 1.63 -5.76
N GLU A 67 -14.44 0.62 -5.12
CA GLU A 67 -13.70 -0.57 -4.72
C GLU A 67 -13.16 -1.29 -5.96
N ALA A 68 -13.97 -1.36 -7.00
CA ALA A 68 -13.58 -1.97 -8.27
C ALA A 68 -12.37 -1.25 -8.87
N CYS A 69 -12.37 0.08 -8.79
CA CYS A 69 -11.26 0.89 -9.26
C CYS A 69 -9.98 0.58 -8.46
N VAL A 70 -10.10 0.55 -7.14
CA VAL A 70 -8.96 0.23 -6.26
C VAL A 70 -8.47 -1.22 -6.52
N ARG A 71 -9.41 -2.11 -6.73
CA ARG A 71 -9.12 -3.51 -7.02
C ARG A 71 -8.57 -3.74 -8.43
N SER A 72 -8.57 -2.72 -9.26
CA SER A 72 -8.01 -2.88 -10.60
C SER A 72 -6.58 -2.31 -10.67
N ILE A 73 -6.05 -1.91 -9.52
CA ILE A 73 -4.68 -1.44 -9.44
C ILE A 73 -3.81 -2.69 -9.35
N GLN A 74 -3.13 -3.02 -10.42
CA GLN A 74 -2.42 -4.27 -10.44
C GLN A 74 -0.93 -4.07 -10.49
N LEU A 75 -0.30 -4.44 -9.41
CA LEU A 75 1.13 -4.47 -9.29
C LEU A 75 1.45 -5.76 -8.57
N ASP A 76 2.58 -6.36 -8.87
CA ASP A 76 2.97 -7.58 -8.21
C ASP A 76 3.54 -7.23 -6.87
N GLY A 77 2.87 -7.65 -5.84
CA GLY A 77 3.22 -7.25 -4.50
C GLY A 77 2.25 -6.21 -3.99
N LEU A 78 1.14 -6.04 -4.68
CA LEU A 78 0.03 -5.21 -4.25
C LEU A 78 -1.14 -6.15 -4.04
N VAL A 79 -1.52 -6.36 -2.81
CA VAL A 79 -2.58 -7.28 -2.46
C VAL A 79 -3.69 -6.51 -1.74
N TRP A 80 -4.92 -6.93 -1.90
CA TRP A 80 -6.03 -6.29 -1.26
C TRP A 80 -6.47 -7.14 -0.09
N GLY A 81 -6.85 -6.51 0.98
CA GLY A 81 -7.33 -7.22 2.11
C GLY A 81 -8.75 -6.88 2.41
N ALA A 82 -8.96 -6.29 3.55
CA ALA A 82 -10.29 -5.96 4.02
C ALA A 82 -10.78 -4.65 3.46
N SER A 83 -12.04 -4.63 3.15
CA SER A 83 -12.71 -3.43 2.74
C SER A 83 -13.74 -3.13 3.80
N LYS A 84 -13.80 -1.93 4.28
CA LYS A 84 -14.78 -1.60 5.28
C LYS A 84 -15.41 -0.27 5.03
N LEU A 85 -16.72 -0.27 5.08
CA LEU A 85 -17.50 0.92 4.88
C LEU A 85 -17.64 1.66 6.21
N VAL A 86 -17.01 2.77 6.29
CA VAL A 86 -16.99 3.58 7.48
C VAL A 86 -17.89 4.81 7.28
N PRO A 87 -19.04 4.86 7.97
CA PRO A 87 -19.97 6.00 7.90
C PRO A 87 -19.36 7.29 8.43
N VAL A 88 -19.38 8.31 7.60
CA VAL A 88 -18.90 9.62 7.99
C VAL A 88 -20.00 10.67 7.87
N GLY A 89 -20.88 10.44 6.93
CA GLY A 89 -22.02 11.28 6.72
C GLY A 89 -23.26 10.47 6.91
N TYR A 90 -24.34 10.92 6.33
CA TYR A 90 -25.60 10.22 6.42
C TYR A 90 -25.60 9.08 5.42
N GLY A 91 -25.40 9.42 4.17
CA GLY A 91 -25.31 8.42 3.13
C GLY A 91 -23.88 8.24 2.69
N ILE A 92 -23.07 9.27 2.90
CA ILE A 92 -21.67 9.21 2.57
C ILE A 92 -20.93 8.32 3.57
N ARG A 93 -20.57 7.17 3.10
CA ARG A 93 -19.77 6.25 3.82
C ARG A 93 -18.50 6.13 3.04
N LYS A 94 -17.39 6.04 3.70
CA LYS A 94 -16.15 5.95 2.99
C LYS A 94 -15.62 4.54 3.07
N LEU A 95 -14.89 4.16 2.08
CA LEU A 95 -14.40 2.82 1.97
C LEU A 95 -12.98 2.80 2.42
N GLN A 96 -12.73 2.13 3.49
CA GLN A 96 -11.39 2.03 3.98
C GLN A 96 -10.86 0.73 3.48
N ILE A 97 -9.81 0.81 2.75
CA ILE A 97 -9.27 -0.34 2.11
C ILE A 97 -7.92 -0.68 2.72
N GLN A 98 -7.84 -1.88 3.16
CA GLN A 98 -6.68 -2.43 3.73
C GLN A 98 -5.94 -3.11 2.59
N CYS A 99 -4.77 -2.66 2.31
CA CYS A 99 -3.98 -3.23 1.26
C CYS A 99 -2.65 -3.68 1.81
N VAL A 100 -2.09 -4.72 1.25
CA VAL A 100 -0.81 -5.21 1.66
C VAL A 100 0.15 -5.00 0.54
N VAL A 101 1.21 -4.33 0.80
CA VAL A 101 2.23 -4.14 -0.19
C VAL A 101 3.48 -4.83 0.25
N GLU A 102 4.12 -5.42 -0.69
CA GLU A 102 5.41 -5.94 -0.49
C GLU A 102 6.37 -4.80 -0.73
N ASP A 103 6.85 -4.18 0.33
CA ASP A 103 7.71 -2.95 0.29
C ASP A 103 8.88 -3.09 -0.66
N ASP A 104 9.42 -4.29 -0.75
CA ASP A 104 10.57 -4.59 -1.60
C ASP A 104 10.21 -4.52 -3.09
N LYS A 105 8.96 -4.72 -3.40
CA LYS A 105 8.50 -4.72 -4.78
C LYS A 105 7.66 -3.48 -5.07
N VAL A 106 6.65 -3.28 -4.26
CA VAL A 106 5.70 -2.21 -4.44
C VAL A 106 5.70 -1.31 -3.23
N GLY A 107 6.05 -0.08 -3.45
CA GLY A 107 5.96 0.92 -2.43
C GLY A 107 4.61 1.58 -2.51
N THR A 108 4.26 2.38 -1.52
CA THR A 108 2.96 3.03 -1.49
C THR A 108 2.79 4.04 -2.64
N ASP A 109 3.91 4.49 -3.23
CA ASP A 109 3.92 5.48 -4.33
C ASP A 109 2.99 5.08 -5.46
N LEU A 110 2.93 3.78 -5.71
CA LEU A 110 2.06 3.21 -6.72
C LEU A 110 0.60 3.42 -6.36
N LEU A 111 0.21 2.93 -5.18
CA LEU A 111 -1.18 3.00 -4.76
C LEU A 111 -1.66 4.43 -4.54
N GLU A 112 -0.77 5.27 -4.02
CA GLU A 112 -1.05 6.67 -3.78
C GLU A 112 -1.33 7.38 -5.10
N GLU A 113 -0.51 7.11 -6.11
CA GLU A 113 -0.65 7.73 -7.43
C GLU A 113 -1.93 7.25 -8.13
N GLU A 114 -2.15 5.94 -8.11
CA GLU A 114 -3.28 5.33 -8.78
C GLU A 114 -4.62 5.79 -8.18
N ILE A 115 -4.72 5.81 -6.85
CA ILE A 115 -5.96 6.20 -6.19
C ILE A 115 -6.21 7.72 -6.35
N THR A 116 -5.15 8.50 -6.46
CA THR A 116 -5.33 9.93 -6.69
C THR A 116 -5.82 10.22 -8.13
N LYS A 117 -5.68 9.24 -9.01
CA LYS A 117 -6.25 9.32 -10.36
C LYS A 117 -7.74 9.05 -10.29
N PHE A 118 -8.11 8.24 -9.30
CA PHE A 118 -9.49 7.87 -9.04
C PHE A 118 -10.28 8.99 -8.36
N GLU A 119 -9.58 10.05 -7.91
CA GLU A 119 -10.21 11.30 -7.38
C GLU A 119 -11.34 11.92 -8.28
N GLU A 120 -11.54 11.38 -9.46
CA GLU A 120 -12.66 11.75 -10.30
C GLU A 120 -14.00 11.14 -9.76
N HIS A 121 -13.87 10.18 -8.84
CA HIS A 121 -15.00 9.60 -8.09
C HIS A 121 -14.73 9.66 -6.59
N VAL A 122 -13.45 9.69 -6.24
CA VAL A 122 -13.01 9.79 -4.87
C VAL A 122 -12.81 11.26 -4.50
N GLN A 123 -13.40 11.67 -3.43
CA GLN A 123 -13.34 13.04 -2.99
C GLN A 123 -12.01 13.32 -2.33
N SER A 124 -11.63 12.46 -1.44
CA SER A 124 -10.40 12.60 -0.71
C SER A 124 -9.88 11.23 -0.34
N VAL A 125 -8.58 11.07 -0.43
CA VAL A 125 -7.92 9.83 -0.11
C VAL A 125 -7.12 10.09 1.14
N ASP A 126 -7.48 9.48 2.22
CA ASP A 126 -6.75 9.68 3.47
C ASP A 126 -6.07 8.43 3.91
N ILE A 127 -4.94 8.59 4.55
CA ILE A 127 -4.22 7.47 5.11
C ILE A 127 -4.70 7.32 6.54
N ALA A 128 -5.47 6.30 6.79
CA ALA A 128 -6.03 6.04 8.09
C ALA A 128 -4.96 5.55 9.04
N ALA A 129 -4.06 4.71 8.52
CA ALA A 129 -2.96 4.15 9.28
C ALA A 129 -2.01 3.41 8.36
N PHE A 130 -0.75 3.41 8.70
CA PHE A 130 0.26 2.71 7.96
C PHE A 130 0.79 1.62 8.88
N ASN A 131 0.43 0.42 8.63
CA ASN A 131 0.84 -0.69 9.47
C ASN A 131 1.95 -1.43 8.77
N LYS A 132 2.99 -1.73 9.46
CA LYS A 132 4.00 -2.59 8.90
C LYS A 132 3.77 -3.99 9.45
N ILE A 133 3.68 -4.99 8.60
CA ILE A 133 3.37 -6.32 9.06
C ILE A 133 4.54 -7.27 8.93
N GLY A 1 45.06 26.56 -14.44
CA GLY A 1 44.56 26.00 -13.20
C GLY A 1 45.70 25.69 -12.26
N PRO A 2 45.45 24.93 -11.16
CA PRO A 2 46.47 24.61 -10.14
C PRO A 2 47.52 23.55 -10.59
N GLY A 3 47.95 23.65 -11.83
CA GLY A 3 48.96 22.76 -12.35
C GLY A 3 50.31 23.42 -12.28
N SER A 4 50.59 24.00 -11.11
CA SER A 4 51.81 24.74 -10.81
C SER A 4 51.84 26.11 -11.47
N GLU A 5 51.97 27.13 -10.64
CA GLU A 5 51.93 28.53 -11.04
C GLU A 5 52.77 29.30 -10.06
N ASP A 6 52.30 29.27 -8.83
CA ASP A 6 52.87 29.96 -7.71
C ASP A 6 53.78 29.02 -6.94
N ASP A 7 53.15 28.02 -6.32
CA ASP A 7 53.84 26.91 -5.63
C ASP A 7 54.52 27.35 -4.34
N ASP A 8 54.11 28.50 -3.78
CA ASP A 8 54.60 28.96 -2.48
C ASP A 8 53.97 28.09 -1.42
N ILE A 9 52.76 27.72 -1.71
CA ILE A 9 52.02 26.79 -0.91
C ILE A 9 52.23 25.43 -1.56
N ASP A 10 52.61 24.44 -0.77
CA ASP A 10 52.91 23.13 -1.33
C ASP A 10 51.65 22.34 -1.65
N LEU A 11 51.30 22.42 -2.92
CA LEU A 11 50.15 21.78 -3.55
C LEU A 11 50.55 21.71 -5.02
N PHE A 12 49.56 21.77 -5.93
CA PHE A 12 49.81 21.88 -7.39
C PHE A 12 50.40 20.58 -7.96
N GLY A 13 51.14 20.70 -9.05
CA GLY A 13 51.80 19.56 -9.65
C GLY A 13 50.89 18.67 -10.45
N SER A 14 50.39 17.64 -9.80
CA SER A 14 49.60 16.61 -10.45
C SER A 14 48.10 16.95 -10.43
N ASP A 15 47.76 18.17 -9.95
CA ASP A 15 46.36 18.68 -9.87
C ASP A 15 45.56 17.74 -8.92
N ASN A 16 44.26 17.71 -9.02
CA ASN A 16 43.45 16.83 -8.17
C ASN A 16 42.79 15.76 -9.04
N GLU A 17 42.96 15.89 -10.35
CA GLU A 17 42.37 14.97 -11.32
C GLU A 17 43.13 13.63 -11.39
N GLU A 18 44.29 13.58 -10.71
CA GLU A 18 45.23 12.45 -10.72
C GLU A 18 46.00 12.48 -12.04
N GLU A 19 45.29 12.16 -13.12
CA GLU A 19 45.82 12.22 -14.47
C GLU A 19 44.69 11.83 -15.42
N ASP A 20 44.13 12.84 -16.09
CA ASP A 20 42.96 12.73 -17.03
C ASP A 20 41.65 12.66 -16.25
N LYS A 21 40.58 13.12 -16.87
CA LYS A 21 39.23 13.09 -16.31
C LYS A 21 38.85 11.65 -15.93
N GLU A 22 39.31 10.70 -16.75
CA GLU A 22 39.05 9.27 -16.56
C GLU A 22 39.48 8.78 -15.18
N ALA A 23 40.69 9.17 -14.76
CA ALA A 23 41.21 8.73 -13.47
C ALA A 23 40.38 9.32 -12.35
N ALA A 24 40.05 10.61 -12.48
CA ALA A 24 39.21 11.29 -11.51
C ALA A 24 37.83 10.63 -11.43
N GLN A 25 37.25 10.37 -12.60
CA GLN A 25 35.94 9.71 -12.73
C GLN A 25 35.89 8.39 -12.02
N LEU A 26 36.83 7.52 -12.32
CA LEU A 26 36.87 6.19 -11.75
C LEU A 26 36.97 6.22 -10.22
N ARG A 27 37.83 7.09 -9.70
CA ARG A 27 38.03 7.18 -8.25
C ARG A 27 36.79 7.75 -7.55
N GLU A 28 36.45 8.96 -7.97
CA GLU A 28 35.45 9.79 -7.31
C GLU A 28 34.02 9.24 -7.52
N GLU A 29 33.69 8.87 -8.75
CA GLU A 29 32.33 8.40 -9.06
C GLU A 29 32.06 7.01 -8.46
N ARG A 30 33.12 6.17 -8.33
CA ARG A 30 32.95 4.85 -7.71
C ARG A 30 32.50 5.02 -6.26
N LEU A 31 33.10 5.99 -5.59
CA LEU A 31 32.80 6.28 -4.21
C LEU A 31 31.38 6.81 -4.03
N ARG A 32 30.89 7.61 -4.99
CA ARG A 32 29.51 8.17 -4.89
C ARG A 32 28.49 7.05 -4.92
N GLN A 33 28.70 6.11 -5.82
CA GLN A 33 27.82 4.96 -6.00
C GLN A 33 27.85 4.07 -4.75
N TYR A 34 29.03 3.90 -4.19
CA TYR A 34 29.19 3.10 -3.00
C TYR A 34 28.56 3.81 -1.79
N ALA A 35 28.66 5.11 -1.74
CA ALA A 35 28.12 5.88 -0.63
C ALA A 35 26.59 5.85 -0.62
N GLU A 36 26.01 6.32 -1.71
CA GLU A 36 24.56 6.47 -1.83
C GLU A 36 23.82 5.12 -1.89
N LYS A 37 24.28 4.23 -2.75
CA LYS A 37 23.59 2.95 -2.95
C LYS A 37 24.09 1.90 -1.99
N LYS A 38 25.25 2.17 -1.36
CA LYS A 38 25.95 1.22 -0.45
C LYS A 38 26.36 -0.03 -1.19
N ALA A 39 26.55 0.12 -2.52
CA ALA A 39 26.90 -0.95 -3.46
C ALA A 39 25.74 -1.93 -3.64
N LYS A 40 25.37 -2.59 -2.59
CA LYS A 40 24.30 -3.53 -2.59
C LYS A 40 23.36 -3.26 -1.43
N LYS A 41 22.09 -3.32 -1.68
CA LYS A 41 21.12 -3.20 -0.64
C LYS A 41 20.29 -4.48 -0.61
N PRO A 42 20.50 -5.35 0.39
CA PRO A 42 19.79 -6.63 0.50
C PRO A 42 18.27 -6.48 0.56
N ALA A 43 17.59 -7.45 0.02
CA ALA A 43 16.16 -7.46 0.00
C ALA A 43 15.67 -8.22 1.21
N LEU A 44 14.62 -7.75 1.81
CA LEU A 44 14.14 -8.35 3.03
C LEU A 44 12.82 -9.04 2.81
N VAL A 45 12.12 -8.56 1.80
CA VAL A 45 10.75 -8.94 1.49
C VAL A 45 9.86 -8.54 2.65
N ALA A 46 9.58 -7.28 2.69
CA ALA A 46 8.82 -6.69 3.76
C ALA A 46 7.42 -6.39 3.33
N LYS A 47 6.51 -6.47 4.27
CA LYS A 47 5.11 -6.27 4.02
C LYS A 47 4.61 -5.12 4.85
N SER A 48 3.97 -4.19 4.23
CA SER A 48 3.36 -3.09 4.93
C SER A 48 1.88 -3.07 4.60
N SER A 49 1.07 -2.76 5.55
CA SER A 49 -0.34 -2.72 5.36
C SER A 49 -0.83 -1.29 5.56
N ILE A 50 -1.53 -0.79 4.60
CA ILE A 50 -1.99 0.56 4.66
C ILE A 50 -3.50 0.55 4.55
N LEU A 51 -4.16 1.24 5.46
CA LEU A 51 -5.58 1.41 5.40
C LEU A 51 -5.83 2.75 4.76
N LEU A 52 -6.33 2.76 3.57
CA LEU A 52 -6.64 4.01 2.94
C LEU A 52 -8.09 4.30 3.05
N ASP A 53 -8.38 5.53 3.23
CA ASP A 53 -9.71 6.02 3.36
C ASP A 53 -10.07 6.68 2.06
N VAL A 54 -10.82 5.97 1.29
CA VAL A 54 -11.29 6.46 0.04
C VAL A 54 -12.59 7.17 0.32
N LYS A 55 -12.52 8.46 0.40
CA LYS A 55 -13.63 9.27 0.78
C LYS A 55 -14.38 9.73 -0.45
N PRO A 56 -15.64 9.32 -0.63
CA PRO A 56 -16.47 9.71 -1.78
C PRO A 56 -16.93 11.18 -1.69
N TRP A 57 -17.52 11.67 -2.78
CA TRP A 57 -18.01 13.05 -2.83
C TRP A 57 -19.41 13.16 -2.24
N ASP A 58 -20.24 12.20 -2.57
CA ASP A 58 -21.65 12.20 -2.18
C ASP A 58 -22.06 10.87 -1.61
N ASP A 59 -23.31 10.80 -1.18
CA ASP A 59 -23.94 9.55 -0.71
C ASP A 59 -24.21 8.69 -1.92
N GLU A 60 -24.40 9.38 -3.04
CA GLU A 60 -24.76 8.76 -4.29
C GLU A 60 -23.54 8.19 -5.01
N THR A 61 -22.35 8.54 -4.54
CA THR A 61 -21.14 8.01 -5.11
C THR A 61 -21.12 6.50 -4.85
N ASP A 62 -21.14 5.73 -5.93
CA ASP A 62 -21.23 4.29 -5.88
C ASP A 62 -20.02 3.68 -5.17
N MET A 63 -20.29 3.05 -4.05
CA MET A 63 -19.27 2.48 -3.20
C MET A 63 -18.55 1.31 -3.89
N ALA A 64 -19.29 0.57 -4.69
CA ALA A 64 -18.78 -0.60 -5.36
C ALA A 64 -17.75 -0.23 -6.41
N GLN A 65 -18.01 0.83 -7.18
CA GLN A 65 -17.09 1.27 -8.22
C GLN A 65 -15.80 1.77 -7.60
N LEU A 66 -15.89 2.42 -6.43
CA LEU A 66 -14.70 2.90 -5.70
C LEU A 66 -13.80 1.74 -5.31
N GLU A 67 -14.41 0.76 -4.67
CA GLU A 67 -13.72 -0.43 -4.23
C GLU A 67 -13.13 -1.19 -5.41
N ALA A 68 -13.94 -1.35 -6.46
CA ALA A 68 -13.54 -2.05 -7.68
C ALA A 68 -12.31 -1.42 -8.32
N CYS A 69 -12.29 -0.09 -8.39
CA CYS A 69 -11.15 0.62 -8.99
C CYS A 69 -9.86 0.37 -8.21
N VAL A 70 -9.93 0.43 -6.88
CA VAL A 70 -8.76 0.22 -6.04
C VAL A 70 -8.30 -1.25 -6.11
N ARG A 71 -9.25 -2.13 -6.28
CA ARG A 71 -8.97 -3.55 -6.39
C ARG A 71 -8.54 -3.95 -7.80
N SER A 72 -8.61 -3.02 -8.73
CA SER A 72 -8.22 -3.29 -10.09
C SER A 72 -6.73 -2.93 -10.31
N ILE A 73 -6.09 -2.36 -9.29
CA ILE A 73 -4.68 -1.96 -9.35
C ILE A 73 -3.77 -3.20 -9.53
N GLN A 74 -3.23 -3.37 -10.71
CA GLN A 74 -2.49 -4.57 -11.00
C GLN A 74 -1.00 -4.36 -10.84
N LEU A 75 -0.54 -4.65 -9.66
CA LEU A 75 0.87 -4.65 -9.36
C LEU A 75 1.20 -5.90 -8.59
N ASP A 76 2.25 -6.57 -8.97
CA ASP A 76 2.66 -7.74 -8.23
C ASP A 76 3.39 -7.36 -7.01
N GLY A 77 2.90 -7.84 -5.90
CA GLY A 77 3.39 -7.43 -4.62
C GLY A 77 2.41 -6.46 -3.99
N LEU A 78 1.29 -6.25 -4.67
CA LEU A 78 0.20 -5.47 -4.15
C LEU A 78 -0.93 -6.45 -3.87
N VAL A 79 -1.22 -6.68 -2.62
CA VAL A 79 -2.24 -7.62 -2.23
C VAL A 79 -3.33 -6.85 -1.48
N TRP A 80 -4.55 -7.29 -1.57
CA TRP A 80 -5.64 -6.62 -0.90
C TRP A 80 -6.03 -7.37 0.34
N GLY A 81 -6.57 -6.65 1.28
CA GLY A 81 -7.09 -7.21 2.47
C GLY A 81 -8.57 -6.94 2.54
N ALA A 82 -9.05 -6.54 3.69
CA ALA A 82 -10.46 -6.25 3.86
C ALA A 82 -10.82 -4.89 3.27
N SER A 83 -12.00 -4.82 2.70
CA SER A 83 -12.55 -3.58 2.20
C SER A 83 -13.79 -3.32 3.05
N LYS A 84 -13.95 -2.13 3.55
CA LYS A 84 -15.09 -1.85 4.40
C LYS A 84 -15.61 -0.45 4.21
N LEU A 85 -16.90 -0.32 4.18
CA LEU A 85 -17.55 0.97 4.08
C LEU A 85 -17.94 1.43 5.47
N VAL A 86 -17.28 2.46 5.96
CA VAL A 86 -17.51 2.95 7.31
C VAL A 86 -17.94 4.42 7.26
N PRO A 87 -19.07 4.79 7.92
CA PRO A 87 -19.54 6.18 7.98
C PRO A 87 -18.54 7.12 8.66
N VAL A 88 -18.24 8.22 8.00
CA VAL A 88 -17.36 9.25 8.56
C VAL A 88 -18.02 10.60 8.58
N GLY A 89 -18.85 10.85 7.59
CA GLY A 89 -19.56 12.07 7.53
C GLY A 89 -21.01 11.83 7.75
N TYR A 90 -21.81 12.83 7.51
CA TYR A 90 -23.23 12.73 7.63
C TYR A 90 -23.78 12.09 6.38
N GLY A 91 -23.95 10.79 6.44
CA GLY A 91 -24.46 10.04 5.34
C GLY A 91 -23.35 9.36 4.55
N ILE A 92 -22.23 10.05 4.39
CA ILE A 92 -21.12 9.55 3.62
C ILE A 92 -20.30 8.49 4.36
N ARG A 93 -20.25 7.35 3.75
CA ARG A 93 -19.43 6.25 4.19
C ARG A 93 -18.20 6.28 3.34
N LYS A 94 -17.08 5.92 3.89
CA LYS A 94 -15.86 5.86 3.13
C LYS A 94 -15.49 4.43 2.86
N LEU A 95 -14.82 4.19 1.79
CA LEU A 95 -14.33 2.89 1.49
C LEU A 95 -12.94 2.79 2.06
N GLN A 96 -12.80 2.05 3.11
CA GLN A 96 -11.54 1.86 3.73
C GLN A 96 -10.99 0.56 3.23
N ILE A 97 -9.89 0.66 2.58
CA ILE A 97 -9.29 -0.47 1.94
C ILE A 97 -7.96 -0.81 2.59
N GLN A 98 -7.82 -2.05 2.95
CA GLN A 98 -6.59 -2.54 3.49
C GLN A 98 -5.78 -3.12 2.34
N CYS A 99 -4.59 -2.67 2.20
CA CYS A 99 -3.71 -3.19 1.20
C CYS A 99 -2.44 -3.65 1.88
N VAL A 100 -1.78 -4.57 1.26
CA VAL A 100 -0.51 -5.07 1.73
C VAL A 100 0.47 -4.93 0.59
N VAL A 101 1.54 -4.24 0.82
CA VAL A 101 2.54 -4.04 -0.18
C VAL A 101 3.80 -4.76 0.18
N GLU A 102 4.40 -5.33 -0.80
CA GLU A 102 5.67 -5.94 -0.67
C GLU A 102 6.63 -4.88 -1.12
N ASP A 103 7.20 -4.15 -0.16
CA ASP A 103 8.07 -2.97 -0.40
C ASP A 103 9.24 -3.24 -1.32
N ASP A 104 9.63 -4.48 -1.39
CA ASP A 104 10.74 -4.92 -2.21
C ASP A 104 10.38 -4.91 -3.70
N LYS A 105 9.11 -4.73 -4.00
CA LYS A 105 8.64 -4.59 -5.37
C LYS A 105 7.80 -3.33 -5.52
N VAL A 106 6.77 -3.23 -4.69
CA VAL A 106 5.78 -2.19 -4.78
C VAL A 106 5.72 -1.39 -3.50
N GLY A 107 5.94 -0.11 -3.60
CA GLY A 107 5.76 0.76 -2.47
C GLY A 107 4.38 1.39 -2.55
N THR A 108 4.06 2.24 -1.60
CA THR A 108 2.77 2.92 -1.54
C THR A 108 2.57 3.84 -2.76
N ASP A 109 3.71 4.26 -3.35
CA ASP A 109 3.80 5.16 -4.51
C ASP A 109 2.79 4.81 -5.58
N LEU A 110 2.78 3.53 -5.95
CA LEU A 110 1.95 3.00 -7.01
C LEU A 110 0.46 3.15 -6.69
N LEU A 111 0.08 2.72 -5.49
CA LEU A 111 -1.32 2.71 -5.09
C LEU A 111 -1.85 4.14 -4.90
N GLU A 112 -0.98 5.01 -4.37
CA GLU A 112 -1.31 6.41 -4.15
C GLU A 112 -1.62 7.10 -5.46
N GLU A 113 -0.78 6.85 -6.48
CA GLU A 113 -0.96 7.45 -7.80
C GLU A 113 -2.27 7.00 -8.43
N GLU A 114 -2.57 5.71 -8.31
CA GLU A 114 -3.80 5.18 -8.88
C GLU A 114 -5.04 5.80 -8.27
N ILE A 115 -5.11 5.83 -6.94
CA ILE A 115 -6.28 6.34 -6.25
C ILE A 115 -6.44 7.88 -6.42
N THR A 116 -5.33 8.59 -6.53
CA THR A 116 -5.39 10.02 -6.76
C THR A 116 -5.91 10.35 -8.18
N LYS A 117 -5.84 9.38 -9.08
CA LYS A 117 -6.43 9.53 -10.41
C LYS A 117 -7.90 9.16 -10.39
N PHE A 118 -8.30 8.40 -9.38
CA PHE A 118 -9.69 8.01 -9.19
C PHE A 118 -10.49 9.16 -8.59
N GLU A 119 -9.76 10.19 -8.11
CA GLU A 119 -10.33 11.44 -7.49
C GLU A 119 -11.50 12.15 -8.24
N GLU A 120 -11.84 11.73 -9.45
CA GLU A 120 -13.04 12.21 -10.10
C GLU A 120 -14.30 11.71 -9.34
N HIS A 121 -14.18 10.54 -8.69
CA HIS A 121 -15.30 9.99 -7.89
C HIS A 121 -14.87 9.86 -6.42
N VAL A 122 -13.66 10.26 -6.13
CA VAL A 122 -13.13 10.23 -4.78
C VAL A 122 -12.82 11.67 -4.38
N GLN A 123 -13.43 12.12 -3.31
CA GLN A 123 -13.30 13.50 -2.85
C GLN A 123 -11.90 13.78 -2.33
N SER A 124 -11.38 12.85 -1.59
CA SER A 124 -10.09 12.99 -1.01
C SER A 124 -9.59 11.62 -0.61
N VAL A 125 -8.30 11.44 -0.59
CA VAL A 125 -7.71 10.19 -0.21
C VAL A 125 -7.02 10.41 1.12
N ASP A 126 -7.51 9.79 2.14
CA ASP A 126 -6.94 9.92 3.47
C ASP A 126 -6.26 8.64 3.87
N ILE A 127 -5.36 8.73 4.81
CA ILE A 127 -4.71 7.55 5.32
C ILE A 127 -5.28 7.26 6.68
N ALA A 128 -5.95 6.14 6.80
CA ALA A 128 -6.62 5.78 8.02
C ALA A 128 -5.64 5.22 9.04
N ALA A 129 -4.70 4.41 8.58
CA ALA A 129 -3.68 3.84 9.43
C ALA A 129 -2.58 3.24 8.59
N PHE A 130 -1.37 3.38 9.04
CA PHE A 130 -0.24 2.80 8.36
C PHE A 130 0.43 1.84 9.33
N ASN A 131 0.40 0.57 9.02
CA ASN A 131 0.98 -0.44 9.88
C ASN A 131 1.90 -1.31 9.10
N LYS A 132 3.04 -1.58 9.64
CA LYS A 132 3.93 -2.50 8.99
C LYS A 132 3.80 -3.84 9.63
N ILE A 133 3.81 -4.88 8.85
CA ILE A 133 3.63 -6.20 9.37
C ILE A 133 4.89 -7.02 9.17
N GLY A 1 27.39 -53.34 -54.17
CA GLY A 1 26.20 -53.66 -53.37
C GLY A 1 26.56 -53.77 -51.91
N PRO A 2 26.17 -54.87 -51.21
CA PRO A 2 26.55 -55.10 -49.82
C PRO A 2 28.05 -55.33 -49.68
N GLY A 3 28.72 -54.30 -49.28
CA GLY A 3 30.15 -54.31 -49.16
C GLY A 3 30.68 -52.95 -49.49
N SER A 4 30.13 -51.97 -48.84
CA SER A 4 30.50 -50.62 -49.03
C SER A 4 31.01 -50.10 -47.68
N GLU A 5 31.34 -48.86 -47.61
CA GLU A 5 31.84 -48.31 -46.38
C GLU A 5 30.67 -47.72 -45.63
N ASP A 6 30.71 -47.75 -44.31
CA ASP A 6 29.67 -47.14 -43.50
C ASP A 6 29.85 -45.62 -43.43
N ASP A 7 29.51 -44.98 -44.56
CA ASP A 7 29.60 -43.53 -44.80
C ASP A 7 31.08 -43.10 -44.78
N ASP A 8 31.33 -41.83 -44.86
CA ASP A 8 32.65 -41.30 -44.81
C ASP A 8 32.87 -40.68 -43.44
N ILE A 9 32.02 -39.72 -43.14
CA ILE A 9 31.97 -39.05 -41.87
C ILE A 9 30.51 -39.08 -41.41
N ASP A 10 30.24 -39.87 -40.40
CA ASP A 10 28.87 -40.07 -39.92
C ASP A 10 28.32 -38.81 -39.27
N LEU A 11 27.27 -38.29 -39.84
CA LEU A 11 26.64 -37.08 -39.37
C LEU A 11 25.14 -37.27 -39.36
N PHE A 12 24.47 -36.43 -38.61
CA PHE A 12 23.03 -36.36 -38.59
C PHE A 12 22.60 -35.36 -39.65
N GLY A 13 23.39 -34.30 -39.78
CA GLY A 13 23.11 -33.25 -40.73
C GLY A 13 22.08 -32.31 -40.19
N SER A 14 20.85 -32.60 -40.47
CA SER A 14 19.72 -31.89 -39.96
C SER A 14 18.56 -32.86 -39.83
N ASP A 15 18.66 -33.71 -38.84
CA ASP A 15 17.70 -34.77 -38.63
C ASP A 15 17.14 -34.76 -37.22
N ASN A 16 18.01 -34.82 -36.23
CA ASN A 16 17.61 -34.82 -34.82
C ASN A 16 18.62 -34.09 -33.97
N GLU A 17 18.18 -33.00 -33.37
CA GLU A 17 19.00 -32.22 -32.46
C GLU A 17 18.07 -31.53 -31.48
N GLU A 18 18.49 -31.44 -30.22
CA GLU A 18 17.74 -30.85 -29.10
C GLU A 18 16.49 -31.64 -28.69
N GLU A 19 15.48 -31.57 -29.55
CA GLU A 19 14.14 -32.16 -29.38
C GLU A 19 13.24 -31.31 -28.47
N ASP A 20 12.04 -31.10 -28.98
CA ASP A 20 10.99 -30.27 -28.40
C ASP A 20 11.50 -28.86 -28.17
N LYS A 21 11.45 -28.11 -29.23
CA LYS A 21 11.95 -26.74 -29.27
C LYS A 21 10.98 -25.82 -28.50
N GLU A 22 9.75 -26.30 -28.34
CA GLU A 22 8.69 -25.58 -27.64
C GLU A 22 8.99 -25.48 -26.16
N ALA A 23 9.35 -26.60 -25.55
CA ALA A 23 9.69 -26.63 -24.12
C ALA A 23 10.84 -25.71 -23.83
N ALA A 24 11.81 -25.68 -24.74
CA ALA A 24 12.99 -24.85 -24.61
C ALA A 24 12.63 -23.37 -24.54
N GLN A 25 11.74 -22.90 -25.43
CA GLN A 25 11.34 -21.49 -25.40
C GLN A 25 10.52 -21.18 -24.15
N LEU A 26 9.71 -22.15 -23.71
CA LEU A 26 8.90 -22.03 -22.50
C LEU A 26 9.77 -21.88 -21.26
N ARG A 27 10.89 -22.60 -21.24
CA ARG A 27 11.83 -22.53 -20.12
C ARG A 27 12.51 -21.17 -20.08
N GLU A 28 12.70 -20.58 -21.25
CA GLU A 28 13.29 -19.28 -21.31
C GLU A 28 12.33 -18.20 -20.89
N GLU A 29 11.21 -18.08 -21.62
CA GLU A 29 10.22 -17.03 -21.35
C GLU A 29 9.69 -17.04 -19.93
N ARG A 30 9.34 -18.22 -19.43
CA ARG A 30 8.80 -18.34 -18.09
C ARG A 30 9.80 -17.95 -17.05
N LEU A 31 11.01 -18.47 -17.13
CA LEU A 31 12.01 -18.21 -16.10
C LEU A 31 12.58 -16.79 -16.11
N ARG A 32 12.62 -16.14 -17.27
CA ARG A 32 13.10 -14.76 -17.32
C ARG A 32 12.06 -13.85 -16.70
N GLN A 33 10.82 -14.04 -17.11
CA GLN A 33 9.72 -13.25 -16.60
C GLN A 33 9.47 -13.53 -15.12
N TYR A 34 9.69 -14.80 -14.72
CA TYR A 34 9.55 -15.26 -13.33
C TYR A 34 10.55 -14.53 -12.44
N ALA A 35 11.74 -14.28 -13.00
CA ALA A 35 12.79 -13.58 -12.29
C ALA A 35 12.35 -12.16 -11.97
N GLU A 36 11.61 -11.55 -12.87
CA GLU A 36 11.04 -10.22 -12.61
C GLU A 36 9.80 -10.30 -11.72
N LYS A 37 9.08 -11.43 -11.78
CA LYS A 37 7.88 -11.63 -10.94
C LYS A 37 8.25 -11.70 -9.48
N LYS A 38 9.36 -12.36 -9.18
CA LYS A 38 9.86 -12.40 -7.84
C LYS A 38 10.66 -11.14 -7.54
N ALA A 39 11.55 -10.78 -8.50
CA ALA A 39 12.42 -9.58 -8.46
C ALA A 39 13.54 -9.69 -7.41
N LYS A 40 13.19 -10.08 -6.23
CA LYS A 40 14.05 -10.21 -5.11
C LYS A 40 13.56 -11.45 -4.35
N LYS A 41 14.48 -12.26 -3.85
CA LYS A 41 14.13 -13.43 -3.05
C LYS A 41 14.33 -13.11 -1.57
N PRO A 42 13.26 -12.72 -0.85
CA PRO A 42 13.36 -12.29 0.53
C PRO A 42 13.28 -13.43 1.54
N ALA A 43 13.71 -13.13 2.74
CA ALA A 43 13.54 -14.03 3.86
C ALA A 43 12.21 -13.68 4.48
N LEU A 44 11.14 -14.20 3.86
CA LEU A 44 9.74 -13.82 4.12
C LEU A 44 9.48 -12.42 3.55
N VAL A 45 8.42 -12.29 2.81
CA VAL A 45 8.16 -11.04 2.14
C VAL A 45 7.61 -10.02 3.13
N ALA A 46 8.27 -8.88 3.18
CA ALA A 46 7.86 -7.80 4.01
C ALA A 46 6.66 -7.14 3.36
N LYS A 47 5.66 -6.85 4.14
CA LYS A 47 4.43 -6.31 3.60
C LYS A 47 4.03 -5.08 4.40
N SER A 48 3.37 -4.17 3.77
CA SER A 48 2.87 -3.00 4.43
C SER A 48 1.37 -2.91 4.24
N SER A 49 0.67 -2.78 5.33
CA SER A 49 -0.76 -2.64 5.32
C SER A 49 -1.11 -1.17 5.42
N ILE A 50 -1.68 -0.64 4.37
CA ILE A 50 -2.06 0.74 4.36
C ILE A 50 -3.56 0.80 4.26
N LEU A 51 -4.16 1.45 5.21
CA LEU A 51 -5.59 1.61 5.23
C LEU A 51 -5.92 2.94 4.60
N LEU A 52 -6.50 2.93 3.43
CA LEU A 52 -6.88 4.16 2.79
C LEU A 52 -8.34 4.42 2.98
N ASP A 53 -8.61 5.60 3.36
CA ASP A 53 -9.95 6.04 3.63
C ASP A 53 -10.46 6.76 2.41
N VAL A 54 -11.30 6.08 1.69
CA VAL A 54 -11.86 6.52 0.45
C VAL A 54 -13.20 7.20 0.69
N LYS A 55 -13.17 8.50 0.64
CA LYS A 55 -14.35 9.30 0.82
C LYS A 55 -15.02 9.47 -0.55
N PRO A 56 -16.27 9.04 -0.73
CA PRO A 56 -16.99 9.22 -1.98
C PRO A 56 -17.59 10.64 -2.08
N TRP A 57 -18.02 11.03 -3.27
CA TRP A 57 -18.61 12.35 -3.49
C TRP A 57 -20.02 12.45 -2.94
N ASP A 58 -20.82 11.46 -3.22
CA ASP A 58 -22.22 11.46 -2.81
C ASP A 58 -22.59 10.01 -2.57
N ASP A 59 -23.77 9.75 -2.01
CA ASP A 59 -24.28 8.37 -1.84
C ASP A 59 -24.44 7.71 -3.18
N GLU A 60 -24.80 8.54 -4.17
CA GLU A 60 -25.00 8.10 -5.53
C GLU A 60 -23.71 7.64 -6.19
N THR A 61 -22.57 8.04 -5.63
CA THR A 61 -21.30 7.59 -6.11
C THR A 61 -21.13 6.15 -5.63
N ASP A 62 -21.06 5.23 -6.56
CA ASP A 62 -21.04 3.81 -6.23
C ASP A 62 -19.76 3.39 -5.53
N MET A 63 -19.88 3.10 -4.26
CA MET A 63 -18.76 2.70 -3.42
C MET A 63 -18.09 1.42 -3.90
N ALA A 64 -18.87 0.52 -4.47
CA ALA A 64 -18.36 -0.74 -4.96
C ALA A 64 -17.38 -0.54 -6.12
N GLN A 65 -17.70 0.36 -7.03
CA GLN A 65 -16.81 0.63 -8.15
C GLN A 65 -15.57 1.41 -7.71
N LEU A 66 -15.71 2.27 -6.69
CA LEU A 66 -14.52 2.97 -6.12
C LEU A 66 -13.53 1.96 -5.58
N GLU A 67 -14.07 0.99 -4.86
CA GLU A 67 -13.29 -0.10 -4.30
C GLU A 67 -12.68 -0.94 -5.43
N ALA A 68 -13.47 -1.18 -6.48
CA ALA A 68 -13.05 -1.95 -7.65
C ALA A 68 -11.88 -1.29 -8.37
N CYS A 69 -11.86 0.04 -8.39
CA CYS A 69 -10.74 0.79 -8.98
C CYS A 69 -9.45 0.49 -8.22
N VAL A 70 -9.53 0.45 -6.89
CA VAL A 70 -8.37 0.11 -6.04
C VAL A 70 -7.93 -1.33 -6.34
N ARG A 71 -8.89 -2.17 -6.63
CA ARG A 71 -8.66 -3.58 -6.96
C ARG A 71 -8.11 -3.75 -8.40
N SER A 72 -8.08 -2.68 -9.16
CA SER A 72 -7.61 -2.70 -10.53
C SER A 72 -6.12 -2.32 -10.64
N ILE A 73 -5.49 -1.99 -9.50
CA ILE A 73 -4.07 -1.65 -9.49
C ILE A 73 -3.27 -2.92 -9.81
N GLN A 74 -2.49 -2.89 -10.86
CA GLN A 74 -1.80 -4.06 -11.31
C GLN A 74 -0.29 -3.94 -11.19
N LEU A 75 0.22 -4.45 -10.10
CA LEU A 75 1.64 -4.57 -9.84
C LEU A 75 1.87 -5.90 -9.16
N ASP A 76 3.02 -6.51 -9.42
CA ASP A 76 3.37 -7.76 -8.76
C ASP A 76 3.76 -7.47 -7.35
N GLY A 77 2.97 -7.93 -6.43
CA GLY A 77 3.20 -7.63 -5.05
C GLY A 77 2.26 -6.57 -4.51
N LEU A 78 1.19 -6.32 -5.25
CA LEU A 78 0.13 -5.47 -4.77
C LEU A 78 -1.00 -6.40 -4.34
N VAL A 79 -1.22 -6.47 -3.06
CA VAL A 79 -2.20 -7.36 -2.47
C VAL A 79 -3.32 -6.53 -1.85
N TRP A 80 -4.51 -7.06 -1.81
CA TRP A 80 -5.64 -6.38 -1.22
C TRP A 80 -6.07 -7.16 0.00
N GLY A 81 -6.65 -6.48 0.95
CA GLY A 81 -7.13 -7.14 2.14
C GLY A 81 -8.57 -6.83 2.39
N ALA A 82 -8.90 -6.70 3.66
CA ALA A 82 -10.24 -6.34 4.11
C ALA A 82 -10.65 -4.93 3.69
N SER A 83 -11.93 -4.72 3.64
CA SER A 83 -12.52 -3.47 3.28
C SER A 83 -13.74 -3.26 4.15
N LYS A 84 -13.91 -2.07 4.69
CA LYS A 84 -15.03 -1.80 5.58
C LYS A 84 -15.62 -0.43 5.28
N LEU A 85 -16.91 -0.30 5.38
CA LEU A 85 -17.57 0.96 5.11
C LEU A 85 -18.02 1.59 6.41
N VAL A 86 -17.51 2.75 6.69
CA VAL A 86 -17.80 3.43 7.94
C VAL A 86 -18.73 4.62 7.69
N PRO A 87 -20.00 4.55 8.15
CA PRO A 87 -20.91 5.69 8.06
C PRO A 87 -20.44 6.80 9.00
N VAL A 88 -20.24 7.98 8.45
CA VAL A 88 -19.74 9.11 9.22
C VAL A 88 -20.53 10.36 8.97
N GLY A 89 -21.27 10.39 7.90
CA GLY A 89 -22.05 11.53 7.58
C GLY A 89 -23.48 11.18 7.50
N TYR A 90 -24.30 12.14 7.18
CA TYR A 90 -25.71 11.88 7.03
C TYR A 90 -25.96 11.38 5.62
N GLY A 91 -25.78 10.09 5.50
CA GLY A 91 -25.89 9.43 4.26
C GLY A 91 -24.55 8.85 3.87
N ILE A 92 -23.60 9.72 3.58
CA ILE A 92 -22.29 9.31 3.11
C ILE A 92 -21.49 8.49 4.12
N ARG A 93 -21.01 7.39 3.62
CA ARG A 93 -20.21 6.44 4.34
C ARG A 93 -18.87 6.43 3.64
N LYS A 94 -17.79 6.32 4.34
CA LYS A 94 -16.50 6.29 3.69
C LYS A 94 -15.86 4.93 3.81
N LEU A 95 -15.37 4.47 2.70
CA LEU A 95 -14.85 3.14 2.53
C LEU A 95 -13.37 3.09 2.94
N GLN A 96 -13.06 2.25 3.88
CA GLN A 96 -11.69 2.06 4.28
C GLN A 96 -11.21 0.75 3.69
N ILE A 97 -10.24 0.83 2.84
CA ILE A 97 -9.71 -0.32 2.14
C ILE A 97 -8.28 -0.60 2.58
N GLN A 98 -8.02 -1.84 2.90
CA GLN A 98 -6.70 -2.26 3.26
C GLN A 98 -6.01 -2.74 2.01
N CYS A 99 -4.91 -2.14 1.71
CA CYS A 99 -4.10 -2.58 0.64
C CYS A 99 -2.77 -2.94 1.23
N VAL A 100 -2.22 -4.00 0.76
CA VAL A 100 -1.00 -4.51 1.28
C VAL A 100 0.02 -4.54 0.17
N VAL A 101 1.15 -3.94 0.40
CA VAL A 101 2.19 -3.95 -0.58
C VAL A 101 3.33 -4.76 -0.09
N GLU A 102 3.89 -5.49 -0.97
CA GLU A 102 5.06 -6.25 -0.70
C GLU A 102 6.24 -5.33 -0.81
N ASP A 103 6.81 -4.91 0.34
CA ASP A 103 7.97 -3.96 0.41
C ASP A 103 9.11 -4.41 -0.46
N ASP A 104 9.28 -5.71 -0.56
CA ASP A 104 10.34 -6.34 -1.35
C ASP A 104 10.10 -6.22 -2.87
N LYS A 105 8.90 -5.79 -3.27
CA LYS A 105 8.56 -5.63 -4.70
C LYS A 105 7.97 -4.24 -4.99
N VAL A 106 6.92 -3.90 -4.27
CA VAL A 106 6.12 -2.71 -4.53
C VAL A 106 6.09 -1.77 -3.33
N GLY A 107 6.27 -0.49 -3.58
CA GLY A 107 6.17 0.50 -2.56
C GLY A 107 4.82 1.21 -2.60
N THR A 108 4.60 2.08 -1.65
CA THR A 108 3.38 2.83 -1.50
C THR A 108 3.16 3.87 -2.61
N ASP A 109 4.26 4.36 -3.19
CA ASP A 109 4.22 5.37 -4.28
C ASP A 109 3.39 4.90 -5.46
N LEU A 110 3.38 3.60 -5.68
CA LEU A 110 2.64 2.99 -6.78
C LEU A 110 1.13 3.11 -6.55
N LEU A 111 0.69 2.83 -5.33
CA LEU A 111 -0.74 2.84 -5.02
C LEU A 111 -1.27 4.26 -4.86
N GLU A 112 -0.46 5.12 -4.23
CA GLU A 112 -0.85 6.52 -3.99
C GLU A 112 -1.11 7.24 -5.30
N GLU A 113 -0.26 6.96 -6.27
CA GLU A 113 -0.36 7.54 -7.59
C GLU A 113 -1.64 7.10 -8.31
N GLU A 114 -1.93 5.81 -8.25
CA GLU A 114 -3.11 5.25 -8.89
C GLU A 114 -4.39 5.78 -8.26
N ILE A 115 -4.45 5.77 -6.94
CA ILE A 115 -5.65 6.16 -6.20
C ILE A 115 -5.95 7.67 -6.30
N THR A 116 -4.93 8.49 -6.41
CA THR A 116 -5.14 9.92 -6.59
C THR A 116 -5.68 10.22 -8.02
N LYS A 117 -5.46 9.28 -8.94
CA LYS A 117 -6.07 9.33 -10.27
C LYS A 117 -7.50 8.75 -10.23
N PHE A 118 -7.81 8.04 -9.16
CA PHE A 118 -9.16 7.50 -8.97
C PHE A 118 -10.08 8.58 -8.40
N GLU A 119 -9.46 9.70 -7.97
CA GLU A 119 -10.17 10.93 -7.50
C GLU A 119 -11.21 11.51 -8.50
N GLU A 120 -11.28 10.94 -9.69
CA GLU A 120 -12.36 11.22 -10.61
C GLU A 120 -13.72 10.79 -9.98
N HIS A 121 -13.69 9.72 -9.18
CA HIS A 121 -14.89 9.25 -8.47
C HIS A 121 -14.68 9.28 -6.95
N VAL A 122 -13.44 9.37 -6.54
CA VAL A 122 -13.10 9.47 -5.13
C VAL A 122 -13.00 10.96 -4.77
N GLN A 123 -13.54 11.36 -3.64
CA GLN A 123 -13.51 12.77 -3.26
C GLN A 123 -12.20 13.11 -2.59
N SER A 124 -11.75 12.26 -1.71
CA SER A 124 -10.53 12.49 -1.00
C SER A 124 -9.85 11.16 -0.69
N VAL A 125 -8.54 11.17 -0.72
CA VAL A 125 -7.76 10.00 -0.39
C VAL A 125 -7.03 10.28 0.90
N ASP A 126 -7.38 9.56 1.94
CA ASP A 126 -6.73 9.75 3.24
C ASP A 126 -6.05 8.50 3.69
N ILE A 127 -4.97 8.67 4.39
CA ILE A 127 -4.27 7.54 4.96
C ILE A 127 -4.81 7.37 6.37
N ALA A 128 -5.59 6.34 6.57
CA ALA A 128 -6.21 6.08 7.86
C ALA A 128 -5.23 5.45 8.81
N ALA A 129 -4.41 4.55 8.30
CA ALA A 129 -3.42 3.88 9.09
C ALA A 129 -2.35 3.27 8.20
N PHE A 130 -1.16 3.17 8.73
CA PHE A 130 -0.05 2.56 8.05
C PHE A 130 0.63 1.62 9.04
N ASN A 131 0.48 0.34 8.83
CA ASN A 131 1.06 -0.67 9.71
C ASN A 131 1.77 -1.66 8.87
N LYS A 132 3.04 -1.82 9.03
CA LYS A 132 3.71 -2.80 8.23
C LYS A 132 3.91 -4.10 8.95
N ILE A 133 3.78 -5.15 8.18
CA ILE A 133 3.73 -6.50 8.64
C ILE A 133 4.74 -7.38 7.89
N GLY A 1 40.39 6.50 66.79
CA GLY A 1 40.16 7.67 67.62
C GLY A 1 38.87 8.37 67.25
N PRO A 2 38.58 9.52 67.89
CA PRO A 2 37.34 10.27 67.64
C PRO A 2 37.30 10.89 66.23
N GLY A 3 36.36 10.42 65.44
CA GLY A 3 36.18 10.95 64.10
C GLY A 3 36.24 9.88 63.05
N SER A 4 36.67 8.68 63.46
CA SER A 4 36.81 7.50 62.59
C SER A 4 37.81 7.74 61.45
N GLU A 5 39.10 7.60 61.77
CA GLU A 5 40.18 7.78 60.78
C GLU A 5 40.04 6.71 59.71
N ASP A 6 40.00 5.49 60.16
CA ASP A 6 39.84 4.35 59.32
C ASP A 6 38.37 4.00 59.24
N ASP A 7 37.82 4.24 58.11
CA ASP A 7 36.43 3.98 57.84
C ASP A 7 36.32 3.44 56.46
N ASP A 8 36.43 2.15 56.34
CA ASP A 8 36.39 1.51 55.05
C ASP A 8 35.05 0.88 54.81
N ILE A 9 34.34 1.44 53.88
CA ILE A 9 33.00 0.99 53.54
C ILE A 9 33.03 0.43 52.11
N ASP A 10 32.34 -0.65 51.86
CA ASP A 10 32.26 -1.20 50.51
C ASP A 10 31.04 -0.62 49.80
N LEU A 11 31.28 0.09 48.71
CA LEU A 11 30.20 0.73 47.98
C LEU A 11 30.07 0.15 46.60
N PHE A 12 28.84 -0.01 46.18
CA PHE A 12 28.51 -0.42 44.84
C PHE A 12 27.47 0.52 44.32
N GLY A 13 27.87 1.36 43.40
CA GLY A 13 26.97 2.34 42.87
C GLY A 13 27.34 2.71 41.46
N SER A 14 26.49 3.47 40.84
CA SER A 14 26.70 3.91 39.50
C SER A 14 27.11 5.38 39.51
N ASP A 15 28.37 5.65 39.36
CA ASP A 15 28.85 7.02 39.33
C ASP A 15 28.79 7.55 37.92
N ASN A 16 27.63 8.04 37.57
CA ASN A 16 27.36 8.62 36.28
C ASN A 16 26.67 9.93 36.52
N GLU A 17 26.67 10.81 35.54
CA GLU A 17 25.91 12.03 35.66
C GLU A 17 24.42 11.70 35.48
N GLU A 18 23.54 12.63 35.75
CA GLU A 18 22.13 12.33 35.68
C GLU A 18 21.50 12.90 34.42
N GLU A 19 21.47 14.23 34.32
CA GLU A 19 20.68 14.96 33.32
C GLU A 19 20.75 14.43 31.87
N ASP A 20 21.84 14.69 31.19
CA ASP A 20 21.94 14.29 29.79
C ASP A 20 22.58 12.92 29.67
N LYS A 21 23.17 12.44 30.75
CA LYS A 21 23.80 11.12 30.73
C LYS A 21 22.76 10.01 30.68
N GLU A 22 21.75 10.10 31.55
CA GLU A 22 20.66 9.12 31.56
C GLU A 22 19.88 9.20 30.27
N ALA A 23 19.69 10.42 29.80
CA ALA A 23 18.98 10.69 28.58
C ALA A 23 19.68 10.06 27.38
N ALA A 24 20.99 10.28 27.28
CA ALA A 24 21.80 9.77 26.17
C ALA A 24 21.78 8.26 26.12
N GLN A 25 21.82 7.61 27.28
CA GLN A 25 21.79 6.15 27.36
C GLN A 25 20.47 5.61 26.85
N LEU A 26 19.38 6.21 27.31
CA LEU A 26 18.03 5.76 26.94
C LEU A 26 17.75 5.97 25.45
N ARG A 27 18.18 7.12 24.92
CA ARG A 27 17.98 7.43 23.50
C ARG A 27 18.76 6.47 22.61
N GLU A 28 20.00 6.21 23.01
CA GLU A 28 20.91 5.34 22.27
C GLU A 28 20.32 3.93 22.19
N GLU A 29 19.80 3.44 23.32
CA GLU A 29 19.17 2.14 23.35
C GLU A 29 17.92 2.11 22.50
N ARG A 30 17.08 3.14 22.62
CA ARG A 30 15.82 3.22 21.88
C ARG A 30 16.04 3.12 20.37
N LEU A 31 16.97 3.91 19.87
CA LEU A 31 17.25 3.91 18.44
C LEU A 31 17.96 2.66 17.95
N ARG A 32 18.76 2.03 18.79
CA ARG A 32 19.37 0.75 18.40
C ARG A 32 18.32 -0.36 18.36
N GLN A 33 17.40 -0.33 19.31
CA GLN A 33 16.29 -1.27 19.35
C GLN A 33 15.33 -1.00 18.19
N TYR A 34 15.24 0.26 17.80
CA TYR A 34 14.41 0.70 16.68
C TYR A 34 14.95 0.08 15.39
N ALA A 35 16.27 0.07 15.27
CA ALA A 35 16.96 -0.48 14.11
C ALA A 35 16.76 -2.00 14.03
N GLU A 36 16.47 -2.61 15.16
CA GLU A 36 16.16 -4.01 15.23
C GLU A 36 14.71 -4.28 14.84
N LYS A 37 13.80 -3.55 15.46
CA LYS A 37 12.35 -3.75 15.27
C LYS A 37 11.86 -3.40 13.87
N LYS A 38 12.49 -2.42 13.23
CA LYS A 38 12.04 -1.97 11.92
C LYS A 38 12.17 -3.06 10.83
N ALA A 39 11.05 -3.26 10.13
CA ALA A 39 10.87 -4.20 9.02
C ALA A 39 10.84 -5.67 9.47
N LYS A 40 11.99 -6.19 9.87
CA LYS A 40 12.17 -7.60 10.25
C LYS A 40 11.83 -8.56 9.11
N LYS A 41 12.81 -8.80 8.30
CA LYS A 41 12.67 -9.71 7.21
C LYS A 41 13.23 -11.09 7.59
N PRO A 42 12.38 -12.15 7.63
CA PRO A 42 12.84 -13.53 7.94
C PRO A 42 13.64 -14.11 6.77
N ALA A 43 13.42 -13.50 5.65
CA ALA A 43 14.00 -13.76 4.38
C ALA A 43 13.66 -12.52 3.61
N LEU A 44 14.00 -12.42 2.35
CA LEU A 44 13.60 -11.24 1.60
C LEU A 44 12.07 -11.22 1.41
N VAL A 45 11.53 -10.06 1.02
CA VAL A 45 10.08 -9.81 0.91
C VAL A 45 9.47 -9.45 2.28
N ALA A 46 9.23 -8.15 2.49
CA ALA A 46 8.57 -7.63 3.70
C ALA A 46 7.16 -7.17 3.35
N LYS A 47 6.30 -7.14 4.35
CA LYS A 47 4.90 -6.78 4.16
C LYS A 47 4.57 -5.48 4.90
N SER A 48 3.82 -4.62 4.25
CA SER A 48 3.30 -3.42 4.88
C SER A 48 1.79 -3.31 4.64
N SER A 49 1.04 -2.99 5.67
CA SER A 49 -0.40 -2.89 5.59
C SER A 49 -0.82 -1.42 5.71
N ILE A 50 -1.44 -0.92 4.67
CA ILE A 50 -1.87 0.45 4.64
C ILE A 50 -3.38 0.50 4.52
N LEU A 51 -4.00 1.25 5.37
CA LEU A 51 -5.43 1.45 5.34
C LEU A 51 -5.71 2.81 4.74
N LEU A 52 -6.48 2.85 3.70
CA LEU A 52 -6.87 4.11 3.11
C LEU A 52 -8.36 4.24 3.23
N ASP A 53 -8.82 5.37 3.68
CA ASP A 53 -10.23 5.61 3.78
C ASP A 53 -10.66 6.59 2.72
N VAL A 54 -11.33 6.04 1.77
CA VAL A 54 -11.71 6.71 0.54
C VAL A 54 -13.06 7.41 0.70
N LYS A 55 -13.12 8.65 0.29
CA LYS A 55 -14.32 9.44 0.36
C LYS A 55 -14.99 9.46 -1.01
N PRO A 56 -16.30 9.20 -1.08
CA PRO A 56 -17.07 9.39 -2.29
C PRO A 56 -17.54 10.85 -2.39
N TRP A 57 -18.12 11.25 -3.50
CA TRP A 57 -18.60 12.62 -3.65
C TRP A 57 -19.95 12.82 -3.00
N ASP A 58 -20.82 11.85 -3.19
CA ASP A 58 -22.18 11.90 -2.67
C ASP A 58 -22.68 10.46 -2.60
N ASP A 59 -23.93 10.23 -2.20
CA ASP A 59 -24.53 8.86 -2.19
C ASP A 59 -24.68 8.36 -3.60
N GLU A 60 -24.68 9.30 -4.55
CA GLU A 60 -24.70 9.00 -5.97
C GLU A 60 -23.43 8.22 -6.37
N THR A 61 -22.32 8.56 -5.73
CA THR A 61 -21.06 7.93 -6.01
C THR A 61 -21.12 6.49 -5.53
N ASP A 62 -20.86 5.57 -6.40
CA ASP A 62 -20.97 4.19 -6.06
C ASP A 62 -19.70 3.72 -5.39
N MET A 63 -19.84 3.31 -4.15
CA MET A 63 -18.69 2.93 -3.34
C MET A 63 -18.16 1.55 -3.69
N ALA A 64 -18.98 0.77 -4.36
CA ALA A 64 -18.59 -0.57 -4.78
C ALA A 64 -17.63 -0.48 -5.96
N GLN A 65 -17.89 0.47 -6.86
CA GLN A 65 -16.99 0.70 -7.96
C GLN A 65 -15.71 1.40 -7.49
N LEU A 66 -15.80 2.10 -6.35
CA LEU A 66 -14.62 2.71 -5.73
C LEU A 66 -13.63 1.63 -5.29
N GLU A 67 -14.16 0.51 -4.80
CA GLU A 67 -13.32 -0.62 -4.44
C GLU A 67 -12.69 -1.20 -5.71
N ALA A 68 -13.52 -1.28 -6.76
CA ALA A 68 -13.09 -1.80 -8.06
C ALA A 68 -11.96 -0.97 -8.65
N CYS A 69 -11.95 0.35 -8.37
CA CYS A 69 -10.87 1.22 -8.80
C CYS A 69 -9.55 0.78 -8.17
N VAL A 70 -9.57 0.53 -6.87
CA VAL A 70 -8.36 0.11 -6.15
C VAL A 70 -7.93 -1.29 -6.60
N ARG A 71 -8.89 -2.12 -6.93
CA ARG A 71 -8.65 -3.48 -7.42
C ARG A 71 -8.22 -3.50 -8.90
N SER A 72 -8.30 -2.35 -9.54
CA SER A 72 -7.90 -2.19 -10.92
C SER A 72 -6.38 -1.89 -10.99
N ILE A 73 -5.75 -1.75 -9.83
CA ILE A 73 -4.32 -1.52 -9.75
C ILE A 73 -3.61 -2.85 -9.98
N GLN A 74 -3.01 -3.01 -11.13
CA GLN A 74 -2.41 -4.26 -11.49
C GLN A 74 -0.89 -4.22 -11.34
N LEU A 75 -0.44 -4.52 -10.16
CA LEU A 75 0.98 -4.62 -9.84
C LEU A 75 1.19 -5.85 -9.00
N ASP A 76 2.22 -6.61 -9.29
CA ASP A 76 2.54 -7.78 -8.47
C ASP A 76 3.18 -7.30 -7.22
N GLY A 77 2.68 -7.75 -6.11
CA GLY A 77 3.13 -7.24 -4.84
C GLY A 77 2.14 -6.28 -4.24
N LEU A 78 1.04 -6.05 -4.94
CA LEU A 78 -0.05 -5.26 -4.43
C LEU A 78 -1.13 -6.27 -3.99
N VAL A 79 -1.31 -6.44 -2.72
CA VAL A 79 -2.26 -7.38 -2.16
C VAL A 79 -3.46 -6.64 -1.57
N TRP A 80 -4.64 -7.06 -1.93
CA TRP A 80 -5.85 -6.47 -1.41
C TRP A 80 -6.31 -7.28 -0.22
N GLY A 81 -6.64 -6.61 0.85
CA GLY A 81 -7.13 -7.27 2.02
C GLY A 81 -8.60 -7.04 2.22
N ALA A 82 -8.95 -6.43 3.33
CA ALA A 82 -10.33 -6.19 3.66
C ALA A 82 -10.80 -4.84 3.13
N SER A 83 -12.08 -4.70 3.02
CA SER A 83 -12.70 -3.47 2.61
C SER A 83 -13.99 -3.29 3.43
N LYS A 84 -14.17 -2.15 3.98
CA LYS A 84 -15.29 -1.88 4.85
C LYS A 84 -15.77 -0.46 4.65
N LEU A 85 -16.97 -0.17 5.05
CA LEU A 85 -17.50 1.17 4.92
C LEU A 85 -17.92 1.72 6.26
N VAL A 86 -17.35 2.83 6.61
CA VAL A 86 -17.61 3.48 7.88
C VAL A 86 -18.41 4.76 7.62
N PRO A 87 -19.69 4.81 8.03
CA PRO A 87 -20.50 6.01 7.87
C PRO A 87 -19.99 7.12 8.80
N VAL A 88 -19.69 8.27 8.23
CA VAL A 88 -19.17 9.38 9.02
C VAL A 88 -20.16 10.52 9.09
N GLY A 89 -21.03 10.58 8.12
CA GLY A 89 -22.03 11.61 8.07
C GLY A 89 -23.30 11.05 7.50
N TYR A 90 -24.17 11.91 7.06
CA TYR A 90 -25.43 11.49 6.48
C TYR A 90 -25.24 11.16 5.03
N GLY A 91 -25.12 9.90 4.75
CA GLY A 91 -24.91 9.45 3.42
C GLY A 91 -23.45 9.19 3.16
N ILE A 92 -22.61 10.10 3.58
CA ILE A 92 -21.19 9.98 3.38
C ILE A 92 -20.57 8.98 4.33
N ARG A 93 -19.83 8.10 3.72
CA ARG A 93 -19.21 6.97 4.36
C ARG A 93 -17.82 6.91 3.81
N LYS A 94 -16.89 6.35 4.50
CA LYS A 94 -15.57 6.18 3.95
C LYS A 94 -15.40 4.73 3.61
N LEU A 95 -14.78 4.47 2.52
CA LEU A 95 -14.51 3.14 2.09
C LEU A 95 -13.08 2.86 2.49
N GLN A 96 -12.93 2.03 3.44
CA GLN A 96 -11.64 1.71 3.95
C GLN A 96 -11.16 0.45 3.31
N ILE A 97 -10.10 0.59 2.60
CA ILE A 97 -9.49 -0.49 1.90
C ILE A 97 -8.13 -0.79 2.52
N GLN A 98 -7.92 -2.03 2.81
CA GLN A 98 -6.67 -2.47 3.36
C GLN A 98 -5.85 -3.05 2.25
N CYS A 99 -4.68 -2.55 2.09
CA CYS A 99 -3.78 -3.06 1.13
C CYS A 99 -2.53 -3.51 1.83
N VAL A 100 -1.96 -4.56 1.35
CA VAL A 100 -0.73 -5.08 1.86
C VAL A 100 0.24 -5.10 0.71
N VAL A 101 1.33 -4.44 0.84
CA VAL A 101 2.29 -4.38 -0.22
C VAL A 101 3.55 -5.11 0.14
N GLU A 102 4.11 -5.74 -0.85
CA GLU A 102 5.42 -6.31 -0.74
C GLU A 102 6.40 -5.18 -0.90
N ASP A 103 7.05 -4.79 0.18
CA ASP A 103 8.03 -3.67 0.22
C ASP A 103 9.08 -3.80 -0.86
N ASP A 104 9.50 -5.02 -1.09
CA ASP A 104 10.54 -5.35 -2.04
C ASP A 104 10.11 -5.15 -3.50
N LYS A 105 8.80 -5.11 -3.76
CA LYS A 105 8.32 -4.94 -5.13
C LYS A 105 7.59 -3.63 -5.30
N VAL A 106 6.57 -3.43 -4.51
CA VAL A 106 5.67 -2.32 -4.67
C VAL A 106 5.65 -1.45 -3.45
N GLY A 107 5.97 -0.21 -3.63
CA GLY A 107 5.87 0.74 -2.58
C GLY A 107 4.49 1.37 -2.60
N THR A 108 4.18 2.15 -1.61
CA THR A 108 2.88 2.82 -1.49
C THR A 108 2.67 3.80 -2.63
N ASP A 109 3.78 4.30 -3.18
CA ASP A 109 3.83 5.31 -4.25
C ASP A 109 2.91 4.93 -5.42
N LEU A 110 2.95 3.65 -5.77
CA LEU A 110 2.15 3.09 -6.85
C LEU A 110 0.65 3.28 -6.58
N LEU A 111 0.22 2.90 -5.38
CA LEU A 111 -1.18 2.95 -5.02
C LEU A 111 -1.64 4.39 -4.76
N GLU A 112 -0.74 5.19 -4.18
CA GLU A 112 -1.01 6.60 -3.88
C GLU A 112 -1.31 7.36 -5.17
N GLU A 113 -0.50 7.14 -6.19
CA GLU A 113 -0.68 7.81 -7.46
C GLU A 113 -1.91 7.33 -8.23
N GLU A 114 -2.18 6.03 -8.21
CA GLU A 114 -3.33 5.53 -8.96
C GLU A 114 -4.66 5.95 -8.36
N ILE A 115 -4.77 5.90 -7.02
CA ILE A 115 -6.01 6.27 -6.35
C ILE A 115 -6.32 7.78 -6.49
N THR A 116 -5.27 8.59 -6.55
CA THR A 116 -5.46 10.01 -6.74
C THR A 116 -5.92 10.33 -8.19
N LYS A 117 -5.66 9.41 -9.12
CA LYS A 117 -6.19 9.53 -10.49
C LYS A 117 -7.68 9.22 -10.45
N PHE A 118 -8.02 8.21 -9.65
CA PHE A 118 -9.40 7.74 -9.45
C PHE A 118 -10.30 8.81 -8.80
N GLU A 119 -9.68 9.89 -8.28
CA GLU A 119 -10.38 11.11 -7.77
C GLU A 119 -11.47 11.72 -8.71
N GLU A 120 -11.58 11.19 -9.90
CA GLU A 120 -12.69 11.49 -10.77
C GLU A 120 -14.03 10.98 -10.13
N HIS A 121 -13.92 9.94 -9.29
CA HIS A 121 -15.04 9.40 -8.53
C HIS A 121 -14.75 9.40 -7.04
N VAL A 122 -13.48 9.48 -6.69
CA VAL A 122 -13.07 9.61 -5.32
C VAL A 122 -12.97 11.09 -4.97
N GLN A 123 -13.59 11.51 -3.90
CA GLN A 123 -13.54 12.91 -3.55
C GLN A 123 -12.29 13.23 -2.75
N SER A 124 -11.93 12.35 -1.85
CA SER A 124 -10.76 12.55 -1.03
C SER A 124 -10.16 11.21 -0.68
N VAL A 125 -8.87 11.14 -0.64
CA VAL A 125 -8.17 9.94 -0.26
C VAL A 125 -7.52 10.23 1.07
N ASP A 126 -7.93 9.54 2.12
CA ASP A 126 -7.35 9.75 3.42
C ASP A 126 -6.58 8.54 3.82
N ILE A 127 -5.55 8.73 4.61
CA ILE A 127 -4.77 7.62 5.10
C ILE A 127 -5.22 7.31 6.50
N ALA A 128 -5.74 6.13 6.70
CA ALA A 128 -6.28 5.75 7.99
C ALA A 128 -5.18 5.23 8.91
N ALA A 129 -4.31 4.37 8.38
CA ALA A 129 -3.22 3.80 9.16
C ALA A 129 -2.15 3.21 8.28
N PHE A 130 -0.92 3.42 8.66
CA PHE A 130 0.23 2.84 8.00
C PHE A 130 0.93 1.95 9.03
N ASN A 131 0.87 0.65 8.83
CA ASN A 131 1.47 -0.29 9.76
C ASN A 131 2.31 -1.25 8.99
N LYS A 132 3.52 -1.46 9.38
CA LYS A 132 4.32 -2.45 8.74
C LYS A 132 4.11 -3.75 9.49
N ILE A 133 3.94 -4.82 8.79
CA ILE A 133 3.65 -6.07 9.43
C ILE A 133 4.77 -7.08 9.19
N GLY A 1 42.57 -54.19 9.14
CA GLY A 1 41.84 -55.37 9.63
C GLY A 1 40.71 -54.95 10.57
N PRO A 2 39.77 -55.85 10.90
CA PRO A 2 38.61 -55.51 11.74
C PRO A 2 38.83 -55.75 13.26
N GLY A 3 39.90 -56.45 13.62
CA GLY A 3 40.15 -56.77 15.03
C GLY A 3 41.04 -55.75 15.69
N SER A 4 41.49 -54.82 14.92
CA SER A 4 42.29 -53.73 15.36
C SER A 4 41.91 -52.54 14.50
N GLU A 5 42.57 -51.41 14.71
CA GLU A 5 42.44 -50.21 13.87
C GLU A 5 41.02 -49.61 13.93
N ASP A 6 40.31 -49.89 15.03
CA ASP A 6 38.98 -49.28 15.27
C ASP A 6 39.21 -47.80 15.47
N ASP A 7 40.27 -47.52 16.20
CA ASP A 7 40.80 -46.18 16.29
C ASP A 7 41.81 -46.05 15.16
N ASP A 8 41.54 -45.14 14.30
CA ASP A 8 42.33 -44.96 13.09
C ASP A 8 43.45 -43.97 13.29
N ILE A 9 44.43 -44.05 12.43
CA ILE A 9 45.63 -43.24 12.51
C ILE A 9 45.37 -41.86 11.92
N ASP A 10 45.90 -40.83 12.54
CA ASP A 10 45.79 -39.49 12.01
C ASP A 10 46.96 -39.23 11.10
N LEU A 11 46.70 -38.63 9.96
CA LEU A 11 47.74 -38.37 9.01
C LEU A 11 48.03 -36.89 8.92
N PHE A 12 49.14 -36.51 9.55
CA PHE A 12 49.68 -35.14 9.56
C PHE A 12 48.76 -34.15 10.28
N GLY A 13 49.06 -32.86 10.17
CA GLY A 13 48.31 -31.82 10.84
C GLY A 13 47.04 -31.42 10.10
N SER A 14 46.29 -32.40 9.70
CA SER A 14 45.07 -32.20 9.00
C SER A 14 43.94 -32.38 10.00
N ASP A 15 43.41 -31.28 10.49
CA ASP A 15 42.41 -31.30 11.55
C ASP A 15 41.03 -31.63 11.04
N ASN A 16 40.69 -31.11 9.85
CA ASN A 16 39.35 -31.27 9.23
C ASN A 16 38.23 -30.89 10.22
N GLU A 17 38.29 -29.63 10.66
CA GLU A 17 37.35 -28.98 11.61
C GLU A 17 37.61 -29.38 13.06
N GLU A 18 38.00 -30.64 13.24
CA GLU A 18 38.33 -31.29 14.52
C GLU A 18 38.38 -32.79 14.24
N GLU A 19 37.69 -33.18 13.15
CA GLU A 19 37.55 -34.55 12.63
C GLU A 19 36.46 -35.32 13.37
N ASP A 20 36.03 -34.75 14.48
CA ASP A 20 34.96 -35.30 15.27
C ASP A 20 33.65 -34.90 14.64
N LYS A 21 32.99 -35.88 14.09
CA LYS A 21 31.78 -35.65 13.33
C LYS A 21 30.57 -35.49 14.22
N GLU A 22 30.73 -35.81 15.49
CA GLU A 22 29.65 -35.69 16.43
C GLU A 22 29.46 -34.24 16.83
N ALA A 23 30.52 -33.61 17.27
CA ALA A 23 30.47 -32.20 17.68
C ALA A 23 30.06 -31.30 16.52
N ALA A 24 30.56 -31.61 15.33
CA ALA A 24 30.27 -30.83 14.13
C ALA A 24 28.77 -30.80 13.81
N GLN A 25 28.15 -31.98 13.82
CA GLN A 25 26.73 -32.07 13.50
C GLN A 25 25.86 -31.50 14.63
N LEU A 26 26.34 -31.64 15.88
CA LEU A 26 25.59 -31.16 17.02
C LEU A 26 25.57 -29.65 17.04
N ARG A 27 26.68 -29.03 16.67
CA ARG A 27 26.75 -27.57 16.61
C ARG A 27 25.78 -27.05 15.57
N GLU A 28 25.76 -27.70 14.43
CA GLU A 28 24.84 -27.40 13.34
C GLU A 28 23.38 -27.53 13.83
N GLU A 29 23.05 -28.71 14.33
CA GLU A 29 21.71 -29.06 14.81
C GLU A 29 21.23 -28.11 15.93
N ARG A 30 22.07 -27.88 16.92
CA ARG A 30 21.72 -27.06 18.05
C ARG A 30 21.51 -25.60 17.67
N LEU A 31 22.28 -25.11 16.71
CA LEU A 31 22.11 -23.74 16.26
C LEU A 31 20.91 -23.59 15.33
N ARG A 32 20.50 -24.70 14.68
CA ARG A 32 19.25 -24.70 13.90
C ARG A 32 18.08 -24.54 14.83
N GLN A 33 18.18 -25.21 15.95
CA GLN A 33 17.18 -25.13 17.00
C GLN A 33 17.19 -23.76 17.64
N TYR A 34 18.38 -23.21 17.83
CA TYR A 34 18.56 -21.90 18.43
C TYR A 34 17.91 -20.83 17.54
N ALA A 35 18.19 -20.90 16.24
CA ALA A 35 17.64 -19.97 15.27
C ALA A 35 16.12 -20.09 15.13
N GLU A 36 15.61 -21.28 15.34
CA GLU A 36 14.20 -21.55 15.16
C GLU A 36 13.38 -21.25 16.43
N LYS A 37 13.85 -21.74 17.56
CA LYS A 37 13.11 -21.61 18.83
C LYS A 37 13.14 -20.19 19.35
N LYS A 38 14.21 -19.47 19.05
CA LYS A 38 14.26 -18.07 19.40
C LYS A 38 13.56 -17.29 18.30
N ALA A 39 12.87 -16.24 18.66
CA ALA A 39 12.04 -15.54 17.71
C ALA A 39 12.79 -14.52 16.85
N LYS A 40 13.40 -15.02 15.82
CA LYS A 40 14.04 -14.21 14.82
C LYS A 40 13.75 -14.80 13.47
N LYS A 41 12.80 -14.23 12.79
CA LYS A 41 12.45 -14.71 11.48
C LYS A 41 12.00 -13.53 10.64
N PRO A 42 12.79 -13.12 9.67
CA PRO A 42 12.39 -12.09 8.74
C PRO A 42 11.35 -12.64 7.78
N ALA A 43 10.61 -11.76 7.15
CA ALA A 43 9.59 -12.18 6.20
C ALA A 43 10.21 -12.37 4.82
N LEU A 44 11.53 -12.11 4.73
CA LEU A 44 12.33 -12.15 3.49
C LEU A 44 11.99 -10.95 2.63
N VAL A 45 10.76 -10.88 2.23
CA VAL A 45 10.19 -9.77 1.53
C VAL A 45 9.33 -9.05 2.56
N ALA A 46 9.59 -7.80 2.79
CA ALA A 46 8.89 -7.05 3.81
C ALA A 46 7.47 -6.73 3.37
N LYS A 47 6.56 -6.64 4.33
CA LYS A 47 5.15 -6.41 4.06
C LYS A 47 4.60 -5.29 4.90
N SER A 48 3.96 -4.36 4.27
CA SER A 48 3.31 -3.28 4.97
C SER A 48 1.85 -3.19 4.54
N SER A 49 0.97 -2.92 5.46
CA SER A 49 -0.41 -2.83 5.15
C SER A 49 -0.93 -1.43 5.49
N ILE A 50 -1.34 -0.71 4.49
CA ILE A 50 -1.76 0.66 4.67
C ILE A 50 -3.27 0.72 4.57
N LEU A 51 -3.87 1.51 5.42
CA LEU A 51 -5.30 1.71 5.42
C LEU A 51 -5.59 3.07 4.83
N LEU A 52 -6.23 3.09 3.70
CA LEU A 52 -6.59 4.35 3.06
C LEU A 52 -8.08 4.39 2.96
N ASP A 53 -8.68 5.54 3.16
CA ASP A 53 -10.09 5.62 2.93
C ASP A 53 -10.42 6.34 1.68
N VAL A 54 -11.15 5.64 0.88
CA VAL A 54 -11.62 6.07 -0.38
C VAL A 54 -12.98 6.69 -0.13
N LYS A 55 -13.02 7.98 -0.18
CA LYS A 55 -14.19 8.71 0.16
C LYS A 55 -14.95 9.08 -1.11
N PRO A 56 -16.27 8.91 -1.16
CA PRO A 56 -17.07 9.31 -2.33
C PRO A 56 -17.40 10.81 -2.28
N TRP A 57 -17.72 11.38 -3.43
CA TRP A 57 -18.13 12.77 -3.48
C TRP A 57 -19.53 12.96 -2.97
N ASP A 58 -20.45 12.15 -3.44
CA ASP A 58 -21.85 12.28 -3.08
C ASP A 58 -22.44 10.90 -2.83
N ASP A 59 -23.69 10.87 -2.38
CA ASP A 59 -24.47 9.64 -2.17
C ASP A 59 -24.60 8.89 -3.48
N GLU A 60 -24.71 9.66 -4.56
CA GLU A 60 -24.87 9.15 -5.91
C GLU A 60 -23.63 8.34 -6.32
N THR A 61 -22.47 8.74 -5.82
CA THR A 61 -21.22 8.08 -6.10
C THR A 61 -21.27 6.64 -5.57
N ASP A 62 -21.08 5.69 -6.45
CA ASP A 62 -21.16 4.29 -6.10
C ASP A 62 -19.90 3.82 -5.37
N MET A 63 -20.07 3.35 -4.15
CA MET A 63 -18.95 2.92 -3.32
C MET A 63 -18.34 1.59 -3.78
N ALA A 64 -19.09 0.82 -4.54
CA ALA A 64 -18.61 -0.46 -5.03
C ALA A 64 -17.58 -0.25 -6.14
N GLN A 65 -17.84 0.72 -7.03
CA GLN A 65 -16.91 1.04 -8.11
C GLN A 65 -15.64 1.65 -7.53
N LEU A 66 -15.78 2.35 -6.40
CA LEU A 66 -14.62 2.92 -5.68
C LEU A 66 -13.63 1.81 -5.28
N GLU A 67 -14.17 0.71 -4.75
CA GLU A 67 -13.37 -0.44 -4.38
C GLU A 67 -12.76 -1.09 -5.62
N ALA A 68 -13.58 -1.24 -6.66
CA ALA A 68 -13.17 -1.86 -7.92
C ALA A 68 -12.02 -1.09 -8.57
N CYS A 69 -12.04 0.24 -8.44
CA CYS A 69 -10.97 1.08 -8.94
C CYS A 69 -9.65 0.79 -8.20
N VAL A 70 -9.72 0.63 -6.88
CA VAL A 70 -8.51 0.32 -6.09
C VAL A 70 -8.03 -1.12 -6.42
N ARG A 71 -8.98 -1.95 -6.78
CA ARG A 71 -8.71 -3.31 -7.22
C ARG A 71 -8.17 -3.38 -8.65
N SER A 72 -8.16 -2.25 -9.33
CA SER A 72 -7.62 -2.18 -10.68
C SER A 72 -6.11 -1.92 -10.63
N ILE A 73 -5.58 -1.68 -9.44
CA ILE A 73 -4.16 -1.45 -9.25
C ILE A 73 -3.52 -2.83 -9.21
N GLN A 74 -2.84 -3.20 -10.24
CA GLN A 74 -2.32 -4.53 -10.31
C GLN A 74 -0.83 -4.57 -10.49
N LEU A 75 -0.16 -4.88 -9.43
CA LEU A 75 1.26 -5.07 -9.39
C LEU A 75 1.52 -6.35 -8.66
N ASP A 76 2.60 -7.00 -8.95
CA ASP A 76 2.96 -8.21 -8.24
C ASP A 76 3.52 -7.81 -6.91
N GLY A 77 2.85 -8.22 -5.87
CA GLY A 77 3.18 -7.80 -4.55
C GLY A 77 2.22 -6.77 -4.02
N LEU A 78 1.17 -6.52 -4.77
CA LEU A 78 0.09 -5.66 -4.35
C LEU A 78 -1.08 -6.59 -4.07
N VAL A 79 -1.39 -6.78 -2.82
CA VAL A 79 -2.45 -7.67 -2.41
C VAL A 79 -3.50 -6.85 -1.65
N TRP A 80 -4.75 -7.15 -1.85
CA TRP A 80 -5.80 -6.42 -1.18
C TRP A 80 -6.20 -7.15 0.08
N GLY A 81 -6.51 -6.39 1.10
CA GLY A 81 -6.98 -6.94 2.33
C GLY A 81 -8.47 -6.76 2.44
N ALA A 82 -8.93 -6.38 3.59
CA ALA A 82 -10.34 -6.19 3.81
C ALA A 82 -10.78 -4.78 3.40
N SER A 83 -12.02 -4.68 3.02
CA SER A 83 -12.63 -3.42 2.71
C SER A 83 -13.72 -3.19 3.74
N LYS A 84 -13.76 -2.04 4.33
CA LYS A 84 -14.79 -1.74 5.30
C LYS A 84 -15.37 -0.38 5.04
N LEU A 85 -16.66 -0.29 5.08
CA LEU A 85 -17.31 0.97 4.81
C LEU A 85 -17.83 1.55 6.11
N VAL A 86 -17.24 2.65 6.49
CA VAL A 86 -17.54 3.27 7.75
C VAL A 86 -18.30 4.58 7.50
N PRO A 87 -19.57 4.65 7.92
CA PRO A 87 -20.38 5.87 7.80
C PRO A 87 -19.80 7.00 8.65
N VAL A 88 -19.60 8.13 8.03
CA VAL A 88 -19.09 9.31 8.72
C VAL A 88 -20.20 10.35 8.89
N GLY A 89 -21.33 10.01 8.37
CA GLY A 89 -22.50 10.83 8.43
C GLY A 89 -23.65 10.03 7.93
N TYR A 90 -24.67 10.67 7.48
CA TYR A 90 -25.78 9.98 6.89
C TYR A 90 -25.57 9.94 5.41
N GLY A 91 -25.52 8.77 4.85
CA GLY A 91 -25.34 8.62 3.45
C GLY A 91 -23.91 8.32 3.09
N ILE A 92 -23.06 9.33 3.18
CA ILE A 92 -21.68 9.17 2.80
C ILE A 92 -20.91 8.37 3.85
N ARG A 93 -20.29 7.32 3.39
CA ARG A 93 -19.50 6.46 4.20
C ARG A 93 -18.16 6.43 3.53
N LYS A 94 -17.12 6.16 4.25
CA LYS A 94 -15.84 6.05 3.63
C LYS A 94 -15.42 4.60 3.54
N LEU A 95 -14.89 4.22 2.41
CA LEU A 95 -14.47 2.86 2.19
C LEU A 95 -13.02 2.79 2.56
N GLN A 96 -12.72 2.10 3.62
CA GLN A 96 -11.38 1.97 4.06
C GLN A 96 -10.88 0.69 3.51
N ILE A 97 -9.84 0.78 2.76
CA ILE A 97 -9.29 -0.33 2.07
C ILE A 97 -7.93 -0.66 2.66
N GLN A 98 -7.77 -1.89 2.99
CA GLN A 98 -6.54 -2.39 3.49
C GLN A 98 -5.74 -2.89 2.31
N CYS A 99 -4.56 -2.43 2.16
CA CYS A 99 -3.71 -2.91 1.10
C CYS A 99 -2.45 -3.50 1.70
N VAL A 100 -2.05 -4.64 1.21
CA VAL A 100 -0.85 -5.30 1.67
C VAL A 100 0.15 -5.22 0.56
N VAL A 101 1.22 -4.51 0.81
CA VAL A 101 2.23 -4.34 -0.20
C VAL A 101 3.52 -4.99 0.23
N GLU A 102 4.16 -5.59 -0.73
CA GLU A 102 5.46 -6.15 -0.56
C GLU A 102 6.45 -5.02 -0.75
N ASP A 103 7.01 -4.52 0.35
CA ASP A 103 7.90 -3.32 0.37
C ASP A 103 9.03 -3.43 -0.61
N ASP A 104 9.60 -4.62 -0.73
CA ASP A 104 10.74 -4.88 -1.62
C ASP A 104 10.38 -4.76 -3.08
N LYS A 105 9.11 -4.72 -3.39
CA LYS A 105 8.66 -4.67 -4.77
C LYS A 105 7.77 -3.46 -4.99
N VAL A 106 6.72 -3.40 -4.21
CA VAL A 106 5.69 -2.43 -4.40
C VAL A 106 5.71 -1.37 -3.32
N GLY A 107 5.97 -0.16 -3.73
CA GLY A 107 5.92 0.96 -2.85
C GLY A 107 4.53 1.55 -2.84
N THR A 108 4.21 2.35 -1.83
CA THR A 108 2.90 3.00 -1.72
C THR A 108 2.67 3.95 -2.91
N ASP A 109 3.79 4.41 -3.47
CA ASP A 109 3.87 5.34 -4.61
C ASP A 109 3.04 4.86 -5.79
N LEU A 110 2.95 3.55 -5.95
CA LEU A 110 2.14 2.96 -7.02
C LEU A 110 0.66 3.17 -6.74
N LEU A 111 0.26 2.82 -5.53
CA LEU A 111 -1.15 2.86 -5.16
C LEU A 111 -1.66 4.29 -4.98
N GLU A 112 -0.82 5.15 -4.39
CA GLU A 112 -1.17 6.55 -4.15
C GLU A 112 -1.45 7.27 -5.48
N GLU A 113 -0.62 6.97 -6.47
CA GLU A 113 -0.70 7.56 -7.80
C GLU A 113 -2.02 7.16 -8.48
N GLU A 114 -2.32 5.87 -8.44
CA GLU A 114 -3.52 5.33 -9.04
C GLU A 114 -4.79 5.88 -8.38
N ILE A 115 -4.85 5.87 -7.05
CA ILE A 115 -6.04 6.32 -6.32
C ILE A 115 -6.30 7.83 -6.51
N THR A 116 -5.24 8.60 -6.64
CA THR A 116 -5.41 10.03 -6.86
C THR A 116 -5.92 10.35 -8.30
N LYS A 117 -5.79 9.37 -9.20
CA LYS A 117 -6.38 9.45 -10.53
C LYS A 117 -7.87 9.14 -10.46
N PHE A 118 -8.24 8.35 -9.47
CA PHE A 118 -9.62 7.94 -9.25
C PHE A 118 -10.45 9.03 -8.57
N GLU A 119 -9.76 10.07 -8.07
CA GLU A 119 -10.41 11.27 -7.45
C GLU A 119 -11.54 11.96 -8.27
N GLU A 120 -11.76 11.54 -9.50
CA GLU A 120 -12.90 12.02 -10.23
C GLU A 120 -14.23 11.43 -9.64
N HIS A 121 -14.09 10.34 -8.87
CA HIS A 121 -15.18 9.75 -8.07
C HIS A 121 -14.80 9.71 -6.58
N VAL A 122 -13.52 9.85 -6.29
CA VAL A 122 -13.04 9.86 -4.91
C VAL A 122 -12.86 11.31 -4.46
N GLN A 123 -13.57 11.71 -3.42
CA GLN A 123 -13.53 13.06 -2.91
C GLN A 123 -12.15 13.40 -2.40
N SER A 124 -11.65 12.56 -1.52
CA SER A 124 -10.35 12.72 -0.93
C SER A 124 -9.86 11.36 -0.49
N VAL A 125 -8.57 11.20 -0.44
CA VAL A 125 -7.95 9.98 -0.01
C VAL A 125 -7.28 10.25 1.31
N ASP A 126 -7.78 9.64 2.36
CA ASP A 126 -7.22 9.84 3.69
C ASP A 126 -6.45 8.65 4.13
N ILE A 127 -5.39 8.89 4.85
CA ILE A 127 -4.61 7.81 5.39
C ILE A 127 -5.12 7.54 6.79
N ALA A 128 -5.76 6.42 6.96
CA ALA A 128 -6.30 6.04 8.23
C ALA A 128 -5.19 5.59 9.15
N ALA A 129 -4.35 4.69 8.65
CA ALA A 129 -3.24 4.17 9.42
C ALA A 129 -2.26 3.44 8.53
N PHE A 130 -1.07 3.27 9.04
CA PHE A 130 -0.02 2.54 8.38
C PHE A 130 0.44 1.45 9.32
N ASN A 131 0.11 0.22 9.02
CA ASN A 131 0.51 -0.88 9.88
C ASN A 131 1.44 -1.78 9.13
N LYS A 132 2.65 -1.90 9.55
CA LYS A 132 3.54 -2.83 8.88
C LYS A 132 3.35 -4.20 9.50
N ILE A 133 3.34 -5.22 8.71
CA ILE A 133 3.05 -6.52 9.20
C ILE A 133 4.23 -7.46 8.98
N GLY A 1 30.50 20.96 52.57
CA GLY A 1 29.48 21.92 52.90
C GLY A 1 29.56 22.26 54.35
N PRO A 2 29.08 23.45 54.78
CA PRO A 2 29.09 23.88 56.20
C PRO A 2 28.35 22.89 57.11
N GLY A 3 27.29 22.31 56.59
CA GLY A 3 26.52 21.34 57.30
C GLY A 3 27.02 19.95 57.04
N SER A 4 26.16 19.08 56.60
CA SER A 4 26.54 17.70 56.37
C SER A 4 26.37 17.29 54.92
N GLU A 5 25.73 18.15 54.14
CA GLU A 5 25.36 17.88 52.74
C GLU A 5 24.45 16.66 52.62
N ASP A 6 23.21 16.88 52.92
CA ASP A 6 22.19 15.84 52.91
C ASP A 6 21.08 16.23 51.95
N ASP A 7 21.43 17.14 51.06
CA ASP A 7 20.60 17.66 49.98
C ASP A 7 19.42 18.44 50.48
N ASP A 8 19.64 19.67 50.86
CA ASP A 8 18.53 20.54 51.24
C ASP A 8 18.35 21.58 50.17
N ILE A 9 19.34 22.44 50.00
CA ILE A 9 19.36 23.41 48.94
C ILE A 9 20.49 23.03 48.00
N ASP A 10 20.13 22.50 46.86
CA ASP A 10 21.13 22.10 45.87
C ASP A 10 21.72 23.32 45.19
N LEU A 11 23.03 23.43 45.23
CA LEU A 11 23.74 24.58 44.67
C LEU A 11 24.33 24.25 43.31
N PHE A 12 24.17 23.03 42.90
CA PHE A 12 24.73 22.54 41.67
C PHE A 12 23.69 22.54 40.54
N GLY A 13 22.75 23.46 40.61
CA GLY A 13 21.68 23.55 39.63
C GLY A 13 22.19 23.88 38.24
N SER A 14 23.15 24.77 38.16
CA SER A 14 23.73 25.17 36.90
C SER A 14 25.04 24.43 36.65
N ASP A 15 25.19 23.28 37.28
CA ASP A 15 26.41 22.50 37.15
C ASP A 15 26.12 21.02 36.92
N ASN A 16 25.36 20.45 37.81
CA ASN A 16 25.15 19.03 37.80
C ASN A 16 23.74 18.69 37.39
N GLU A 17 23.64 18.21 36.17
CA GLU A 17 22.46 17.68 35.59
C GLU A 17 22.85 16.92 34.34
N GLU A 18 23.07 15.64 34.50
CA GLU A 18 23.49 14.84 33.40
C GLU A 18 22.31 14.36 32.60
N GLU A 19 21.79 15.25 31.80
CA GLU A 19 20.67 14.96 30.98
C GLU A 19 21.16 14.59 29.59
N ASP A 20 21.72 13.41 29.51
CA ASP A 20 22.13 12.85 28.24
C ASP A 20 20.96 12.06 27.77
N LYS A 21 20.06 12.76 27.15
CA LYS A 21 18.79 12.23 26.80
C LYS A 21 18.86 11.47 25.48
N GLU A 22 19.38 12.14 24.46
CA GLU A 22 19.40 11.59 23.11
C GLU A 22 20.25 10.33 23.00
N ALA A 23 21.47 10.39 23.50
CA ALA A 23 22.39 9.25 23.40
C ALA A 23 21.93 8.07 24.23
N ALA A 24 21.33 8.34 25.40
CA ALA A 24 20.83 7.28 26.27
C ALA A 24 19.69 6.52 25.60
N GLN A 25 18.82 7.27 24.91
CA GLN A 25 17.73 6.69 24.14
C GLN A 25 18.27 5.86 23.00
N LEU A 26 19.34 6.36 22.36
CA LEU A 26 20.01 5.66 21.28
C LEU A 26 20.59 4.33 21.76
N ARG A 27 21.16 4.34 22.98
CA ARG A 27 21.73 3.13 23.60
C ARG A 27 20.63 2.09 23.74
N GLU A 28 19.52 2.52 24.32
CA GLU A 28 18.40 1.66 24.64
C GLU A 28 17.75 1.13 23.34
N GLU A 29 17.65 2.00 22.33
CA GLU A 29 17.13 1.65 21.01
C GLU A 29 18.04 0.56 20.38
N ARG A 30 19.36 0.80 20.43
CA ARG A 30 20.34 -0.15 19.92
C ARG A 30 20.24 -1.50 20.60
N LEU A 31 19.99 -1.52 21.90
CA LEU A 31 19.86 -2.77 22.65
C LEU A 31 18.70 -3.62 22.11
N ARG A 32 17.62 -2.96 21.72
CA ARG A 32 16.44 -3.63 21.15
C ARG A 32 16.84 -4.21 19.80
N GLN A 33 17.43 -3.34 19.00
CA GLN A 33 17.84 -3.64 17.65
C GLN A 33 18.87 -4.74 17.58
N TYR A 34 19.90 -4.68 18.40
CA TYR A 34 20.95 -5.69 18.39
C TYR A 34 20.44 -7.06 18.82
N ALA A 35 19.48 -7.09 19.71
CA ALA A 35 18.88 -8.34 20.13
C ALA A 35 18.18 -9.03 18.93
N GLU A 36 17.63 -8.22 18.04
CA GLU A 36 16.95 -8.71 16.87
C GLU A 36 17.92 -8.92 15.67
N LYS A 37 18.77 -7.94 15.41
CA LYS A 37 19.66 -7.94 14.24
C LYS A 37 20.79 -8.96 14.35
N LYS A 38 21.25 -9.24 15.57
CA LYS A 38 22.31 -10.23 15.76
C LYS A 38 21.76 -11.63 15.65
N ALA A 39 20.48 -11.77 15.96
CA ALA A 39 19.80 -13.02 15.87
C ALA A 39 19.58 -13.35 14.41
N LYS A 40 19.98 -14.53 14.01
CA LYS A 40 19.87 -14.92 12.63
C LYS A 40 18.47 -15.42 12.34
N LYS A 41 17.58 -14.47 12.26
CA LYS A 41 16.20 -14.69 11.99
C LYS A 41 15.93 -14.25 10.56
N PRO A 42 15.54 -15.19 9.69
CA PRO A 42 15.18 -14.87 8.32
C PRO A 42 13.94 -14.00 8.25
N ALA A 43 14.04 -12.90 7.56
CA ALA A 43 12.92 -12.03 7.32
C ALA A 43 12.32 -12.44 6.01
N LEU A 44 11.24 -13.19 6.07
CA LEU A 44 10.62 -13.74 4.89
C LEU A 44 9.74 -12.71 4.20
N VAL A 45 10.39 -11.85 3.40
CA VAL A 45 9.73 -10.82 2.59
C VAL A 45 9.08 -9.71 3.45
N ALA A 46 9.49 -8.49 3.23
CA ALA A 46 8.96 -7.37 3.97
C ALA A 46 7.64 -6.93 3.36
N LYS A 47 6.64 -6.64 4.19
CA LYS A 47 5.30 -6.28 3.72
C LYS A 47 4.72 -5.17 4.60
N SER A 48 3.95 -4.30 4.00
CA SER A 48 3.30 -3.23 4.71
C SER A 48 1.81 -3.19 4.35
N SER A 49 0.97 -3.02 5.34
CA SER A 49 -0.45 -2.97 5.17
C SER A 49 -0.91 -1.53 5.42
N ILE A 50 -1.50 -0.93 4.42
CA ILE A 50 -1.92 0.44 4.52
C ILE A 50 -3.43 0.49 4.41
N LEU A 51 -4.05 1.16 5.35
CA LEU A 51 -5.48 1.36 5.35
C LEU A 51 -5.75 2.75 4.81
N LEU A 52 -6.40 2.84 3.68
CA LEU A 52 -6.77 4.12 3.13
C LEU A 52 -8.25 4.24 3.13
N ASP A 53 -8.76 5.37 3.50
CA ASP A 53 -10.16 5.55 3.46
C ASP A 53 -10.55 6.41 2.29
N VAL A 54 -11.31 5.80 1.46
CA VAL A 54 -11.77 6.34 0.23
C VAL A 54 -13.17 6.94 0.41
N LYS A 55 -13.25 8.24 0.34
CA LYS A 55 -14.53 8.90 0.46
C LYS A 55 -15.06 9.21 -0.95
N PRO A 56 -16.29 8.79 -1.28
CA PRO A 56 -16.93 9.14 -2.57
C PRO A 56 -17.35 10.62 -2.64
N TRP A 57 -17.55 11.13 -3.86
CA TRP A 57 -17.99 12.53 -4.04
C TRP A 57 -19.41 12.74 -3.58
N ASP A 58 -20.27 11.81 -3.90
CA ASP A 58 -21.67 11.94 -3.55
C ASP A 58 -22.19 10.53 -3.32
N ASP A 59 -23.41 10.41 -2.79
CA ASP A 59 -24.05 9.08 -2.63
C ASP A 59 -24.47 8.53 -3.98
N GLU A 60 -24.38 9.38 -4.99
CA GLU A 60 -24.60 9.00 -6.37
C GLU A 60 -23.47 8.04 -6.78
N THR A 61 -22.30 8.30 -6.26
CA THR A 61 -21.13 7.55 -6.54
C THR A 61 -21.18 6.20 -5.80
N ASP A 62 -21.14 5.13 -6.57
CA ASP A 62 -21.18 3.77 -6.05
C ASP A 62 -19.86 3.42 -5.35
N MET A 63 -19.92 3.16 -4.06
CA MET A 63 -18.73 2.91 -3.23
C MET A 63 -17.99 1.65 -3.67
N ALA A 64 -18.74 0.68 -4.15
CA ALA A 64 -18.18 -0.58 -4.59
C ALA A 64 -17.31 -0.41 -5.83
N GLN A 65 -17.71 0.49 -6.75
CA GLN A 65 -16.90 0.71 -7.95
C GLN A 65 -15.62 1.45 -7.62
N LEU A 66 -15.63 2.18 -6.51
CA LEU A 66 -14.41 2.85 -6.02
C LEU A 66 -13.42 1.81 -5.52
N GLU A 67 -13.94 0.78 -4.86
CA GLU A 67 -13.13 -0.35 -4.41
C GLU A 67 -12.59 -1.08 -5.65
N ALA A 68 -13.44 -1.22 -6.65
CA ALA A 68 -13.09 -1.85 -7.94
C ALA A 68 -11.96 -1.08 -8.63
N CYS A 69 -11.93 0.24 -8.44
CA CYS A 69 -10.85 1.06 -8.97
C CYS A 69 -9.53 0.66 -8.30
N VAL A 70 -9.57 0.49 -6.97
CA VAL A 70 -8.39 0.08 -6.21
C VAL A 70 -7.98 -1.35 -6.63
N ARG A 71 -8.98 -2.15 -7.02
CA ARG A 71 -8.74 -3.51 -7.51
C ARG A 71 -8.19 -3.51 -8.94
N SER A 72 -8.16 -2.35 -9.58
CA SER A 72 -7.63 -2.23 -10.93
C SER A 72 -6.12 -1.92 -10.90
N ILE A 73 -5.59 -1.73 -9.69
CA ILE A 73 -4.17 -1.49 -9.49
C ILE A 73 -3.46 -2.85 -9.62
N GLN A 74 -2.76 -3.04 -10.71
CA GLN A 74 -2.16 -4.33 -10.99
C GLN A 74 -0.66 -4.21 -10.91
N LEU A 75 -0.14 -4.55 -9.74
CA LEU A 75 1.28 -4.61 -9.47
C LEU A 75 1.56 -5.91 -8.77
N ASP A 76 2.64 -6.56 -9.13
CA ASP A 76 3.04 -7.81 -8.48
C ASP A 76 3.51 -7.51 -7.09
N GLY A 77 2.81 -8.05 -6.13
CA GLY A 77 3.13 -7.78 -4.74
C GLY A 77 2.15 -6.80 -4.12
N LEU A 78 1.13 -6.44 -4.88
CA LEU A 78 0.06 -5.59 -4.39
C LEU A 78 -1.11 -6.52 -4.06
N VAL A 79 -1.43 -6.64 -2.81
CA VAL A 79 -2.48 -7.53 -2.35
C VAL A 79 -3.57 -6.70 -1.66
N TRP A 80 -4.81 -7.10 -1.83
CA TRP A 80 -5.92 -6.41 -1.21
C TRP A 80 -6.32 -7.15 0.04
N GLY A 81 -6.64 -6.42 1.07
CA GLY A 81 -7.05 -7.01 2.29
C GLY A 81 -8.53 -6.83 2.51
N ALA A 82 -8.89 -6.33 3.66
CA ALA A 82 -10.28 -6.14 4.03
C ALA A 82 -10.81 -4.76 3.61
N SER A 83 -12.11 -4.64 3.51
CA SER A 83 -12.78 -3.40 3.20
C SER A 83 -13.86 -3.17 4.22
N LYS A 84 -14.06 -1.95 4.64
CA LYS A 84 -15.11 -1.63 5.58
C LYS A 84 -15.73 -0.30 5.24
N LEU A 85 -16.99 -0.15 5.51
CA LEU A 85 -17.67 1.09 5.24
C LEU A 85 -17.99 1.79 6.53
N VAL A 86 -17.44 2.95 6.70
CA VAL A 86 -17.60 3.72 7.89
C VAL A 86 -18.38 4.99 7.55
N PRO A 87 -19.64 5.13 8.01
CA PRO A 87 -20.42 6.34 7.80
C PRO A 87 -19.75 7.57 8.44
N VAL A 88 -19.51 8.57 7.64
CA VAL A 88 -18.89 9.79 8.12
C VAL A 88 -19.92 10.89 8.24
N GLY A 89 -21.00 10.72 7.51
CA GLY A 89 -22.07 11.64 7.55
C GLY A 89 -23.36 10.90 7.65
N TYR A 90 -24.45 11.58 7.33
CA TYR A 90 -25.78 10.97 7.38
C TYR A 90 -25.90 9.93 6.28
N GLY A 91 -25.48 10.31 5.09
CA GLY A 91 -25.53 9.44 3.96
C GLY A 91 -24.15 8.97 3.55
N ILE A 92 -23.23 9.92 3.45
CA ILE A 92 -21.88 9.66 2.97
C ILE A 92 -21.10 8.74 3.93
N ARG A 93 -20.52 7.72 3.36
CA ARG A 93 -19.73 6.75 4.08
C ARG A 93 -18.38 6.68 3.42
N LYS A 94 -17.38 6.29 4.15
CA LYS A 94 -16.07 6.11 3.60
C LYS A 94 -15.76 4.65 3.50
N LEU A 95 -15.13 4.26 2.43
CA LEU A 95 -14.76 2.90 2.21
C LEU A 95 -13.30 2.78 2.56
N GLN A 96 -13.00 2.06 3.59
CA GLN A 96 -11.65 1.89 3.99
C GLN A 96 -11.15 0.59 3.42
N ILE A 97 -10.14 0.69 2.64
CA ILE A 97 -9.58 -0.42 1.92
C ILE A 97 -8.18 -0.71 2.46
N GLN A 98 -7.93 -1.96 2.70
CA GLN A 98 -6.65 -2.40 3.13
C GLN A 98 -5.87 -2.85 1.92
N CYS A 99 -4.70 -2.35 1.77
CA CYS A 99 -3.84 -2.78 0.73
C CYS A 99 -2.52 -3.18 1.34
N VAL A 100 -2.01 -4.27 0.90
CA VAL A 100 -0.76 -4.77 1.39
C VAL A 100 0.23 -4.70 0.26
N VAL A 101 1.33 -4.08 0.52
CA VAL A 101 2.37 -3.99 -0.44
C VAL A 101 3.52 -4.79 0.03
N GLU A 102 4.12 -5.46 -0.87
CA GLU A 102 5.28 -6.18 -0.62
C GLU A 102 6.42 -5.24 -0.81
N ASP A 103 7.08 -4.85 0.29
CA ASP A 103 8.20 -3.87 0.28
C ASP A 103 9.33 -4.29 -0.60
N ASP A 104 9.41 -5.58 -0.82
CA ASP A 104 10.41 -6.14 -1.69
C ASP A 104 10.07 -5.95 -3.18
N LYS A 105 8.84 -5.53 -3.47
CA LYS A 105 8.39 -5.33 -4.84
C LYS A 105 7.77 -3.93 -5.08
N VAL A 106 6.76 -3.59 -4.31
CA VAL A 106 5.95 -2.40 -4.54
C VAL A 106 5.95 -1.49 -3.31
N GLY A 107 6.13 -0.21 -3.54
CA GLY A 107 6.00 0.77 -2.49
C GLY A 107 4.64 1.43 -2.59
N THR A 108 4.32 2.27 -1.62
CA THR A 108 3.02 2.94 -1.56
C THR A 108 2.82 3.91 -2.74
N ASP A 109 3.94 4.34 -3.32
CA ASP A 109 4.03 5.31 -4.43
C ASP A 109 3.06 4.99 -5.53
N LEU A 110 3.01 3.71 -5.89
CA LEU A 110 2.16 3.23 -6.95
C LEU A 110 0.68 3.38 -6.58
N LEU A 111 0.31 2.89 -5.41
CA LEU A 111 -1.09 2.89 -5.00
C LEU A 111 -1.61 4.30 -4.74
N GLU A 112 -0.77 5.15 -4.13
CA GLU A 112 -1.12 6.52 -3.82
C GLU A 112 -1.43 7.30 -5.08
N GLU A 113 -0.59 7.13 -6.09
CA GLU A 113 -0.73 7.83 -7.34
C GLU A 113 -1.99 7.36 -8.08
N GLU A 114 -2.18 6.04 -8.13
CA GLU A 114 -3.34 5.45 -8.81
C GLU A 114 -4.64 5.93 -8.16
N ILE A 115 -4.70 5.93 -6.84
CA ILE A 115 -5.91 6.34 -6.15
C ILE A 115 -6.17 7.86 -6.28
N THR A 116 -5.10 8.65 -6.40
CA THR A 116 -5.29 10.06 -6.66
C THR A 116 -5.76 10.33 -8.11
N LYS A 117 -5.58 9.33 -8.99
CA LYS A 117 -6.12 9.37 -10.32
C LYS A 117 -7.62 9.02 -10.22
N PHE A 118 -7.92 8.14 -9.27
CA PHE A 118 -9.28 7.69 -9.00
C PHE A 118 -10.15 8.79 -8.39
N GLU A 119 -9.52 9.92 -7.98
CA GLU A 119 -10.22 11.17 -7.53
C GLU A 119 -11.32 11.67 -8.51
N GLU A 120 -11.39 11.08 -9.68
CA GLU A 120 -12.49 11.28 -10.62
C GLU A 120 -13.84 10.89 -9.94
N HIS A 121 -13.78 9.88 -9.07
CA HIS A 121 -14.94 9.38 -8.35
C HIS A 121 -14.69 9.34 -6.85
N VAL A 122 -13.43 9.46 -6.46
CA VAL A 122 -13.03 9.53 -5.06
C VAL A 122 -12.87 11.00 -4.69
N GLN A 123 -13.52 11.42 -3.64
CA GLN A 123 -13.47 12.80 -3.23
C GLN A 123 -12.15 13.11 -2.57
N SER A 124 -11.78 12.30 -1.63
CA SER A 124 -10.57 12.49 -0.91
C SER A 124 -9.95 11.14 -0.61
N VAL A 125 -8.64 11.10 -0.62
CA VAL A 125 -7.92 9.91 -0.28
C VAL A 125 -7.22 10.16 1.04
N ASP A 126 -7.63 9.46 2.06
CA ASP A 126 -7.03 9.66 3.37
C ASP A 126 -6.32 8.44 3.83
N ILE A 127 -5.21 8.66 4.48
CA ILE A 127 -4.48 7.58 5.09
C ILE A 127 -5.08 7.37 6.46
N ALA A 128 -5.71 6.26 6.63
CA ALA A 128 -6.34 5.94 7.88
C ALA A 128 -5.31 5.48 8.88
N ALA A 129 -4.47 4.54 8.45
CA ALA A 129 -3.41 3.99 9.28
C ALA A 129 -2.40 3.25 8.43
N PHE A 130 -1.16 3.30 8.83
CA PHE A 130 -0.09 2.58 8.16
C PHE A 130 0.46 1.57 9.14
N ASN A 131 0.45 0.30 8.78
CA ASN A 131 0.95 -0.74 9.66
C ASN A 131 1.84 -1.68 8.89
N LYS A 132 3.07 -1.81 9.30
CA LYS A 132 3.93 -2.80 8.65
C LYS A 132 3.57 -4.17 9.24
N ILE A 133 3.65 -5.21 8.44
CA ILE A 133 3.24 -6.51 8.92
C ILE A 133 4.38 -7.51 8.90
N GLY A 1 -0.67 1.28 -35.22
CA GLY A 1 -1.84 0.48 -35.59
C GLY A 1 -3.09 1.31 -35.58
N PRO A 2 -4.30 0.70 -35.52
CA PRO A 2 -5.55 1.46 -35.47
C PRO A 2 -5.77 2.04 -34.07
N GLY A 3 -5.29 3.25 -33.88
CA GLY A 3 -5.41 3.88 -32.61
C GLY A 3 -5.53 5.36 -32.73
N SER A 4 -6.58 5.81 -33.37
CA SER A 4 -6.82 7.21 -33.47
C SER A 4 -7.60 7.63 -32.22
N GLU A 5 -6.86 7.85 -31.18
CA GLU A 5 -7.39 8.13 -29.88
C GLU A 5 -7.12 9.56 -29.51
N ASP A 6 -5.86 9.87 -29.31
CA ASP A 6 -5.43 11.19 -28.92
C ASP A 6 -3.94 11.31 -29.26
N ASP A 7 -3.33 12.44 -29.01
CA ASP A 7 -1.91 12.64 -29.27
C ASP A 7 -1.11 12.04 -28.12
N ASP A 8 -1.73 11.98 -26.97
CA ASP A 8 -1.16 11.38 -25.77
C ASP A 8 -2.13 10.32 -25.26
N ILE A 9 -1.72 9.51 -24.31
CA ILE A 9 -2.56 8.48 -23.74
C ILE A 9 -3.70 9.15 -22.98
N ASP A 10 -4.90 8.77 -23.27
CA ASP A 10 -6.06 9.34 -22.62
C ASP A 10 -6.19 8.76 -21.22
N LEU A 11 -6.56 9.59 -20.27
CA LEU A 11 -6.68 9.14 -18.91
C LEU A 11 -8.02 8.53 -18.62
N PHE A 12 -8.02 7.73 -17.57
CA PHE A 12 -9.17 6.96 -17.09
C PHE A 12 -9.55 5.92 -18.12
N GLY A 13 -8.95 4.77 -17.99
CA GLY A 13 -9.22 3.70 -18.91
C GLY A 13 -10.32 2.82 -18.41
N SER A 14 -11.51 3.09 -18.86
CA SER A 14 -12.66 2.29 -18.49
C SER A 14 -12.74 1.10 -19.47
N ASP A 15 -12.44 1.37 -20.72
CA ASP A 15 -12.40 0.37 -21.75
C ASP A 15 -10.95 0.11 -22.09
N ASN A 16 -10.53 -1.13 -22.00
CA ASN A 16 -9.12 -1.49 -22.16
C ASN A 16 -8.99 -2.75 -22.94
N GLU A 17 -8.43 -2.64 -24.13
CA GLU A 17 -8.16 -3.78 -25.01
C GLU A 17 -9.46 -4.51 -25.34
N GLU A 18 -10.38 -3.78 -25.93
CA GLU A 18 -11.70 -4.27 -26.26
C GLU A 18 -11.72 -4.93 -27.63
N GLU A 19 -10.63 -4.76 -28.39
CA GLU A 19 -10.49 -5.34 -29.73
C GLU A 19 -10.63 -6.85 -29.64
N ASP A 20 -9.81 -7.43 -28.82
CA ASP A 20 -9.94 -8.83 -28.50
C ASP A 20 -9.81 -8.92 -27.01
N LYS A 21 -10.95 -8.96 -26.36
CA LYS A 21 -11.03 -8.86 -24.92
C LYS A 21 -10.64 -10.18 -24.27
N GLU A 22 -10.99 -11.27 -24.93
CA GLU A 22 -10.76 -12.61 -24.40
C GLU A 22 -9.29 -12.86 -24.22
N ALA A 23 -8.51 -12.67 -25.30
CA ALA A 23 -7.09 -12.92 -25.26
C ALA A 23 -6.42 -11.99 -24.27
N ALA A 24 -6.86 -10.74 -24.23
CA ALA A 24 -6.30 -9.73 -23.33
C ALA A 24 -6.42 -10.15 -21.86
N GLN A 25 -7.61 -10.61 -21.50
CA GLN A 25 -7.88 -11.05 -20.14
C GLN A 25 -7.15 -12.36 -19.84
N LEU A 26 -7.12 -13.26 -20.82
CA LEU A 26 -6.40 -14.53 -20.67
C LEU A 26 -4.91 -14.30 -20.46
N ARG A 27 -4.35 -13.28 -21.15
CA ARG A 27 -2.94 -12.93 -20.96
C ARG A 27 -2.71 -12.54 -19.54
N GLU A 28 -3.59 -11.67 -19.04
CA GLU A 28 -3.49 -11.18 -17.69
C GLU A 28 -3.57 -12.32 -16.69
N GLU A 29 -4.58 -13.18 -16.84
CA GLU A 29 -4.79 -14.32 -15.95
C GLU A 29 -3.58 -15.25 -15.88
N ARG A 30 -3.08 -15.64 -17.03
CA ARG A 30 -2.00 -16.61 -17.09
C ARG A 30 -0.69 -16.00 -16.71
N LEU A 31 -0.39 -14.83 -17.25
CA LEU A 31 0.88 -14.14 -16.94
C LEU A 31 0.97 -13.68 -15.49
N ARG A 32 -0.16 -13.34 -14.88
CA ARG A 32 -0.18 -12.95 -13.49
C ARG A 32 0.19 -14.14 -12.61
N GLN A 33 -0.45 -15.27 -12.87
CA GLN A 33 -0.17 -16.48 -12.12
C GLN A 33 1.24 -16.98 -12.41
N TYR A 34 1.70 -16.73 -13.62
CA TYR A 34 3.06 -17.06 -14.07
C TYR A 34 4.10 -16.35 -13.18
N ALA A 35 3.78 -15.13 -12.78
CA ALA A 35 4.63 -14.34 -11.89
C ALA A 35 4.54 -14.87 -10.46
N GLU A 36 3.34 -15.19 -10.04
CA GLU A 36 3.05 -15.70 -8.69
C GLU A 36 3.68 -17.07 -8.44
N LYS A 37 3.64 -17.95 -9.41
CA LYS A 37 4.20 -19.31 -9.26
C LYS A 37 5.73 -19.27 -9.27
N LYS A 38 6.27 -18.17 -9.69
CA LYS A 38 7.68 -17.99 -9.76
C LYS A 38 8.17 -17.01 -8.72
N ALA A 39 7.31 -16.64 -7.77
CA ALA A 39 7.69 -15.72 -6.71
C ALA A 39 8.64 -16.41 -5.74
N LYS A 40 9.90 -16.06 -5.84
CA LYS A 40 10.95 -16.68 -5.03
C LYS A 40 11.50 -15.69 -4.02
N LYS A 41 12.61 -16.08 -3.41
CA LYS A 41 13.39 -15.29 -2.45
C LYS A 41 12.75 -15.15 -1.08
N PRO A 42 13.14 -16.03 -0.14
CA PRO A 42 12.77 -15.91 1.28
C PRO A 42 13.74 -14.94 1.98
N ALA A 43 14.05 -13.85 1.27
CA ALA A 43 15.05 -12.86 1.65
C ALA A 43 14.45 -11.76 2.54
N LEU A 44 13.38 -12.11 3.24
CA LEU A 44 12.68 -11.22 4.17
C LEU A 44 12.04 -10.07 3.44
N VAL A 45 11.04 -10.39 2.65
CA VAL A 45 10.27 -9.41 1.94
C VAL A 45 9.39 -8.67 2.93
N ALA A 46 9.57 -7.38 3.01
CA ALA A 46 8.87 -6.55 3.96
C ALA A 46 7.45 -6.31 3.51
N LYS A 47 6.52 -6.46 4.44
CA LYS A 47 5.11 -6.30 4.17
C LYS A 47 4.55 -5.18 5.02
N SER A 48 3.75 -4.35 4.41
CA SER A 48 3.11 -3.27 5.11
C SER A 48 1.62 -3.26 4.74
N SER A 49 0.80 -3.07 5.72
CA SER A 49 -0.63 -3.04 5.58
C SER A 49 -1.08 -1.59 5.73
N ILE A 50 -1.51 -1.00 4.65
CA ILE A 50 -1.92 0.38 4.66
C ILE A 50 -3.43 0.44 4.51
N LEU A 51 -4.05 1.14 5.43
CA LEU A 51 -5.48 1.37 5.41
C LEU A 51 -5.73 2.73 4.78
N LEU A 52 -6.40 2.75 3.66
CA LEU A 52 -6.76 4.00 3.03
C LEU A 52 -8.24 4.15 3.07
N ASP A 53 -8.69 5.26 3.52
CA ASP A 53 -10.09 5.55 3.51
C ASP A 53 -10.43 6.45 2.36
N VAL A 54 -11.11 5.87 1.43
CA VAL A 54 -11.48 6.44 0.18
C VAL A 54 -12.92 6.96 0.28
N LYS A 55 -13.07 8.27 0.31
CA LYS A 55 -14.38 8.86 0.40
C LYS A 55 -14.93 9.17 -0.98
N PRO A 56 -16.16 8.73 -1.29
CA PRO A 56 -16.84 9.10 -2.53
C PRO A 56 -17.35 10.56 -2.46
N TRP A 57 -17.66 11.12 -3.63
CA TRP A 57 -18.18 12.48 -3.71
C TRP A 57 -19.54 12.59 -3.04
N ASP A 58 -20.48 11.78 -3.47
CA ASP A 58 -21.80 11.76 -2.87
C ASP A 58 -22.21 10.30 -2.78
N ASP A 59 -23.46 10.02 -2.46
CA ASP A 59 -23.97 8.66 -2.39
C ASP A 59 -24.27 8.17 -3.78
N GLU A 60 -24.33 9.13 -4.72
CA GLU A 60 -24.50 8.84 -6.14
C GLU A 60 -23.26 8.11 -6.65
N THR A 61 -22.14 8.40 -6.04
CA THR A 61 -20.92 7.77 -6.35
C THR A 61 -20.93 6.39 -5.68
N ASP A 62 -20.90 5.35 -6.47
CA ASP A 62 -21.00 4.02 -5.93
C ASP A 62 -19.69 3.54 -5.29
N MET A 63 -19.80 3.06 -4.06
CA MET A 63 -18.68 2.61 -3.26
C MET A 63 -18.12 1.28 -3.75
N ALA A 64 -18.94 0.47 -4.37
CA ALA A 64 -18.50 -0.82 -4.88
C ALA A 64 -17.55 -0.60 -6.05
N GLN A 65 -17.88 0.36 -6.90
CA GLN A 65 -17.02 0.67 -8.02
C GLN A 65 -15.79 1.45 -7.56
N LEU A 66 -15.88 2.05 -6.36
CA LEU A 66 -14.75 2.76 -5.74
C LEU A 66 -13.69 1.76 -5.37
N GLU A 67 -14.11 0.67 -4.72
CA GLU A 67 -13.21 -0.41 -4.37
C GLU A 67 -12.66 -1.04 -5.63
N ALA A 68 -13.53 -1.21 -6.63
CA ALA A 68 -13.15 -1.73 -7.94
C ALA A 68 -12.05 -0.89 -8.58
N CYS A 69 -12.13 0.45 -8.42
CA CYS A 69 -11.09 1.36 -8.91
C CYS A 69 -9.74 1.03 -8.26
N VAL A 70 -9.75 0.83 -6.94
CA VAL A 70 -8.53 0.49 -6.18
C VAL A 70 -8.02 -0.92 -6.58
N ARG A 71 -8.95 -1.79 -6.92
CA ARG A 71 -8.61 -3.15 -7.32
C ARG A 71 -8.19 -3.21 -8.79
N SER A 72 -8.34 -2.10 -9.49
CA SER A 72 -7.90 -1.99 -10.87
C SER A 72 -6.42 -1.64 -10.92
N ILE A 73 -5.84 -1.35 -9.76
CA ILE A 73 -4.43 -1.14 -9.66
C ILE A 73 -3.88 -2.52 -9.47
N GLN A 74 -3.29 -3.08 -10.47
CA GLN A 74 -2.94 -4.45 -10.37
C GLN A 74 -1.47 -4.68 -10.60
N LEU A 75 -0.77 -4.72 -9.52
CA LEU A 75 0.63 -5.03 -9.49
C LEU A 75 0.77 -6.15 -8.50
N ASP A 76 1.52 -7.15 -8.81
CA ASP A 76 1.68 -8.20 -7.83
C ASP A 76 2.65 -7.86 -6.77
N GLY A 77 2.28 -8.17 -5.59
CA GLY A 77 2.95 -7.66 -4.43
C GLY A 77 2.10 -6.57 -3.81
N LEU A 78 1.03 -6.21 -4.53
CA LEU A 78 -0.01 -5.35 -4.03
C LEU A 78 -1.21 -6.26 -3.81
N VAL A 79 -1.52 -6.50 -2.57
CA VAL A 79 -2.58 -7.41 -2.19
C VAL A 79 -3.69 -6.62 -1.50
N TRP A 80 -4.92 -6.87 -1.86
CA TRP A 80 -6.04 -6.20 -1.23
C TRP A 80 -6.49 -7.04 -0.05
N GLY A 81 -6.77 -6.41 1.04
CA GLY A 81 -7.16 -7.11 2.23
C GLY A 81 -8.57 -6.81 2.64
N ALA A 82 -8.71 -6.18 3.79
CA ALA A 82 -9.99 -5.85 4.36
C ALA A 82 -10.63 -4.64 3.72
N SER A 83 -11.93 -4.61 3.75
CA SER A 83 -12.71 -3.54 3.24
C SER A 83 -13.83 -3.30 4.25
N LYS A 84 -14.21 -2.06 4.43
CA LYS A 84 -15.29 -1.71 5.35
C LYS A 84 -15.87 -0.35 4.99
N LEU A 85 -17.15 -0.18 5.23
CA LEU A 85 -17.79 1.09 5.01
C LEU A 85 -17.78 1.87 6.31
N VAL A 86 -17.23 3.05 6.27
CA VAL A 86 -17.15 3.91 7.42
C VAL A 86 -18.14 5.06 7.24
N PRO A 87 -19.24 5.07 7.99
CA PRO A 87 -20.18 6.18 7.94
C PRO A 87 -19.56 7.44 8.55
N VAL A 88 -19.53 8.50 7.78
CA VAL A 88 -18.96 9.75 8.27
C VAL A 88 -20.04 10.76 8.55
N GLY A 89 -20.98 10.82 7.65
CA GLY A 89 -22.09 11.66 7.80
C GLY A 89 -23.31 10.83 7.72
N TYR A 90 -24.45 11.41 7.85
CA TYR A 90 -25.67 10.67 7.78
C TYR A 90 -26.08 10.46 6.34
N GLY A 91 -25.51 9.43 5.77
CA GLY A 91 -25.74 9.07 4.41
C GLY A 91 -24.46 8.60 3.79
N ILE A 92 -23.52 9.51 3.59
CA ILE A 92 -22.26 9.18 2.93
C ILE A 92 -21.35 8.34 3.83
N ARG A 93 -20.84 7.29 3.25
CA ARG A 93 -19.94 6.38 3.88
C ARG A 93 -18.67 6.39 3.07
N LYS A 94 -17.54 6.20 3.69
CA LYS A 94 -16.30 6.10 2.95
C LYS A 94 -15.79 4.69 3.03
N LEU A 95 -15.07 4.27 2.03
CA LEU A 95 -14.63 2.91 1.92
C LEU A 95 -13.21 2.82 2.40
N GLN A 96 -12.98 2.07 3.44
CA GLN A 96 -11.65 1.89 3.91
C GLN A 96 -11.14 0.59 3.37
N ILE A 97 -10.11 0.69 2.58
CA ILE A 97 -9.53 -0.43 1.92
C ILE A 97 -8.14 -0.66 2.48
N GLN A 98 -7.86 -1.88 2.76
CA GLN A 98 -6.60 -2.28 3.26
C GLN A 98 -5.80 -2.89 2.14
N CYS A 99 -4.59 -2.51 2.02
CA CYS A 99 -3.73 -3.07 1.04
C CYS A 99 -2.42 -3.46 1.68
N VAL A 100 -1.96 -4.62 1.34
CA VAL A 100 -0.72 -5.12 1.83
C VAL A 100 0.28 -4.99 0.70
N VAL A 101 1.34 -4.29 0.94
CA VAL A 101 2.34 -4.11 -0.04
C VAL A 101 3.60 -4.83 0.36
N GLU A 102 4.19 -5.40 -0.60
CA GLU A 102 5.47 -6.00 -0.47
C GLU A 102 6.47 -4.98 -0.92
N ASP A 103 7.27 -4.45 0.00
CA ASP A 103 8.25 -3.37 -0.32
C ASP A 103 9.25 -3.82 -1.37
N ASP A 104 9.48 -5.10 -1.43
CA ASP A 104 10.41 -5.69 -2.37
C ASP A 104 9.76 -5.91 -3.75
N LYS A 105 8.45 -5.67 -3.85
CA LYS A 105 7.75 -5.80 -5.12
C LYS A 105 7.05 -4.50 -5.51
N VAL A 106 6.18 -3.99 -4.65
CA VAL A 106 5.36 -2.85 -4.95
C VAL A 106 5.35 -1.87 -3.78
N GLY A 107 5.66 -0.63 -4.06
CA GLY A 107 5.63 0.38 -3.04
C GLY A 107 4.31 1.11 -3.03
N THR A 108 4.15 2.03 -2.09
CA THR A 108 2.92 2.77 -1.94
C THR A 108 2.75 3.79 -3.07
N ASP A 109 3.88 4.16 -3.71
CA ASP A 109 3.92 5.13 -4.84
C ASP A 109 2.88 4.82 -5.90
N LEU A 110 2.75 3.54 -6.23
CA LEU A 110 1.82 3.10 -7.26
C LEU A 110 0.38 3.34 -6.85
N LEU A 111 0.04 2.90 -5.64
CA LEU A 111 -1.34 2.99 -5.16
C LEU A 111 -1.74 4.45 -4.89
N GLU A 112 -0.81 5.21 -4.32
CA GLU A 112 -1.06 6.61 -3.99
C GLU A 112 -1.31 7.44 -5.24
N GLU A 113 -0.59 7.13 -6.31
CA GLU A 113 -0.70 7.88 -7.54
C GLU A 113 -2.01 7.53 -8.27
N GLU A 114 -2.29 6.24 -8.41
CA GLU A 114 -3.47 5.79 -9.13
C GLU A 114 -4.78 6.24 -8.47
N ILE A 115 -4.86 6.12 -7.15
CA ILE A 115 -6.09 6.49 -6.43
C ILE A 115 -6.33 8.01 -6.49
N THR A 116 -5.25 8.79 -6.50
CA THR A 116 -5.39 10.22 -6.59
C THR A 116 -5.78 10.67 -8.03
N LYS A 117 -5.56 9.78 -9.00
CA LYS A 117 -6.07 9.99 -10.35
C LYS A 117 -7.54 9.66 -10.36
N PHE A 118 -7.89 8.55 -9.66
CA PHE A 118 -9.27 8.05 -9.53
C PHE A 118 -10.21 9.04 -8.87
N GLU A 119 -9.64 10.11 -8.30
CA GLU A 119 -10.37 11.27 -7.71
C GLU A 119 -11.54 11.87 -8.54
N GLU A 120 -11.76 11.42 -9.76
CA GLU A 120 -13.00 11.78 -10.44
C GLU A 120 -14.18 11.08 -9.70
N HIS A 121 -13.90 9.89 -9.14
CA HIS A 121 -14.87 9.08 -8.40
C HIS A 121 -14.61 9.28 -6.90
N VAL A 122 -13.35 9.42 -6.57
CA VAL A 122 -12.91 9.55 -5.20
C VAL A 122 -12.81 11.03 -4.82
N GLN A 123 -13.44 11.42 -3.78
CA GLN A 123 -13.40 12.78 -3.34
C GLN A 123 -12.17 13.03 -2.50
N SER A 124 -11.91 12.16 -1.56
CA SER A 124 -10.81 12.32 -0.65
C SER A 124 -10.12 10.99 -0.40
N VAL A 125 -8.78 11.01 -0.40
CA VAL A 125 -8.00 9.84 -0.10
C VAL A 125 -7.24 10.11 1.19
N ASP A 126 -7.57 9.41 2.23
CA ASP A 126 -6.91 9.58 3.51
C ASP A 126 -6.21 8.32 3.92
N ILE A 127 -5.15 8.48 4.67
CA ILE A 127 -4.40 7.35 5.18
C ILE A 127 -4.81 7.14 6.62
N ALA A 128 -5.49 6.06 6.87
CA ALA A 128 -5.98 5.75 8.19
C ALA A 128 -4.84 5.27 9.08
N ALA A 129 -4.09 4.30 8.59
CA ALA A 129 -3.00 3.73 9.35
C ALA A 129 -2.02 3.06 8.41
N PHE A 130 -0.77 3.06 8.79
CA PHE A 130 0.30 2.44 8.06
C PHE A 130 0.95 1.44 9.01
N ASN A 131 0.69 0.17 8.80
CA ASN A 131 1.16 -0.85 9.75
C ASN A 131 2.07 -1.84 9.09
N LYS A 132 3.29 -1.89 9.53
CA LYS A 132 4.24 -2.86 9.03
C LYS A 132 3.92 -4.20 9.65
N ILE A 133 3.68 -5.20 8.84
CA ILE A 133 3.28 -6.49 9.34
C ILE A 133 4.34 -7.55 9.03
N GLY A 1 -43.67 13.86 -7.87
CA GLY A 1 -44.69 14.37 -8.76
C GLY A 1 -44.56 13.76 -10.12
N PRO A 2 -45.59 13.84 -10.98
CA PRO A 2 -45.54 13.26 -12.33
C PRO A 2 -44.51 13.96 -13.21
N GLY A 3 -43.43 13.26 -13.50
CA GLY A 3 -42.37 13.81 -14.31
C GLY A 3 -41.64 14.91 -13.58
N SER A 4 -41.24 14.64 -12.36
CA SER A 4 -40.56 15.62 -11.54
C SER A 4 -39.44 14.95 -10.76
N GLU A 5 -38.29 15.63 -10.72
CA GLU A 5 -37.09 15.19 -10.00
C GLU A 5 -36.40 13.99 -10.61
N ASP A 6 -35.09 14.05 -10.63
CA ASP A 6 -34.28 12.91 -11.06
C ASP A 6 -34.25 11.92 -9.92
N ASP A 7 -34.28 12.49 -8.70
CA ASP A 7 -34.21 11.73 -7.48
C ASP A 7 -35.42 10.82 -7.30
N ASP A 8 -35.12 9.54 -7.27
CA ASP A 8 -36.05 8.44 -7.08
C ASP A 8 -35.11 7.25 -7.00
N ILE A 9 -35.60 6.07 -7.13
CA ILE A 9 -34.75 4.91 -7.23
C ILE A 9 -34.38 4.84 -8.71
N ASP A 10 -33.13 4.57 -9.01
CA ASP A 10 -32.63 4.55 -10.40
C ASP A 10 -33.38 3.52 -11.23
N LEU A 11 -33.54 3.81 -12.51
CA LEU A 11 -34.31 2.93 -13.37
C LEU A 11 -33.44 1.85 -13.98
N PHE A 12 -32.91 1.01 -13.10
CA PHE A 12 -32.14 -0.20 -13.40
C PHE A 12 -30.86 0.07 -14.20
N GLY A 13 -29.82 0.39 -13.50
CA GLY A 13 -28.53 0.59 -14.10
C GLY A 13 -27.67 -0.64 -13.96
N SER A 14 -27.03 -1.03 -15.03
CA SER A 14 -26.21 -2.21 -15.01
C SER A 14 -24.81 -1.90 -14.48
N ASP A 15 -24.56 -2.26 -13.24
CA ASP A 15 -23.26 -2.07 -12.63
C ASP A 15 -22.36 -3.22 -13.06
N ASN A 16 -21.09 -2.97 -13.09
CA ASN A 16 -20.12 -3.96 -13.49
C ASN A 16 -18.85 -3.84 -12.67
N GLU A 17 -17.79 -4.52 -13.12
CA GLU A 17 -16.48 -4.60 -12.49
C GLU A 17 -16.45 -5.62 -11.38
N GLU A 18 -16.06 -6.83 -11.76
CA GLU A 18 -15.95 -7.94 -10.85
C GLU A 18 -14.54 -8.01 -10.29
N GLU A 19 -14.32 -8.94 -9.40
CA GLU A 19 -13.03 -9.22 -8.88
C GLU A 19 -12.54 -10.47 -9.64
N ASP A 20 -11.49 -10.33 -10.42
CA ASP A 20 -11.04 -11.45 -11.26
C ASP A 20 -10.16 -12.43 -10.50
N LYS A 21 -10.61 -13.68 -10.48
CA LYS A 21 -9.92 -14.77 -9.79
C LYS A 21 -8.60 -15.09 -10.46
N GLU A 22 -8.66 -15.27 -11.77
CA GLU A 22 -7.55 -15.73 -12.58
C GLU A 22 -6.31 -14.84 -12.40
N ALA A 23 -6.45 -13.54 -12.65
CA ALA A 23 -5.32 -12.61 -12.56
C ALA A 23 -4.79 -12.45 -11.12
N ALA A 24 -5.67 -12.61 -10.14
CA ALA A 24 -5.28 -12.52 -8.73
C ALA A 24 -4.45 -13.73 -8.35
N GLN A 25 -4.88 -14.88 -8.82
CA GLN A 25 -4.17 -16.11 -8.56
C GLN A 25 -2.89 -16.18 -9.36
N LEU A 26 -2.92 -15.69 -10.59
CA LEU A 26 -1.75 -15.65 -11.46
C LEU A 26 -0.65 -14.80 -10.86
N ARG A 27 -0.99 -13.62 -10.32
CA ARG A 27 0.04 -12.76 -9.73
C ARG A 27 0.59 -13.39 -8.43
N GLU A 28 -0.29 -14.03 -7.65
CA GLU A 28 0.08 -14.65 -6.40
C GLU A 28 1.03 -15.82 -6.65
N GLU A 29 0.67 -16.67 -7.61
CA GLU A 29 1.49 -17.80 -8.00
C GLU A 29 2.79 -17.33 -8.61
N ARG A 30 2.74 -16.26 -9.38
CA ARG A 30 3.92 -15.66 -10.02
C ARG A 30 4.95 -15.28 -8.97
N LEU A 31 4.49 -14.70 -7.88
CA LEU A 31 5.33 -14.27 -6.80
C LEU A 31 5.82 -15.42 -5.93
N ARG A 32 4.97 -16.40 -5.71
CA ARG A 32 5.35 -17.55 -4.90
C ARG A 32 6.33 -18.45 -5.64
N GLN A 33 6.16 -18.56 -6.95
CA GLN A 33 7.08 -19.29 -7.78
C GLN A 33 8.38 -18.52 -7.92
N TYR A 34 8.29 -17.21 -7.84
CA TYR A 34 9.44 -16.32 -7.88
C TYR A 34 10.34 -16.62 -6.68
N ALA A 35 9.77 -16.63 -5.50
CA ALA A 35 10.52 -16.86 -4.27
C ALA A 35 11.01 -18.31 -4.14
N GLU A 36 10.30 -19.23 -4.76
CA GLU A 36 10.63 -20.65 -4.66
C GLU A 36 11.68 -21.02 -5.72
N LYS A 37 11.42 -20.69 -6.96
CA LYS A 37 12.27 -21.09 -8.08
C LYS A 37 13.40 -20.10 -8.36
N LYS A 38 13.06 -18.84 -8.44
CA LYS A 38 13.99 -17.83 -8.94
C LYS A 38 14.87 -17.21 -7.84
N ALA A 39 14.34 -17.10 -6.65
CA ALA A 39 15.07 -16.48 -5.55
C ALA A 39 16.18 -17.38 -5.04
N LYS A 40 17.39 -16.87 -5.10
CA LYS A 40 18.57 -17.57 -4.64
C LYS A 40 18.90 -17.09 -3.24
N LYS A 41 18.51 -15.88 -2.94
CA LYS A 41 18.67 -15.32 -1.63
C LYS A 41 17.32 -15.07 -0.99
N PRO A 42 16.73 -16.08 -0.33
CA PRO A 42 15.52 -15.89 0.43
C PRO A 42 15.84 -15.13 1.72
N ALA A 43 15.63 -13.86 1.69
CA ALA A 43 15.95 -12.99 2.81
C ALA A 43 14.71 -12.55 3.54
N LEU A 44 13.57 -13.10 3.12
CA LEU A 44 12.23 -12.79 3.65
C LEU A 44 11.71 -11.47 3.11
N VAL A 45 10.54 -11.56 2.56
CA VAL A 45 9.89 -10.44 1.92
C VAL A 45 9.22 -9.54 2.97
N ALA A 46 9.34 -8.25 2.80
CA ALA A 46 8.75 -7.28 3.71
C ALA A 46 7.40 -6.84 3.16
N LYS A 47 6.44 -6.63 4.04
CA LYS A 47 5.10 -6.24 3.66
C LYS A 47 4.59 -5.15 4.56
N SER A 48 3.85 -4.23 4.01
CA SER A 48 3.22 -3.20 4.76
C SER A 48 1.72 -3.21 4.47
N SER A 49 0.92 -2.91 5.46
CA SER A 49 -0.51 -2.90 5.32
C SER A 49 -1.00 -1.48 5.52
N ILE A 50 -1.52 -0.89 4.49
CA ILE A 50 -1.94 0.47 4.54
C ILE A 50 -3.45 0.52 4.41
N LEU A 51 -4.07 1.23 5.32
CA LEU A 51 -5.50 1.41 5.31
C LEU A 51 -5.78 2.80 4.77
N LEU A 52 -6.46 2.87 3.66
CA LEU A 52 -6.83 4.16 3.08
C LEU A 52 -8.32 4.27 3.04
N ASP A 53 -8.82 5.45 3.24
CA ASP A 53 -10.22 5.65 3.11
C ASP A 53 -10.55 6.30 1.81
N VAL A 54 -11.18 5.51 0.98
CA VAL A 54 -11.63 5.88 -0.32
C VAL A 54 -13.03 6.42 -0.12
N LYS A 55 -13.11 7.70 -0.14
CA LYS A 55 -14.30 8.40 0.22
C LYS A 55 -15.00 8.95 -1.02
N PRO A 56 -16.30 8.63 -1.23
CA PRO A 56 -17.06 9.11 -2.40
C PRO A 56 -17.44 10.60 -2.31
N TRP A 57 -17.70 11.21 -3.48
CA TRP A 57 -18.10 12.63 -3.55
C TRP A 57 -19.49 12.84 -2.97
N ASP A 58 -20.42 12.01 -3.38
CA ASP A 58 -21.78 12.10 -2.90
C ASP A 58 -22.20 10.71 -2.48
N ASP A 59 -23.38 10.60 -1.89
CA ASP A 59 -23.96 9.28 -1.55
C ASP A 59 -24.24 8.46 -2.81
N GLU A 60 -24.40 9.15 -3.92
CA GLU A 60 -24.72 8.50 -5.16
C GLU A 60 -23.45 8.14 -5.97
N THR A 61 -22.30 8.36 -5.38
CA THR A 61 -21.09 7.90 -6.00
C THR A 61 -20.96 6.43 -5.57
N ASP A 62 -20.92 5.52 -6.52
CA ASP A 62 -20.90 4.09 -6.21
C ASP A 62 -19.61 3.65 -5.55
N MET A 63 -19.72 3.29 -4.28
CA MET A 63 -18.59 2.91 -3.47
C MET A 63 -17.98 1.56 -3.92
N ALA A 64 -18.80 0.70 -4.51
CA ALA A 64 -18.36 -0.59 -4.96
C ALA A 64 -17.35 -0.46 -6.10
N GLN A 65 -17.61 0.46 -7.03
CA GLN A 65 -16.70 0.70 -8.12
C GLN A 65 -15.45 1.43 -7.61
N LEU A 66 -15.59 2.17 -6.50
CA LEU A 66 -14.46 2.86 -5.87
C LEU A 66 -13.39 1.87 -5.42
N GLU A 67 -13.81 0.81 -4.73
CA GLU A 67 -12.87 -0.21 -4.31
C GLU A 67 -12.48 -1.11 -5.49
N ALA A 68 -13.34 -1.18 -6.51
CA ALA A 68 -13.04 -1.89 -7.75
C ALA A 68 -11.87 -1.24 -8.44
N CYS A 69 -11.85 0.11 -8.45
CA CYS A 69 -10.75 0.89 -8.99
C CYS A 69 -9.44 0.47 -8.32
N VAL A 70 -9.47 0.39 -6.99
CA VAL A 70 -8.31 0.02 -6.19
C VAL A 70 -7.84 -1.39 -6.55
N ARG A 71 -8.79 -2.29 -6.75
CA ARG A 71 -8.48 -3.66 -7.15
C ARG A 71 -8.04 -3.81 -8.60
N SER A 72 -8.14 -2.75 -9.37
CA SER A 72 -7.73 -2.76 -10.75
C SER A 72 -6.23 -2.38 -10.89
N ILE A 73 -5.57 -2.16 -9.76
CA ILE A 73 -4.15 -1.85 -9.75
C ILE A 73 -3.35 -3.13 -10.06
N GLN A 74 -2.80 -3.19 -11.25
CA GLN A 74 -2.10 -4.35 -11.69
C GLN A 74 -0.60 -4.17 -11.49
N LEU A 75 -0.19 -4.50 -10.29
CA LEU A 75 1.20 -4.54 -9.87
C LEU A 75 1.39 -5.81 -9.11
N ASP A 76 2.43 -6.53 -9.41
CA ASP A 76 2.71 -7.77 -8.69
C ASP A 76 3.34 -7.39 -7.39
N GLY A 77 2.73 -7.81 -6.33
CA GLY A 77 3.17 -7.40 -5.02
C GLY A 77 2.24 -6.35 -4.43
N LEU A 78 1.12 -6.14 -5.08
CA LEU A 78 0.07 -5.30 -4.55
C LEU A 78 -1.09 -6.25 -4.22
N VAL A 79 -1.33 -6.46 -2.95
CA VAL A 79 -2.34 -7.39 -2.48
C VAL A 79 -3.42 -6.59 -1.75
N TRP A 80 -4.64 -7.05 -1.78
CA TRP A 80 -5.72 -6.34 -1.12
C TRP A 80 -6.22 -7.15 0.04
N GLY A 81 -6.89 -6.48 0.94
CA GLY A 81 -7.48 -7.12 2.06
C GLY A 81 -8.98 -6.89 2.09
N ALA A 82 -9.49 -6.61 3.26
CA ALA A 82 -10.92 -6.42 3.45
C ALA A 82 -11.33 -4.98 3.17
N SER A 83 -12.61 -4.82 2.92
CA SER A 83 -13.21 -3.56 2.68
C SER A 83 -14.22 -3.30 3.80
N LYS A 84 -14.19 -2.13 4.39
CA LYS A 84 -15.13 -1.79 5.44
C LYS A 84 -15.53 -0.33 5.31
N LEU A 85 -16.81 -0.05 5.41
CA LEU A 85 -17.26 1.32 5.27
C LEU A 85 -17.63 1.91 6.60
N VAL A 86 -17.13 3.10 6.84
CA VAL A 86 -17.31 3.80 8.11
C VAL A 86 -17.90 5.20 7.81
N PRO A 87 -18.98 5.62 8.50
CA PRO A 87 -19.59 6.95 8.33
C PRO A 87 -18.66 8.10 8.78
N VAL A 88 -18.60 9.15 7.98
CA VAL A 88 -17.83 10.36 8.34
C VAL A 88 -18.73 11.58 8.32
N GLY A 89 -19.98 11.37 8.05
CA GLY A 89 -20.94 12.42 8.01
C GLY A 89 -22.30 11.85 7.91
N TYR A 90 -23.26 12.66 7.62
CA TYR A 90 -24.61 12.20 7.47
C TYR A 90 -24.88 11.84 6.04
N GLY A 91 -24.59 10.61 5.76
CA GLY A 91 -24.75 10.08 4.46
C GLY A 91 -23.47 9.48 3.98
N ILE A 92 -22.47 10.32 3.83
CA ILE A 92 -21.22 9.90 3.28
C ILE A 92 -20.42 9.02 4.24
N ARG A 93 -20.20 7.85 3.76
CA ARG A 93 -19.46 6.82 4.40
C ARG A 93 -18.24 6.60 3.56
N LYS A 94 -17.14 6.32 4.15
CA LYS A 94 -15.95 6.07 3.40
C LYS A 94 -15.60 4.61 3.41
N LEU A 95 -15.02 4.16 2.35
CA LEU A 95 -14.63 2.79 2.22
C LEU A 95 -13.19 2.70 2.62
N GLN A 96 -12.92 2.00 3.65
CA GLN A 96 -11.58 1.81 4.05
C GLN A 96 -11.13 0.51 3.46
N ILE A 97 -10.13 0.60 2.68
CA ILE A 97 -9.61 -0.51 1.98
C ILE A 97 -8.25 -0.84 2.52
N GLN A 98 -8.02 -2.09 2.74
CA GLN A 98 -6.75 -2.52 3.19
C GLN A 98 -5.96 -2.98 2.00
N CYS A 99 -4.80 -2.45 1.87
CA CYS A 99 -3.93 -2.85 0.82
C CYS A 99 -2.60 -3.21 1.41
N VAL A 100 -2.05 -4.28 0.96
CA VAL A 100 -0.81 -4.75 1.44
C VAL A 100 0.19 -4.64 0.31
N VAL A 101 1.31 -4.05 0.59
CA VAL A 101 2.32 -3.91 -0.40
C VAL A 101 3.47 -4.77 -0.04
N GLU A 102 4.02 -5.36 -1.03
CA GLU A 102 5.17 -6.15 -0.92
C GLU A 102 6.33 -5.22 -1.17
N ASP A 103 6.99 -4.78 -0.10
CA ASP A 103 8.07 -3.77 -0.16
C ASP A 103 9.26 -4.22 -0.99
N ASP A 104 9.33 -5.50 -1.25
CA ASP A 104 10.36 -6.07 -2.11
C ASP A 104 10.13 -5.71 -3.58
N LYS A 105 8.91 -5.37 -3.92
CA LYS A 105 8.57 -4.98 -5.28
C LYS A 105 7.83 -3.63 -5.37
N VAL A 106 6.71 -3.53 -4.65
CA VAL A 106 5.81 -2.39 -4.79
C VAL A 106 5.81 -1.52 -3.54
N GLY A 107 6.03 -0.24 -3.74
CA GLY A 107 5.96 0.71 -2.68
C GLY A 107 4.62 1.41 -2.66
N THR A 108 4.34 2.15 -1.62
CA THR A 108 3.05 2.85 -1.45
C THR A 108 2.79 3.86 -2.57
N ASP A 109 3.87 4.45 -3.09
CA ASP A 109 3.83 5.48 -4.15
C ASP A 109 2.99 5.06 -5.35
N LEU A 110 3.06 3.79 -5.70
CA LEU A 110 2.31 3.24 -6.82
C LEU A 110 0.81 3.32 -6.56
N LEU A 111 0.39 2.91 -5.37
CA LEU A 111 -1.02 2.91 -5.02
C LEU A 111 -1.53 4.32 -4.79
N GLU A 112 -0.67 5.16 -4.19
CA GLU A 112 -0.97 6.56 -3.93
C GLU A 112 -1.33 7.28 -5.21
N GLU A 113 -0.49 7.08 -6.22
CA GLU A 113 -0.68 7.66 -7.54
C GLU A 113 -2.00 7.18 -8.17
N GLU A 114 -2.22 5.87 -8.14
CA GLU A 114 -3.41 5.29 -8.74
C GLU A 114 -4.70 5.77 -8.08
N ILE A 115 -4.74 5.73 -6.76
CA ILE A 115 -5.94 6.10 -6.02
C ILE A 115 -6.24 7.60 -6.13
N THR A 116 -5.20 8.41 -6.27
CA THR A 116 -5.40 9.82 -6.44
C THR A 116 -5.90 10.15 -7.88
N LYS A 117 -5.67 9.21 -8.81
CA LYS A 117 -6.25 9.31 -10.16
C LYS A 117 -7.73 9.00 -10.07
N PHE A 118 -8.05 8.09 -9.16
CA PHE A 118 -9.41 7.64 -8.93
C PHE A 118 -10.26 8.74 -8.29
N GLU A 119 -9.59 9.81 -7.79
CA GLU A 119 -10.27 11.05 -7.27
C GLU A 119 -11.34 11.66 -8.20
N GLU A 120 -11.42 11.18 -9.42
CA GLU A 120 -12.52 11.50 -10.31
C GLU A 120 -13.85 10.99 -9.70
N HIS A 121 -13.76 9.91 -8.90
CA HIS A 121 -14.91 9.35 -8.20
C HIS A 121 -14.67 9.38 -6.68
N VAL A 122 -13.47 9.74 -6.30
CA VAL A 122 -13.10 9.76 -4.89
C VAL A 122 -12.93 11.21 -4.42
N GLN A 123 -13.69 11.58 -3.42
CA GLN A 123 -13.73 12.92 -2.84
C GLN A 123 -12.38 13.29 -2.25
N SER A 124 -11.80 12.37 -1.55
CA SER A 124 -10.57 12.56 -0.89
C SER A 124 -10.00 11.21 -0.59
N VAL A 125 -8.71 11.13 -0.62
CA VAL A 125 -8.02 9.93 -0.29
C VAL A 125 -7.30 10.23 1.00
N ASP A 126 -7.71 9.60 2.05
CA ASP A 126 -7.12 9.86 3.34
C ASP A 126 -6.50 8.62 3.89
N ILE A 127 -5.43 8.79 4.61
CA ILE A 127 -4.75 7.66 5.19
C ILE A 127 -5.38 7.38 6.54
N ALA A 128 -5.94 6.21 6.68
CA ALA A 128 -6.53 5.81 7.92
C ALA A 128 -5.45 5.42 8.89
N ALA A 129 -4.59 4.50 8.46
CA ALA A 129 -3.48 4.03 9.26
C ALA A 129 -2.46 3.33 8.39
N PHE A 130 -1.21 3.51 8.73
CA PHE A 130 -0.12 2.84 8.07
C PHE A 130 0.47 1.85 9.06
N ASN A 131 0.47 0.59 8.72
CA ASN A 131 0.98 -0.41 9.62
C ASN A 131 1.97 -1.28 8.88
N LYS A 132 3.02 -1.63 9.54
CA LYS A 132 3.96 -2.56 8.98
C LYS A 132 3.67 -3.92 9.55
N ILE A 133 3.69 -4.93 8.73
CA ILE A 133 3.34 -6.25 9.19
C ILE A 133 4.53 -7.20 9.08
N GLY A 1 29.12 14.96 -37.93
CA GLY A 1 29.84 14.87 -36.66
C GLY A 1 29.58 13.55 -35.99
N PRO A 2 30.60 12.67 -35.84
CA PRO A 2 30.44 11.40 -35.16
C PRO A 2 30.42 11.57 -33.64
N GLY A 3 29.27 11.37 -33.05
CA GLY A 3 29.15 11.48 -31.64
C GLY A 3 28.14 10.53 -31.08
N SER A 4 27.34 11.02 -30.17
CA SER A 4 26.29 10.25 -29.53
C SER A 4 25.10 11.19 -29.29
N GLU A 5 25.01 12.23 -30.12
CA GLU A 5 24.09 13.35 -29.86
C GLU A 5 24.12 14.37 -31.02
N ASP A 6 25.25 14.40 -31.75
CA ASP A 6 25.50 15.39 -32.82
C ASP A 6 24.46 15.32 -33.92
N ASP A 7 24.61 14.38 -34.81
CA ASP A 7 23.64 14.13 -35.88
C ASP A 7 23.28 12.67 -35.90
N ASP A 8 23.63 12.06 -34.81
CA ASP A 8 23.38 10.69 -34.50
C ASP A 8 22.42 10.64 -33.34
N ILE A 9 21.84 9.49 -33.13
CA ILE A 9 20.82 9.34 -32.11
C ILE A 9 21.43 9.18 -30.72
N ASP A 10 20.83 9.83 -29.75
CA ASP A 10 21.21 9.71 -28.37
C ASP A 10 20.40 8.60 -27.75
N LEU A 11 21.05 7.63 -27.18
CA LEU A 11 20.35 6.54 -26.54
C LEU A 11 20.47 6.65 -25.05
N PHE A 12 19.53 7.40 -24.44
CA PHE A 12 19.43 7.60 -22.98
C PHE A 12 20.66 8.32 -22.41
N GLY A 13 21.30 9.13 -23.21
CA GLY A 13 22.50 9.80 -22.77
C GLY A 13 22.20 11.12 -22.10
N SER A 14 21.15 11.77 -22.55
CA SER A 14 20.69 13.03 -21.98
C SER A 14 20.23 12.83 -20.54
N ASP A 15 20.82 13.54 -19.61
CA ASP A 15 20.42 13.41 -18.24
C ASP A 15 20.05 14.75 -17.62
N ASN A 16 18.82 14.87 -17.31
CA ASN A 16 18.33 15.98 -16.54
C ASN A 16 17.32 15.41 -15.60
N GLU A 17 17.76 15.05 -14.43
CA GLU A 17 16.94 14.34 -13.50
C GLU A 17 16.08 15.26 -12.67
N GLU A 18 14.81 15.24 -12.99
CA GLU A 18 13.81 15.98 -12.25
C GLU A 18 13.06 14.99 -11.37
N GLU A 19 13.49 13.75 -11.50
CA GLU A 19 12.99 12.60 -10.78
C GLU A 19 13.71 12.48 -9.44
N ASP A 20 14.37 13.56 -9.02
CA ASP A 20 15.13 13.61 -7.77
C ASP A 20 14.20 13.47 -6.57
N LYS A 21 12.94 13.83 -6.77
CA LYS A 21 11.91 13.68 -5.76
C LYS A 21 11.67 12.19 -5.49
N GLU A 22 11.73 11.40 -6.53
CA GLU A 22 11.57 9.98 -6.42
C GLU A 22 12.83 9.40 -5.83
N ALA A 23 13.96 9.79 -6.41
CA ALA A 23 15.29 9.34 -5.97
C ALA A 23 15.52 9.57 -4.47
N ALA A 24 15.06 10.71 -3.95
CA ALA A 24 15.19 11.04 -2.53
C ALA A 24 14.37 10.09 -1.65
N GLN A 25 13.12 9.85 -2.02
CA GLN A 25 12.28 8.98 -1.21
C GLN A 25 12.64 7.50 -1.45
N LEU A 26 13.20 7.21 -2.61
CA LEU A 26 13.67 5.87 -2.93
C LEU A 26 14.96 5.55 -2.20
N ARG A 27 15.79 6.54 -1.92
CA ARG A 27 17.00 6.27 -1.16
C ARG A 27 16.66 6.08 0.32
N GLU A 28 15.58 6.73 0.77
CA GLU A 28 15.02 6.52 2.11
C GLU A 28 14.53 5.06 2.19
N GLU A 29 13.79 4.66 1.16
CA GLU A 29 13.29 3.31 0.99
C GLU A 29 14.48 2.31 0.98
N ARG A 30 15.46 2.60 0.12
CA ARG A 30 16.66 1.80 -0.05
C ARG A 30 17.36 1.61 1.28
N LEU A 31 17.53 2.71 2.03
CA LEU A 31 18.20 2.71 3.33
C LEU A 31 17.53 1.83 4.36
N ARG A 32 16.21 1.63 4.25
CA ARG A 32 15.52 0.74 5.19
C ARG A 32 16.07 -0.65 5.01
N GLN A 33 15.99 -1.14 3.79
CA GLN A 33 16.48 -2.48 3.47
C GLN A 33 17.97 -2.59 3.68
N TYR A 34 18.69 -1.59 3.18
CA TYR A 34 20.15 -1.51 3.23
C TYR A 34 20.69 -1.63 4.65
N ALA A 35 19.99 -1.05 5.61
CA ALA A 35 20.41 -1.12 6.99
C ALA A 35 19.94 -2.41 7.65
N GLU A 36 18.65 -2.73 7.47
CA GLU A 36 18.04 -3.87 8.16
C GLU A 36 18.63 -5.21 7.76
N LYS A 37 18.87 -5.43 6.47
CA LYS A 37 19.42 -6.72 6.03
C LYS A 37 20.91 -6.82 6.34
N LYS A 38 21.54 -5.67 6.51
CA LYS A 38 22.96 -5.64 6.80
C LYS A 38 23.19 -5.97 8.26
N ALA A 39 22.35 -5.40 9.12
CA ALA A 39 22.42 -5.68 10.54
C ALA A 39 21.80 -7.05 10.81
N LYS A 40 20.47 -7.13 10.77
CA LYS A 40 19.70 -8.36 10.97
C LYS A 40 18.22 -8.06 10.91
N LYS A 41 17.46 -8.92 10.28
CA LYS A 41 16.02 -8.79 10.23
C LYS A 41 15.43 -10.19 10.03
N PRO A 42 14.44 -10.59 10.88
CA PRO A 42 13.82 -11.93 10.78
C PRO A 42 13.16 -12.18 9.42
N ALA A 43 12.32 -11.28 8.98
CA ALA A 43 11.70 -11.40 7.71
C ALA A 43 12.21 -10.30 6.83
N LEU A 44 13.03 -10.67 5.88
CA LEU A 44 13.65 -9.71 4.99
C LEU A 44 12.64 -9.16 4.02
N VAL A 45 11.68 -9.98 3.67
CA VAL A 45 10.58 -9.55 2.86
C VAL A 45 9.63 -8.76 3.74
N ALA A 46 9.39 -7.55 3.36
CA ALA A 46 8.61 -6.65 4.14
C ALA A 46 7.26 -6.42 3.51
N LYS A 47 6.27 -6.35 4.35
CA LYS A 47 4.92 -6.06 3.93
C LYS A 47 4.42 -4.89 4.74
N SER A 48 3.70 -4.03 4.13
CA SER A 48 3.09 -2.93 4.81
C SER A 48 1.61 -2.86 4.52
N SER A 49 0.82 -2.78 5.55
CA SER A 49 -0.59 -2.71 5.45
C SER A 49 -1.02 -1.25 5.58
N ILE A 50 -1.53 -0.71 4.52
CA ILE A 50 -1.98 0.65 4.50
C ILE A 50 -3.49 0.66 4.35
N LEU A 51 -4.16 1.26 5.29
CA LEU A 51 -5.59 1.42 5.24
C LEU A 51 -5.87 2.78 4.65
N LEU A 52 -6.57 2.84 3.55
CA LEU A 52 -6.93 4.13 3.00
C LEU A 52 -8.38 4.34 3.17
N ASP A 53 -8.75 5.49 3.67
CA ASP A 53 -10.13 5.82 3.79
C ASP A 53 -10.53 6.74 2.65
N VAL A 54 -11.21 6.14 1.74
CA VAL A 54 -11.62 6.73 0.49
C VAL A 54 -13.00 7.37 0.64
N LYS A 55 -13.04 8.68 0.61
CA LYS A 55 -14.28 9.40 0.72
C LYS A 55 -14.86 9.59 -0.68
N PRO A 56 -16.10 9.14 -0.93
CA PRO A 56 -16.77 9.38 -2.19
C PRO A 56 -17.28 10.81 -2.27
N TRP A 57 -17.75 11.20 -3.43
CA TRP A 57 -18.31 12.52 -3.62
C TRP A 57 -19.67 12.61 -2.96
N ASP A 58 -20.51 11.65 -3.27
CA ASP A 58 -21.87 11.59 -2.76
C ASP A 58 -22.19 10.16 -2.42
N ASP A 59 -23.42 9.89 -1.95
CA ASP A 59 -23.88 8.49 -1.77
C ASP A 59 -24.08 7.90 -3.13
N GLU A 60 -24.48 8.77 -4.05
CA GLU A 60 -24.74 8.46 -5.43
C GLU A 60 -23.48 7.93 -6.12
N THR A 61 -22.32 8.35 -5.64
CA THR A 61 -21.06 7.86 -6.12
C THR A 61 -20.95 6.39 -5.70
N ASP A 62 -20.86 5.49 -6.67
CA ASP A 62 -20.92 4.08 -6.39
C ASP A 62 -19.67 3.56 -5.70
N MET A 63 -19.83 3.26 -4.42
CA MET A 63 -18.78 2.79 -3.54
C MET A 63 -18.29 1.39 -3.91
N ALA A 64 -19.17 0.61 -4.51
CA ALA A 64 -18.85 -0.74 -4.93
C ALA A 64 -17.79 -0.71 -6.02
N GLN A 65 -17.95 0.19 -6.98
CA GLN A 65 -16.97 0.34 -8.01
C GLN A 65 -15.76 1.12 -7.55
N LEU A 66 -15.89 1.87 -6.44
CA LEU A 66 -14.73 2.56 -5.83
C LEU A 66 -13.72 1.52 -5.38
N GLU A 67 -14.24 0.47 -4.74
CA GLU A 67 -13.43 -0.66 -4.31
C GLU A 67 -12.84 -1.35 -5.54
N ALA A 68 -13.67 -1.50 -6.58
CA ALA A 68 -13.27 -2.10 -7.84
C ALA A 68 -12.15 -1.32 -8.51
N CYS A 69 -12.22 0.01 -8.44
CA CYS A 69 -11.19 0.89 -8.97
C CYS A 69 -9.85 0.64 -8.27
N VAL A 70 -9.86 0.58 -6.95
CA VAL A 70 -8.63 0.32 -6.18
C VAL A 70 -8.13 -1.13 -6.46
N ARG A 71 -9.05 -2.00 -6.78
CA ARG A 71 -8.73 -3.36 -7.14
C ARG A 71 -8.32 -3.52 -8.61
N SER A 72 -8.44 -2.44 -9.38
CA SER A 72 -8.03 -2.42 -10.78
C SER A 72 -6.52 -2.14 -10.91
N ILE A 73 -5.89 -1.78 -9.79
CA ILE A 73 -4.45 -1.55 -9.73
C ILE A 73 -3.76 -2.90 -9.89
N GLN A 74 -3.07 -3.09 -10.98
CA GLN A 74 -2.48 -4.38 -11.20
C GLN A 74 -0.97 -4.34 -11.13
N LEU A 75 -0.47 -4.63 -9.95
CA LEU A 75 0.94 -4.75 -9.71
C LEU A 75 1.15 -5.98 -8.85
N ASP A 76 2.18 -6.73 -9.13
CA ASP A 76 2.51 -7.85 -8.28
C ASP A 76 3.22 -7.38 -7.07
N GLY A 77 2.75 -7.80 -5.94
CA GLY A 77 3.24 -7.28 -4.68
C GLY A 77 2.25 -6.30 -4.11
N LEU A 78 1.24 -5.97 -4.90
CA LEU A 78 0.14 -5.14 -4.44
C LEU A 78 -0.94 -6.14 -4.07
N VAL A 79 -1.17 -6.30 -2.82
CA VAL A 79 -2.13 -7.24 -2.32
C VAL A 79 -3.28 -6.48 -1.70
N TRP A 80 -4.47 -6.96 -1.88
CA TRP A 80 -5.62 -6.32 -1.31
C TRP A 80 -6.02 -7.06 -0.08
N GLY A 81 -6.59 -6.37 0.84
CA GLY A 81 -7.09 -6.97 2.00
C GLY A 81 -8.55 -6.68 2.14
N ALA A 82 -9.07 -6.91 3.31
CA ALA A 82 -10.46 -6.63 3.61
C ALA A 82 -10.77 -5.14 3.48
N SER A 83 -11.95 -4.85 3.05
CA SER A 83 -12.39 -3.51 2.86
C SER A 83 -13.69 -3.36 3.63
N LYS A 84 -13.99 -2.18 4.10
CA LYS A 84 -15.21 -1.94 4.84
C LYS A 84 -15.63 -0.49 4.73
N LEU A 85 -16.88 -0.23 4.97
CA LEU A 85 -17.37 1.12 4.96
C LEU A 85 -17.36 1.67 6.38
N VAL A 86 -17.16 2.96 6.51
CA VAL A 86 -17.22 3.63 7.79
C VAL A 86 -18.18 4.82 7.67
N PRO A 87 -19.39 4.72 8.24
CA PRO A 87 -20.38 5.80 8.17
C PRO A 87 -20.04 6.94 9.14
N VAL A 88 -19.95 8.16 8.61
CA VAL A 88 -19.56 9.29 9.46
C VAL A 88 -20.45 10.50 9.29
N GLY A 89 -20.87 10.78 8.08
CA GLY A 89 -21.63 11.96 7.83
C GLY A 89 -23.06 11.67 7.59
N TYR A 90 -23.72 12.58 6.92
CA TYR A 90 -25.11 12.44 6.60
C TYR A 90 -25.24 11.55 5.39
N GLY A 91 -25.35 10.27 5.64
CA GLY A 91 -25.46 9.30 4.58
C GLY A 91 -24.11 8.81 4.10
N ILE A 92 -23.23 9.74 3.72
CA ILE A 92 -21.92 9.43 3.15
C ILE A 92 -21.00 8.73 4.18
N ARG A 93 -20.35 7.70 3.71
CA ARG A 93 -19.48 6.88 4.51
C ARG A 93 -18.18 6.87 3.75
N LYS A 94 -17.09 6.56 4.37
CA LYS A 94 -15.86 6.40 3.62
C LYS A 94 -15.53 4.94 3.50
N LEU A 95 -14.95 4.58 2.42
CA LEU A 95 -14.60 3.22 2.13
C LEU A 95 -13.18 3.00 2.58
N GLN A 96 -12.98 2.14 3.52
CA GLN A 96 -11.68 1.84 4.01
C GLN A 96 -11.20 0.60 3.32
N ILE A 97 -10.21 0.78 2.51
CA ILE A 97 -9.65 -0.28 1.75
C ILE A 97 -8.25 -0.56 2.26
N GLN A 98 -8.02 -1.79 2.57
CA GLN A 98 -6.74 -2.21 3.02
C GLN A 98 -5.96 -2.69 1.84
N CYS A 99 -4.82 -2.12 1.65
CA CYS A 99 -3.92 -2.58 0.69
C CYS A 99 -2.67 -2.96 1.41
N VAL A 100 -2.14 -4.05 1.08
CA VAL A 100 -0.96 -4.54 1.67
C VAL A 100 0.08 -4.65 0.59
N VAL A 101 1.14 -3.97 0.72
CA VAL A 101 2.14 -4.03 -0.28
C VAL A 101 3.33 -4.72 0.23
N GLU A 102 3.88 -5.50 -0.60
CA GLU A 102 5.09 -6.15 -0.32
C GLU A 102 6.14 -5.19 -0.81
N ASP A 103 6.80 -4.53 0.13
CA ASP A 103 7.78 -3.47 -0.13
C ASP A 103 8.87 -3.90 -1.07
N ASP A 104 9.16 -5.18 -1.04
CA ASP A 104 10.15 -5.81 -1.92
C ASP A 104 9.79 -5.65 -3.40
N LYS A 105 8.51 -5.50 -3.66
CA LYS A 105 8.04 -5.39 -5.02
C LYS A 105 7.38 -4.03 -5.27
N VAL A 106 6.42 -3.67 -4.46
CA VAL A 106 5.63 -2.46 -4.66
C VAL A 106 5.74 -1.55 -3.45
N GLY A 107 5.84 -0.27 -3.70
CA GLY A 107 5.84 0.71 -2.65
C GLY A 107 4.53 1.43 -2.59
N THR A 108 4.36 2.25 -1.57
CA THR A 108 3.13 3.00 -1.37
C THR A 108 2.84 3.95 -2.53
N ASP A 109 3.91 4.45 -3.14
CA ASP A 109 3.88 5.40 -4.27
C ASP A 109 2.93 4.96 -5.38
N LEU A 110 2.98 3.68 -5.70
CA LEU A 110 2.18 3.11 -6.79
C LEU A 110 0.69 3.19 -6.50
N LEU A 111 0.32 2.83 -5.28
CA LEU A 111 -1.09 2.81 -4.91
C LEU A 111 -1.62 4.23 -4.76
N GLU A 112 -0.77 5.12 -4.23
CA GLU A 112 -1.11 6.52 -4.04
C GLU A 112 -1.42 7.17 -5.38
N GLU A 113 -0.53 6.99 -6.34
CA GLU A 113 -0.71 7.52 -7.69
C GLU A 113 -2.00 7.07 -8.34
N GLU A 114 -2.22 5.77 -8.38
CA GLU A 114 -3.40 5.20 -8.99
C GLU A 114 -4.70 5.70 -8.34
N ILE A 115 -4.75 5.68 -7.01
CA ILE A 115 -5.95 6.11 -6.28
C ILE A 115 -6.19 7.63 -6.40
N THR A 116 -5.13 8.42 -6.47
CA THR A 116 -5.28 9.85 -6.65
C THR A 116 -5.71 10.20 -8.09
N LYS A 117 -5.46 9.28 -9.01
CA LYS A 117 -5.98 9.41 -10.37
C LYS A 117 -7.46 9.01 -10.37
N PHE A 118 -7.81 8.05 -9.49
CA PHE A 118 -9.18 7.60 -9.31
C PHE A 118 -10.07 8.68 -8.69
N GLU A 119 -9.45 9.76 -8.20
CA GLU A 119 -10.15 10.99 -7.70
C GLU A 119 -11.21 11.59 -8.64
N GLU A 120 -11.29 11.07 -9.84
CA GLU A 120 -12.38 11.35 -10.75
C GLU A 120 -13.71 10.80 -10.15
N HIS A 121 -13.60 9.79 -9.28
CA HIS A 121 -14.73 9.20 -8.57
C HIS A 121 -14.54 9.33 -7.05
N VAL A 122 -13.34 9.70 -6.66
CA VAL A 122 -12.97 9.80 -5.26
C VAL A 122 -12.82 11.27 -4.85
N GLN A 123 -13.41 11.65 -3.74
CA GLN A 123 -13.35 13.01 -3.28
C GLN A 123 -12.14 13.24 -2.38
N SER A 124 -11.77 12.25 -1.60
CA SER A 124 -10.62 12.39 -0.73
C SER A 124 -9.93 11.04 -0.53
N VAL A 125 -8.61 11.05 -0.60
CA VAL A 125 -7.80 9.86 -0.39
C VAL A 125 -6.97 10.12 0.86
N ASP A 126 -7.23 9.36 1.91
CA ASP A 126 -6.48 9.53 3.14
C ASP A 126 -5.95 8.24 3.64
N ILE A 127 -4.94 8.34 4.44
CA ILE A 127 -4.33 7.20 5.05
C ILE A 127 -4.93 7.07 6.44
N ALA A 128 -5.68 6.03 6.65
CA ALA A 128 -6.32 5.78 7.92
C ALA A 128 -5.32 5.22 8.91
N ALA A 129 -4.46 4.33 8.44
CA ALA A 129 -3.44 3.72 9.28
C ALA A 129 -2.37 3.08 8.43
N PHE A 130 -1.17 3.09 8.93
CA PHE A 130 -0.04 2.44 8.31
C PHE A 130 0.52 1.46 9.33
N ASN A 131 0.54 0.20 8.98
CA ASN A 131 1.06 -0.83 9.86
C ASN A 131 1.97 -1.73 9.10
N LYS A 132 3.22 -1.78 9.45
CA LYS A 132 4.14 -2.70 8.79
C LYS A 132 3.92 -4.10 9.37
N ILE A 133 3.80 -5.07 8.53
CA ILE A 133 3.55 -6.42 8.98
C ILE A 133 4.67 -7.34 8.55
N GLY A 1 -10.21 14.84 -54.67
CA GLY A 1 -10.92 13.67 -54.18
C GLY A 1 -12.34 14.04 -53.84
N PRO A 2 -12.81 13.79 -52.60
CA PRO A 2 -14.20 14.09 -52.19
C PRO A 2 -14.55 15.58 -52.31
N GLY A 3 -13.65 16.44 -51.90
CA GLY A 3 -13.90 17.85 -51.98
C GLY A 3 -12.62 18.62 -51.86
N SER A 4 -12.26 18.90 -50.66
CA SER A 4 -11.03 19.54 -50.35
C SER A 4 -10.39 18.72 -49.25
N GLU A 5 -9.44 17.90 -49.65
CA GLU A 5 -8.78 16.97 -48.75
C GLU A 5 -7.93 17.68 -47.72
N ASP A 6 -8.12 17.30 -46.50
CA ASP A 6 -7.43 17.83 -45.35
C ASP A 6 -7.25 16.63 -44.40
N ASP A 7 -6.88 16.89 -43.17
CA ASP A 7 -6.71 15.83 -42.18
C ASP A 7 -8.06 15.20 -41.85
N ASP A 8 -8.16 13.92 -42.06
CA ASP A 8 -9.42 13.22 -41.90
C ASP A 8 -9.43 12.40 -40.61
N ILE A 9 -10.63 12.06 -40.17
CA ILE A 9 -10.91 11.30 -38.95
C ILE A 9 -10.15 9.95 -38.95
N ASP A 10 -9.49 9.60 -37.84
CA ASP A 10 -8.74 8.35 -37.77
C ASP A 10 -9.69 7.16 -37.76
N LEU A 11 -9.20 6.02 -38.17
CA LEU A 11 -10.03 4.87 -38.45
C LEU A 11 -10.41 4.05 -37.23
N PHE A 12 -11.68 4.05 -36.97
CA PHE A 12 -12.29 3.21 -35.96
C PHE A 12 -13.19 2.24 -36.68
N GLY A 13 -13.38 1.08 -36.14
CA GLY A 13 -14.30 0.16 -36.77
C GLY A 13 -13.81 -1.24 -36.78
N SER A 14 -12.52 -1.42 -36.99
CA SER A 14 -11.96 -2.73 -37.05
C SER A 14 -11.82 -3.34 -35.67
N ASP A 15 -12.75 -4.19 -35.35
CA ASP A 15 -12.76 -4.95 -34.10
C ASP A 15 -12.90 -6.39 -34.48
N ASN A 16 -12.44 -6.64 -35.67
CA ASN A 16 -12.49 -7.92 -36.36
C ASN A 16 -11.63 -8.94 -35.65
N GLU A 17 -10.56 -8.47 -35.05
CA GLU A 17 -9.61 -9.35 -34.41
C GLU A 17 -10.07 -9.68 -33.00
N GLU A 18 -10.47 -8.62 -32.24
CA GLU A 18 -10.94 -8.72 -30.86
C GLU A 18 -9.84 -9.34 -29.94
N GLU A 19 -10.09 -9.43 -28.66
CA GLU A 19 -9.18 -10.06 -27.74
C GLU A 19 -9.97 -11.04 -26.92
N ASP A 20 -9.44 -12.20 -26.70
CA ASP A 20 -10.13 -13.20 -25.90
C ASP A 20 -9.84 -12.93 -24.44
N LYS A 21 -10.70 -12.12 -23.85
CA LYS A 21 -10.52 -11.65 -22.50
C LYS A 21 -10.81 -12.76 -21.48
N GLU A 22 -11.51 -13.81 -21.91
CA GLU A 22 -11.81 -14.96 -21.07
C GLU A 22 -10.52 -15.69 -20.71
N ALA A 23 -9.75 -16.09 -21.72
CA ALA A 23 -8.49 -16.76 -21.47
C ALA A 23 -7.50 -15.80 -20.89
N ALA A 24 -7.55 -14.54 -21.32
CA ALA A 24 -6.63 -13.49 -20.84
C ALA A 24 -6.69 -13.33 -19.33
N GLN A 25 -7.90 -13.19 -18.77
CA GLN A 25 -8.04 -13.02 -17.33
C GLN A 25 -7.63 -14.29 -16.59
N LEU A 26 -7.93 -15.45 -17.16
CA LEU A 26 -7.63 -16.71 -16.52
C LEU A 26 -6.14 -16.99 -16.48
N ARG A 27 -5.44 -16.74 -17.57
CA ARG A 27 -4.01 -16.94 -17.59
C ARG A 27 -3.31 -15.93 -16.73
N GLU A 28 -3.84 -14.71 -16.68
CA GLU A 28 -3.29 -13.68 -15.84
C GLU A 28 -3.47 -14.04 -14.38
N GLU A 29 -4.62 -14.60 -14.05
CA GLU A 29 -4.95 -15.06 -12.72
C GLU A 29 -3.92 -16.15 -12.34
N ARG A 30 -3.71 -17.13 -13.26
CA ARG A 30 -2.69 -18.18 -13.07
C ARG A 30 -1.29 -17.59 -12.87
N LEU A 31 -0.97 -16.55 -13.63
CA LEU A 31 0.34 -15.89 -13.55
C LEU A 31 0.53 -15.17 -12.21
N ARG A 32 -0.51 -14.57 -11.68
CA ARG A 32 -0.41 -13.91 -10.38
C ARG A 32 -0.26 -14.98 -9.27
N GLN A 33 -0.85 -16.16 -9.50
CA GLN A 33 -0.68 -17.31 -8.61
C GLN A 33 0.75 -17.84 -8.72
N TYR A 34 1.29 -17.77 -9.92
CA TYR A 34 2.63 -18.20 -10.24
C TYR A 34 3.66 -17.32 -9.50
N ALA A 35 3.33 -16.04 -9.36
CA ALA A 35 4.16 -15.09 -8.64
C ALA A 35 4.02 -15.28 -7.12
N GLU A 36 2.95 -15.95 -6.72
CA GLU A 36 2.72 -16.28 -5.33
C GLU A 36 3.60 -17.47 -4.93
N LYS A 37 3.55 -18.51 -5.75
CA LYS A 37 4.29 -19.74 -5.49
C LYS A 37 5.80 -19.54 -5.70
N LYS A 38 6.18 -18.96 -6.83
CA LYS A 38 7.58 -18.78 -7.13
C LYS A 38 8.09 -17.44 -6.65
N ALA A 39 8.12 -17.33 -5.37
CA ALA A 39 8.66 -16.21 -4.66
C ALA A 39 9.06 -16.70 -3.31
N LYS A 40 10.11 -17.45 -3.29
CA LYS A 40 10.63 -18.04 -2.09
C LYS A 40 11.75 -17.19 -1.60
N LYS A 41 11.44 -16.28 -0.71
CA LYS A 41 12.41 -15.37 -0.21
C LYS A 41 12.73 -15.74 1.24
N PRO A 42 13.97 -16.18 1.51
CA PRO A 42 14.35 -16.66 2.84
C PRO A 42 14.40 -15.56 3.91
N ALA A 43 14.65 -14.31 3.51
CA ALA A 43 14.69 -13.20 4.45
C ALA A 43 13.30 -12.84 4.91
N LEU A 44 13.22 -12.07 5.98
CA LEU A 44 11.96 -11.61 6.51
C LEU A 44 11.41 -10.54 5.58
N VAL A 45 10.41 -10.91 4.81
CA VAL A 45 9.85 -10.05 3.78
C VAL A 45 9.17 -8.83 4.41
N ALA A 46 9.47 -7.68 3.88
CA ALA A 46 8.94 -6.44 4.38
C ALA A 46 7.58 -6.19 3.76
N LYS A 47 6.60 -5.97 4.58
CA LYS A 47 5.24 -5.75 4.12
C LYS A 47 4.63 -4.59 4.86
N SER A 48 3.86 -3.82 4.17
CA SER A 48 3.15 -2.74 4.77
C SER A 48 1.69 -2.83 4.38
N SER A 49 0.84 -2.77 5.34
CA SER A 49 -0.54 -2.78 5.10
C SER A 49 -1.06 -1.39 5.40
N ILE A 50 -1.47 -0.70 4.39
CA ILE A 50 -1.91 0.66 4.52
C ILE A 50 -3.42 0.67 4.45
N LEU A 51 -4.04 1.33 5.38
CA LEU A 51 -5.45 1.49 5.39
C LEU A 51 -5.74 2.85 4.79
N LEU A 52 -6.43 2.88 3.71
CA LEU A 52 -6.79 4.13 3.12
C LEU A 52 -8.27 4.28 3.19
N ASP A 53 -8.71 5.43 3.57
CA ASP A 53 -10.11 5.68 3.60
C ASP A 53 -10.49 6.61 2.47
N VAL A 54 -11.32 6.10 1.64
CA VAL A 54 -11.79 6.73 0.44
C VAL A 54 -13.11 7.44 0.70
N LYS A 55 -13.11 8.74 0.55
CA LYS A 55 -14.30 9.55 0.74
C LYS A 55 -14.94 9.83 -0.63
N PRO A 56 -16.17 9.36 -0.86
CA PRO A 56 -16.88 9.63 -2.11
C PRO A 56 -17.44 11.05 -2.15
N TRP A 57 -17.82 11.51 -3.34
CA TRP A 57 -18.38 12.84 -3.49
C TRP A 57 -19.79 12.94 -2.93
N ASP A 58 -20.61 11.98 -3.25
CA ASP A 58 -21.98 11.97 -2.82
C ASP A 58 -22.33 10.53 -2.44
N ASP A 59 -23.52 10.30 -1.90
CA ASP A 59 -24.00 8.94 -1.56
C ASP A 59 -24.20 8.17 -2.84
N GLU A 60 -24.62 8.91 -3.86
CA GLU A 60 -24.94 8.36 -5.15
C GLU A 60 -23.69 8.02 -5.97
N THR A 61 -22.53 8.43 -5.49
CA THR A 61 -21.29 8.02 -6.08
C THR A 61 -21.09 6.56 -5.65
N ASP A 62 -21.07 5.65 -6.60
CA ASP A 62 -21.08 4.24 -6.28
C ASP A 62 -19.79 3.77 -5.63
N MET A 63 -19.92 3.34 -4.40
CA MET A 63 -18.82 2.93 -3.57
C MET A 63 -18.29 1.55 -3.95
N ALA A 64 -19.10 0.79 -4.65
CA ALA A 64 -18.71 -0.55 -5.08
C ALA A 64 -17.69 -0.44 -6.21
N GLN A 65 -17.96 0.44 -7.16
CA GLN A 65 -17.03 0.65 -8.25
C GLN A 65 -15.80 1.43 -7.77
N LEU A 66 -16.00 2.22 -6.69
CA LEU A 66 -14.88 2.92 -6.03
C LEU A 66 -13.86 1.92 -5.51
N GLU A 67 -14.36 0.87 -4.83
CA GLU A 67 -13.49 -0.19 -4.34
C GLU A 67 -12.84 -0.92 -5.51
N ALA A 68 -13.66 -1.18 -6.55
CA ALA A 68 -13.20 -1.85 -7.76
C ALA A 68 -12.05 -1.09 -8.44
N CYS A 69 -12.07 0.24 -8.33
CA CYS A 69 -10.99 1.08 -8.86
C CYS A 69 -9.68 0.75 -8.14
N VAL A 70 -9.73 0.62 -6.82
CA VAL A 70 -8.55 0.29 -6.03
C VAL A 70 -8.12 -1.17 -6.30
N ARG A 71 -9.08 -1.99 -6.68
CA ARG A 71 -8.79 -3.38 -6.96
C ARG A 71 -8.30 -3.59 -8.40
N SER A 72 -8.36 -2.54 -9.21
CA SER A 72 -7.85 -2.63 -10.58
C SER A 72 -6.37 -2.22 -10.63
N ILE A 73 -5.80 -1.92 -9.46
CA ILE A 73 -4.38 -1.61 -9.35
C ILE A 73 -3.60 -2.90 -9.57
N GLN A 74 -2.96 -2.99 -10.71
CA GLN A 74 -2.34 -4.22 -11.10
C GLN A 74 -0.83 -4.17 -11.01
N LEU A 75 -0.33 -4.59 -9.88
CA LEU A 75 1.10 -4.72 -9.62
C LEU A 75 1.30 -6.03 -8.88
N ASP A 76 2.37 -6.74 -9.18
CA ASP A 76 2.65 -8.00 -8.48
C ASP A 76 3.17 -7.67 -7.12
N GLY A 77 2.47 -8.12 -6.11
CA GLY A 77 2.84 -7.81 -4.77
C GLY A 77 1.95 -6.74 -4.18
N LEU A 78 0.93 -6.36 -4.93
CA LEU A 78 -0.08 -5.47 -4.43
C LEU A 78 -1.23 -6.37 -4.06
N VAL A 79 -1.45 -6.53 -2.80
CA VAL A 79 -2.44 -7.42 -2.29
C VAL A 79 -3.53 -6.62 -1.60
N TRP A 80 -4.73 -7.04 -1.72
CA TRP A 80 -5.84 -6.38 -1.09
C TRP A 80 -6.19 -7.13 0.16
N GLY A 81 -6.56 -6.42 1.17
CA GLY A 81 -6.94 -7.03 2.40
C GLY A 81 -8.42 -6.95 2.61
N ALA A 82 -8.82 -6.47 3.75
CA ALA A 82 -10.22 -6.34 4.07
C ALA A 82 -10.72 -4.96 3.67
N SER A 83 -11.91 -4.90 3.21
CA SER A 83 -12.49 -3.65 2.85
C SER A 83 -13.78 -3.45 3.63
N LYS A 84 -13.95 -2.29 4.15
CA LYS A 84 -15.07 -2.00 5.00
C LYS A 84 -15.56 -0.60 4.71
N LEU A 85 -16.84 -0.40 4.75
CA LEU A 85 -17.39 0.90 4.54
C LEU A 85 -18.00 1.39 5.83
N VAL A 86 -17.41 2.41 6.37
CA VAL A 86 -17.78 2.91 7.66
C VAL A 86 -18.56 4.21 7.50
N PRO A 87 -19.85 4.22 7.89
CA PRO A 87 -20.67 5.43 7.86
C PRO A 87 -20.12 6.43 8.86
N VAL A 88 -19.82 7.62 8.39
CA VAL A 88 -19.19 8.64 9.22
C VAL A 88 -19.94 9.95 9.17
N GLY A 89 -20.33 10.36 7.99
CA GLY A 89 -21.14 11.52 7.83
C GLY A 89 -22.57 11.09 7.77
N TYR A 90 -23.48 12.01 7.61
CA TYR A 90 -24.86 11.64 7.48
C TYR A 90 -25.10 11.15 6.07
N GLY A 91 -25.09 9.84 5.95
CA GLY A 91 -25.24 9.20 4.70
C GLY A 91 -23.89 8.75 4.18
N ILE A 92 -23.04 9.72 3.89
CA ILE A 92 -21.73 9.48 3.30
C ILE A 92 -20.82 8.64 4.22
N ARG A 93 -20.42 7.52 3.67
CA ARG A 93 -19.58 6.55 4.33
C ARG A 93 -18.18 6.67 3.75
N LYS A 94 -17.21 6.22 4.47
CA LYS A 94 -15.86 6.16 3.96
C LYS A 94 -15.53 4.73 3.65
N LEU A 95 -14.96 4.48 2.51
CA LEU A 95 -14.58 3.14 2.12
C LEU A 95 -13.15 2.94 2.54
N GLN A 96 -12.95 2.10 3.49
CA GLN A 96 -11.65 1.83 3.99
C GLN A 96 -11.16 0.56 3.35
N ILE A 97 -10.10 0.69 2.63
CA ILE A 97 -9.51 -0.39 1.93
C ILE A 97 -8.15 -0.70 2.54
N GLN A 98 -7.96 -1.95 2.87
CA GLN A 98 -6.71 -2.41 3.37
C GLN A 98 -5.92 -2.89 2.18
N CYS A 99 -4.76 -2.38 2.03
CA CYS A 99 -3.90 -2.84 0.99
C CYS A 99 -2.65 -3.35 1.66
N VAL A 100 -2.07 -4.35 1.11
CA VAL A 100 -0.85 -4.89 1.61
C VAL A 100 0.14 -4.81 0.49
N VAL A 101 1.25 -4.22 0.73
CA VAL A 101 2.25 -4.15 -0.28
C VAL A 101 3.41 -4.97 0.12
N GLU A 102 3.93 -5.64 -0.84
CA GLU A 102 5.13 -6.36 -0.70
C GLU A 102 6.21 -5.31 -0.88
N ASP A 103 6.79 -4.81 0.21
CA ASP A 103 7.79 -3.71 0.13
C ASP A 103 9.01 -4.13 -0.63
N ASP A 104 9.23 -5.42 -0.63
CA ASP A 104 10.32 -6.03 -1.34
C ASP A 104 10.11 -6.03 -2.87
N LYS A 105 8.89 -5.65 -3.31
CA LYS A 105 8.57 -5.55 -4.74
C LYS A 105 7.95 -4.17 -5.11
N VAL A 106 6.89 -3.83 -4.39
CA VAL A 106 6.07 -2.65 -4.67
C VAL A 106 6.34 -1.53 -3.67
N GLY A 107 6.25 -0.30 -4.14
CA GLY A 107 6.34 0.84 -3.27
C GLY A 107 4.98 1.48 -3.08
N THR A 108 4.80 2.17 -1.96
CA THR A 108 3.55 2.85 -1.62
C THR A 108 3.12 3.86 -2.69
N ASP A 109 4.11 4.45 -3.37
CA ASP A 109 3.89 5.47 -4.42
C ASP A 109 2.96 4.97 -5.50
N LEU A 110 3.09 3.70 -5.83
CA LEU A 110 2.29 3.08 -6.88
C LEU A 110 0.81 3.07 -6.54
N LEU A 111 0.48 2.73 -5.31
CA LEU A 111 -0.92 2.67 -4.90
C LEU A 111 -1.50 4.08 -4.79
N GLU A 112 -0.67 5.00 -4.28
CA GLU A 112 -1.07 6.39 -4.09
C GLU A 112 -1.39 7.02 -5.44
N GLU A 113 -0.52 6.79 -6.42
CA GLU A 113 -0.64 7.32 -7.78
C GLU A 113 -1.97 6.90 -8.41
N GLU A 114 -2.30 5.63 -8.30
CA GLU A 114 -3.50 5.10 -8.89
C GLU A 114 -4.75 5.68 -8.24
N ILE A 115 -4.80 5.67 -6.92
CA ILE A 115 -5.99 6.13 -6.19
C ILE A 115 -6.18 7.66 -6.33
N THR A 116 -5.09 8.40 -6.46
CA THR A 116 -5.20 9.84 -6.66
C THR A 116 -5.65 10.18 -8.10
N LYS A 117 -5.54 9.19 -9.00
CA LYS A 117 -6.09 9.34 -10.35
C LYS A 117 -7.59 9.09 -10.25
N PHE A 118 -7.97 8.20 -9.36
CA PHE A 118 -9.35 7.83 -9.14
C PHE A 118 -10.16 8.91 -8.49
N GLU A 119 -9.48 9.96 -7.97
CA GLU A 119 -10.12 11.21 -7.45
C GLU A 119 -11.08 11.91 -8.46
N GLU A 120 -11.13 11.40 -9.67
CA GLU A 120 -12.13 11.79 -10.63
C GLU A 120 -13.53 11.27 -10.16
N HIS A 121 -13.54 10.25 -9.28
CA HIS A 121 -14.79 9.74 -8.65
C HIS A 121 -14.65 9.70 -7.13
N VAL A 122 -13.44 9.81 -6.64
CA VAL A 122 -13.15 9.87 -5.23
C VAL A 122 -12.97 11.34 -4.86
N GLN A 123 -13.49 11.76 -3.75
CA GLN A 123 -13.36 13.15 -3.37
C GLN A 123 -12.01 13.40 -2.72
N SER A 124 -11.66 12.56 -1.78
CA SER A 124 -10.44 12.70 -1.04
C SER A 124 -9.94 11.33 -0.62
N VAL A 125 -8.63 11.15 -0.64
CA VAL A 125 -8.00 9.93 -0.23
C VAL A 125 -7.24 10.22 1.05
N ASP A 126 -7.55 9.51 2.11
CA ASP A 126 -6.81 9.68 3.35
C ASP A 126 -6.15 8.43 3.78
N ILE A 127 -4.99 8.59 4.38
CA ILE A 127 -4.28 7.49 4.94
C ILE A 127 -4.77 7.34 6.36
N ALA A 128 -5.54 6.33 6.61
CA ALA A 128 -6.11 6.08 7.90
C ALA A 128 -5.04 5.60 8.87
N ALA A 129 -4.27 4.61 8.44
CA ALA A 129 -3.22 4.04 9.25
C ALA A 129 -2.24 3.29 8.38
N PHE A 130 -1.02 3.23 8.82
CA PHE A 130 0.02 2.52 8.15
C PHE A 130 0.50 1.42 9.09
N ASN A 131 0.43 0.19 8.64
CA ASN A 131 0.84 -0.94 9.46
C ASN A 131 2.00 -1.64 8.80
N LYS A 132 3.05 -1.89 9.51
CA LYS A 132 4.10 -2.72 8.98
C LYS A 132 3.89 -4.10 9.52
N ILE A 133 3.71 -5.06 8.66
CA ILE A 133 3.39 -6.38 9.11
C ILE A 133 4.55 -7.32 8.88
N GLY A 1 -24.07 -17.04 12.22
CA GLY A 1 -24.28 -18.36 11.64
C GLY A 1 -23.83 -19.43 12.59
N PRO A 2 -23.62 -20.66 12.11
CA PRO A 2 -23.09 -21.74 12.92
C PRO A 2 -21.56 -21.63 13.00
N GLY A 3 -21.06 -21.51 14.20
CA GLY A 3 -19.66 -21.39 14.42
C GLY A 3 -19.36 -21.45 15.88
N SER A 4 -18.26 -22.05 16.24
CA SER A 4 -17.91 -22.21 17.63
C SER A 4 -16.38 -22.05 17.79
N GLU A 5 -15.76 -21.37 16.79
CA GLU A 5 -14.30 -21.12 16.72
C GLU A 5 -13.48 -22.43 16.58
N ASP A 6 -13.34 -23.13 17.68
CA ASP A 6 -12.58 -24.38 17.76
C ASP A 6 -13.16 -25.24 18.85
N ASP A 7 -13.46 -24.60 19.99
CA ASP A 7 -14.07 -25.28 21.13
C ASP A 7 -15.41 -25.85 20.78
N ASP A 8 -15.52 -27.15 20.94
CA ASP A 8 -16.72 -27.93 20.64
C ASP A 8 -16.41 -29.36 21.00
N ILE A 9 -15.15 -29.69 20.79
CA ILE A 9 -14.59 -30.96 21.21
C ILE A 9 -14.34 -30.85 22.71
N ASP A 10 -14.80 -31.82 23.48
CA ASP A 10 -14.58 -31.80 24.93
C ASP A 10 -13.14 -32.09 25.24
N LEU A 11 -12.67 -31.57 26.38
CA LEU A 11 -11.27 -31.66 26.82
C LEU A 11 -10.38 -30.83 25.87
N PHE A 12 -9.09 -31.10 25.88
CA PHE A 12 -8.17 -30.47 24.94
C PHE A 12 -7.79 -31.51 23.89
N GLY A 13 -8.73 -32.38 23.62
CA GLY A 13 -8.53 -33.47 22.72
C GLY A 13 -8.72 -34.75 23.47
N SER A 14 -7.65 -35.25 24.01
CA SER A 14 -7.65 -36.41 24.88
C SER A 14 -6.50 -36.25 25.86
N ASP A 15 -6.78 -35.61 26.97
CA ASP A 15 -5.75 -35.31 27.95
C ASP A 15 -6.07 -35.92 29.29
N ASN A 16 -5.05 -36.40 29.95
CA ASN A 16 -5.15 -36.97 31.28
C ASN A 16 -4.60 -35.98 32.30
N GLU A 17 -3.34 -35.58 32.10
CA GLU A 17 -2.70 -34.53 32.91
C GLU A 17 -1.95 -33.60 31.98
N GLU A 18 -2.26 -33.71 30.73
CA GLU A 18 -1.52 -33.04 29.69
C GLU A 18 -2.01 -31.63 29.47
N GLU A 19 -1.10 -30.70 29.59
CA GLU A 19 -1.33 -29.32 29.23
C GLU A 19 -1.01 -29.29 27.70
N ASP A 20 -0.86 -28.15 27.07
CA ASP A 20 -0.52 -28.16 25.66
C ASP A 20 0.95 -28.47 25.49
N LYS A 21 1.23 -29.75 25.36
CA LYS A 21 2.56 -30.29 25.23
C LYS A 21 3.12 -29.95 23.86
N GLU A 22 2.23 -29.80 22.89
CA GLU A 22 2.60 -29.46 21.53
C GLU A 22 3.31 -28.12 21.48
N ALA A 23 2.66 -27.09 21.98
CA ALA A 23 3.25 -25.76 22.00
C ALA A 23 4.51 -25.72 22.86
N ALA A 24 4.48 -26.43 24.00
CA ALA A 24 5.61 -26.47 24.94
C ALA A 24 6.88 -27.03 24.28
N GLN A 25 6.74 -28.19 23.61
CA GLN A 25 7.89 -28.84 22.96
C GLN A 25 8.37 -28.01 21.77
N LEU A 26 7.42 -27.33 21.09
CA LEU A 26 7.76 -26.51 19.96
C LEU A 26 8.52 -25.31 20.42
N ARG A 27 8.06 -24.68 21.47
CA ARG A 27 8.73 -23.52 22.06
C ARG A 27 10.16 -23.83 22.45
N GLU A 28 10.37 -24.97 23.05
CA GLU A 28 11.68 -25.41 23.47
C GLU A 28 12.58 -25.66 22.24
N GLU A 29 12.15 -26.56 21.37
CA GLU A 29 12.94 -26.96 20.23
C GLU A 29 13.13 -25.84 19.22
N ARG A 30 12.11 -25.01 19.02
CA ARG A 30 12.17 -23.88 18.07
C ARG A 30 13.27 -22.91 18.46
N LEU A 31 13.45 -22.67 19.76
CA LEU A 31 14.52 -21.75 20.18
C LEU A 31 15.90 -22.35 19.95
N ARG A 32 16.01 -23.66 20.09
CA ARG A 32 17.29 -24.36 19.87
C ARG A 32 17.63 -24.33 18.38
N GLN A 33 16.62 -24.60 17.55
CA GLN A 33 16.73 -24.60 16.11
C GLN A 33 17.04 -23.18 15.60
N TYR A 34 16.33 -22.20 16.17
CA TYR A 34 16.50 -20.80 15.83
C TYR A 34 17.90 -20.32 16.17
N ALA A 35 18.42 -20.71 17.34
CA ALA A 35 19.75 -20.31 17.78
C ALA A 35 20.81 -20.87 16.83
N GLU A 36 20.59 -22.09 16.38
CA GLU A 36 21.45 -22.77 15.43
C GLU A 36 21.45 -22.02 14.09
N LYS A 37 20.27 -21.70 13.61
CA LYS A 37 20.10 -21.08 12.30
C LYS A 37 20.32 -19.55 12.31
N LYS A 38 20.43 -18.96 13.50
CA LYS A 38 20.60 -17.51 13.64
C LYS A 38 22.01 -17.05 13.22
N ALA A 39 22.19 -17.01 11.94
CA ALA A 39 23.40 -16.56 11.28
C ALA A 39 22.96 -15.93 9.97
N LYS A 40 21.74 -15.48 9.99
CA LYS A 40 21.05 -14.88 8.88
C LYS A 40 19.98 -14.01 9.50
N LYS A 41 19.49 -13.05 8.79
CA LYS A 41 18.39 -12.26 9.27
C LYS A 41 17.09 -12.95 8.93
N PRO A 42 16.22 -13.21 9.93
CA PRO A 42 14.90 -13.84 9.72
C PRO A 42 13.88 -12.92 9.00
N ALA A 43 14.33 -12.18 8.02
CA ALA A 43 13.50 -11.29 7.27
C ALA A 43 13.02 -11.97 6.01
N LEU A 44 11.82 -12.51 6.05
CA LEU A 44 11.27 -13.18 4.91
C LEU A 44 10.34 -12.24 4.17
N VAL A 45 10.94 -11.23 3.53
CA VAL A 45 10.24 -10.21 2.73
C VAL A 45 9.37 -9.27 3.60
N ALA A 46 9.58 -7.97 3.45
CA ALA A 46 8.85 -7.00 4.24
C ALA A 46 7.56 -6.58 3.55
N LYS A 47 6.53 -6.34 4.34
CA LYS A 47 5.24 -5.94 3.83
C LYS A 47 4.59 -4.87 4.70
N SER A 48 3.89 -3.99 4.06
CA SER A 48 3.18 -2.93 4.73
C SER A 48 1.70 -3.03 4.45
N SER A 49 0.91 -2.87 5.46
CA SER A 49 -0.51 -2.90 5.37
C SER A 49 -1.01 -1.47 5.59
N ILE A 50 -1.56 -0.90 4.57
CA ILE A 50 -2.02 0.46 4.65
C ILE A 50 -3.51 0.47 4.55
N LEU A 51 -4.15 1.05 5.52
CA LEU A 51 -5.57 1.23 5.51
C LEU A 51 -5.84 2.61 4.97
N LEU A 52 -6.53 2.69 3.88
CA LEU A 52 -6.89 3.98 3.32
C LEU A 52 -8.35 4.19 3.46
N ASP A 53 -8.73 5.39 3.76
CA ASP A 53 -10.10 5.74 3.80
C ASP A 53 -10.43 6.61 2.62
N VAL A 54 -11.14 6.01 1.72
CA VAL A 54 -11.52 6.59 0.46
C VAL A 54 -12.93 7.18 0.58
N LYS A 55 -13.03 8.48 0.53
CA LYS A 55 -14.29 9.16 0.69
C LYS A 55 -14.83 9.62 -0.66
N PRO A 56 -16.05 9.19 -1.02
CA PRO A 56 -16.70 9.57 -2.29
C PRO A 56 -17.22 11.02 -2.27
N TRP A 57 -17.68 11.52 -3.41
CA TRP A 57 -18.22 12.88 -3.52
C TRP A 57 -19.60 12.97 -2.87
N ASP A 58 -20.43 12.02 -3.21
CA ASP A 58 -21.79 11.94 -2.70
C ASP A 58 -22.12 10.47 -2.51
N ASP A 59 -23.31 10.14 -2.02
CA ASP A 59 -23.73 8.75 -1.85
C ASP A 59 -23.99 8.10 -3.17
N GLU A 60 -24.35 8.92 -4.15
CA GLU A 60 -24.60 8.43 -5.50
C GLU A 60 -23.31 8.09 -6.23
N THR A 61 -22.20 8.45 -5.64
CA THR A 61 -20.95 8.02 -6.14
C THR A 61 -20.82 6.55 -5.65
N ASP A 62 -20.77 5.62 -6.58
CA ASP A 62 -20.81 4.22 -6.24
C ASP A 62 -19.53 3.71 -5.63
N MET A 63 -19.61 3.41 -4.35
CA MET A 63 -18.48 2.94 -3.56
C MET A 63 -17.90 1.63 -4.10
N ALA A 64 -18.74 0.81 -4.70
CA ALA A 64 -18.32 -0.47 -5.24
C ALA A 64 -17.37 -0.29 -6.42
N GLN A 65 -17.66 0.69 -7.30
CA GLN A 65 -16.76 0.95 -8.41
C GLN A 65 -15.46 1.60 -7.91
N LEU A 66 -15.53 2.33 -6.78
CA LEU A 66 -14.33 2.92 -6.17
C LEU A 66 -13.39 1.81 -5.71
N GLU A 67 -13.95 0.84 -5.00
CA GLU A 67 -13.21 -0.32 -4.52
C GLU A 67 -12.68 -1.14 -5.69
N ALA A 68 -13.52 -1.28 -6.72
CA ALA A 68 -13.18 -2.01 -7.93
C ALA A 68 -11.96 -1.43 -8.59
N CYS A 69 -11.87 -0.11 -8.62
CA CYS A 69 -10.72 0.56 -9.20
C CYS A 69 -9.45 0.28 -8.40
N VAL A 70 -9.55 0.31 -7.06
CA VAL A 70 -8.40 0.03 -6.18
C VAL A 70 -7.94 -1.42 -6.36
N ARG A 71 -8.90 -2.30 -6.50
CA ARG A 71 -8.63 -3.71 -6.73
C ARG A 71 -8.19 -4.02 -8.17
N SER A 72 -8.23 -3.02 -9.02
CA SER A 72 -7.75 -3.15 -10.38
C SER A 72 -6.31 -2.62 -10.51
N ILE A 73 -5.72 -2.17 -9.40
CA ILE A 73 -4.32 -1.77 -9.40
C ILE A 73 -3.50 -3.06 -9.36
N GLN A 74 -2.90 -3.42 -10.45
CA GLN A 74 -2.34 -4.74 -10.53
C GLN A 74 -0.84 -4.71 -10.71
N LEU A 75 -0.15 -4.90 -9.62
CA LEU A 75 1.30 -4.98 -9.60
C LEU A 75 1.67 -6.23 -8.85
N ASP A 76 2.73 -6.86 -9.26
CA ASP A 76 3.23 -8.03 -8.55
C ASP A 76 3.79 -7.57 -7.22
N GLY A 77 3.16 -8.00 -6.16
CA GLY A 77 3.50 -7.54 -4.84
C GLY A 77 2.50 -6.53 -4.31
N LEU A 78 1.37 -6.39 -5.00
CA LEU A 78 0.27 -5.56 -4.54
C LEU A 78 -0.84 -6.51 -4.11
N VAL A 79 -1.05 -6.59 -2.84
CA VAL A 79 -2.00 -7.51 -2.23
C VAL A 79 -3.19 -6.73 -1.66
N TRP A 80 -4.38 -7.24 -1.83
CA TRP A 80 -5.57 -6.59 -1.33
C TRP A 80 -6.06 -7.28 -0.08
N GLY A 81 -6.68 -6.54 0.79
CA GLY A 81 -7.25 -7.08 1.98
C GLY A 81 -8.70 -6.69 2.09
N ALA A 82 -9.25 -6.86 3.29
CA ALA A 82 -10.64 -6.54 3.57
C ALA A 82 -10.97 -5.05 3.43
N SER A 83 -12.22 -4.78 3.16
CA SER A 83 -12.74 -3.44 3.05
C SER A 83 -13.89 -3.31 4.04
N LYS A 84 -14.18 -2.12 4.46
CA LYS A 84 -15.30 -1.83 5.36
C LYS A 84 -15.76 -0.41 5.16
N LEU A 85 -17.01 -0.14 5.42
CA LEU A 85 -17.57 1.19 5.20
C LEU A 85 -17.76 1.90 6.52
N VAL A 86 -17.25 3.10 6.59
CA VAL A 86 -17.31 3.89 7.80
C VAL A 86 -18.12 5.18 7.56
N PRO A 87 -19.29 5.33 8.21
CA PRO A 87 -20.13 6.54 8.07
C PRO A 87 -19.52 7.75 8.78
N VAL A 88 -19.35 8.84 8.04
CA VAL A 88 -18.75 10.06 8.59
C VAL A 88 -19.69 11.26 8.53
N GLY A 89 -20.55 11.29 7.54
CA GLY A 89 -21.46 12.37 7.39
C GLY A 89 -22.87 11.89 7.34
N TYR A 90 -23.75 12.71 6.82
CA TYR A 90 -25.14 12.33 6.67
C TYR A 90 -25.28 11.45 5.46
N GLY A 91 -25.17 10.17 5.67
CA GLY A 91 -25.29 9.22 4.61
C GLY A 91 -23.94 8.80 4.10
N ILE A 92 -23.06 9.79 3.88
CA ILE A 92 -21.76 9.55 3.29
C ILE A 92 -20.85 8.73 4.18
N ARG A 93 -20.47 7.62 3.63
CA ARG A 93 -19.63 6.66 4.24
C ARG A 93 -18.37 6.59 3.42
N LYS A 94 -17.29 6.29 4.04
CA LYS A 94 -16.05 6.17 3.36
C LYS A 94 -15.61 4.72 3.36
N LEU A 95 -14.87 4.36 2.38
CA LEU A 95 -14.46 2.99 2.20
C LEU A 95 -13.07 2.82 2.72
N GLN A 96 -12.92 1.98 3.69
CA GLN A 96 -11.66 1.69 4.27
C GLN A 96 -11.15 0.41 3.62
N ILE A 97 -10.12 0.56 2.86
CA ILE A 97 -9.53 -0.54 2.13
C ILE A 97 -8.15 -0.85 2.69
N GLN A 98 -7.93 -2.11 2.96
CA GLN A 98 -6.63 -2.56 3.39
C GLN A 98 -5.86 -3.00 2.18
N CYS A 99 -4.75 -2.40 1.97
CA CYS A 99 -3.88 -2.80 0.92
C CYS A 99 -2.56 -3.18 1.52
N VAL A 100 -2.03 -4.26 1.08
CA VAL A 100 -0.79 -4.73 1.57
C VAL A 100 0.21 -4.70 0.44
N VAL A 101 1.28 -4.01 0.63
CA VAL A 101 2.28 -3.91 -0.40
C VAL A 101 3.50 -4.62 0.04
N GLU A 102 4.08 -5.30 -0.89
CA GLU A 102 5.26 -6.02 -0.65
C GLU A 102 6.40 -5.13 -0.95
N ASP A 103 6.96 -4.56 0.12
CA ASP A 103 8.03 -3.54 0.07
C ASP A 103 9.17 -3.88 -0.83
N ASP A 104 9.51 -5.14 -0.85
CA ASP A 104 10.57 -5.68 -1.68
C ASP A 104 10.27 -5.51 -3.18
N LYS A 105 9.00 -5.39 -3.53
CA LYS A 105 8.58 -5.24 -4.92
C LYS A 105 7.89 -3.88 -5.20
N VAL A 106 6.86 -3.57 -4.44
CA VAL A 106 5.99 -2.40 -4.67
C VAL A 106 5.93 -1.50 -3.43
N GLY A 107 5.91 -0.20 -3.64
CA GLY A 107 5.75 0.75 -2.56
C GLY A 107 4.36 1.38 -2.60
N THR A 108 4.10 2.35 -1.72
CA THR A 108 2.80 2.99 -1.64
C THR A 108 2.57 3.92 -2.83
N ASP A 109 3.67 4.31 -3.47
CA ASP A 109 3.73 5.23 -4.60
C ASP A 109 2.71 4.91 -5.67
N LEU A 110 2.62 3.62 -6.00
CA LEU A 110 1.69 3.12 -6.99
C LEU A 110 0.26 3.35 -6.57
N LEU A 111 -0.08 2.90 -5.38
CA LEU A 111 -1.45 2.95 -4.91
C LEU A 111 -1.91 4.39 -4.67
N GLU A 112 -1.01 5.22 -4.15
CA GLU A 112 -1.32 6.61 -3.87
C GLU A 112 -1.61 7.38 -5.15
N GLU A 113 -0.82 7.13 -6.19
CA GLU A 113 -1.01 7.85 -7.43
C GLU A 113 -2.23 7.32 -8.19
N GLU A 114 -2.43 6.01 -8.19
CA GLU A 114 -3.58 5.41 -8.86
C GLU A 114 -4.88 5.87 -8.25
N ILE A 115 -4.97 5.90 -6.93
CA ILE A 115 -6.19 6.33 -6.26
C ILE A 115 -6.40 7.85 -6.44
N THR A 116 -5.31 8.59 -6.58
CA THR A 116 -5.45 10.00 -6.84
C THR A 116 -5.85 10.28 -8.32
N LYS A 117 -5.66 9.27 -9.18
CA LYS A 117 -6.19 9.31 -10.55
C LYS A 117 -7.70 9.00 -10.50
N PHE A 118 -8.09 8.19 -9.52
CA PHE A 118 -9.48 7.77 -9.30
C PHE A 118 -10.32 8.89 -8.71
N GLU A 119 -9.64 9.97 -8.26
CA GLU A 119 -10.29 11.20 -7.73
C GLU A 119 -11.40 11.84 -8.60
N GLU A 120 -11.61 11.33 -9.79
CA GLU A 120 -12.74 11.73 -10.56
C GLU A 120 -14.06 11.21 -9.91
N HIS A 121 -13.95 10.09 -9.17
CA HIS A 121 -15.05 9.54 -8.34
C HIS A 121 -14.67 9.55 -6.85
N VAL A 122 -13.40 9.65 -6.57
CA VAL A 122 -12.92 9.73 -5.20
C VAL A 122 -12.76 11.20 -4.80
N GLN A 123 -13.41 11.62 -3.75
CA GLN A 123 -13.34 13.01 -3.36
C GLN A 123 -12.11 13.24 -2.49
N SER A 124 -11.81 12.31 -1.63
CA SER A 124 -10.67 12.44 -0.77
C SER A 124 -10.00 11.09 -0.57
N VAL A 125 -8.68 11.11 -0.57
CA VAL A 125 -7.88 9.93 -0.33
C VAL A 125 -7.13 10.18 0.96
N ASP A 126 -7.42 9.43 1.98
CA ASP A 126 -6.77 9.62 3.27
C ASP A 126 -6.21 8.33 3.77
N ILE A 127 -5.20 8.42 4.58
CA ILE A 127 -4.60 7.25 5.18
C ILE A 127 -5.18 7.08 6.57
N ALA A 128 -5.76 5.96 6.83
CA ALA A 128 -6.33 5.67 8.12
C ALA A 128 -5.27 5.11 9.05
N ALA A 129 -4.42 4.24 8.51
CA ALA A 129 -3.36 3.62 9.30
C ALA A 129 -2.28 3.04 8.39
N PHE A 130 -1.05 3.19 8.80
CA PHE A 130 0.08 2.59 8.12
C PHE A 130 0.69 1.58 9.07
N ASN A 131 0.46 0.34 8.81
CA ASN A 131 0.88 -0.73 9.69
C ASN A 131 1.93 -1.57 8.99
N LYS A 132 3.06 -1.75 9.61
CA LYS A 132 4.09 -2.58 9.02
C LYS A 132 4.06 -3.98 9.61
N ILE A 133 4.03 -4.97 8.75
CA ILE A 133 3.96 -6.33 9.19
C ILE A 133 5.27 -7.01 8.95
N GLY A 1 -17.84 -5.44 -42.54
CA GLY A 1 -18.02 -4.04 -42.89
C GLY A 1 -16.80 -3.23 -42.56
N PRO A 2 -16.71 -1.97 -43.02
CA PRO A 2 -15.57 -1.10 -42.75
C PRO A 2 -15.73 -0.36 -41.42
N GLY A 3 -14.96 -0.78 -40.43
CA GLY A 3 -14.99 -0.15 -39.14
C GLY A 3 -14.43 1.24 -39.21
N SER A 4 -15.27 2.22 -38.98
CA SER A 4 -14.85 3.58 -39.10
C SER A 4 -14.39 4.11 -37.75
N GLU A 5 -13.13 3.78 -37.41
CA GLU A 5 -12.40 4.22 -36.20
C GLU A 5 -12.86 3.48 -34.92
N ASP A 6 -14.19 3.32 -34.78
CA ASP A 6 -14.84 2.69 -33.62
C ASP A 6 -14.82 3.57 -32.38
N ASP A 7 -15.51 3.13 -31.35
CA ASP A 7 -15.67 3.93 -30.14
C ASP A 7 -14.47 3.80 -29.23
N ASP A 8 -13.92 4.92 -28.82
CA ASP A 8 -12.80 4.94 -27.90
C ASP A 8 -13.02 6.02 -26.87
N ILE A 9 -13.53 5.62 -25.75
CA ILE A 9 -13.79 6.51 -24.65
C ILE A 9 -12.78 6.20 -23.55
N ASP A 10 -12.58 7.11 -22.62
CA ASP A 10 -11.73 6.89 -21.46
C ASP A 10 -12.32 5.76 -20.62
N LEU A 11 -11.80 4.58 -20.84
CA LEU A 11 -12.24 3.37 -20.17
C LEU A 11 -11.34 3.11 -18.98
N PHE A 12 -10.12 3.51 -19.12
CA PHE A 12 -9.15 3.39 -18.10
C PHE A 12 -8.66 4.79 -17.82
N GLY A 13 -9.11 5.35 -16.71
CA GLY A 13 -8.79 6.73 -16.35
C GLY A 13 -7.34 6.91 -15.94
N SER A 14 -6.48 6.97 -16.92
CA SER A 14 -5.10 7.15 -16.68
C SER A 14 -4.71 8.59 -17.00
N ASP A 15 -5.01 8.98 -18.25
CA ASP A 15 -4.60 10.26 -18.86
C ASP A 15 -3.13 10.50 -18.60
N ASN A 16 -2.33 9.65 -19.19
CA ASN A 16 -0.92 9.64 -18.90
C ASN A 16 -0.07 9.71 -20.12
N GLU A 17 0.27 10.90 -20.46
CA GLU A 17 1.20 11.15 -21.50
C GLU A 17 2.42 11.74 -20.84
N GLU A 18 3.55 11.25 -21.19
CA GLU A 18 4.76 11.64 -20.53
C GLU A 18 5.44 12.83 -21.12
N GLU A 19 5.14 13.98 -20.55
CA GLU A 19 5.80 15.23 -20.87
C GLU A 19 7.29 15.09 -20.49
N ASP A 20 7.54 15.02 -19.20
CA ASP A 20 8.88 14.70 -18.68
C ASP A 20 8.68 13.98 -17.35
N LYS A 21 7.46 13.47 -17.16
CA LYS A 21 7.04 12.93 -15.89
C LYS A 21 7.65 11.59 -15.55
N GLU A 22 7.99 10.76 -16.56
CA GLU A 22 8.59 9.44 -16.27
C GLU A 22 9.91 9.61 -15.57
N ALA A 23 10.76 10.46 -16.13
CA ALA A 23 12.04 10.74 -15.55
C ALA A 23 11.89 11.52 -14.26
N ALA A 24 10.87 12.38 -14.18
CA ALA A 24 10.58 13.16 -12.96
C ALA A 24 10.21 12.23 -11.81
N GLN A 25 9.43 11.21 -12.13
CA GLN A 25 9.04 10.17 -11.19
C GLN A 25 10.26 9.45 -10.70
N LEU A 26 11.16 9.13 -11.61
CA LEU A 26 12.37 8.42 -11.28
C LEU A 26 13.30 9.29 -10.43
N ARG A 27 13.33 10.59 -10.71
CA ARG A 27 14.09 11.56 -9.90
C ARG A 27 13.59 11.52 -8.47
N GLU A 28 12.28 11.66 -8.32
CA GLU A 28 11.63 11.68 -7.01
C GLU A 28 11.84 10.35 -6.30
N GLU A 29 11.42 9.26 -6.95
CA GLU A 29 11.51 7.90 -6.43
C GLU A 29 12.93 7.57 -5.93
N ARG A 30 13.92 7.83 -6.76
CA ARG A 30 15.30 7.51 -6.43
C ARG A 30 15.83 8.39 -5.29
N LEU A 31 15.60 9.69 -5.38
CA LEU A 31 16.12 10.61 -4.37
C LEU A 31 15.37 10.55 -3.05
N ARG A 32 14.10 10.18 -3.10
CA ARG A 32 13.36 10.03 -1.86
C ARG A 32 13.82 8.77 -1.16
N GLN A 33 14.22 7.74 -1.94
CA GLN A 33 14.72 6.49 -1.35
C GLN A 33 16.03 6.71 -0.65
N TYR A 34 16.81 7.63 -1.19
CA TYR A 34 18.10 7.98 -0.65
C TYR A 34 17.92 8.59 0.77
N ALA A 35 16.86 9.38 0.92
CA ALA A 35 16.54 10.02 2.19
C ALA A 35 15.66 9.13 3.11
N GLU A 36 14.48 8.76 2.61
CA GLU A 36 13.45 8.00 3.36
C GLU A 36 13.95 6.63 3.81
N LYS A 37 14.35 5.83 2.84
CA LYS A 37 14.76 4.47 3.13
C LYS A 37 16.18 4.48 3.66
N LYS A 38 17.04 5.15 2.87
CA LYS A 38 18.50 5.19 3.03
C LYS A 38 19.07 3.85 2.58
N ALA A 39 18.67 2.83 3.27
CA ALA A 39 18.98 1.49 2.95
C ALA A 39 17.69 0.72 3.04
N LYS A 40 17.49 -0.21 2.16
CA LYS A 40 16.25 -0.96 2.15
C LYS A 40 16.28 -2.07 3.17
N LYS A 41 17.46 -2.67 3.33
CA LYS A 41 17.68 -3.88 4.10
C LYS A 41 17.12 -5.09 3.36
N PRO A 42 18.00 -5.83 2.65
CA PRO A 42 17.62 -7.05 1.89
C PRO A 42 17.24 -8.23 2.82
N ALA A 43 17.32 -8.01 4.11
CA ALA A 43 16.96 -8.99 5.10
C ALA A 43 15.44 -9.10 5.16
N LEU A 44 14.92 -10.33 4.97
CA LEU A 44 13.48 -10.63 4.97
C LEU A 44 12.77 -9.98 3.78
N VAL A 45 11.47 -10.17 3.71
CA VAL A 45 10.66 -9.49 2.74
C VAL A 45 9.90 -8.43 3.48
N ALA A 46 10.10 -7.20 3.10
CA ALA A 46 9.47 -6.09 3.78
C ALA A 46 8.05 -5.94 3.30
N LYS A 47 7.14 -5.85 4.23
CA LYS A 47 5.72 -5.74 3.92
C LYS A 47 5.12 -4.60 4.71
N SER A 48 4.09 -4.02 4.17
CA SER A 48 3.36 -2.99 4.84
C SER A 48 1.86 -3.21 4.63
N SER A 49 1.10 -2.97 5.66
CA SER A 49 -0.33 -3.07 5.62
C SER A 49 -0.88 -1.67 5.82
N ILE A 50 -1.55 -1.17 4.83
CA ILE A 50 -2.02 0.18 4.88
C ILE A 50 -3.52 0.20 4.73
N LEU A 51 -4.15 0.92 5.60
CA LEU A 51 -5.56 1.12 5.58
C LEU A 51 -5.81 2.50 5.00
N LEU A 52 -6.33 2.55 3.81
CA LEU A 52 -6.66 3.83 3.20
C LEU A 52 -8.13 3.98 3.18
N ASP A 53 -8.60 5.14 3.48
CA ASP A 53 -9.99 5.39 3.43
C ASP A 53 -10.30 6.32 2.27
N VAL A 54 -10.98 5.75 1.32
CA VAL A 54 -11.34 6.38 0.08
C VAL A 54 -12.72 6.99 0.22
N LYS A 55 -12.78 8.30 0.15
CA LYS A 55 -14.02 9.01 0.33
C LYS A 55 -14.66 9.34 -1.03
N PRO A 56 -15.97 9.12 -1.18
CA PRO A 56 -16.71 9.49 -2.39
C PRO A 56 -17.07 10.99 -2.39
N TRP A 57 -17.46 11.50 -3.56
CA TRP A 57 -17.84 12.91 -3.70
C TRP A 57 -19.18 13.22 -3.06
N ASP A 58 -20.20 12.52 -3.47
CA ASP A 58 -21.54 12.79 -3.02
C ASP A 58 -22.09 11.57 -2.32
N ASP A 59 -23.15 11.77 -1.59
CA ASP A 59 -23.84 10.73 -0.85
C ASP A 59 -24.33 9.62 -1.78
N GLU A 60 -24.64 9.98 -3.01
CA GLU A 60 -25.17 9.02 -3.96
C GLU A 60 -24.06 8.35 -4.78
N THR A 61 -22.80 8.72 -4.54
CA THR A 61 -21.69 8.11 -5.24
C THR A 61 -21.51 6.67 -4.74
N ASP A 62 -21.37 5.73 -5.66
CA ASP A 62 -21.29 4.33 -5.33
C ASP A 62 -19.92 3.93 -4.83
N MET A 63 -19.93 3.30 -3.69
CA MET A 63 -18.73 2.90 -3.02
C MET A 63 -18.19 1.59 -3.58
N ALA A 64 -19.05 0.84 -4.26
CA ALA A 64 -18.65 -0.42 -4.85
C ALA A 64 -17.71 -0.19 -6.01
N GLN A 65 -18.07 0.75 -6.88
CA GLN A 65 -17.24 1.09 -8.02
C GLN A 65 -15.93 1.73 -7.56
N LEU A 66 -15.98 2.53 -6.48
CA LEU A 66 -14.76 3.12 -5.90
C LEU A 66 -13.78 2.04 -5.44
N GLU A 67 -14.32 1.02 -4.78
CA GLU A 67 -13.52 -0.11 -4.31
C GLU A 67 -12.95 -0.88 -5.50
N ALA A 68 -13.78 -1.04 -6.53
CA ALA A 68 -13.39 -1.73 -7.75
C ALA A 68 -12.21 -1.03 -8.41
N CYS A 69 -12.22 0.30 -8.37
CA CYS A 69 -11.10 1.09 -8.91
C CYS A 69 -9.81 0.77 -8.16
N VAL A 70 -9.89 0.67 -6.83
CA VAL A 70 -8.72 0.35 -6.00
C VAL A 70 -8.23 -1.09 -6.31
N ARG A 71 -9.16 -1.97 -6.59
CA ARG A 71 -8.83 -3.34 -6.92
C ARG A 71 -8.35 -3.49 -8.36
N SER A 72 -8.44 -2.41 -9.14
CA SER A 72 -7.95 -2.42 -10.50
C SER A 72 -6.44 -2.11 -10.53
N ILE A 73 -5.88 -1.70 -9.38
CA ILE A 73 -4.46 -1.46 -9.28
C ILE A 73 -3.78 -2.83 -9.22
N GLN A 74 -3.15 -3.22 -10.29
CA GLN A 74 -2.67 -4.57 -10.41
C GLN A 74 -1.16 -4.63 -10.58
N LEU A 75 -0.49 -4.91 -9.50
CA LEU A 75 0.96 -5.06 -9.45
C LEU A 75 1.28 -6.27 -8.59
N ASP A 76 2.34 -6.98 -8.91
CA ASP A 76 2.80 -8.06 -8.03
C ASP A 76 3.41 -7.44 -6.82
N GLY A 77 2.96 -7.84 -5.68
CA GLY A 77 3.39 -7.22 -4.47
C GLY A 77 2.35 -6.28 -3.93
N LEU A 78 1.22 -6.22 -4.61
CA LEU A 78 0.10 -5.42 -4.20
C LEU A 78 -1.04 -6.41 -3.91
N VAL A 79 -1.36 -6.59 -2.67
CA VAL A 79 -2.41 -7.51 -2.26
C VAL A 79 -3.49 -6.76 -1.50
N TRP A 80 -4.74 -7.05 -1.77
CA TRP A 80 -5.85 -6.39 -1.11
C TRP A 80 -6.34 -7.25 0.04
N GLY A 81 -6.88 -6.62 1.04
CA GLY A 81 -7.49 -7.31 2.15
C GLY A 81 -8.98 -7.08 2.15
N ALA A 82 -9.53 -6.80 3.31
CA ALA A 82 -10.95 -6.53 3.40
C ALA A 82 -11.24 -5.07 3.11
N SER A 83 -12.47 -4.82 2.78
CA SER A 83 -12.93 -3.50 2.52
C SER A 83 -14.07 -3.22 3.51
N LYS A 84 -14.03 -2.09 4.16
CA LYS A 84 -15.08 -1.77 5.09
C LYS A 84 -15.61 -0.38 4.81
N LEU A 85 -16.89 -0.24 4.87
CA LEU A 85 -17.52 1.02 4.64
C LEU A 85 -17.78 1.69 5.98
N VAL A 86 -17.14 2.80 6.20
CA VAL A 86 -17.23 3.52 7.45
C VAL A 86 -18.09 4.78 7.26
N PRO A 87 -19.32 4.77 7.78
CA PRO A 87 -20.24 5.89 7.63
C PRO A 87 -19.87 7.10 8.50
N VAL A 88 -19.93 8.29 7.92
CA VAL A 88 -19.68 9.53 8.65
C VAL A 88 -20.83 10.53 8.46
N GLY A 89 -21.44 10.50 7.30
CA GLY A 89 -22.57 11.35 7.00
C GLY A 89 -23.78 10.51 6.75
N TYR A 90 -24.77 11.04 6.07
CA TYR A 90 -26.00 10.31 5.77
C TYR A 90 -25.69 9.22 4.74
N GLY A 91 -25.24 9.63 3.58
CA GLY A 91 -24.86 8.69 2.56
C GLY A 91 -23.37 8.65 2.42
N ILE A 92 -22.71 9.73 2.84
CA ILE A 92 -21.26 9.82 2.85
C ILE A 92 -20.66 8.80 3.83
N ARG A 93 -20.03 7.81 3.29
CA ARG A 93 -19.33 6.81 4.04
C ARG A 93 -18.03 6.65 3.31
N LYS A 94 -16.94 6.42 3.98
CA LYS A 94 -15.71 6.23 3.25
C LYS A 94 -15.31 4.77 3.27
N LEU A 95 -14.71 4.33 2.22
CA LEU A 95 -14.36 2.93 2.05
C LEU A 95 -12.92 2.75 2.50
N GLN A 96 -12.74 2.01 3.55
CA GLN A 96 -11.43 1.73 4.03
C GLN A 96 -11.01 0.38 3.52
N ILE A 97 -9.96 0.40 2.76
CA ILE A 97 -9.44 -0.78 2.13
C ILE A 97 -8.08 -1.11 2.73
N GLN A 98 -7.86 -2.37 3.03
CA GLN A 98 -6.58 -2.79 3.53
C GLN A 98 -5.77 -3.27 2.35
N CYS A 99 -4.56 -2.85 2.27
CA CYS A 99 -3.68 -3.32 1.24
C CYS A 99 -2.37 -3.73 1.88
N VAL A 100 -1.88 -4.84 1.46
CA VAL A 100 -0.62 -5.36 1.91
C VAL A 100 0.33 -5.28 0.75
N VAL A 101 1.34 -4.47 0.90
CA VAL A 101 2.30 -4.26 -0.14
C VAL A 101 3.63 -4.82 0.26
N GLU A 102 4.35 -5.27 -0.70
CA GLU A 102 5.69 -5.68 -0.51
C GLU A 102 6.57 -4.52 -0.80
N ASP A 103 7.29 -4.02 0.18
CA ASP A 103 8.24 -2.91 -0.01
C ASP A 103 9.41 -3.38 -0.89
N ASP A 104 9.47 -4.68 -1.06
CA ASP A 104 10.41 -5.37 -1.94
C ASP A 104 10.01 -5.22 -3.41
N LYS A 105 8.73 -5.02 -3.66
CA LYS A 105 8.26 -4.93 -5.03
C LYS A 105 7.53 -3.62 -5.29
N VAL A 106 6.49 -3.37 -4.51
CA VAL A 106 5.58 -2.25 -4.75
C VAL A 106 5.50 -1.33 -3.55
N GLY A 107 5.89 -0.11 -3.76
CA GLY A 107 5.74 0.87 -2.74
C GLY A 107 4.34 1.43 -2.77
N THR A 108 3.92 2.02 -1.67
CA THR A 108 2.59 2.59 -1.48
C THR A 108 2.29 3.74 -2.44
N ASP A 109 3.36 4.30 -2.95
CA ASP A 109 3.38 5.41 -3.87
C ASP A 109 2.56 5.07 -5.11
N LEU A 110 2.74 3.83 -5.58
CA LEU A 110 2.05 3.30 -6.77
C LEU A 110 0.54 3.30 -6.57
N LEU A 111 0.10 2.86 -5.41
CA LEU A 111 -1.31 2.73 -5.16
C LEU A 111 -1.98 4.08 -4.95
N GLU A 112 -1.33 4.97 -4.18
CA GLU A 112 -1.94 6.26 -3.89
C GLU A 112 -2.03 7.13 -5.13
N GLU A 113 -1.01 7.05 -6.01
CA GLU A 113 -1.04 7.83 -7.23
C GLU A 113 -2.17 7.38 -8.13
N GLU A 114 -2.44 6.08 -8.17
CA GLU A 114 -3.55 5.58 -8.95
C GLU A 114 -4.87 6.07 -8.40
N ILE A 115 -5.01 6.08 -7.07
CA ILE A 115 -6.24 6.53 -6.43
C ILE A 115 -6.44 8.05 -6.64
N THR A 116 -5.34 8.81 -6.65
CA THR A 116 -5.42 10.23 -6.93
C THR A 116 -5.81 10.52 -8.40
N LYS A 117 -5.69 9.51 -9.24
CA LYS A 117 -6.14 9.59 -10.63
C LYS A 117 -7.61 9.18 -10.72
N PHE A 118 -8.05 8.41 -9.73
CA PHE A 118 -9.43 7.94 -9.62
C PHE A 118 -10.35 9.04 -9.10
N GLU A 119 -9.73 10.14 -8.61
CA GLU A 119 -10.43 11.37 -8.09
C GLU A 119 -11.61 11.93 -8.95
N GLU A 120 -11.83 11.39 -10.14
CA GLU A 120 -13.02 11.71 -10.92
C GLU A 120 -14.28 11.22 -10.15
N HIS A 121 -14.11 10.19 -9.32
CA HIS A 121 -15.19 9.67 -8.48
C HIS A 121 -14.76 9.58 -7.00
N VAL A 122 -13.49 9.86 -6.75
CA VAL A 122 -12.94 9.86 -5.38
C VAL A 122 -12.72 11.30 -4.93
N GLN A 123 -13.23 11.66 -3.77
CA GLN A 123 -13.14 13.02 -3.27
C GLN A 123 -11.81 13.24 -2.57
N SER A 124 -11.43 12.27 -1.78
CA SER A 124 -10.26 12.39 -0.96
C SER A 124 -9.66 11.02 -0.76
N VAL A 125 -8.36 10.97 -0.70
CA VAL A 125 -7.62 9.76 -0.42
C VAL A 125 -6.94 9.98 0.91
N ASP A 126 -7.33 9.24 1.91
CA ASP A 126 -6.75 9.44 3.23
C ASP A 126 -6.14 8.18 3.74
N ILE A 127 -5.21 8.34 4.62
CA ILE A 127 -4.59 7.23 5.26
C ILE A 127 -5.22 7.07 6.64
N ALA A 128 -5.83 5.96 6.88
CA ALA A 128 -6.45 5.70 8.15
C ALA A 128 -5.40 5.18 9.12
N ALA A 129 -4.55 4.31 8.62
CA ALA A 129 -3.47 3.73 9.40
C ALA A 129 -2.45 3.12 8.49
N PHE A 130 -1.21 3.35 8.80
CA PHE A 130 -0.10 2.80 8.06
C PHE A 130 0.65 1.90 9.03
N ASN A 131 0.66 0.64 8.78
CA ASN A 131 1.36 -0.28 9.66
C ASN A 131 2.31 -1.12 8.88
N LYS A 132 3.57 -1.01 9.13
CA LYS A 132 4.49 -1.90 8.49
C LYS A 132 4.57 -3.18 9.28
N ILE A 133 4.29 -4.27 8.62
CA ILE A 133 4.18 -5.54 9.25
C ILE A 133 5.46 -6.34 9.11
N GLY A 1 4.09 24.41 53.20
CA GLY A 1 4.70 23.36 54.01
C GLY A 1 4.01 23.27 55.35
N PRO A 2 4.71 22.88 56.43
CA PRO A 2 4.15 22.85 57.78
C PRO A 2 4.20 24.27 58.44
N GLY A 3 4.27 24.34 59.77
CA GLY A 3 4.31 25.63 60.47
C GLY A 3 5.72 26.24 60.51
N SER A 4 6.58 25.78 59.65
CA SER A 4 7.94 26.27 59.49
C SER A 4 8.33 25.96 58.06
N GLU A 5 9.19 26.75 57.48
CA GLU A 5 9.58 26.50 56.11
C GLU A 5 10.70 25.48 56.04
N ASP A 6 10.51 24.47 55.26
CA ASP A 6 11.55 23.53 54.94
C ASP A 6 12.28 24.02 53.69
N ASP A 7 11.85 23.58 52.56
CA ASP A 7 12.23 24.14 51.28
C ASP A 7 10.98 24.69 50.67
N ASP A 8 9.86 24.03 51.05
CA ASP A 8 8.49 24.41 50.71
C ASP A 8 8.15 24.25 49.23
N ILE A 9 6.89 24.03 48.96
CA ILE A 9 6.40 23.79 47.62
C ILE A 9 6.33 25.11 46.85
N ASP A 10 7.31 25.36 46.02
CA ASP A 10 7.26 26.52 45.16
C ASP A 10 6.74 26.11 43.80
N LEU A 11 5.85 26.89 43.26
CA LEU A 11 5.18 26.58 42.02
C LEU A 11 6.06 26.85 40.79
N PHE A 12 7.06 27.69 40.93
CA PHE A 12 7.85 28.08 39.78
C PHE A 12 9.18 27.36 39.75
N GLY A 13 9.76 27.18 40.91
CA GLY A 13 11.02 26.48 41.01
C GLY A 13 10.81 25.01 41.25
N SER A 14 10.38 24.30 40.23
CA SER A 14 10.17 22.88 40.34
C SER A 14 11.46 22.13 40.01
N ASP A 15 12.30 22.77 39.20
CA ASP A 15 13.61 22.26 38.83
C ASP A 15 14.43 23.45 38.36
N ASN A 16 15.69 23.25 38.13
CA ASN A 16 16.57 24.31 37.68
C ASN A 16 17.04 24.01 36.27
N GLU A 17 16.64 24.79 35.29
CA GLU A 17 17.16 24.57 33.99
C GLU A 17 18.27 25.55 33.65
N GLU A 18 19.43 25.02 33.56
CA GLU A 18 20.60 25.74 33.08
C GLU A 18 21.19 24.85 32.02
N GLU A 19 20.27 24.17 31.36
CA GLU A 19 20.54 23.09 30.46
C GLU A 19 20.57 23.59 29.02
N ASP A 20 20.95 24.85 28.81
CA ASP A 20 20.98 25.46 27.46
C ASP A 20 21.85 24.65 26.49
N LYS A 21 23.08 24.45 26.87
CA LYS A 21 24.04 23.69 26.06
C LYS A 21 23.77 22.20 26.23
N GLU A 22 23.37 21.84 27.45
CA GLU A 22 23.10 20.48 27.84
C GLU A 22 22.02 19.85 26.95
N ALA A 23 20.88 20.53 26.81
CA ALA A 23 19.77 20.03 26.01
C ALA A 23 20.17 19.88 24.56
N ALA A 24 20.96 20.82 24.07
CA ALA A 24 21.42 20.80 22.69
C ALA A 24 22.31 19.60 22.41
N GLN A 25 23.17 19.27 23.36
CA GLN A 25 24.07 18.13 23.20
C GLN A 25 23.32 16.83 23.47
N LEU A 26 22.31 16.86 24.35
CA LEU A 26 21.49 15.70 24.65
C LEU A 26 20.67 15.32 23.46
N ARG A 27 20.16 16.30 22.75
CA ARG A 27 19.42 16.08 21.52
C ARG A 27 20.31 15.44 20.48
N GLU A 28 21.51 15.99 20.36
CA GLU A 28 22.51 15.50 19.42
C GLU A 28 22.82 14.01 19.64
N GLU A 29 23.12 13.65 20.88
CA GLU A 29 23.45 12.26 21.19
C GLU A 29 22.22 11.35 21.19
N ARG A 30 21.05 11.90 21.54
CA ARG A 30 19.82 11.13 21.53
C ARG A 30 19.48 10.73 20.10
N LEU A 31 19.65 11.68 19.18
CA LEU A 31 19.43 11.44 17.76
C LEU A 31 20.46 10.46 17.19
N ARG A 32 21.67 10.47 17.77
CA ARG A 32 22.71 9.48 17.43
C ARG A 32 22.22 8.11 17.79
N GLN A 33 21.81 7.95 19.04
CA GLN A 33 21.29 6.68 19.58
C GLN A 33 20.17 6.14 18.69
N TYR A 34 19.19 7.02 18.47
CA TYR A 34 17.99 6.74 17.68
C TYR A 34 18.36 6.23 16.28
N ALA A 35 19.36 6.83 15.67
CA ALA A 35 19.77 6.48 14.33
C ALA A 35 20.62 5.21 14.30
N GLU A 36 21.65 5.17 15.13
CA GLU A 36 22.62 4.07 15.17
C GLU A 36 21.96 2.71 15.41
N LYS A 37 21.07 2.63 16.37
CA LYS A 37 20.44 1.35 16.72
C LYS A 37 19.31 0.98 15.76
N LYS A 38 18.88 1.93 14.96
CA LYS A 38 17.82 1.70 13.99
C LYS A 38 18.42 1.20 12.69
N ALA A 39 19.58 1.77 12.34
CA ALA A 39 20.28 1.49 11.10
C ALA A 39 20.67 0.02 10.96
N LYS A 40 20.98 -0.63 12.06
CA LYS A 40 21.27 -2.04 11.99
C LYS A 40 20.02 -2.85 12.10
N LYS A 41 19.48 -3.14 10.96
CA LYS A 41 18.34 -3.98 10.82
C LYS A 41 18.40 -4.61 9.46
N PRO A 42 18.78 -5.89 9.39
CA PRO A 42 18.79 -6.66 8.14
C PRO A 42 17.41 -6.66 7.47
N ALA A 43 17.26 -5.85 6.45
CA ALA A 43 16.02 -5.72 5.76
C ALA A 43 16.03 -6.58 4.52
N LEU A 44 15.39 -7.71 4.60
CA LEU A 44 15.30 -8.61 3.49
C LEU A 44 14.10 -8.21 2.66
N VAL A 45 12.92 -8.56 3.14
CA VAL A 45 11.68 -8.22 2.48
C VAL A 45 10.86 -7.38 3.45
N ALA A 46 10.44 -6.23 3.00
CA ALA A 46 9.64 -5.34 3.80
C ALA A 46 8.21 -5.34 3.29
N LYS A 47 7.25 -5.26 4.20
CA LYS A 47 5.84 -5.23 3.85
C LYS A 47 5.11 -4.19 4.65
N SER A 48 4.21 -3.50 4.01
CA SER A 48 3.42 -2.48 4.65
C SER A 48 1.93 -2.76 4.42
N SER A 49 1.15 -2.69 5.46
CA SER A 49 -0.27 -2.84 5.36
C SER A 49 -0.88 -1.48 5.61
N ILE A 50 -1.56 -0.95 4.62
CA ILE A 50 -2.08 0.39 4.74
C ILE A 50 -3.60 0.35 4.63
N LEU A 51 -4.24 1.02 5.56
CA LEU A 51 -5.67 1.19 5.56
C LEU A 51 -5.93 2.57 4.99
N LEU A 52 -6.47 2.63 3.81
CA LEU A 52 -6.81 3.90 3.22
C LEU A 52 -8.29 4.06 3.24
N ASP A 53 -8.73 5.23 3.55
CA ASP A 53 -10.12 5.52 3.53
C ASP A 53 -10.45 6.38 2.33
N VAL A 54 -11.17 5.77 1.44
CA VAL A 54 -11.54 6.35 0.19
C VAL A 54 -12.84 7.13 0.37
N LYS A 55 -12.72 8.43 0.35
CA LYS A 55 -13.83 9.31 0.54
C LYS A 55 -14.48 9.63 -0.81
N PRO A 56 -15.81 9.62 -0.91
CA PRO A 56 -16.52 9.92 -2.15
C PRO A 56 -16.85 11.42 -2.28
N TRP A 57 -17.20 11.85 -3.48
CA TRP A 57 -17.61 13.23 -3.70
C TRP A 57 -18.99 13.51 -3.16
N ASP A 58 -19.95 12.68 -3.51
CA ASP A 58 -21.31 12.89 -3.12
C ASP A 58 -21.86 11.64 -2.46
N ASP A 59 -23.04 11.75 -1.88
CA ASP A 59 -23.77 10.65 -1.25
C ASP A 59 -24.06 9.58 -2.27
N GLU A 60 -24.27 10.01 -3.51
CA GLU A 60 -24.63 9.14 -4.60
C GLU A 60 -23.41 8.39 -5.17
N THR A 61 -22.22 8.76 -4.74
CA THR A 61 -21.04 8.08 -5.20
C THR A 61 -20.97 6.70 -4.49
N ASP A 62 -21.02 5.67 -5.30
CA ASP A 62 -21.08 4.28 -4.83
C ASP A 62 -19.75 3.74 -4.31
N MET A 63 -19.81 3.08 -3.15
CA MET A 63 -18.65 2.49 -2.49
C MET A 63 -18.08 1.34 -3.28
N ALA A 64 -18.96 0.55 -3.88
CA ALA A 64 -18.55 -0.64 -4.59
C ALA A 64 -17.74 -0.30 -5.83
N GLN A 65 -18.16 0.72 -6.59
CA GLN A 65 -17.40 1.12 -7.77
C GLN A 65 -16.07 1.75 -7.38
N LEU A 66 -16.03 2.43 -6.23
CA LEU A 66 -14.77 3.01 -5.71
C LEU A 66 -13.81 1.92 -5.29
N GLU A 67 -14.35 0.90 -4.64
CA GLU A 67 -13.58 -0.29 -4.25
C GLU A 67 -13.04 -0.99 -5.49
N ALA A 68 -13.90 -1.07 -6.52
CA ALA A 68 -13.55 -1.70 -7.79
C ALA A 68 -12.39 -0.99 -8.45
N CYS A 69 -12.38 0.36 -8.36
CA CYS A 69 -11.28 1.15 -8.88
C CYS A 69 -9.96 0.75 -8.22
N VAL A 70 -9.96 0.69 -6.89
CA VAL A 70 -8.76 0.32 -6.12
C VAL A 70 -8.34 -1.12 -6.45
N ARG A 71 -9.32 -1.99 -6.67
CA ARG A 71 -9.07 -3.37 -7.03
C ARG A 71 -8.63 -3.52 -8.50
N SER A 72 -8.70 -2.45 -9.26
CA SER A 72 -8.28 -2.46 -10.64
C SER A 72 -6.85 -1.94 -10.79
N ILE A 73 -6.20 -1.65 -9.66
CA ILE A 73 -4.80 -1.24 -9.68
C ILE A 73 -3.97 -2.48 -10.03
N GLN A 74 -3.45 -2.52 -11.21
CA GLN A 74 -2.75 -3.68 -11.66
C GLN A 74 -1.26 -3.57 -11.42
N LEU A 75 -0.87 -3.95 -10.23
CA LEU A 75 0.50 -4.02 -9.82
C LEU A 75 0.68 -5.31 -9.08
N ASP A 76 1.62 -6.09 -9.51
CA ASP A 76 1.90 -7.34 -8.85
C ASP A 76 2.72 -7.08 -7.60
N GLY A 77 2.22 -7.54 -6.48
CA GLY A 77 2.77 -7.20 -5.20
C GLY A 77 1.89 -6.21 -4.46
N LEU A 78 0.78 -5.84 -5.09
CA LEU A 78 -0.26 -5.04 -4.47
C LEU A 78 -1.34 -6.06 -4.07
N VAL A 79 -1.47 -6.31 -2.80
CA VAL A 79 -2.41 -7.30 -2.32
C VAL A 79 -3.61 -6.62 -1.65
N TRP A 80 -4.79 -6.99 -2.07
CA TRP A 80 -6.02 -6.46 -1.51
C TRP A 80 -6.47 -7.36 -0.39
N GLY A 81 -6.73 -6.80 0.75
CA GLY A 81 -7.17 -7.59 1.85
C GLY A 81 -8.59 -7.27 2.26
N ALA A 82 -8.73 -6.70 3.41
CA ALA A 82 -10.03 -6.39 3.96
C ALA A 82 -10.57 -5.09 3.38
N SER A 83 -11.88 -4.95 3.38
CA SER A 83 -12.53 -3.78 2.87
C SER A 83 -13.86 -3.59 3.61
N LYS A 84 -14.13 -2.38 4.08
CA LYS A 84 -15.34 -2.10 4.82
C LYS A 84 -15.80 -0.67 4.54
N LEU A 85 -17.08 -0.43 4.69
CA LEU A 85 -17.62 0.91 4.49
C LEU A 85 -17.84 1.59 5.84
N VAL A 86 -17.25 2.75 6.01
CA VAL A 86 -17.41 3.51 7.25
C VAL A 86 -18.25 4.75 6.97
N PRO A 87 -19.52 4.78 7.41
CA PRO A 87 -20.40 5.92 7.20
C PRO A 87 -19.98 7.14 8.01
N VAL A 88 -19.80 8.25 7.34
CA VAL A 88 -19.48 9.53 7.98
C VAL A 88 -20.56 10.54 7.61
N GLY A 89 -21.62 9.99 7.12
CA GLY A 89 -22.75 10.70 6.70
C GLY A 89 -23.82 9.74 6.39
N TYR A 90 -24.86 10.19 5.79
CA TYR A 90 -25.96 9.33 5.43
C TYR A 90 -25.61 8.54 4.18
N GLY A 91 -25.23 9.26 3.15
CA GLY A 91 -24.84 8.61 1.93
C GLY A 91 -23.35 8.68 1.71
N ILE A 92 -22.69 9.63 2.36
CA ILE A 92 -21.26 9.72 2.28
C ILE A 92 -20.62 8.76 3.27
N ARG A 93 -19.98 7.78 2.73
CA ARG A 93 -19.36 6.73 3.47
C ARG A 93 -17.95 6.65 2.96
N LYS A 94 -17.01 6.29 3.78
CA LYS A 94 -15.65 6.16 3.32
C LYS A 94 -15.26 4.70 3.31
N LEU A 95 -14.77 4.27 2.18
CA LEU A 95 -14.43 2.88 1.96
C LEU A 95 -13.03 2.67 2.44
N GLN A 96 -12.88 1.84 3.41
CA GLN A 96 -11.58 1.57 3.95
C GLN A 96 -11.08 0.30 3.33
N ILE A 97 -10.00 0.42 2.63
CA ILE A 97 -9.41 -0.68 1.97
C ILE A 97 -8.05 -0.99 2.60
N GLN A 98 -7.89 -2.23 2.97
CA GLN A 98 -6.66 -2.69 3.53
C GLN A 98 -5.85 -3.27 2.40
N CYS A 99 -4.76 -2.69 2.13
CA CYS A 99 -3.90 -3.17 1.11
C CYS A 99 -2.57 -3.50 1.70
N VAL A 100 -2.05 -4.61 1.33
CA VAL A 100 -0.79 -5.06 1.80
C VAL A 100 0.16 -5.00 0.65
N VAL A 101 1.18 -4.25 0.80
CA VAL A 101 2.14 -4.13 -0.22
C VAL A 101 3.42 -4.74 0.24
N GLU A 102 4.03 -5.41 -0.65
CA GLU A 102 5.32 -5.91 -0.39
C GLU A 102 6.22 -4.91 -1.02
N ASP A 103 6.84 -4.07 -0.20
CA ASP A 103 7.66 -2.90 -0.61
C ASP A 103 8.72 -3.25 -1.63
N ASP A 104 9.16 -4.49 -1.58
CA ASP A 104 10.19 -5.01 -2.47
C ASP A 104 9.68 -5.27 -3.88
N LYS A 105 8.38 -5.23 -4.05
CA LYS A 105 7.75 -5.28 -5.35
C LYS A 105 6.98 -4.00 -5.61
N VAL A 106 6.08 -3.67 -4.71
CA VAL A 106 5.21 -2.52 -4.84
C VAL A 106 5.16 -1.76 -3.53
N GLY A 107 5.48 -0.50 -3.58
CA GLY A 107 5.36 0.32 -2.40
C GLY A 107 4.12 1.17 -2.47
N THR A 108 3.97 2.10 -1.54
CA THR A 108 2.80 2.95 -1.48
C THR A 108 2.65 3.83 -2.71
N ASP A 109 3.78 4.26 -3.30
CA ASP A 109 3.81 5.17 -4.48
C ASP A 109 2.85 4.74 -5.57
N LEU A 110 2.78 3.44 -5.82
CA LEU A 110 1.94 2.89 -6.87
C LEU A 110 0.46 3.06 -6.54
N LEU A 111 0.08 2.75 -5.31
CA LEU A 111 -1.31 2.86 -4.91
C LEU A 111 -1.72 4.33 -4.75
N GLU A 112 -0.79 5.13 -4.22
CA GLU A 112 -1.02 6.57 -4.05
C GLU A 112 -1.29 7.22 -5.38
N GLU A 113 -0.49 6.87 -6.37
CA GLU A 113 -0.64 7.37 -7.73
C GLU A 113 -1.95 6.99 -8.36
N GLU A 114 -2.31 5.75 -8.31
CA GLU A 114 -3.49 5.33 -9.00
C GLU A 114 -4.77 5.78 -8.32
N ILE A 115 -4.79 5.79 -7.00
CA ILE A 115 -5.99 6.23 -6.29
C ILE A 115 -6.20 7.75 -6.44
N THR A 116 -5.10 8.50 -6.59
CA THR A 116 -5.22 9.94 -6.84
C THR A 116 -5.75 10.21 -8.27
N LYS A 117 -5.64 9.22 -9.14
CA LYS A 117 -6.22 9.33 -10.48
C LYS A 117 -7.69 8.92 -10.46
N PHE A 118 -8.08 8.18 -9.42
CA PHE A 118 -9.46 7.75 -9.22
C PHE A 118 -10.27 8.89 -8.61
N GLU A 119 -9.55 9.92 -8.14
CA GLU A 119 -10.12 11.18 -7.58
C GLU A 119 -11.20 11.88 -8.44
N GLU A 120 -11.44 11.39 -9.65
CA GLU A 120 -12.57 11.85 -10.41
C GLU A 120 -13.89 11.47 -9.66
N HIS A 121 -13.87 10.33 -8.94
CA HIS A 121 -15.04 9.91 -8.13
C HIS A 121 -14.67 9.87 -6.64
N VAL A 122 -13.39 9.89 -6.35
CA VAL A 122 -12.88 9.91 -4.99
C VAL A 122 -12.58 11.37 -4.60
N GLN A 123 -13.12 11.82 -3.48
CA GLN A 123 -12.97 13.21 -3.08
C GLN A 123 -11.57 13.47 -2.54
N SER A 124 -11.08 12.54 -1.77
CA SER A 124 -9.76 12.60 -1.23
C SER A 124 -9.33 11.22 -0.84
N VAL A 125 -8.05 11.03 -0.75
CA VAL A 125 -7.52 9.77 -0.36
C VAL A 125 -6.93 10.01 1.00
N ASP A 126 -7.52 9.41 2.00
CA ASP A 126 -7.09 9.66 3.33
C ASP A 126 -6.52 8.40 3.94
N ILE A 127 -5.58 8.57 4.82
CA ILE A 127 -4.92 7.44 5.45
C ILE A 127 -5.56 7.21 6.81
N ALA A 128 -6.04 6.00 7.00
CA ALA A 128 -6.63 5.62 8.26
C ALA A 128 -5.53 5.15 9.21
N ALA A 129 -4.74 4.20 8.74
CA ALA A 129 -3.64 3.66 9.52
C ALA A 129 -2.58 3.06 8.62
N PHE A 130 -1.36 3.15 9.02
CA PHE A 130 -0.25 2.60 8.31
C PHE A 130 0.45 1.63 9.24
N ASN A 131 0.43 0.37 8.92
CA ASN A 131 1.05 -0.64 9.75
C ASN A 131 2.17 -1.30 9.01
N LYS A 132 3.38 -1.17 9.50
CA LYS A 132 4.48 -1.87 8.90
C LYS A 132 4.58 -3.27 9.51
N ILE A 133 4.52 -4.27 8.68
CA ILE A 133 4.51 -5.64 9.13
C ILE A 133 5.77 -6.36 8.67
#